data_4U61
#
_entry.id   4U61
#
_cell.length_a   139.560
_cell.length_b   146.350
_cell.length_c   151.540
_cell.angle_alpha   90.00
_cell.angle_beta   90.00
_cell.angle_gamma   90.00
#
_symmetry.space_group_name_H-M   'P 21 21 21'
#
loop_
_entity.id
_entity.type
_entity.pdbx_description
1 polymer 'Structural protein VP1'
2 branched 'N-acetyl-alpha-neuraminic acid-(2-6)-beta-D-galactopyranose'
3 non-polymer 'N-acetyl-alpha-neuraminic acid'
4 non-polymer GLYCEROL
5 water water
#
_entity_poly.entity_id   1
_entity_poly.type   'polypeptide(L)'
_entity_poly.pdbx_seq_one_letter_code
;GSHMASKGNIEVLNLVTGPDSITTIELYLNTRMGQNDESKDNYGYSEKVTVANSSDQDKPTSGEIPTYSTARINLPMLNE
DLTCNTLTMWEAVSVKTEVVGVSSLVNVHMATKRMYDDKGIGFPVEGMNFHMFAVGGEPLELQFLTGNYRTDYSANDKLV
VPPIKHQSTQGLNPHYKQKLTKDGAFPVECWCPDPSKNENTRYYGSYTGGQSTPPVLQFTNTVTTVLLDENGVGPLCKGD
GLYVSCCDIVGFLVGKDGDMQYRGLPRYFNILLRKRTVRN
;
_entity_poly.pdbx_strand_id   A,B,C,D,E,F,G,H,I,J
#
loop_
_chem_comp.id
_chem_comp.type
_chem_comp.name
_chem_comp.formula
GAL D-saccharide, beta linking beta-D-galactopyranose 'C6 H12 O6'
GOL non-polymer GLYCEROL 'C3 H8 O3'
SIA D-saccharide, alpha linking 'N-acetyl-alpha-neuraminic acid' 'C11 H19 N O9'
#
# COMPACT_ATOMS: atom_id res chain seq x y z
N ILE A 10 -3.54 10.16 -32.02
CA ILE A 10 -2.59 10.92 -31.13
C ILE A 10 -1.73 9.96 -30.33
N GLU A 11 -0.42 10.15 -30.40
CA GLU A 11 0.53 9.39 -29.60
C GLU A 11 0.74 10.15 -28.29
N VAL A 12 0.28 9.56 -27.20
CA VAL A 12 0.27 10.22 -25.90
C VAL A 12 1.55 9.87 -25.16
N LEU A 13 2.19 10.91 -24.62
CA LEU A 13 3.46 10.76 -23.91
C LEU A 13 3.24 11.08 -22.42
N ASN A 14 4.19 11.70 -21.73
CA ASN A 14 4.08 11.83 -20.28
C ASN A 14 3.25 13.04 -19.86
N LEU A 15 2.81 13.02 -18.61
CA LEU A 15 2.19 14.17 -17.99
C LEU A 15 3.22 15.28 -17.81
N VAL A 16 2.78 16.52 -17.97
CA VAL A 16 3.57 17.69 -17.61
C VAL A 16 3.42 17.92 -16.11
N THR A 17 4.53 18.07 -15.39
CA THR A 17 4.46 18.29 -13.95
C THR A 17 4.75 19.74 -13.59
N GLY A 18 4.48 20.10 -12.34
CA GLY A 18 4.89 21.40 -11.80
C GLY A 18 3.72 22.38 -11.69
N PRO A 19 4.02 23.64 -11.35
CA PRO A 19 2.95 24.61 -11.14
C PRO A 19 2.18 24.91 -12.42
N ASP A 20 0.92 25.31 -12.26
CA ASP A 20 0.06 25.61 -13.41
C ASP A 20 -0.06 24.45 -14.40
N SER A 21 0.09 23.20 -13.93
CA SER A 21 -0.11 22.03 -14.80
C SER A 21 -1.56 21.56 -14.75
N ILE A 22 -2.36 22.17 -13.87
CA ILE A 22 -3.76 21.82 -13.68
C ILE A 22 -4.62 23.05 -13.95
N THR A 23 -5.84 22.85 -14.42
CA THR A 23 -6.82 23.92 -14.44
C THR A 23 -8.22 23.32 -14.27
N THR A 24 -9.18 24.15 -13.91
CA THR A 24 -10.56 23.70 -13.81
C THR A 24 -11.50 24.58 -14.65
N ILE A 25 -12.58 23.96 -15.11
CA ILE A 25 -13.60 24.64 -15.88
C ILE A 25 -14.94 24.34 -15.23
N GLU A 26 -15.68 25.39 -14.92
CA GLU A 26 -16.98 25.28 -14.30
C GLU A 26 -17.97 25.94 -15.25
N LEU A 27 -19.09 25.26 -15.51
CA LEU A 27 -20.15 25.86 -16.31
C LEU A 27 -21.47 25.19 -15.99
N TYR A 28 -22.56 25.78 -16.47
CA TYR A 28 -23.84 25.11 -16.50
C TYR A 28 -24.44 25.22 -17.90
N LEU A 29 -25.32 24.30 -18.22
CA LEU A 29 -26.09 24.35 -19.46
C LEU A 29 -27.57 24.31 -19.12
N ASN A 30 -28.31 25.31 -19.60
CA ASN A 30 -29.76 25.30 -19.49
C ASN A 30 -30.38 24.37 -20.50
N THR A 31 -31.54 23.83 -20.14
CA THR A 31 -32.21 22.81 -20.91
C THR A 31 -32.79 23.39 -22.22
N ARG A 32 -32.91 22.54 -23.23
CA ARG A 32 -33.43 22.94 -24.53
C ARG A 32 -34.59 22.02 -24.87
N MET A 33 -35.72 22.23 -24.18
CA MET A 33 -36.89 21.37 -24.35
C MET A 33 -37.78 21.76 -25.53
N GLY A 34 -37.60 22.96 -26.03
CA GLY A 34 -38.38 23.42 -27.18
C GLY A 34 -38.71 24.89 -27.10
N GLN A 35 -39.09 25.37 -25.92
CA GLN A 35 -39.20 26.82 -25.69
C GLN A 35 -37.88 27.20 -25.04
N ASN A 36 -36.95 27.69 -25.87
CA ASN A 36 -35.55 27.86 -25.47
C ASN A 36 -35.13 29.32 -25.29
N ASP A 37 -36.11 30.21 -25.21
CA ASP A 37 -35.89 31.64 -25.04
C ASP A 37 -36.22 32.01 -23.60
N GLU A 38 -35.18 32.36 -22.85
CA GLU A 38 -35.29 32.70 -21.42
C GLU A 38 -36.16 33.91 -21.11
N SER A 39 -36.50 34.72 -22.12
CA SER A 39 -37.36 35.88 -21.94
C SER A 39 -38.84 35.57 -22.12
N LYS A 40 -39.16 34.35 -22.53
CA LYS A 40 -40.54 33.96 -22.84
C LYS A 40 -41.13 32.98 -21.82
N ASP A 41 -42.46 32.97 -21.73
CA ASP A 41 -43.18 32.03 -20.88
C ASP A 41 -42.82 30.61 -21.31
N ASN A 42 -42.98 29.64 -20.41
CA ASN A 42 -42.73 28.23 -20.79
C ASN A 42 -41.26 27.88 -21.05
N TYR A 43 -40.36 28.77 -20.67
CA TYR A 43 -38.94 28.45 -20.75
C TYR A 43 -38.64 27.21 -19.92
N GLY A 44 -37.83 26.33 -20.49
CA GLY A 44 -37.48 25.08 -19.82
C GLY A 44 -38.49 23.98 -19.98
N TYR A 45 -39.49 24.23 -20.81
CA TYR A 45 -40.49 23.25 -21.19
C TYR A 45 -40.54 23.22 -22.71
N SER A 46 -41.13 22.16 -23.28
CA SER A 46 -41.49 22.16 -24.67
C SER A 46 -42.82 22.89 -24.83
N GLU A 47 -43.14 23.20 -26.09
CA GLU A 47 -44.50 23.52 -26.44
C GLU A 47 -45.35 22.23 -26.34
N LYS A 48 -46.67 22.39 -26.43
CA LYS A 48 -47.56 21.26 -26.26
C LYS A 48 -47.27 20.15 -27.27
N VAL A 49 -47.23 18.91 -26.80
CA VAL A 49 -46.98 17.76 -27.65
C VAL A 49 -48.22 17.51 -28.49
N THR A 50 -48.00 17.26 -29.79
CA THR A 50 -49.05 16.90 -30.73
C THR A 50 -48.70 15.52 -31.26
N VAL A 51 -49.69 14.84 -31.83
CA VAL A 51 -49.51 13.45 -32.19
C VAL A 51 -49.98 13.25 -33.63
N ALA A 52 -49.13 12.60 -34.42
CA ALA A 52 -49.43 12.31 -35.82
C ALA A 52 -50.68 11.45 -35.98
N ASN A 53 -51.45 11.75 -37.01
CA ASN A 53 -52.61 10.94 -37.37
C ASN A 53 -52.17 9.66 -38.09
N SER A 54 -51.05 9.73 -38.77
CA SER A 54 -50.48 8.57 -39.45
C SER A 54 -48.99 8.79 -39.60
N SER A 55 -48.26 7.72 -39.90
CA SER A 55 -46.81 7.81 -39.90
C SER A 55 -46.26 8.60 -41.09
N ASP A 56 -47.08 8.74 -42.14
CA ASP A 56 -46.74 9.55 -43.32
C ASP A 56 -47.21 11.01 -43.21
N GLN A 57 -47.83 11.37 -42.08
CA GLN A 57 -48.19 12.76 -41.78
C GLN A 57 -47.71 13.08 -40.37
N ASP A 58 -46.45 12.76 -40.12
CA ASP A 58 -45.85 12.92 -38.80
C ASP A 58 -44.94 14.14 -38.86
N LYS A 59 -45.49 15.28 -38.46
CA LYS A 59 -44.91 16.59 -38.67
C LYS A 59 -44.95 17.38 -37.37
N PRO A 60 -43.94 17.23 -36.53
CA PRO A 60 -43.96 17.94 -35.24
C PRO A 60 -44.17 19.45 -35.40
N THR A 61 -44.86 20.04 -34.43
CA THR A 61 -45.00 21.49 -34.39
C THR A 61 -43.69 22.12 -33.93
N SER A 62 -43.51 23.39 -34.27
CA SER A 62 -42.32 24.13 -33.85
C SER A 62 -42.30 24.24 -32.33
N GLY A 63 -41.21 23.78 -31.74
CA GLY A 63 -41.01 23.90 -30.31
C GLY A 63 -41.44 22.71 -29.45
N GLU A 64 -41.94 21.64 -30.07
CA GLU A 64 -42.36 20.48 -29.27
C GLU A 64 -41.27 19.41 -29.14
N ILE A 65 -40.08 19.69 -29.68
CA ILE A 65 -38.99 18.70 -29.84
C ILE A 65 -37.75 19.05 -28.99
N PRO A 66 -37.46 18.24 -27.96
CA PRO A 66 -36.22 18.48 -27.20
C PRO A 66 -34.97 18.28 -28.04
N THR A 67 -33.94 19.08 -27.75
CA THR A 67 -32.68 18.99 -28.48
C THR A 67 -31.55 18.92 -27.47
N TYR A 68 -30.35 18.58 -27.92
CA TYR A 68 -29.20 18.58 -27.03
C TYR A 68 -28.73 19.99 -26.65
N SER A 69 -28.29 20.14 -25.42
CA SER A 69 -27.53 21.30 -24.99
C SER A 69 -26.06 21.02 -25.25
N THR A 70 -25.31 22.04 -25.62
CA THR A 70 -23.88 21.86 -25.84
C THR A 70 -23.15 23.19 -25.75
N ALA A 71 -21.87 23.12 -25.37
CA ALA A 71 -21.02 24.29 -25.38
C ALA A 71 -19.59 23.88 -25.66
N ARG A 72 -18.86 24.81 -26.27
CA ARG A 72 -17.42 24.69 -26.40
C ARG A 72 -16.79 25.74 -25.50
N ILE A 73 -15.85 25.31 -24.67
CA ILE A 73 -15.13 26.22 -23.79
CA ILE A 73 -15.12 26.22 -23.78
C ILE A 73 -13.69 26.29 -24.25
N ASN A 74 -13.16 27.51 -24.43
CA ASN A 74 -11.77 27.66 -24.83
C ASN A 74 -10.89 27.59 -23.58
N LEU A 75 -9.80 26.84 -23.68
CA LEU A 75 -8.89 26.63 -22.56
C LEU A 75 -7.66 27.49 -22.74
N PRO A 76 -6.85 27.68 -21.68
CA PRO A 76 -5.63 28.48 -21.82
C PRO A 76 -4.70 27.92 -22.90
N MET A 77 -4.16 28.80 -23.74
CA MET A 77 -3.36 28.33 -24.87
C MET A 77 -2.03 27.75 -24.40
N LEU A 78 -1.53 26.76 -25.13
CA LEU A 78 -0.36 25.98 -24.69
C LEU A 78 0.86 25.91 -25.62
N ASN A 79 0.63 25.90 -26.94
CA ASN A 79 1.70 25.56 -27.88
C ASN A 79 2.12 26.66 -28.83
N GLU A 80 2.85 27.65 -28.35
CA GLU A 80 3.29 28.68 -29.27
C GLU A 80 4.31 28.10 -30.28
N ASP A 81 5.18 27.20 -29.83
CA ASP A 81 6.17 26.54 -30.71
C ASP A 81 5.60 25.26 -31.28
N LEU A 82 5.49 25.19 -32.61
CA LEU A 82 4.97 24.02 -33.34
C LEU A 82 6.06 23.30 -34.12
N THR A 83 7.31 23.72 -33.99
CA THR A 83 8.40 23.13 -34.76
C THR A 83 9.12 22.03 -33.99
N CYS A 84 8.69 21.75 -32.76
CA CYS A 84 9.40 20.79 -31.92
C CYS A 84 8.73 19.43 -31.94
N ASN A 85 9.43 18.46 -31.35
CA ASN A 85 9.08 17.05 -31.42
C ASN A 85 7.75 16.70 -30.77
N THR A 86 7.38 17.50 -29.77
CA THR A 86 6.17 17.26 -28.99
C THR A 86 5.35 18.53 -28.84
N LEU A 87 4.10 18.37 -28.44
CA LEU A 87 3.21 19.46 -28.09
C LEU A 87 2.53 19.14 -26.76
N THR A 88 1.85 20.13 -26.22
CA THR A 88 1.10 19.95 -24.99
C THR A 88 -0.39 20.11 -25.28
N MET A 89 -1.18 19.22 -24.69
CA MET A 89 -2.64 19.30 -24.77
C MET A 89 -3.24 19.27 -23.37
N TRP A 90 -4.38 19.90 -23.20
CA TRP A 90 -5.17 19.74 -21.98
C TRP A 90 -5.89 18.40 -22.03
N GLU A 91 -5.83 17.66 -20.93
CA GLU A 91 -6.46 16.35 -20.82
C GLU A 91 -7.51 16.41 -19.71
N ALA A 92 -8.76 16.10 -20.03
CA ALA A 92 -9.82 16.13 -19.03
C ALA A 92 -9.72 14.88 -18.17
N VAL A 93 -9.53 15.07 -16.88
CA VAL A 93 -9.26 13.98 -15.94
C VAL A 93 -10.54 13.47 -15.28
N SER A 94 -11.38 14.40 -14.86
CA SER A 94 -12.58 14.05 -14.13
C SER A 94 -13.57 15.18 -14.19
N VAL A 95 -14.82 14.86 -13.86
CA VAL A 95 -15.90 15.84 -13.83
C VAL A 95 -16.82 15.55 -12.66
N LYS A 96 -17.22 16.62 -11.99
CA LYS A 96 -18.32 16.59 -11.04
C LYS A 96 -19.51 17.25 -11.74
N THR A 97 -20.59 16.50 -11.91
CA THR A 97 -21.75 17.01 -12.61
C THR A 97 -23.02 16.67 -11.84
N GLU A 98 -23.98 17.58 -11.89
CA GLU A 98 -25.22 17.47 -11.14
C GLU A 98 -26.34 18.05 -11.93
N VAL A 99 -27.52 17.46 -11.80
CA VAL A 99 -28.71 18.10 -12.29
C VAL A 99 -29.16 19.11 -11.25
N VAL A 100 -29.50 20.30 -11.73
CA VAL A 100 -29.86 21.43 -10.88
C VAL A 100 -31.36 21.59 -10.83
N GLY A 101 -31.89 21.99 -9.68
CA GLY A 101 -33.31 22.28 -9.54
C GLY A 101 -34.22 21.08 -9.37
N VAL A 102 -33.67 19.96 -8.90
CA VAL A 102 -34.50 18.76 -8.68
C VAL A 102 -35.65 19.05 -7.72
N SER A 103 -35.40 19.87 -6.69
CA SER A 103 -36.41 20.24 -5.72
C SER A 103 -37.61 20.97 -6.33
N SER A 104 -37.43 21.58 -7.50
CA SER A 104 -38.54 22.23 -8.18
C SER A 104 -39.64 21.27 -8.55
N LEU A 105 -39.35 19.98 -8.58
CA LEU A 105 -40.35 18.95 -8.86
C LEU A 105 -41.29 18.69 -7.67
N VAL A 106 -40.97 19.26 -6.51
CA VAL A 106 -41.81 19.14 -5.31
C VAL A 106 -42.83 20.29 -5.40
N ASN A 107 -43.75 20.12 -6.33
CA ASN A 107 -44.73 21.16 -6.63
C ASN A 107 -45.94 20.50 -7.23
N VAL A 108 -47.02 20.50 -6.48
CA VAL A 108 -48.28 19.89 -6.90
C VAL A 108 -49.43 20.89 -6.87
N HIS A 109 -49.12 22.18 -6.91
CA HIS A 109 -50.18 23.21 -6.95
C HIS A 109 -50.21 24.00 -8.26
N MET A 110 -49.43 23.60 -9.26
CA MET A 110 -49.46 24.25 -10.58
C MET A 110 -50.77 23.94 -11.29
N ALA A 111 -51.06 24.67 -12.37
CA ALA A 111 -52.33 24.50 -13.09
C ALA A 111 -52.27 23.23 -13.95
N THR A 112 -52.67 22.13 -13.35
CA THR A 112 -52.49 20.81 -13.94
C THR A 112 -53.74 20.01 -13.70
N LYS A 113 -53.83 18.85 -14.36
CA LYS A 113 -54.81 17.84 -13.98
C LYS A 113 -54.59 17.48 -12.53
N ARG A 114 -55.63 17.02 -11.86
CA ARG A 114 -55.46 16.70 -10.44
C ARG A 114 -56.03 15.34 -10.08
N MET A 115 -55.58 14.79 -8.96
CA MET A 115 -56.06 13.50 -8.48
C MET A 115 -57.43 13.59 -7.80
N TYR A 116 -58.06 12.43 -7.69
CA TYR A 116 -59.24 12.19 -6.85
C TYR A 116 -60.38 13.18 -7.09
N ASP A 117 -60.92 13.16 -8.30
CA ASP A 117 -62.15 13.88 -8.62
C ASP A 117 -62.06 15.35 -8.23
N ASP A 118 -60.95 15.95 -8.67
CA ASP A 118 -60.68 17.39 -8.52
C ASP A 118 -60.47 17.87 -7.09
N LYS A 119 -60.20 16.94 -6.17
CA LYS A 119 -59.97 17.28 -4.78
C LYS A 119 -58.52 17.11 -4.35
N GLY A 120 -57.77 16.28 -5.08
CA GLY A 120 -56.43 15.91 -4.67
C GLY A 120 -55.35 16.80 -5.24
N ILE A 121 -54.11 16.33 -5.14
CA ILE A 121 -52.97 17.10 -5.63
C ILE A 121 -53.01 17.31 -7.14
N GLY A 122 -52.38 18.38 -7.59
CA GLY A 122 -52.00 18.50 -9.00
C GLY A 122 -51.00 17.40 -9.36
N PHE A 123 -51.09 16.87 -10.58
CA PHE A 123 -50.12 15.89 -11.03
C PHE A 123 -48.73 16.52 -11.00
N PRO A 124 -47.77 15.86 -10.34
CA PRO A 124 -46.41 16.36 -10.46
C PRO A 124 -45.88 16.09 -11.87
N VAL A 125 -44.79 16.75 -12.23
CA VAL A 125 -44.08 16.40 -13.46
C VAL A 125 -43.64 14.94 -13.34
N GLU A 126 -44.02 14.13 -14.32
CA GLU A 126 -43.81 12.69 -14.24
C GLU A 126 -43.79 12.06 -15.63
N GLY A 127 -43.26 10.86 -15.71
CA GLY A 127 -43.17 10.16 -16.97
C GLY A 127 -41.71 10.01 -17.38
N MET A 128 -41.52 9.94 -18.68
CA MET A 128 -40.22 9.64 -19.28
C MET A 128 -39.09 10.48 -18.69
N ASN A 129 -37.98 9.81 -18.40
CA ASN A 129 -36.76 10.49 -17.98
C ASN A 129 -35.66 10.12 -18.95
N PHE A 130 -34.87 11.10 -19.34
CA PHE A 130 -33.74 10.86 -20.23
C PHE A 130 -32.64 11.77 -19.76
N HIS A 131 -31.49 11.17 -19.45
CA HIS A 131 -30.38 11.91 -18.85
C HIS A 131 -29.13 11.49 -19.55
N MET A 132 -28.44 12.44 -20.15
CA MET A 132 -27.15 12.11 -20.73
CA MET A 132 -27.18 12.15 -20.84
C MET A 132 -26.21 13.30 -20.62
N PHE A 133 -24.94 12.99 -20.47
CA PHE A 133 -23.93 14.02 -20.60
C PHE A 133 -22.69 13.45 -21.26
N ALA A 134 -21.93 14.34 -21.89
CA ALA A 134 -20.68 13.97 -22.52
C ALA A 134 -19.65 15.07 -22.30
N VAL A 135 -18.40 14.66 -22.10
CA VAL A 135 -17.28 15.58 -22.02
C VAL A 135 -16.22 15.08 -22.99
N GLY A 136 -15.77 15.96 -23.89
CA GLY A 136 -14.79 15.57 -24.89
C GLY A 136 -13.85 16.67 -25.37
N GLY A 137 -12.87 16.27 -26.16
CA GLY A 137 -11.88 17.19 -26.73
C GLY A 137 -12.20 17.64 -28.14
N GLU A 138 -13.41 17.35 -28.57
CA GLU A 138 -13.89 17.67 -29.91
C GLU A 138 -15.42 17.44 -29.86
N PRO A 139 -16.16 17.92 -30.86
CA PRO A 139 -17.61 17.75 -30.81
C PRO A 139 -18.04 16.29 -30.69
N LEU A 140 -19.10 16.06 -29.94
CA LEU A 140 -19.74 14.75 -29.87
C LEU A 140 -20.16 14.30 -31.29
N GLU A 141 -19.73 13.10 -31.66
CA GLU A 141 -20.09 12.53 -32.95
C GLU A 141 -21.42 11.81 -32.82
N LEU A 142 -22.30 12.04 -33.80
CA LEU A 142 -23.68 11.58 -33.75
C LEU A 142 -23.99 10.58 -34.87
N GLN A 143 -24.88 9.66 -34.53
CA GLN A 143 -25.46 8.71 -35.46
C GLN A 143 -26.96 9.02 -35.53
N PHE A 144 -27.50 9.07 -36.73
CA PHE A 144 -28.94 9.21 -36.91
C PHE A 144 -29.64 7.88 -36.68
N LEU A 145 -30.73 7.89 -35.92
CA LEU A 145 -31.58 6.73 -35.78
C LEU A 145 -32.91 7.21 -35.25
N THR A 146 -33.99 6.81 -35.90
CA THR A 146 -35.31 7.35 -35.59
C THR A 146 -36.33 6.24 -35.47
N GLY A 147 -37.38 6.50 -34.70
CA GLY A 147 -38.54 5.60 -34.65
C GLY A 147 -39.43 5.67 -35.88
N ASN A 148 -39.30 6.72 -36.67
CA ASN A 148 -40.09 6.87 -37.88
C ASN A 148 -39.27 7.60 -38.95
N TYR A 149 -38.88 6.89 -40.00
CA TYR A 149 -38.04 7.48 -41.01
C TYR A 149 -38.69 8.64 -41.73
N ARG A 150 -40.01 8.68 -41.74
CA ARG A 150 -40.77 9.70 -42.47
C ARG A 150 -41.02 11.01 -41.71
N THR A 151 -40.57 11.11 -40.46
CA THR A 151 -40.80 12.34 -39.67
C THR A 151 -40.36 13.58 -40.44
N ASP A 152 -41.26 14.56 -40.52
CA ASP A 152 -41.10 15.76 -41.32
C ASP A 152 -40.84 16.89 -40.34
N TYR A 153 -39.60 17.36 -40.34
CA TYR A 153 -39.15 18.42 -39.41
C TYR A 153 -39.27 19.84 -39.99
N SER A 154 -39.96 19.98 -41.11
CA SER A 154 -39.95 21.23 -41.88
C SER A 154 -40.80 22.36 -41.30
N ALA A 155 -41.54 22.11 -40.22
CA ALA A 155 -42.20 23.20 -39.52
C ALA A 155 -41.19 24.06 -38.75
N ASN A 156 -39.99 23.53 -38.54
CA ASN A 156 -38.92 24.30 -37.91
C ASN A 156 -37.59 24.03 -38.61
N ASP A 157 -37.23 24.92 -39.53
CA ASP A 157 -36.04 24.72 -40.35
C ASP A 157 -34.73 24.96 -39.59
N LYS A 158 -34.82 25.40 -38.34
CA LYS A 158 -33.64 25.55 -37.49
C LYS A 158 -33.17 24.23 -36.87
N LEU A 159 -33.99 23.17 -36.91
CA LEU A 159 -33.57 21.85 -36.43
C LEU A 159 -32.62 21.23 -37.45
N VAL A 160 -31.49 20.73 -36.98
CA VAL A 160 -30.50 20.10 -37.87
C VAL A 160 -30.82 18.62 -38.01
N VAL A 161 -31.21 18.23 -39.22
CA VAL A 161 -31.62 16.87 -39.54
C VAL A 161 -31.08 16.53 -40.93
N PRO A 162 -31.07 15.24 -41.30
CA PRO A 162 -30.56 14.89 -42.62
C PRO A 162 -31.45 15.45 -43.74
N PRO A 163 -30.86 15.73 -44.91
CA PRO A 163 -31.63 16.31 -46.01
C PRO A 163 -32.55 15.31 -46.72
N ILE A 164 -32.28 14.02 -46.59
CA ILE A 164 -33.11 13.00 -47.23
C ILE A 164 -33.55 11.98 -46.21
N LYS A 165 -34.64 11.30 -46.52
CA LYS A 165 -35.21 10.30 -45.63
C LYS A 165 -35.11 8.95 -46.29
N HIS A 166 -34.87 7.91 -45.49
CA HIS A 166 -34.84 6.55 -46.02
C HIS A 166 -35.27 5.55 -44.97
N GLN A 167 -35.93 4.49 -45.42
CA GLN A 167 -36.45 3.42 -44.56
C GLN A 167 -35.43 2.87 -43.56
N SER A 168 -34.18 2.81 -43.98
CA SER A 168 -33.12 2.15 -43.23
C SER A 168 -32.73 2.90 -41.96
N THR A 169 -33.13 4.16 -41.84
CA THR A 169 -32.79 4.98 -40.68
C THR A 169 -33.56 4.62 -39.42
N GLN A 170 -34.47 3.64 -39.50
CA GLN A 170 -35.10 3.07 -38.29
C GLN A 170 -34.19 2.05 -37.62
N GLY A 171 -33.11 1.71 -38.32
CA GLY A 171 -31.97 1.03 -37.71
C GLY A 171 -30.73 1.90 -37.84
N LEU A 172 -29.56 1.27 -37.78
CA LEU A 172 -28.30 1.98 -37.88
C LEU A 172 -27.85 1.95 -39.33
N ASN A 173 -27.89 3.11 -39.98
CA ASN A 173 -27.35 3.28 -41.32
C ASN A 173 -26.17 4.23 -41.19
N PRO A 174 -24.94 3.72 -41.34
CA PRO A 174 -23.76 4.57 -41.11
C PRO A 174 -23.54 5.71 -42.10
N HIS A 175 -24.36 5.80 -43.15
CA HIS A 175 -24.29 6.96 -44.04
C HIS A 175 -24.97 8.23 -43.48
N TYR A 176 -25.62 8.11 -42.32
CA TYR A 176 -26.35 9.19 -41.68
C TYR A 176 -25.69 9.54 -40.35
N LYS A 177 -24.75 10.46 -40.41
CA LYS A 177 -24.00 10.87 -39.22
CA LYS A 177 -23.96 10.87 -39.24
C LYS A 177 -23.94 12.39 -39.14
N GLN A 178 -23.50 12.90 -38.00
CA GLN A 178 -23.38 14.34 -37.80
C GLN A 178 -22.43 14.57 -36.64
N LYS A 179 -22.17 15.84 -36.35
CA LYS A 179 -21.43 16.24 -35.15
C LYS A 179 -22.25 17.28 -34.41
N LEU A 180 -22.24 17.23 -33.09
CA LEU A 180 -23.05 18.13 -32.27
C LEU A 180 -22.33 19.48 -32.15
N THR A 181 -22.65 20.38 -33.06
CA THR A 181 -21.94 21.66 -33.18
C THR A 181 -22.77 22.89 -32.84
N LYS A 182 -24.02 22.68 -32.41
CA LYS A 182 -24.92 23.78 -32.10
C LYS A 182 -25.85 23.42 -30.99
N ASP A 183 -25.96 24.32 -30.02
CA ASP A 183 -26.88 24.15 -28.90
C ASP A 183 -28.33 24.35 -29.37
N GLY A 184 -29.24 23.53 -28.84
CA GLY A 184 -30.67 23.73 -29.06
C GLY A 184 -31.14 23.54 -30.50
N ALA A 185 -30.49 22.64 -31.23
CA ALA A 185 -30.78 22.43 -32.67
C ALA A 185 -30.82 20.97 -33.14
N PHE A 186 -30.21 20.05 -32.40
CA PHE A 186 -30.14 18.65 -32.81
C PHE A 186 -31.15 17.87 -32.00
N PRO A 187 -32.21 17.35 -32.64
CA PRO A 187 -33.22 16.63 -31.85
C PRO A 187 -32.69 15.38 -31.18
N VAL A 188 -33.03 15.18 -29.91
CA VAL A 188 -32.61 13.95 -29.23
C VAL A 188 -33.30 12.72 -29.85
N GLU A 189 -34.51 12.89 -30.37
CA GLU A 189 -35.27 11.76 -30.92
C GLU A 189 -34.69 11.11 -32.15
N CYS A 190 -33.78 11.80 -32.86
CA CYS A 190 -33.22 11.20 -34.05
C CYS A 190 -31.70 11.19 -34.12
N TRP A 191 -31.04 11.76 -33.11
CA TRP A 191 -29.57 11.72 -33.03
C TRP A 191 -29.11 11.11 -31.70
N CYS A 192 -28.20 10.14 -31.79
CA CYS A 192 -27.60 9.53 -30.61
C CYS A 192 -26.07 9.52 -30.76
N PRO A 193 -25.35 9.25 -29.67
CA PRO A 193 -23.90 9.16 -29.83
C PRO A 193 -23.52 8.05 -30.78
N ASP A 194 -22.58 8.32 -31.67
CA ASP A 194 -22.06 7.33 -32.60
C ASP A 194 -21.04 6.47 -31.86
N PRO A 195 -21.38 5.22 -31.56
CA PRO A 195 -20.45 4.40 -30.78
C PRO A 195 -19.21 3.94 -31.54
N SER A 196 -19.22 4.08 -32.87
CA SER A 196 -18.07 3.70 -33.69
C SER A 196 -17.03 4.83 -33.76
N LYS A 197 -17.37 5.99 -33.21
CA LYS A 197 -16.40 7.07 -33.11
C LYS A 197 -16.27 7.48 -31.64
N ASN A 198 -16.15 8.78 -31.37
CA ASN A 198 -16.14 9.29 -30.01
C ASN A 198 -15.00 8.73 -29.15
N GLU A 199 -13.88 8.44 -29.80
CA GLU A 199 -12.70 7.95 -29.10
C GLU A 199 -12.18 8.98 -28.11
N ASN A 200 -12.42 10.25 -28.40
CA ASN A 200 -11.91 11.37 -27.61
C ASN A 200 -12.99 12.10 -26.78
N THR A 201 -14.07 11.37 -26.50
CA THR A 201 -15.20 11.86 -25.70
C THR A 201 -15.63 10.74 -24.77
N ARG A 202 -16.13 11.09 -23.60
CA ARG A 202 -16.77 10.12 -22.72
C ARG A 202 -18.22 10.53 -22.60
N TYR A 203 -19.14 9.61 -22.86
CA TYR A 203 -20.58 9.90 -22.67
C TYR A 203 -21.27 8.85 -21.82
N TYR A 204 -22.34 9.28 -21.16
CA TYR A 204 -23.08 8.48 -20.22
C TYR A 204 -24.54 8.86 -20.35
N GLY A 205 -25.40 7.88 -20.55
CA GLY A 205 -26.83 8.17 -20.74
C GLY A 205 -27.71 7.12 -20.11
N SER A 206 -28.93 7.55 -19.81
CA SER A 206 -29.95 6.66 -19.27
C SER A 206 -31.30 7.12 -19.76
N TYR A 207 -32.18 6.15 -19.90
CA TYR A 207 -33.56 6.38 -20.32
C TYR A 207 -34.47 5.53 -19.44
N THR A 208 -35.50 6.15 -18.87
CA THR A 208 -36.55 5.42 -18.18
C THR A 208 -37.85 5.88 -18.82
N GLY A 209 -38.57 4.95 -19.44
CA GLY A 209 -39.75 5.33 -20.20
C GLY A 209 -41.04 5.12 -19.44
N GLY A 210 -42.08 4.75 -20.20
CA GLY A 210 -43.43 4.61 -19.67
C GLY A 210 -44.21 5.92 -19.70
N GLN A 211 -45.49 5.84 -19.38
CA GLN A 211 -46.42 6.99 -19.49
C GLN A 211 -46.36 8.00 -18.35
N SER A 212 -46.50 7.51 -17.11
CA SER A 212 -46.60 8.37 -15.93
C SER A 212 -45.60 7.94 -14.85
N THR A 213 -44.52 7.34 -15.31
CA THR A 213 -43.52 6.78 -14.42
C THR A 213 -42.93 7.80 -13.42
N PRO A 214 -42.74 7.38 -12.16
CA PRO A 214 -42.06 8.29 -11.21
C PRO A 214 -40.65 8.66 -11.66
N PRO A 215 -40.33 9.97 -11.72
CA PRO A 215 -38.94 10.35 -11.91
C PRO A 215 -38.15 9.93 -10.67
N VAL A 216 -36.97 9.37 -10.88
CA VAL A 216 -36.06 9.02 -9.78
C VAL A 216 -34.77 9.78 -10.00
N LEU A 217 -34.50 10.74 -9.13
CA LEU A 217 -33.42 11.70 -9.36
C LEU A 217 -32.58 11.87 -8.12
N GLN A 218 -31.28 12.07 -8.30
CA GLN A 218 -30.39 12.33 -7.19
C GLN A 218 -29.61 13.62 -7.43
N PHE A 219 -29.20 14.28 -6.36
CA PHE A 219 -28.31 15.43 -6.45
C PHE A 219 -27.36 15.45 -5.26
N THR A 220 -26.08 15.67 -5.53
CA THR A 220 -25.08 15.73 -4.49
C THR A 220 -23.86 16.44 -5.05
N ASN A 221 -23.06 17.01 -4.17
CA ASN A 221 -21.81 17.65 -4.59
C ASN A 221 -20.58 16.83 -4.20
N THR A 222 -20.76 15.53 -4.01
CA THR A 222 -19.73 14.66 -3.46
C THR A 222 -19.23 13.56 -4.44
N VAL A 223 -19.74 13.54 -5.68
CA VAL A 223 -19.42 12.48 -6.63
C VAL A 223 -18.54 12.99 -7.77
N THR A 224 -17.38 12.35 -7.95
CA THR A 224 -16.48 12.64 -9.05
C THR A 224 -16.53 11.50 -10.08
N THR A 225 -16.70 11.86 -11.35
CA THR A 225 -16.70 10.88 -12.43
C THR A 225 -15.33 10.95 -13.09
N VAL A 226 -14.61 9.83 -13.09
CA VAL A 226 -13.28 9.76 -13.72
C VAL A 226 -13.45 9.66 -15.23
N LEU A 227 -12.74 10.50 -15.99
CA LEU A 227 -12.86 10.53 -17.46
C LEU A 227 -11.72 9.80 -18.16
N LEU A 228 -10.76 9.31 -17.40
CA LEU A 228 -9.65 8.52 -17.96
C LEU A 228 -10.17 7.21 -18.53
N ASP A 229 -9.67 6.82 -19.70
CA ASP A 229 -10.02 5.52 -20.28
C ASP A 229 -9.16 4.39 -19.71
N GLU A 230 -9.29 3.19 -20.30
CA GLU A 230 -8.56 2.00 -19.85
C GLU A 230 -7.04 2.13 -19.86
N ASN A 231 -6.50 3.00 -20.73
CA ASN A 231 -5.06 3.27 -20.76
C ASN A 231 -4.62 4.44 -19.90
N GLY A 232 -5.54 5.04 -19.14
CA GLY A 232 -5.19 6.13 -18.23
C GLY A 232 -5.22 7.51 -18.88
N VAL A 233 -5.87 7.62 -20.05
CA VAL A 233 -5.88 8.85 -20.82
C VAL A 233 -7.29 9.45 -20.90
N GLY A 234 -7.42 10.71 -20.52
CA GLY A 234 -8.66 11.44 -20.65
C GLY A 234 -8.82 12.03 -22.04
N PRO A 235 -10.00 12.63 -22.32
CA PRO A 235 -10.18 13.41 -23.55
C PRO A 235 -9.09 14.46 -23.68
N LEU A 236 -8.53 14.56 -24.87
CA LEU A 236 -7.47 15.52 -25.20
C LEU A 236 -8.08 16.63 -26.04
N CYS A 237 -7.91 17.86 -25.58
CA CYS A 237 -8.65 19.00 -26.13
C CYS A 237 -7.99 19.59 -27.36
N LYS A 238 -8.48 19.18 -28.53
CA LYS A 238 -7.90 19.62 -29.79
C LYS A 238 -8.14 21.11 -30.00
N GLY A 239 -7.11 21.84 -30.40
CA GLY A 239 -7.22 23.29 -30.54
C GLY A 239 -7.62 24.00 -29.27
N ASP A 240 -7.27 23.40 -28.12
CA ASP A 240 -7.60 23.93 -26.80
C ASP A 240 -9.09 24.15 -26.57
N GLY A 241 -9.91 23.28 -27.17
CA GLY A 241 -11.35 23.33 -26.98
C GLY A 241 -11.86 22.15 -26.17
N LEU A 242 -12.69 22.45 -25.18
CA LEU A 242 -13.37 21.47 -24.36
C LEU A 242 -14.85 21.51 -24.72
N TYR A 243 -15.42 20.35 -25.01
CA TYR A 243 -16.81 20.20 -25.45
C TYR A 243 -17.64 19.48 -24.39
N VAL A 244 -18.75 20.09 -24.02
CA VAL A 244 -19.62 19.55 -22.98
C VAL A 244 -21.02 19.53 -23.57
N SER A 245 -21.72 18.40 -23.40
CA SER A 245 -23.05 18.23 -24.01
C SER A 245 -23.96 17.52 -23.02
N CYS A 246 -25.26 17.73 -23.11
CA CYS A 246 -26.17 17.02 -22.21
C CYS A 246 -27.61 17.14 -22.65
N CYS A 247 -28.44 16.32 -22.01
CA CYS A 247 -29.89 16.50 -22.07
C CYS A 247 -30.47 15.90 -20.79
N ASP A 248 -31.40 16.59 -20.15
CA ASP A 248 -31.99 16.12 -18.88
C ASP A 248 -33.48 16.36 -18.86
N ILE A 249 -34.21 15.39 -19.39
CA ILE A 249 -35.68 15.39 -19.39
C ILE A 249 -36.13 14.71 -18.12
N VAL A 250 -36.99 15.37 -17.34
CA VAL A 250 -37.45 14.81 -16.06
C VAL A 250 -38.92 14.41 -16.07
N GLY A 251 -39.62 14.63 -17.17
CA GLY A 251 -40.97 14.12 -17.36
C GLY A 251 -41.83 15.11 -18.09
N PHE A 252 -43.14 15.00 -17.89
CA PHE A 252 -44.12 15.87 -18.57
C PHE A 252 -44.97 16.59 -17.54
N LEU A 253 -45.27 17.84 -17.86
CA LEU A 253 -46.28 18.61 -17.12
C LEU A 253 -47.63 18.36 -17.80
N VAL A 254 -48.61 17.90 -17.02
CA VAL A 254 -49.94 17.60 -17.54
C VAL A 254 -50.88 18.74 -17.23
N GLY A 255 -51.28 19.48 -18.28
CA GLY A 255 -52.21 20.59 -18.12
C GLY A 255 -53.62 20.16 -17.81
N LYS A 256 -54.48 21.12 -17.49
CA LYS A 256 -55.83 20.82 -17.03
C LYS A 256 -56.64 19.96 -17.98
N ASP A 257 -56.45 20.19 -19.29
CA ASP A 257 -57.25 19.51 -20.31
C ASP A 257 -56.53 18.27 -20.85
N GLY A 258 -55.36 17.97 -20.31
CA GLY A 258 -54.62 16.77 -20.68
C GLY A 258 -53.48 17.04 -21.64
N ASP A 259 -53.33 18.27 -22.09
CA ASP A 259 -52.20 18.70 -22.91
C ASP A 259 -50.90 18.57 -22.12
N MET A 260 -49.84 18.11 -22.78
CA MET A 260 -48.60 17.77 -22.07
C MET A 260 -47.40 18.45 -22.68
N GLN A 261 -46.44 18.81 -21.83
CA GLN A 261 -45.20 19.43 -22.22
C GLN A 261 -44.04 18.73 -21.55
N TYR A 262 -42.96 18.51 -22.30
CA TYR A 262 -41.71 18.09 -21.71
C TYR A 262 -41.22 19.10 -20.69
N ARG A 263 -40.61 18.63 -19.61
CA ARG A 263 -39.91 19.46 -18.64
C ARG A 263 -38.45 19.01 -18.56
N GLY A 264 -37.54 19.97 -18.69
CA GLY A 264 -36.10 19.70 -18.53
C GLY A 264 -35.51 20.52 -17.41
N LEU A 265 -34.33 20.10 -16.95
CA LEU A 265 -33.60 20.81 -15.92
C LEU A 265 -32.17 21.10 -16.38
N PRO A 266 -31.56 22.14 -15.80
CA PRO A 266 -30.18 22.45 -16.16
C PRO A 266 -29.18 21.49 -15.54
N ARG A 267 -27.97 21.45 -16.11
CA ARG A 267 -26.91 20.59 -15.60
C ARG A 267 -25.65 21.42 -15.35
N TYR A 268 -25.03 21.18 -14.20
CA TYR A 268 -23.79 21.82 -13.80
C TYR A 268 -22.62 20.88 -14.03
N PHE A 269 -21.48 21.47 -14.40
CA PHE A 269 -20.23 20.74 -14.63
C PHE A 269 -19.05 21.42 -13.98
N ASN A 270 -18.17 20.63 -13.33
CA ASN A 270 -16.88 21.13 -12.86
C ASN A 270 -15.85 20.12 -13.32
N ILE A 271 -15.04 20.51 -14.28
CA ILE A 271 -14.13 19.60 -14.95
C ILE A 271 -12.69 19.94 -14.57
N LEU A 272 -11.95 18.91 -14.15
CA LEU A 272 -10.52 19.04 -13.85
C LEU A 272 -9.71 18.63 -15.05
N LEU A 273 -8.77 19.49 -15.46
CA LEU A 273 -7.88 19.18 -16.58
C LEU A 273 -6.41 19.31 -16.19
N ARG A 274 -5.57 18.57 -16.91
CA ARG A 274 -4.15 18.57 -16.67
C ARG A 274 -3.39 18.62 -18.00
N LYS A 275 -2.15 19.09 -17.96
CA LYS A 275 -1.33 19.15 -19.17
C LYS A 275 -0.73 17.80 -19.51
N ARG A 276 -0.86 17.40 -20.77
CA ARG A 276 -0.33 16.12 -21.26
C ARG A 276 0.54 16.37 -22.47
N THR A 277 1.74 15.79 -22.48
CA THR A 277 2.62 15.86 -23.64
C THR A 277 2.22 14.82 -24.68
N VAL A 278 2.20 15.21 -25.95
CA VAL A 278 1.89 14.30 -27.03
C VAL A 278 2.91 14.47 -28.16
N ARG A 279 2.98 13.49 -29.06
CA ARG A 279 3.88 13.59 -30.21
C ARG A 279 3.35 14.59 -31.22
N ASN A 280 4.25 15.41 -31.74
CA ASN A 280 3.97 16.29 -32.87
C ASN A 280 4.53 15.67 -34.16
N ILE B 10 -9.52 28.83 2.38
CA ILE B 10 -8.77 28.46 3.61
C ILE B 10 -7.63 27.51 3.27
N GLU B 11 -6.42 27.82 3.74
CA GLU B 11 -5.29 26.90 3.58
C GLU B 11 -5.27 25.95 4.76
N VAL B 12 -5.50 24.67 4.48
CA VAL B 12 -5.62 23.63 5.49
C VAL B 12 -4.25 23.02 5.84
N LEU B 13 -3.90 22.97 7.13
CA LEU B 13 -2.64 22.36 7.57
C LEU B 13 -2.94 21.02 8.27
N ASN B 14 -2.22 20.68 9.34
CA ASN B 14 -2.36 19.34 9.92
C ASN B 14 -3.45 19.22 10.98
N LEU B 15 -3.88 17.99 11.22
CA LEU B 15 -4.79 17.67 12.32
C LEU B 15 -4.11 17.97 13.65
N VAL B 16 -4.90 18.42 14.62
CA VAL B 16 -4.44 18.55 16.00
C VAL B 16 -4.66 17.21 16.69
N THR B 17 -3.64 16.75 17.39
CA THR B 17 -3.76 15.51 18.14
C THR B 17 -3.70 15.81 19.62
N GLY B 18 -4.25 14.90 20.42
CA GLY B 18 -4.14 15.00 21.85
C GLY B 18 -5.50 14.95 22.49
N PRO B 19 -5.55 15.19 23.80
CA PRO B 19 -6.85 15.14 24.44
C PRO B 19 -7.74 16.29 23.96
N ASP B 20 -9.04 16.04 23.94
CA ASP B 20 -10.03 17.04 23.58
C ASP B 20 -9.90 17.54 22.14
N SER B 21 -9.33 16.73 21.24
CA SER B 21 -9.22 17.12 19.83
C SER B 21 -10.46 16.69 19.01
N ILE B 22 -11.37 15.92 19.62
CA ILE B 22 -12.58 15.43 18.97
C ILE B 22 -13.79 15.88 19.77
N THR B 23 -14.89 16.11 19.09
CA THR B 23 -16.15 16.33 19.79
C THR B 23 -17.26 15.82 18.90
N THR B 24 -18.44 15.65 19.47
CA THR B 24 -19.59 15.23 18.69
C THR B 24 -20.73 16.18 18.93
N ILE B 25 -21.59 16.31 17.94
CA ILE B 25 -22.78 17.13 18.03
C ILE B 25 -23.94 16.24 17.63
N GLU B 26 -24.94 16.21 18.51
CA GLU B 26 -26.18 15.47 18.26
C GLU B 26 -27.33 16.45 18.16
N LEU B 27 -28.21 16.26 17.20
CA LEU B 27 -29.43 17.07 17.15
C LEU B 27 -30.48 16.35 16.32
N TYR B 28 -31.68 16.88 16.36
CA TYR B 28 -32.72 16.47 15.42
C TYR B 28 -33.38 17.74 14.89
N LEU B 29 -33.98 17.62 13.73
CA LEU B 29 -34.75 18.70 13.11
C LEU B 29 -36.13 18.15 12.79
N ASN B 30 -37.16 18.82 13.33
CA ASN B 30 -38.53 18.47 12.98
C ASN B 30 -38.86 19.01 11.61
N THR B 31 -39.81 18.34 10.97
CA THR B 31 -40.16 18.63 9.59
C THR B 31 -40.93 19.94 9.47
N ARG B 32 -40.80 20.58 8.30
CA ARG B 32 -41.46 21.85 8.05
C ARG B 32 -42.33 21.73 6.80
N MET B 33 -43.43 21.00 6.95
CA MET B 33 -44.32 20.70 5.82
C MET B 33 -45.35 21.78 5.56
N GLY B 34 -45.57 22.67 6.52
CA GLY B 34 -46.47 23.79 6.34
C GLY B 34 -47.20 24.18 7.60
N GLN B 35 -47.70 23.18 8.33
CA GLN B 35 -48.19 23.42 9.67
CA GLN B 35 -48.20 23.39 9.67
C GLN B 35 -47.03 23.07 10.57
N ASN B 36 -46.33 24.12 11.00
CA ASN B 36 -45.06 23.96 11.68
C ASN B 36 -45.11 24.32 13.14
N ASP B 37 -46.31 24.51 13.66
CA ASP B 37 -46.53 24.79 15.07
C ASP B 37 -46.86 23.50 15.81
N GLU B 38 -45.96 23.08 16.70
CA GLU B 38 -46.10 21.80 17.43
C GLU B 38 -47.26 21.73 18.41
N SER B 39 -47.91 22.87 18.65
CA SER B 39 -49.08 22.92 19.53
C SER B 39 -50.40 22.78 18.77
N LYS B 40 -50.35 22.70 17.44
CA LYS B 40 -51.55 22.68 16.63
C LYS B 40 -51.79 21.33 15.95
N ASP B 41 -53.05 21.03 15.66
CA ASP B 41 -53.44 19.82 14.97
C ASP B 41 -52.73 19.87 13.61
N ASN B 42 -52.53 18.73 12.97
CA ASN B 42 -51.85 18.73 11.66
C ASN B 42 -50.37 19.08 11.68
N TYR B 43 -49.76 19.21 12.85
CA TYR B 43 -48.30 19.38 12.91
C TYR B 43 -47.60 18.22 12.18
N GLY B 44 -46.60 18.55 11.38
CA GLY B 44 -45.83 17.57 10.61
C GLY B 44 -46.47 17.20 9.28
N TYR B 45 -47.54 17.91 8.94
CA TYR B 45 -48.20 17.83 7.64
C TYR B 45 -48.31 19.23 7.07
N SER B 46 -48.54 19.32 5.76
CA SER B 46 -48.96 20.58 5.15
C SER B 46 -50.45 20.82 5.39
N GLU B 47 -50.88 22.06 5.15
CA GLU B 47 -52.31 22.33 4.94
C GLU B 47 -52.73 21.62 3.65
N LYS B 48 -54.03 21.49 3.44
CA LYS B 48 -54.51 20.76 2.27
C LYS B 48 -54.00 21.44 0.98
N VAL B 49 -53.55 20.63 0.04
CA VAL B 49 -53.02 21.12 -1.23
C VAL B 49 -54.15 21.68 -2.09
N THR B 50 -53.90 22.83 -2.71
CA THR B 50 -54.83 23.43 -3.67
C THR B 50 -54.12 23.54 -5.00
N VAL B 51 -54.89 23.80 -6.06
CA VAL B 51 -54.34 23.71 -7.40
C VAL B 51 -54.77 24.95 -8.17
N ALA B 52 -53.79 25.60 -8.79
CA ALA B 52 -54.02 26.85 -9.53
C ALA B 52 -55.01 26.65 -10.68
N ASN B 53 -55.86 27.64 -10.93
CA ASN B 53 -56.75 27.60 -12.10
C ASN B 53 -55.99 27.84 -13.41
N SER B 54 -54.93 28.63 -13.33
CA SER B 54 -54.06 28.92 -14.47
C SER B 54 -52.69 29.33 -13.94
N SER B 55 -51.68 29.31 -14.81
CA SER B 55 -50.32 29.58 -14.37
C SER B 55 -50.10 31.02 -13.90
N ASP B 56 -50.98 31.94 -14.33
CA ASP B 56 -50.92 33.34 -13.88
C ASP B 56 -51.77 33.61 -12.64
N GLN B 57 -52.40 32.58 -12.09
CA GLN B 57 -53.18 32.69 -10.86
C GLN B 57 -52.76 31.56 -9.95
N ASP B 58 -51.45 31.40 -9.78
CA ASP B 58 -50.89 30.29 -9.02
C ASP B 58 -50.39 30.86 -7.72
N LYS B 59 -51.26 30.79 -6.71
CA LYS B 59 -51.02 31.44 -5.42
C LYS B 59 -51.31 30.42 -4.32
N PRO B 60 -50.30 29.65 -3.91
CA PRO B 60 -50.53 28.63 -2.88
C PRO B 60 -51.08 29.25 -1.61
N THR B 61 -51.94 28.51 -0.93
CA THR B 61 -52.46 28.95 0.35
C THR B 61 -51.35 28.92 1.39
N SER B 62 -51.56 29.66 2.46
CA SER B 62 -50.62 29.69 3.55
C SER B 62 -50.55 28.30 4.19
N GLY B 63 -49.35 27.75 4.27
CA GLY B 63 -49.13 26.49 4.94
C GLY B 63 -49.22 25.25 4.06
N GLU B 64 -49.40 25.38 2.75
CA GLU B 64 -49.46 24.20 1.89
C GLU B 64 -48.10 23.88 1.23
N ILE B 65 -47.05 24.63 1.60
CA ILE B 65 -45.75 24.61 0.92
C ILE B 65 -44.65 24.11 1.87
N PRO B 66 -44.04 22.94 1.58
CA PRO B 66 -42.90 22.50 2.40
C PRO B 66 -41.69 23.43 2.27
N THR B 67 -40.95 23.56 3.37
CA THR B 67 -39.75 24.36 3.41
C THR B 67 -38.60 23.55 4.02
N TYR B 68 -37.38 24.03 3.87
CA TYR B 68 -36.23 23.38 4.46
C TYR B 68 -36.19 23.59 5.96
N SER B 69 -35.79 22.54 6.66
CA SER B 69 -35.43 22.62 8.05
C SER B 69 -33.94 23.00 8.12
N THR B 70 -33.57 23.84 9.07
CA THR B 70 -32.16 24.18 9.24
C THR B 70 -31.85 24.60 10.67
N ALA B 71 -30.60 24.42 11.07
CA ALA B 71 -30.11 24.90 12.35
C ALA B 71 -28.64 25.25 12.26
N ARG B 72 -28.24 26.22 13.05
CA ARG B 72 -26.85 26.52 13.32
C ARG B 72 -26.54 26.13 14.76
N ILE B 73 -25.50 25.31 14.93
CA ILE B 73 -25.12 24.85 16.26
C ILE B 73 -23.79 25.49 16.64
N ASN B 74 -23.75 26.10 17.82
CA ASN B 74 -22.53 26.69 18.35
C ASN B 74 -21.60 25.59 18.83
N LEU B 75 -20.34 25.64 18.40
CA LEU B 75 -19.36 24.64 18.76
C LEU B 75 -18.49 25.15 19.90
N PRO B 76 -17.76 24.25 20.57
CA PRO B 76 -16.88 24.74 21.64
C PRO B 76 -15.86 25.75 21.12
N MET B 77 -15.65 26.82 21.90
CA MET B 77 -14.83 27.94 21.46
C MET B 77 -13.36 27.53 21.38
N LEU B 78 -12.71 27.87 20.27
CA LEU B 78 -11.29 27.60 20.08
C LEU B 78 -10.54 28.93 20.02
N ASN B 79 -9.22 28.87 19.88
CA ASN B 79 -8.40 30.06 19.58
C ASN B 79 -8.33 31.04 20.76
N THR B 86 -1.32 30.86 12.63
CA THR B 86 -2.29 29.78 12.42
C THR B 86 -3.48 29.87 13.38
N LEU B 87 -4.60 29.29 12.96
CA LEU B 87 -5.78 29.14 13.82
C LEU B 87 -6.19 27.67 13.85
N THR B 88 -7.02 27.32 14.83
CA THR B 88 -7.65 26.00 14.86
C THR B 88 -9.12 26.15 14.47
N MET B 89 -9.63 25.21 13.68
CA MET B 89 -11.06 25.16 13.36
C MET B 89 -11.58 23.75 13.59
N TRP B 90 -12.86 23.66 13.90
CA TRP B 90 -13.52 22.37 13.92
C TRP B 90 -13.81 21.91 12.50
N GLU B 91 -13.51 20.64 12.23
CA GLU B 91 -13.69 20.04 10.92
C GLU B 91 -14.67 18.90 11.06
N ALA B 92 -15.77 18.93 10.32
CA ALA B 92 -16.76 17.85 10.37
C ALA B 92 -16.26 16.66 9.56
N VAL B 93 -16.10 15.53 10.21
CA VAL B 93 -15.50 14.34 9.63
C VAL B 93 -16.53 13.40 9.04
N SER B 94 -17.62 13.22 9.78
CA SER B 94 -18.61 12.23 9.42
C SER B 94 -19.89 12.51 10.15
N VAL B 95 -20.96 11.92 9.64
CA VAL B 95 -22.28 12.05 10.26
C VAL B 95 -23.01 10.73 10.17
N LYS B 96 -23.69 10.38 11.27
CA LYS B 96 -24.70 9.31 11.27
C LYS B 96 -26.03 10.03 11.28
N THR B 97 -26.84 9.81 10.23
CA THR B 97 -28.14 10.50 10.12
C THR B 97 -29.23 9.48 9.79
N GLU B 98 -30.42 9.69 10.34
CA GLU B 98 -31.54 8.77 10.21
C GLU B 98 -32.82 9.57 10.11
N VAL B 99 -33.73 9.08 9.29
CA VAL B 99 -35.09 9.58 9.30
C VAL B 99 -35.82 8.88 10.45
N VAL B 100 -36.49 9.66 11.29
CA VAL B 100 -37.09 9.12 12.51
C VAL B 100 -38.57 8.95 12.25
N GLY B 101 -39.15 7.92 12.85
CA GLY B 101 -40.58 7.69 12.74
C GLY B 101 -41.04 7.00 11.47
N VAL B 102 -40.15 6.30 10.78
CA VAL B 102 -40.56 5.53 9.62
C VAL B 102 -41.71 4.55 9.96
N SER B 103 -41.68 3.94 11.13
CA SER B 103 -42.69 2.95 11.49
C SER B 103 -44.07 3.55 11.62
N SER B 104 -44.15 4.87 11.81
CA SER B 104 -45.45 5.57 11.88
C SER B 104 -46.24 5.44 10.59
N LEU B 105 -45.57 5.11 9.49
CA LEU B 105 -46.23 4.92 8.21
C LEU B 105 -46.95 3.56 8.13
N VAL B 106 -46.71 2.68 9.12
CA VAL B 106 -47.45 1.42 9.24
C VAL B 106 -48.76 1.72 9.98
N ASN B 107 -49.62 2.42 9.31
CA ASN B 107 -50.88 2.85 9.89
C ASN B 107 -51.86 3.01 8.73
N VAL B 108 -52.87 2.15 8.71
CA VAL B 108 -53.90 2.16 7.67
C VAL B 108 -55.31 2.22 8.26
N HIS B 109 -55.42 2.77 9.48
CA HIS B 109 -56.75 3.00 10.09
C HIS B 109 -57.07 4.48 10.32
N MET B 110 -56.20 5.39 9.85
CA MET B 110 -56.50 6.82 9.94
C MET B 110 -57.67 7.18 9.03
N ALA B 111 -58.29 8.32 9.31
CA ALA B 111 -59.45 8.80 8.56
C ALA B 111 -59.04 9.22 7.15
N THR B 112 -59.04 8.26 6.24
CA THR B 112 -58.51 8.44 4.88
C THR B 112 -59.44 7.76 3.90
N LYS B 113 -59.22 8.03 2.62
CA LYS B 113 -59.83 7.18 1.57
C LYS B 113 -59.41 5.74 1.83
N ARG B 114 -60.21 4.78 1.37
CA ARG B 114 -59.87 3.38 1.64
C ARG B 114 -60.08 2.50 0.40
N MET B 115 -59.45 1.33 0.46
CA MET B 115 -59.48 0.38 -0.66
C MET B 115 -60.75 -0.43 -0.74
N TYR B 116 -61.01 -0.99 -1.92
CA TYR B 116 -62.01 -2.04 -2.14
C TYR B 116 -63.41 -1.67 -1.64
N ASP B 117 -63.98 -0.63 -2.24
CA ASP B 117 -65.40 -0.29 -2.01
C ASP B 117 -65.69 -0.14 -0.50
N ASP B 118 -64.85 0.63 0.16
CA ASP B 118 -64.99 0.99 1.58
C ASP B 118 -64.90 -0.16 2.58
N LYS B 119 -64.29 -1.26 2.16
CA LYS B 119 -64.11 -2.45 2.99
C LYS B 119 -62.66 -2.71 3.37
N GLY B 120 -61.73 -2.17 2.59
CA GLY B 120 -60.32 -2.47 2.76
C GLY B 120 -59.58 -1.46 3.62
N ILE B 121 -58.25 -1.51 3.57
CA ILE B 121 -57.43 -0.63 4.37
C ILE B 121 -57.58 0.82 3.97
N GLY B 122 -57.33 1.72 4.91
CA GLY B 122 -57.12 3.11 4.57
C GLY B 122 -55.87 3.25 3.74
N PHE B 123 -55.85 4.23 2.84
CA PHE B 123 -54.64 4.47 2.05
C PHE B 123 -53.50 4.85 3.00
N PRO B 124 -52.36 4.16 2.92
CA PRO B 124 -51.21 4.62 3.66
C PRO B 124 -50.67 5.93 3.02
N VAL B 125 -49.85 6.65 3.78
CA VAL B 125 -49.14 7.80 3.24
C VAL B 125 -48.30 7.33 2.06
N GLU B 126 -48.50 7.92 0.89
CA GLU B 126 -47.83 7.45 -0.31
C GLU B 126 -47.72 8.57 -1.31
N GLY B 127 -46.84 8.35 -2.29
CA GLY B 127 -46.62 9.30 -3.35
C GLY B 127 -45.20 9.84 -3.26
N MET B 128 -45.07 11.08 -3.70
CA MET B 128 -43.77 11.73 -3.82
C MET B 128 -42.91 11.63 -2.57
N ASN B 129 -41.65 11.22 -2.76
CA ASN B 129 -40.65 11.27 -1.69
C ASN B 129 -39.53 12.22 -2.07
N PHE B 130 -39.10 13.00 -1.11
CA PHE B 130 -37.99 13.91 -1.33
C PHE B 130 -37.18 13.92 -0.05
N HIS B 131 -35.91 13.64 -0.18
CA HIS B 131 -35.02 13.48 0.98
C HIS B 131 -33.74 14.16 0.70
N MET B 132 -33.41 15.13 1.52
CA MET B 132 -32.10 15.75 1.41
CA MET B 132 -32.15 15.86 1.40
C MET B 132 -31.57 16.16 2.77
N PHE B 133 -30.26 16.12 2.90
CA PHE B 133 -29.63 16.71 4.07
C PHE B 133 -28.32 17.32 3.66
N ALA B 134 -27.85 18.26 4.47
CA ALA B 134 -26.60 18.97 4.21
C ALA B 134 -25.92 19.25 5.53
N VAL B 135 -24.60 19.13 5.56
CA VAL B 135 -23.80 19.48 6.72
C VAL B 135 -22.67 20.36 6.22
N GLY B 136 -22.52 21.54 6.84
CA GLY B 136 -21.53 22.48 6.39
C GLY B 136 -21.00 23.36 7.49
N GLY B 137 -19.94 24.09 7.15
CA GLY B 137 -19.33 25.03 8.09
C GLY B 137 -19.78 26.45 7.86
N GLU B 138 -20.80 26.61 7.02
CA GLU B 138 -21.43 27.91 6.77
C GLU B 138 -22.82 27.61 6.18
N PRO B 139 -23.71 28.61 6.08
CA PRO B 139 -25.04 28.33 5.53
C PRO B 139 -25.05 27.68 4.15
N LEU B 140 -26.00 26.79 3.94
CA LEU B 140 -26.21 26.18 2.63
C LEU B 140 -26.50 27.28 1.61
N GLU B 141 -25.77 27.27 0.51
CA GLU B 141 -25.98 28.26 -0.53
C GLU B 141 -26.99 27.74 -1.54
N LEU B 142 -27.96 28.58 -1.86
CA LEU B 142 -29.12 28.19 -2.64
C LEU B 142 -29.17 28.88 -3.98
N GLN B 143 -29.75 28.18 -4.96
CA GLN B 143 -30.02 28.70 -6.28
C GLN B 143 -31.54 28.68 -6.45
N PHE B 144 -32.11 29.76 -6.95
CA PHE B 144 -33.56 29.79 -7.26
C PHE B 144 -33.81 29.08 -8.58
N LEU B 145 -34.83 28.21 -8.61
CA LEU B 145 -35.27 27.58 -9.84
C LEU B 145 -36.66 27.02 -9.56
N THR B 146 -37.62 27.37 -10.41
CA THR B 146 -39.01 27.05 -10.17
C THR B 146 -39.66 26.46 -11.41
N GLY B 147 -40.69 25.65 -11.20
CA GLY B 147 -41.53 25.19 -12.30
C GLY B 147 -42.45 26.24 -12.91
N ASN B 148 -42.68 27.33 -12.18
CA ASN B 148 -43.54 28.40 -12.67
C ASN B 148 -43.03 29.74 -12.15
N TYR B 149 -42.47 30.54 -13.04
CA TYR B 149 -41.90 31.83 -12.64
C TYR B 149 -42.91 32.77 -12.00
N ARG B 150 -44.19 32.61 -12.31
CA ARG B 150 -45.26 33.47 -11.79
C ARG B 150 -45.85 33.11 -10.43
N THR B 151 -45.38 32.02 -9.81
CA THR B 151 -45.96 31.60 -8.54
C THR B 151 -45.94 32.77 -7.57
N ASP B 152 -47.09 33.01 -6.95
CA ASP B 152 -47.29 34.14 -6.05
C ASP B 152 -47.26 33.62 -4.62
N TYR B 153 -46.26 34.01 -3.84
CA TYR B 153 -46.09 33.51 -2.46
C TYR B 153 -46.67 34.43 -1.39
N SER B 154 -47.45 35.42 -1.81
CA SER B 154 -47.90 36.50 -0.93
C SER B 154 -48.96 36.09 0.10
N ALA B 155 -49.47 34.87 0.06
CA ALA B 155 -50.37 34.44 1.13
C ALA B 155 -49.59 34.19 2.43
N ASN B 156 -48.27 34.08 2.34
CA ASN B 156 -47.44 33.87 3.52
C ASN B 156 -46.17 34.71 3.44
N ASP B 157 -46.18 35.85 4.13
CA ASP B 157 -45.06 36.78 4.09
C ASP B 157 -43.83 36.33 4.88
N LYS B 158 -43.94 35.21 5.60
CA LYS B 158 -42.80 34.65 6.31
C LYS B 158 -41.92 33.80 5.38
N LEU B 159 -42.40 33.42 4.20
CA LEU B 159 -41.56 32.69 3.23
C LEU B 159 -40.53 33.62 2.60
N VAL B 160 -39.32 33.12 2.40
CA VAL B 160 -38.25 33.89 1.78
C VAL B 160 -38.16 33.51 0.31
N VAL B 161 -38.48 34.47 -0.55
CA VAL B 161 -38.46 34.28 -1.99
C VAL B 161 -37.94 35.56 -2.64
N PRO B 162 -37.51 35.48 -3.92
CA PRO B 162 -37.00 36.68 -4.57
C PRO B 162 -38.10 37.73 -4.70
N PRO B 163 -37.74 39.01 -4.59
CA PRO B 163 -38.72 40.08 -4.70
C PRO B 163 -39.23 40.33 -6.12
N ILE B 164 -38.49 39.91 -7.14
CA ILE B 164 -38.86 40.12 -8.54
C ILE B 164 -39.06 38.77 -9.21
N LYS B 165 -40.02 38.69 -10.13
CA LYS B 165 -40.27 37.48 -10.90
C LYS B 165 -39.80 37.65 -12.33
N HIS B 166 -39.26 36.58 -12.91
CA HIS B 166 -38.85 36.61 -14.31
C HIS B 166 -38.90 35.24 -14.95
N GLN B 167 -39.23 35.24 -16.23
CA GLN B 167 -39.35 34.03 -17.06
C GLN B 167 -38.14 33.10 -16.99
N SER B 168 -36.95 33.69 -16.90
CA SER B 168 -35.69 32.94 -16.92
C SER B 168 -35.50 32.04 -15.71
N THR B 169 -36.26 32.26 -14.65
CA THR B 169 -36.11 31.49 -13.41
C THR B 169 -36.69 30.07 -13.49
N GLN B 170 -37.27 29.71 -14.62
CA GLN B 170 -37.65 28.31 -14.89
C GLN B 170 -36.47 27.51 -15.38
N GLY B 171 -35.36 28.20 -15.66
CA GLY B 171 -34.05 27.58 -15.83
C GLY B 171 -33.12 28.16 -14.76
N LEU B 172 -31.82 28.02 -14.97
CA LEU B 172 -30.83 28.53 -14.02
C LEU B 172 -30.44 29.95 -14.40
N ASN B 173 -30.81 30.91 -13.54
CA ASN B 173 -30.41 32.29 -13.70
C ASN B 173 -29.55 32.61 -12.49
N PRO B 174 -28.24 32.80 -12.70
CA PRO B 174 -27.33 32.90 -11.56
C PRO B 174 -27.47 34.21 -10.76
N HIS B 175 -28.35 35.11 -11.19
CA HIS B 175 -28.61 36.35 -10.45
C HIS B 175 -29.64 36.15 -9.33
N TYR B 176 -30.19 34.93 -9.23
CA TYR B 176 -31.17 34.58 -8.21
C TYR B 176 -30.61 33.52 -7.26
N LYS B 177 -29.98 33.99 -6.18
CA LYS B 177 -29.35 33.11 -5.20
C LYS B 177 -29.75 33.55 -3.80
N GLN B 178 -29.47 32.70 -2.82
CA GLN B 178 -29.71 33.01 -1.41
C GLN B 178 -28.87 32.07 -0.55
N LYS B 179 -28.95 32.26 0.76
CA LYS B 179 -28.35 31.37 1.74
C LYS B 179 -29.45 30.92 2.69
N LEU B 180 -29.38 29.65 3.09
CA LEU B 180 -30.41 29.03 3.94
C LEU B 180 -30.13 29.43 5.38
N THR B 181 -30.73 30.53 5.80
CA THR B 181 -30.43 31.14 7.10
C THR B 181 -31.63 31.13 8.05
N LYS B 182 -32.76 30.57 7.63
CA LYS B 182 -33.95 30.56 8.46
C LYS B 182 -34.68 29.24 8.29
N ASP B 183 -35.04 28.62 9.41
CA ASP B 183 -35.79 27.37 9.43
C ASP B 183 -37.25 27.63 9.03
N GLY B 184 -37.80 26.71 8.24
CA GLY B 184 -39.23 26.77 7.90
C GLY B 184 -39.66 27.97 7.09
N ALA B 185 -38.80 28.46 6.20
CA ALA B 185 -39.07 29.70 5.45
C ALA B 185 -38.70 29.67 3.97
N PHE B 186 -37.80 28.79 3.58
CA PHE B 186 -37.33 28.71 2.20
C PHE B 186 -38.06 27.56 1.51
N PRO B 187 -38.98 27.88 0.58
CA PRO B 187 -39.68 26.75 -0.06
C PRO B 187 -38.78 25.80 -0.86
N VAL B 188 -39.00 24.51 -0.67
CA VAL B 188 -38.31 23.49 -1.42
C VAL B 188 -38.57 23.64 -2.92
N GLU B 189 -39.77 24.03 -3.28
CA GLU B 189 -40.18 24.04 -4.68
C GLU B 189 -39.45 25.08 -5.53
N CYS B 190 -38.81 26.08 -4.91
CA CYS B 190 -38.11 27.09 -5.70
C CYS B 190 -36.65 27.33 -5.33
N TRP B 191 -36.15 26.67 -4.29
CA TRP B 191 -34.74 26.81 -3.88
C TRP B 191 -34.08 25.45 -3.86
N CYS B 192 -32.92 25.35 -4.49
CA CYS B 192 -32.13 24.12 -4.47
C CYS B 192 -30.69 24.45 -4.12
N PRO B 193 -29.89 23.43 -3.76
CA PRO B 193 -28.49 23.76 -3.51
C PRO B 193 -27.81 24.32 -4.75
N ASP B 194 -26.98 25.35 -4.54
CA ASP B 194 -26.22 25.98 -5.62
C ASP B 194 -24.95 25.15 -5.85
N PRO B 195 -24.89 24.42 -6.98
CA PRO B 195 -23.72 23.58 -7.23
C PRO B 195 -22.45 24.36 -7.56
N SER B 196 -22.58 25.64 -7.89
CA SER B 196 -21.39 26.45 -8.19
C SER B 196 -20.73 27.02 -6.93
N LYS B 197 -21.34 26.82 -5.77
CA LYS B 197 -20.76 27.24 -4.50
C LYS B 197 -20.74 26.02 -3.59
N ASN B 198 -21.05 26.18 -2.29
CA ASN B 198 -21.08 25.08 -1.36
C ASN B 198 -19.79 24.26 -1.26
N GLU B 199 -18.66 24.92 -1.41
CA GLU B 199 -17.36 24.24 -1.28
C GLU B 199 -17.12 23.72 0.13
N ASN B 200 -17.76 24.36 1.11
CA ASN B 200 -17.57 24.04 2.51
C ASN B 200 -18.82 23.38 3.15
N THR B 201 -19.63 22.75 2.30
CA THR B 201 -20.80 22.01 2.73
C THR B 201 -20.84 20.72 1.94
N ARG B 202 -21.38 19.66 2.53
CA ARG B 202 -21.70 18.44 1.78
C ARG B 202 -23.21 18.29 1.78
N TYR B 203 -23.80 18.09 0.60
CA TYR B 203 -25.23 17.83 0.52
C TYR B 203 -25.56 16.61 -0.32
N TYR B 204 -26.68 15.98 0.04
CA TYR B 204 -27.12 14.73 -0.56
C TYR B 204 -28.60 14.77 -0.68
N GLY B 205 -29.13 14.50 -1.85
CA GLY B 205 -30.58 14.54 -2.04
C GLY B 205 -31.09 13.54 -3.04
N SER B 206 -32.37 13.23 -2.91
CA SER B 206 -33.06 12.32 -3.82
C SER B 206 -34.52 12.70 -3.91
N TYR B 207 -35.08 12.43 -5.08
CA TYR B 207 -36.48 12.67 -5.36
C TYR B 207 -37.01 11.45 -6.08
N THR B 208 -38.17 10.95 -5.62
CA THR B 208 -38.89 9.90 -6.31
C THR B 208 -40.31 10.43 -6.44
N GLY B 209 -40.73 10.67 -7.67
CA GLY B 209 -42.00 11.36 -7.89
C GLY B 209 -43.16 10.42 -8.11
N GLY B 210 -44.05 10.82 -9.03
CA GLY B 210 -45.24 10.07 -9.34
C GLY B 210 -46.40 10.39 -8.39
N GLN B 211 -47.56 9.81 -8.68
CA GLN B 211 -48.79 10.14 -7.94
C GLN B 211 -49.02 9.41 -6.60
N SER B 212 -48.92 8.08 -6.62
CA SER B 212 -49.22 7.21 -5.47
C SER B 212 -48.09 6.23 -5.19
N THR B 213 -46.89 6.61 -5.62
CA THR B 213 -45.70 5.78 -5.54
C THR B 213 -45.40 5.27 -4.15
N PRO B 214 -45.04 3.99 -4.02
CA PRO B 214 -44.68 3.47 -2.71
C PRO B 214 -43.44 4.18 -2.12
N PRO B 215 -43.54 4.69 -0.89
CA PRO B 215 -42.33 5.14 -0.22
C PRO B 215 -41.44 3.97 0.07
N VAL B 216 -40.13 4.15 -0.13
CA VAL B 216 -39.14 3.13 0.16
C VAL B 216 -38.13 3.79 1.09
N LEU B 217 -38.08 3.32 2.33
CA LEU B 217 -37.38 4.03 3.38
C LEU B 217 -36.57 3.05 4.22
N GLN B 218 -35.41 3.48 4.69
CA GLN B 218 -34.55 2.64 5.52
C GLN B 218 -34.24 3.38 6.81
N PHE B 219 -33.99 2.64 7.87
CA PHE B 219 -33.54 3.25 9.12
C PHE B 219 -32.58 2.28 9.84
N THR B 220 -31.48 2.82 10.32
CA THR B 220 -30.50 2.03 11.02
C THR B 220 -29.61 2.98 11.81
N ASN B 221 -28.97 2.47 12.84
CA ASN B 221 -28.00 3.25 13.61
C ASN B 221 -26.58 2.79 13.34
N THR B 222 -26.38 2.13 12.19
CA THR B 222 -25.08 1.51 11.88
C THR B 222 -24.34 2.12 10.70
N VAL B 223 -24.90 3.14 10.07
CA VAL B 223 -24.30 3.72 8.86
C VAL B 223 -23.73 5.12 9.11
N THR B 224 -22.47 5.27 8.76
CA THR B 224 -21.73 6.53 8.91
C THR B 224 -21.47 7.08 7.52
N THR B 225 -21.81 8.36 7.32
CA THR B 225 -21.56 9.07 6.06
C THR B 225 -20.29 9.90 6.24
N VAL B 226 -19.27 9.64 5.42
CA VAL B 226 -18.00 10.35 5.49
C VAL B 226 -18.17 11.73 4.83
N LEU B 227 -17.76 12.79 5.51
CA LEU B 227 -17.93 14.16 5.02
C LEU B 227 -16.64 14.74 4.42
N LEU B 228 -15.55 13.99 4.49
CA LEU B 228 -14.28 14.39 3.88
C LEU B 228 -14.39 14.44 2.36
N ASP B 229 -13.77 15.45 1.78
CA ASP B 229 -13.75 15.62 0.32
C ASP B 229 -12.61 14.82 -0.30
N GLU B 230 -12.41 14.98 -1.61
CA GLU B 230 -11.34 14.27 -2.32
C GLU B 230 -9.93 14.49 -1.77
N ASN B 231 -9.71 15.61 -1.07
CA ASN B 231 -8.44 15.91 -0.44
C ASN B 231 -8.34 15.55 1.03
N GLY B 232 -9.31 14.79 1.54
CA GLY B 232 -9.34 14.40 2.94
C GLY B 232 -9.79 15.48 3.92
N VAL B 233 -10.46 16.52 3.43
CA VAL B 233 -10.87 17.65 4.26
C VAL B 233 -12.39 17.74 4.36
N GLY B 234 -12.89 17.77 5.59
CA GLY B 234 -14.32 17.95 5.80
C GLY B 234 -14.69 19.41 5.88
N PRO B 235 -16.00 19.72 5.99
CA PRO B 235 -16.46 21.09 6.22
C PRO B 235 -15.72 21.72 7.41
N LEU B 236 -15.26 22.95 7.24
CA LEU B 236 -14.54 23.67 8.29
C LEU B 236 -15.47 24.75 8.86
N CYS B 237 -15.64 24.74 10.17
CA CYS B 237 -16.71 25.50 10.80
C CYS B 237 -16.29 26.93 11.09
N LYS B 238 -16.71 27.83 10.22
CA LYS B 238 -16.33 29.24 10.34
C LYS B 238 -17.07 29.88 11.52
N GLY B 239 -16.32 30.60 12.35
CA GLY B 239 -16.86 31.22 13.56
C GLY B 239 -17.43 30.18 14.53
N ASP B 240 -16.89 28.96 14.48
CA ASP B 240 -17.30 27.88 15.37
C ASP B 240 -18.80 27.64 15.26
N GLY B 241 -19.31 27.66 14.02
CA GLY B 241 -20.70 27.30 13.74
C GLY B 241 -20.81 26.11 12.80
N LEU B 242 -21.70 25.18 13.13
CA LEU B 242 -21.98 24.03 12.31
C LEU B 242 -23.39 24.19 11.78
N TYR B 243 -23.58 23.97 10.48
CA TYR B 243 -24.88 24.21 9.85
C TYR B 243 -25.42 22.91 9.32
N VAL B 244 -26.64 22.60 9.72
CA VAL B 244 -27.28 21.35 9.34
C VAL B 244 -28.65 21.69 8.73
N SER B 245 -28.99 21.05 7.62
CA SER B 245 -30.21 21.39 6.87
C SER B 245 -30.78 20.09 6.32
N CYS B 246 -32.09 20.04 6.13
CA CYS B 246 -32.71 18.84 5.59
C CYS B 246 -34.13 19.07 5.14
N CYS B 247 -34.65 18.09 4.40
CA CYS B 247 -36.07 18.00 4.14
C CYS B 247 -36.37 16.53 3.88
N ASP B 248 -37.46 16.02 4.47
CA ASP B 248 -37.84 14.61 4.33
C ASP B 248 -39.34 14.46 4.16
N ILE B 249 -39.77 14.50 2.90
CA ILE B 249 -41.16 14.29 2.49
C ILE B 249 -41.33 12.81 2.18
N VAL B 250 -42.30 12.18 2.84
CA VAL B 250 -42.53 10.74 2.69
C VAL B 250 -43.81 10.41 1.92
N GLY B 251 -44.57 11.44 1.51
CA GLY B 251 -45.73 11.23 0.65
C GLY B 251 -46.88 12.13 1.05
N PHE B 252 -48.09 11.72 0.66
CA PHE B 252 -49.30 12.45 0.97
C PHE B 252 -50.26 11.58 1.74
N LEU B 253 -50.95 12.22 2.69
CA LEU B 253 -52.10 11.65 3.35
C LEU B 253 -53.33 12.01 2.53
N VAL B 254 -54.11 11.01 2.14
CA VAL B 254 -55.31 11.20 1.33
C VAL B 254 -56.57 11.14 2.20
N GLY B 255 -57.19 12.29 2.44
CA GLY B 255 -58.40 12.33 3.27
C GLY B 255 -59.59 11.66 2.61
N LYS B 256 -60.66 11.49 3.37
CA LYS B 256 -61.87 10.80 2.90
C LYS B 256 -62.42 11.34 1.58
N ASP B 257 -62.37 12.66 1.44
CA ASP B 257 -62.94 13.33 0.27
C ASP B 257 -61.93 13.46 -0.89
N GLY B 258 -60.69 13.02 -0.66
CA GLY B 258 -59.64 13.09 -1.68
C GLY B 258 -58.70 14.27 -1.49
N ASP B 259 -58.99 15.12 -0.50
CA ASP B 259 -58.07 16.20 -0.11
C ASP B 259 -56.73 15.61 0.34
N MET B 260 -55.63 16.26 -0.01
CA MET B 260 -54.31 15.68 0.26
C MET B 260 -53.39 16.65 0.96
N GLN B 261 -52.56 16.11 1.85
CA GLN B 261 -51.56 16.89 2.59
C GLN B 261 -50.20 16.20 2.52
N TYR B 262 -49.15 16.98 2.37
CA TYR B 262 -47.79 16.47 2.52
C TYR B 262 -47.59 15.92 3.92
N ARG B 263 -46.82 14.84 4.01
CA ARG B 263 -46.37 14.27 5.29
C ARG B 263 -44.87 14.27 5.29
N GLY B 264 -44.29 14.82 6.35
CA GLY B 264 -42.84 14.82 6.56
C GLY B 264 -42.46 14.16 7.87
N LEU B 265 -41.20 13.74 7.95
CA LEU B 265 -40.66 13.09 9.14
C LEU B 265 -39.40 13.82 9.60
N PRO B 266 -39.10 13.74 10.89
CA PRO B 266 -37.90 14.41 11.44
C PRO B 266 -36.65 13.65 11.08
N ARG B 267 -35.51 14.33 11.18
CA ARG B 267 -34.23 13.73 10.89
C ARG B 267 -33.27 13.95 12.05
N TYR B 268 -32.56 12.89 12.41
CA TYR B 268 -31.57 12.90 13.49
C TYR B 268 -30.19 12.96 12.88
N PHE B 269 -29.28 13.65 13.57
CA PHE B 269 -27.87 13.77 13.17
C PHE B 269 -26.95 13.55 14.36
N ASN B 270 -25.89 12.78 14.16
CA ASN B 270 -24.78 12.66 15.11
C ASN B 270 -23.52 12.94 14.30
N ILE B 271 -22.90 14.09 14.54
CA ILE B 271 -21.80 14.57 13.70
C ILE B 271 -20.51 14.55 14.52
N LEU B 272 -19.48 13.97 13.94
CA LEU B 272 -18.17 13.84 14.56
C LEU B 272 -17.30 14.95 14.00
N LEU B 273 -16.69 15.72 14.89
CA LEU B 273 -15.78 16.79 14.47
C LEU B 273 -14.42 16.65 15.11
N ARG B 274 -13.42 17.19 14.43
CA ARG B 274 -12.06 17.16 14.93
C ARG B 274 -11.39 18.49 14.74
N LYS B 275 -10.36 18.76 15.53
CA LYS B 275 -9.61 19.99 15.40
C LYS B 275 -8.64 19.94 14.22
N ARG B 276 -8.67 21.00 13.43
CA ARG B 276 -7.80 21.15 12.26
C ARG B 276 -7.07 22.48 12.35
N THR B 277 -5.75 22.45 12.15
CA THR B 277 -4.96 23.68 12.04
C THR B 277 -5.11 24.24 10.63
N VAL B 278 -5.28 25.55 10.54
CA VAL B 278 -5.40 26.27 9.26
C VAL B 278 -4.53 27.53 9.31
N ARG B 279 -4.21 28.11 8.14
CA ARG B 279 -3.31 29.28 8.07
C ARG B 279 -4.05 30.59 8.28
N GLU C 11 -16.33 1.61 28.99
CA GLU C 11 -14.86 1.51 28.75
C GLU C 11 -14.43 0.03 28.69
N VAL C 12 -14.26 -0.48 27.48
CA VAL C 12 -13.86 -1.88 27.28
C VAL C 12 -12.36 -2.02 27.31
N LEU C 13 -11.91 -3.17 27.81
CA LEU C 13 -10.52 -3.55 27.78
C LEU C 13 -10.35 -4.73 26.82
N ASN C 14 -9.55 -5.74 27.16
CA ASN C 14 -9.27 -6.82 26.23
C ASN C 14 -10.29 -7.96 26.27
N LEU C 15 -10.26 -8.78 25.22
CA LEU C 15 -11.06 -9.99 25.17
C LEU C 15 -10.54 -10.99 26.20
N VAL C 16 -11.45 -11.76 26.79
CA VAL C 16 -11.04 -12.87 27.64
C VAL C 16 -10.74 -14.05 26.71
N THR C 17 -9.66 -14.77 26.99
CA THR C 17 -9.30 -15.96 26.22
C THR C 17 -9.44 -17.20 27.09
N GLY C 18 -9.60 -18.35 26.45
CA GLY C 18 -9.55 -19.63 27.15
C GLY C 18 -10.85 -20.39 27.00
N PRO C 19 -10.97 -21.56 27.65
CA PRO C 19 -12.20 -22.35 27.49
C PRO C 19 -13.45 -21.59 27.92
N ASP C 20 -14.52 -21.80 27.18
CA ASP C 20 -15.84 -21.26 27.53
C ASP C 20 -15.93 -19.73 27.47
N SER C 21 -15.01 -19.08 26.74
CA SER C 21 -15.09 -17.63 26.49
C SER C 21 -15.95 -17.21 25.28
N ILE C 22 -16.52 -18.18 24.57
CA ILE C 22 -17.43 -17.93 23.46
C ILE C 22 -18.74 -18.63 23.81
N THR C 23 -19.84 -18.07 23.33
CA THR C 23 -21.13 -18.75 23.41
C THR C 23 -22.01 -18.33 22.24
N THR C 24 -23.05 -19.11 21.96
CA THR C 24 -23.99 -18.76 20.90
C THR C 24 -25.39 -18.85 21.43
N ILE C 25 -26.25 -18.02 20.87
CA ILE C 25 -27.65 -18.02 21.18
C ILE C 25 -28.40 -18.20 19.87
N GLU C 26 -29.32 -19.16 19.83
CA GLU C 26 -30.18 -19.41 18.68
C GLU C 26 -31.63 -19.30 19.13
N LEU C 27 -32.44 -18.55 18.39
CA LEU C 27 -33.87 -18.42 18.68
C LEU C 27 -34.65 -18.02 17.45
N TYR C 28 -35.97 -18.10 17.57
CA TYR C 28 -36.87 -17.48 16.63
C TYR C 28 -37.89 -16.65 17.40
N LEU C 29 -38.46 -15.69 16.72
CA LEU C 29 -39.57 -14.90 17.25
C LEU C 29 -40.74 -14.99 16.29
N ASN C 30 -41.89 -15.39 16.80
CA ASN C 30 -43.09 -15.39 15.99
C ASN C 30 -43.63 -13.97 15.88
N THR C 31 -44.36 -13.75 14.81
CA THR C 31 -44.90 -12.44 14.50
C THR C 31 -46.05 -12.06 15.44
N ARG C 32 -46.25 -10.74 15.60
CA ARG C 32 -47.28 -10.21 16.48
C ARG C 32 -48.13 -9.21 15.69
N MET C 33 -48.95 -9.73 14.79
CA MET C 33 -49.77 -8.89 13.92
C MET C 33 -51.08 -8.45 14.55
N GLY C 34 -51.50 -9.14 15.60
CA GLY C 34 -52.75 -8.80 16.27
C GLY C 34 -53.51 -9.97 16.83
N GLN C 35 -53.64 -11.04 16.04
CA GLN C 35 -54.13 -12.30 16.56
C GLN C 35 -52.90 -13.08 16.95
N ASN C 36 -52.50 -12.96 18.21
CA ASN C 36 -51.20 -13.44 18.69
C ASN C 36 -51.27 -14.70 19.52
N ASP C 37 -52.44 -15.35 19.50
CA ASP C 37 -52.66 -16.59 20.21
C ASP C 37 -52.50 -17.77 19.24
N GLU C 38 -51.46 -18.56 19.44
CA GLU C 38 -51.14 -19.69 18.55
C GLU C 38 -52.15 -20.85 18.57
N SER C 39 -53.11 -20.80 19.49
CA SER C 39 -54.13 -21.84 19.58
CA SER C 39 -54.13 -21.85 19.58
C SER C 39 -55.44 -21.45 18.91
N LYS C 40 -55.50 -20.26 18.32
CA LYS C 40 -56.74 -19.78 17.68
C LYS C 40 -56.55 -19.57 16.19
N ASP C 41 -57.67 -19.49 15.48
CA ASP C 41 -57.66 -19.22 14.04
C ASP C 41 -57.03 -17.87 13.76
N ASN C 42 -56.49 -17.73 12.54
CA ASN C 42 -55.95 -16.45 12.08
CA ASN C 42 -55.92 -16.48 12.04
C ASN C 42 -54.66 -16.04 12.79
N TYR C 43 -53.94 -16.99 13.38
CA TYR C 43 -52.65 -16.71 14.01
C TYR C 43 -51.67 -16.18 12.97
N GLY C 44 -50.89 -15.16 13.35
CA GLY C 44 -49.93 -14.56 12.45
C GLY C 44 -50.52 -13.55 11.47
N TYR C 45 -51.79 -13.20 11.67
CA TYR C 45 -52.44 -12.15 10.92
C TYR C 45 -53.06 -11.18 11.93
N SER C 46 -53.38 -9.96 11.49
CA SER C 46 -54.15 -9.05 12.34
C SER C 46 -55.62 -9.39 12.26
N GLU C 47 -56.40 -8.83 13.18
CA GLU C 47 -57.83 -8.76 12.97
C GLU C 47 -58.08 -7.84 11.79
N LYS C 48 -59.29 -7.89 11.25
CA LYS C 48 -59.66 -7.06 10.12
C LYS C 48 -59.39 -5.59 10.38
N VAL C 49 -58.78 -4.92 9.42
CA VAL C 49 -58.48 -3.49 9.51
C VAL C 49 -59.78 -2.68 9.40
N THR C 50 -59.90 -1.68 10.26
CA THR C 50 -61.02 -0.74 10.24
C THR C 50 -60.45 0.66 10.02
N VAL C 51 -61.30 1.59 9.60
CA VAL C 51 -60.87 2.93 9.26
C VAL C 51 -61.68 3.96 10.03
N ALA C 52 -60.96 4.91 10.60
CA ALA C 52 -61.58 5.96 11.40
C ALA C 52 -62.49 6.81 10.56
N ASN C 53 -63.60 7.25 11.17
CA ASN C 53 -64.50 8.16 10.49
C ASN C 53 -63.92 9.57 10.42
N SER C 54 -63.15 9.93 11.45
CA SER C 54 -62.47 11.23 11.50
C SER C 54 -61.30 11.10 12.48
N SER C 55 -60.38 12.05 12.42
CA SER C 55 -59.15 11.95 13.19
C SER C 55 -59.37 12.03 14.71
N ASP C 56 -60.48 12.63 15.13
CA ASP C 56 -60.84 12.71 16.54
C ASP C 56 -61.63 11.50 17.07
N GLN C 57 -61.86 10.49 16.24
CA GLN C 57 -62.54 9.27 16.70
C GLN C 57 -61.79 8.09 16.07
N ASP C 58 -60.48 8.13 16.16
CA ASP C 58 -59.62 7.13 15.56
C ASP C 58 -59.25 6.13 16.66
N LYS C 59 -60.03 5.07 16.73
CA LYS C 59 -59.93 4.07 17.78
C LYS C 59 -59.82 2.68 17.17
N PRO C 60 -58.59 2.23 16.89
CA PRO C 60 -58.43 0.88 16.31
C PRO C 60 -59.07 -0.19 17.17
N THR C 61 -59.67 -1.19 16.52
CA THR C 61 -60.23 -2.30 17.24
C THR C 61 -59.12 -3.15 17.87
N SER C 62 -59.51 -3.95 18.85
CA SER C 62 -58.54 -4.80 19.53
C SER C 62 -58.06 -5.83 18.53
N GLY C 63 -56.74 -5.91 18.37
CA GLY C 63 -56.14 -6.93 17.55
C GLY C 63 -55.87 -6.52 16.11
N GLU C 64 -56.18 -5.28 15.73
CA GLU C 64 -55.89 -4.89 14.33
C GLU C 64 -54.56 -4.17 14.11
N ILE C 65 -53.76 -4.07 15.17
CA ILE C 65 -52.53 -3.25 15.25
C ILE C 65 -51.29 -4.14 15.43
N PRO C 66 -50.37 -4.16 14.46
CA PRO C 66 -49.14 -4.91 14.68
C PRO C 66 -48.26 -4.30 15.77
N THR C 67 -47.55 -5.18 16.48
CA THR C 67 -46.64 -4.77 17.53
C THR C 67 -45.28 -5.44 17.33
N TYR C 68 -44.27 -4.93 18.02
CA TYR C 68 -42.97 -5.54 17.96
C TYR C 68 -42.92 -6.89 18.69
N SER C 69 -42.13 -7.79 18.13
CA SER C 69 -41.76 -9.02 18.78
C SER C 69 -40.47 -8.78 19.52
N THR C 70 -40.35 -9.34 20.72
CA THR C 70 -39.12 -9.17 21.51
C THR C 70 -38.93 -10.28 22.54
N ALA C 71 -37.67 -10.56 22.87
CA ALA C 71 -37.31 -11.50 23.92
C ALA C 71 -36.02 -11.05 24.55
N ARG C 72 -35.89 -11.35 25.84
CA ARG C 72 -34.64 -11.25 26.55
C ARG C 72 -34.15 -12.66 26.81
N ILE C 73 -32.92 -12.95 26.43
CA ILE C 73 -32.35 -14.28 26.61
C ILE C 73 -31.28 -14.25 27.69
N ASN C 74 -31.36 -15.21 28.61
CA ASN C 74 -30.33 -15.34 29.64
C ASN C 74 -29.02 -15.82 29.06
N LEU C 75 -27.94 -15.11 29.37
CA LEU C 75 -26.61 -15.53 28.99
C LEU C 75 -25.93 -16.24 30.16
N PRO C 76 -24.82 -16.95 29.89
CA PRO C 76 -24.12 -17.60 31.00
C PRO C 76 -23.70 -16.56 32.05
N MET C 77 -24.04 -16.86 33.30
CA MET C 77 -23.91 -15.93 34.40
C MET C 77 -22.49 -15.54 34.68
N LEU C 78 -22.24 -14.24 34.86
CA LEU C 78 -20.92 -13.72 35.19
C LEU C 78 -20.99 -12.95 36.52
N ASN C 79 -19.84 -12.69 37.11
CA ASN C 79 -19.77 -11.94 38.36
C ASN C 79 -20.12 -10.47 38.11
N GLU C 80 -20.93 -9.87 38.98
CA GLU C 80 -21.41 -8.48 38.80
C GLU C 80 -21.14 -7.56 39.98
N ASP C 81 -20.24 -7.98 40.87
CA ASP C 81 -19.82 -7.20 42.03
C ASP C 81 -19.41 -5.77 41.65
N LEU C 82 -20.10 -4.79 42.24
CA LEU C 82 -19.88 -3.38 41.89
C LEU C 82 -18.57 -2.80 42.45
N THR C 83 -17.94 -3.49 43.40
CA THR C 83 -16.65 -3.05 43.96
C THR C 83 -15.41 -3.54 43.19
N CYS C 84 -15.58 -4.39 42.19
CA CYS C 84 -14.43 -4.91 41.42
C CYS C 84 -13.79 -3.84 40.53
N ASN C 85 -12.50 -3.99 40.25
CA ASN C 85 -11.80 -3.07 39.34
C ASN C 85 -12.18 -3.32 37.87
N THR C 86 -12.23 -4.59 37.48
CA THR C 86 -12.75 -4.99 36.17
C THR C 86 -13.84 -6.03 36.36
N LEU C 87 -14.66 -6.21 35.32
CA LEU C 87 -15.64 -7.27 35.28
C LEU C 87 -15.63 -7.83 33.87
N THR C 88 -16.25 -8.99 33.72
CA THR C 88 -16.46 -9.58 32.42
C THR C 88 -17.89 -9.30 31.99
N MET C 89 -18.08 -9.01 30.69
CA MET C 89 -19.41 -8.95 30.09
C MET C 89 -19.41 -9.73 28.79
N TRP C 90 -20.58 -10.25 28.42
CA TRP C 90 -20.76 -10.86 27.11
C TRP C 90 -20.90 -9.76 26.08
N GLU C 91 -20.22 -9.92 24.95
CA GLU C 91 -20.24 -8.97 23.86
C GLU C 91 -20.77 -9.67 22.63
N ALA C 92 -21.82 -9.13 22.02
CA ALA C 92 -22.38 -9.75 20.82
C ALA C 92 -21.55 -9.34 19.62
N VAL C 93 -21.09 -10.30 18.84
CA VAL C 93 -20.12 -10.06 17.75
C VAL C 93 -20.80 -10.02 16.38
N SER C 94 -21.74 -10.94 16.18
CA SER C 94 -22.41 -11.07 14.90
C SER C 94 -23.72 -11.79 15.04
N VAL C 95 -24.53 -11.67 14.01
CA VAL C 95 -25.80 -12.38 13.97
C VAL C 95 -26.08 -12.84 12.55
N LYS C 96 -26.61 -14.04 12.44
CA LYS C 96 -27.22 -14.51 11.20
C LYS C 96 -28.73 -14.51 11.44
N THR C 97 -29.44 -13.79 10.60
CA THR C 97 -30.88 -13.70 10.75
C THR C 97 -31.58 -13.83 9.41
N GLU C 98 -32.75 -14.48 9.43
CA GLU C 98 -33.54 -14.75 8.23
C GLU C 98 -35.00 -14.68 8.57
N VAL C 99 -35.78 -14.20 7.61
CA VAL C 99 -37.23 -14.32 7.67
C VAL C 99 -37.59 -15.74 7.25
N VAL C 100 -38.47 -16.36 8.03
CA VAL C 100 -38.86 -17.73 7.83
C VAL C 100 -40.23 -17.79 7.16
N GLY C 101 -40.42 -18.78 6.29
CA GLY C 101 -41.71 -19.01 5.66
C GLY C 101 -42.05 -18.10 4.49
N VAL C 102 -41.04 -17.53 3.85
CA VAL C 102 -41.27 -16.70 2.66
C VAL C 102 -42.04 -17.47 1.58
N SER C 103 -41.73 -18.74 1.41
CA SER C 103 -42.40 -19.58 0.40
C SER C 103 -43.91 -19.71 0.65
N SER C 104 -44.35 -19.49 1.90
CA SER C 104 -45.80 -19.54 2.20
C SER C 104 -46.59 -18.50 1.44
N LEU C 105 -45.90 -17.49 0.91
CA LEU C 105 -46.53 -16.44 0.12
C LEU C 105 -46.83 -16.88 -1.30
N VAL C 106 -46.33 -18.06 -1.68
CA VAL C 106 -46.65 -18.69 -2.95
C VAL C 106 -47.93 -19.48 -2.77
N ASN C 107 -49.02 -18.74 -2.64
CA ASN C 107 -50.34 -19.32 -2.37
C ASN C 107 -51.38 -18.36 -2.87
N VAL C 108 -52.09 -18.76 -3.91
CA VAL C 108 -53.15 -17.96 -4.52
C VAL C 108 -54.49 -18.72 -4.59
N HIS C 109 -54.66 -19.70 -3.70
CA HIS C 109 -55.93 -20.44 -3.65
C HIS C 109 -56.68 -20.24 -2.34
N MET C 110 -56.19 -19.34 -1.48
CA MET C 110 -56.90 -19.01 -0.24
C MET C 110 -58.20 -18.29 -0.55
N ALA C 111 -59.08 -18.22 0.44
CA ALA C 111 -60.40 -17.58 0.28
C ALA C 111 -60.19 -16.08 0.26
N THR C 112 -59.93 -15.55 -0.92
CA THR C 112 -59.57 -14.16 -1.11
C THR C 112 -60.31 -13.59 -2.32
N LYS C 113 -60.25 -12.28 -2.48
CA LYS C 113 -60.68 -11.64 -3.71
CA LYS C 113 -60.65 -11.62 -3.72
C LYS C 113 -59.81 -12.23 -4.83
N ARG C 114 -60.35 -12.27 -6.04
CA ARG C 114 -59.58 -12.87 -7.11
C ARG C 114 -59.54 -12.05 -8.39
N MET C 115 -58.58 -12.36 -9.24
CA MET C 115 -58.37 -11.63 -10.49
C MET C 115 -59.37 -12.02 -11.59
N TYR C 116 -59.55 -11.13 -12.56
CA TYR C 116 -60.20 -11.43 -13.85
C TYR C 116 -61.61 -12.01 -13.73
N ASP C 117 -62.53 -11.20 -13.21
CA ASP C 117 -63.97 -11.53 -13.21
C ASP C 117 -64.20 -12.90 -12.59
N ASP C 118 -63.56 -13.12 -11.44
CA ASP C 118 -63.70 -14.34 -10.65
C ASP C 118 -63.21 -15.63 -11.32
N LYS C 119 -62.35 -15.51 -12.31
CA LYS C 119 -61.77 -16.68 -12.99
C LYS C 119 -60.27 -16.87 -12.70
N GLY C 120 -59.60 -15.81 -12.28
CA GLY C 120 -58.15 -15.86 -12.09
C GLY C 120 -57.70 -16.25 -10.69
N ILE C 121 -56.43 -16.00 -10.41
CA ILE C 121 -55.86 -16.36 -9.13
C ILE C 121 -56.48 -15.57 -7.99
N GLY C 122 -56.45 -16.15 -6.80
CA GLY C 122 -56.66 -15.37 -5.59
C GLY C 122 -55.56 -14.33 -5.43
N PHE C 123 -55.89 -13.19 -4.86
CA PHE C 123 -54.87 -12.16 -4.60
C PHE C 123 -53.84 -12.76 -3.65
N PRO C 124 -52.55 -12.70 -4.01
CA PRO C 124 -51.55 -13.10 -3.03
C PRO C 124 -51.44 -12.03 -1.93
N VAL C 125 -50.85 -12.40 -0.80
CA VAL C 125 -50.52 -11.41 0.22
C VAL C 125 -49.63 -10.34 -0.41
N GLU C 126 -50.03 -9.09 -0.30
CA GLU C 126 -49.38 -8.01 -1.02
C GLU C 126 -49.60 -6.67 -0.34
N GLY C 127 -48.78 -5.69 -0.71
CA GLY C 127 -48.88 -4.38 -0.11
C GLY C 127 -47.68 -4.06 0.78
N MET C 128 -47.94 -3.18 1.73
CA MET C 128 -46.94 -2.68 2.65
C MET C 128 -46.01 -3.75 3.23
N ASN C 129 -44.70 -3.50 3.17
CA ASN C 129 -43.72 -4.34 3.84
C ASN C 129 -42.96 -3.51 4.86
N PHE C 130 -42.78 -4.08 6.03
CA PHE C 130 -42.02 -3.43 7.10
C PHE C 130 -41.20 -4.51 7.75
N HIS C 131 -39.89 -4.33 7.74
CA HIS C 131 -38.95 -5.33 8.27
C HIS C 131 -37.93 -4.64 9.12
N MET C 132 -37.79 -5.08 10.35
CA MET C 132 -36.74 -4.54 11.21
CA MET C 132 -36.83 -4.49 11.29
C MET C 132 -36.32 -5.60 12.21
N PHE C 133 -35.05 -5.54 12.59
CA PHE C 133 -34.60 -6.35 13.70
C PHE C 133 -33.58 -5.55 14.50
N ALA C 134 -33.41 -5.94 15.75
CA ALA C 134 -32.43 -5.31 16.62
C ALA C 134 -31.83 -6.36 17.52
N VAL C 135 -30.55 -6.21 17.80
CA VAL C 135 -29.83 -7.05 18.76
C VAL C 135 -29.07 -6.10 19.66
N GLY C 136 -29.28 -6.24 20.96
CA GLY C 136 -28.62 -5.37 21.94
C GLY C 136 -28.37 -5.94 23.32
N GLY C 137 -27.66 -5.16 24.12
CA GLY C 137 -27.27 -5.55 25.49
C GLY C 137 -28.20 -4.97 26.53
N GLU C 138 -29.28 -4.37 26.07
CA GLU C 138 -30.30 -3.80 26.94
C GLU C 138 -31.54 -3.63 26.07
N PRO C 139 -32.69 -3.33 26.68
CA PRO C 139 -33.88 -3.16 25.84
C PRO C 139 -33.71 -2.10 24.77
N LEU C 140 -34.36 -2.32 23.64
CA LEU C 140 -34.37 -1.35 22.55
C LEU C 140 -35.05 -0.09 23.04
N GLU C 141 -34.37 1.04 22.89
CA GLU C 141 -34.94 2.32 23.30
C GLU C 141 -35.83 2.87 22.18
N LEU C 142 -37.04 3.28 22.56
CA LEU C 142 -38.08 3.69 21.62
C LEU C 142 -38.39 5.20 21.73
N GLN C 143 -38.65 5.79 20.58
CA GLN C 143 -39.15 7.17 20.47
C GLN C 143 -40.59 7.06 20.02
N PHE C 144 -41.46 7.84 20.65
CA PHE C 144 -42.85 7.91 20.21
C PHE C 144 -42.97 8.86 19.03
N LEU C 145 -43.67 8.44 17.99
CA LEU C 145 -44.00 9.31 16.85
C LEU C 145 -45.15 8.68 16.11
N THR C 146 -46.21 9.47 15.91
CA THR C 146 -47.44 8.94 15.36
C THR C 146 -47.94 9.81 14.21
N GLY C 147 -48.70 9.20 13.30
CA GLY C 147 -49.39 9.97 12.26
C GLY C 147 -50.61 10.72 12.76
N ASN C 148 -51.12 10.35 13.94
CA ASN C 148 -52.30 11.01 14.52
C ASN C 148 -52.20 11.05 16.04
N TYR C 149 -51.98 12.25 16.59
CA TYR C 149 -51.68 12.37 18.01
C TYR C 149 -52.85 11.89 18.86
N ARG C 150 -54.06 11.90 18.28
CA ARG C 150 -55.26 11.53 19.04
C ARG C 150 -55.70 10.08 18.95
N THR C 151 -54.89 9.23 18.30
CA THR C 151 -55.26 7.84 18.22
C THR C 151 -55.56 7.31 19.60
N ASP C 152 -56.70 6.60 19.70
CA ASP C 152 -57.24 6.12 20.95
C ASP C 152 -57.00 4.61 21.00
N TYR C 153 -56.10 4.17 21.88
CA TYR C 153 -55.73 2.76 22.00
C TYR C 153 -56.52 1.98 23.07
N SER C 154 -57.59 2.60 23.60
CA SER C 154 -58.27 2.03 24.76
C SER C 154 -59.13 0.79 24.46
N ALA C 155 -59.28 0.39 23.20
CA ALA C 155 -59.92 -0.91 22.91
C ALA C 155 -59.05 -2.08 23.37
N ASN C 156 -57.76 -1.84 23.57
CA ASN C 156 -56.85 -2.86 24.06
C ASN C 156 -55.90 -2.29 25.11
N ASP C 157 -56.23 -2.51 26.38
CA ASP C 157 -55.45 -1.96 27.47
C ASP C 157 -54.12 -2.71 27.71
N LYS C 158 -53.85 -3.75 26.93
CA LYS C 158 -52.57 -4.46 27.03
C LYS C 158 -51.48 -3.78 26.18
N LEU C 159 -51.87 -2.85 25.29
CA LEU C 159 -50.87 -2.10 24.54
C LEU C 159 -50.16 -1.10 25.43
N VAL C 160 -48.87 -0.89 25.20
CA VAL C 160 -48.12 0.11 25.96
C VAL C 160 -48.00 1.36 25.11
N VAL C 161 -48.64 2.44 25.56
CA VAL C 161 -48.64 3.71 24.86
C VAL C 161 -48.51 4.81 25.92
N PRO C 162 -48.22 6.04 25.49
CA PRO C 162 -48.09 7.08 26.52
C PRO C 162 -49.41 7.40 27.21
N PRO C 163 -49.34 7.86 28.47
CA PRO C 163 -50.57 8.15 29.22
C PRO C 163 -51.22 9.49 28.85
N ILE C 164 -50.54 10.32 28.07
CA ILE C 164 -51.03 11.65 27.69
C ILE C 164 -50.79 11.80 26.20
N LYS C 165 -51.67 12.54 25.53
CA LYS C 165 -51.57 12.79 24.11
C LYS C 165 -51.34 14.27 23.87
N HIS C 166 -50.56 14.59 22.84
CA HIS C 166 -50.24 15.98 22.53
C HIS C 166 -49.85 16.11 21.07
N GLN C 167 -50.21 17.26 20.50
CA GLN C 167 -50.05 17.53 19.09
C GLN C 167 -48.62 17.33 18.59
N SER C 168 -47.66 17.64 19.45
CA SER C 168 -46.25 17.55 19.12
C SER C 168 -45.76 16.17 18.79
N THR C 169 -46.52 15.13 19.16
CA THR C 169 -46.10 13.76 18.94
C THR C 169 -46.24 13.32 17.47
N GLN C 170 -46.75 14.20 16.60
CA GLN C 170 -46.72 13.96 15.16
C GLN C 170 -45.36 14.33 14.56
N GLY C 171 -44.51 14.94 15.38
CA GLY C 171 -43.09 15.07 15.12
C GLY C 171 -42.32 14.38 16.23
N LEU C 172 -41.05 14.76 16.41
CA LEU C 172 -40.19 14.16 17.43
C LEU C 172 -40.26 15.04 18.66
N ASN C 173 -40.86 14.52 19.72
CA ASN C 173 -40.89 15.15 21.03
C ASN C 173 -40.14 14.20 21.96
N PRO C 174 -38.92 14.61 22.37
CA PRO C 174 -38.06 13.71 23.10
C PRO C 174 -38.50 13.40 24.52
N HIS C 175 -39.57 14.05 24.98
CA HIS C 175 -40.18 13.71 26.26
C HIS C 175 -41.01 12.42 26.21
N TYR C 176 -41.27 11.91 25.01
CA TYR C 176 -42.10 10.72 24.83
C TYR C 176 -41.23 9.55 24.39
N LYS C 177 -40.75 8.78 25.37
CA LYS C 177 -39.88 7.65 25.10
C LYS C 177 -40.31 6.42 25.86
N GLN C 178 -39.81 5.27 25.44
CA GLN C 178 -40.05 4.01 26.13
C GLN C 178 -38.90 3.03 25.90
N LYS C 179 -38.99 1.89 26.56
CA LYS C 179 -38.12 0.75 26.28
C LYS C 179 -38.96 -0.45 25.88
N LEU C 180 -38.48 -1.19 24.89
CA LEU C 180 -39.21 -2.36 24.38
C LEU C 180 -38.99 -3.52 25.35
N THR C 181 -39.89 -3.64 26.32
CA THR C 181 -39.73 -4.57 27.42
C THR C 181 -40.78 -5.69 27.41
N LYS C 182 -41.68 -5.71 26.44
CA LYS C 182 -42.76 -6.70 26.41
C LYS C 182 -43.09 -7.05 24.96
N ASP C 183 -43.19 -8.34 24.70
CA ASP C 183 -43.57 -8.86 23.39
C ASP C 183 -45.04 -8.57 23.13
N GLY C 184 -45.36 -8.24 21.88
CA GLY C 184 -46.75 -8.15 21.44
C GLY C 184 -47.58 -7.04 22.10
N ALA C 185 -46.94 -5.92 22.44
CA ALA C 185 -47.58 -4.88 23.25
C ALA C 185 -47.29 -3.49 22.72
CA PHE C 186 -45.74 -1.90 21.67
C PHE C 186 -46.09 -1.74 20.20
N PRO C 187 -47.08 -0.86 19.87
CA PRO C 187 -47.46 -0.75 18.47
C PRO C 187 -46.36 -0.16 17.59
N VAL C 188 -46.19 -0.78 16.43
CA VAL C 188 -45.25 -0.31 15.42
C VAL C 188 -45.63 1.10 14.95
N GLU C 189 -46.93 1.38 14.86
CA GLU C 189 -47.38 2.65 14.28
C GLU C 189 -47.03 3.87 15.09
N CYS C 190 -46.70 3.71 16.37
CA CYS C 190 -46.40 4.86 17.19
C CYS C 190 -45.05 4.82 17.91
N TRP C 191 -44.33 3.72 17.80
CA TRP C 191 -43.00 3.61 18.44
C TRP C 191 -41.96 3.23 17.40
N CYS C 192 -40.85 3.98 17.36
CA CYS C 192 -39.74 3.64 16.48
C CYS C 192 -38.46 3.58 17.29
N PRO C 193 -37.40 2.97 16.74
CA PRO C 193 -36.15 3.03 17.49
C PRO C 193 -35.68 4.45 17.71
N ASP C 194 -35.20 4.74 18.92
CA ASP C 194 -34.72 6.06 19.28
C ASP C 194 -33.26 6.20 18.81
N PRO C 195 -33.03 7.08 17.82
CA PRO C 195 -31.65 7.16 17.32
C PRO C 195 -30.69 7.90 18.28
N SER C 196 -31.24 8.63 19.24
CA SER C 196 -30.41 9.41 20.16
C SER C 196 -29.89 8.56 21.31
N LYS C 197 -30.44 7.35 21.47
CA LYS C 197 -29.93 6.44 22.47
C LYS C 197 -29.49 5.16 21.70
N ASN C 198 -29.80 3.99 22.20
CA ASN C 198 -29.40 2.75 21.54
C ASN C 198 -27.92 2.61 21.17
N GLU C 199 -27.05 3.18 21.99
CA GLU C 199 -25.61 3.04 21.76
C GLU C 199 -25.16 1.58 21.97
N ASN C 200 -25.95 0.81 22.70
CA ASN C 200 -25.63 -0.56 23.02
C ASN C 200 -26.54 -1.59 22.31
N THR C 201 -27.16 -1.15 21.23
CA THR C 201 -28.01 -1.98 20.40
C THR C 201 -27.69 -1.67 18.94
N ARG C 202 -27.81 -2.66 18.06
CA ARG C 202 -27.75 -2.40 16.62
C ARG C 202 -29.12 -2.70 16.06
N TYR C 203 -29.69 -1.79 15.28
CA TYR C 203 -30.97 -2.05 14.64
C TYR C 203 -30.94 -1.70 13.16
N TYR C 204 -31.80 -2.39 12.41
CA TYR C 204 -31.83 -2.29 10.95
C TYR C 204 -33.27 -2.39 10.55
N GLY C 205 -33.72 -1.50 9.67
CA GLY C 205 -35.11 -1.52 9.24
C GLY C 205 -35.36 -0.98 7.87
N SER C 206 -36.49 -1.39 7.30
CA SER C 206 -36.90 -0.89 6.01
C SER C 206 -38.41 -0.87 5.91
N TYR C 207 -38.92 0.06 5.11
CA TYR C 207 -40.34 0.18 4.86
C TYR C 207 -40.53 0.36 3.38
N THR C 208 -41.45 -0.42 2.80
CA THR C 208 -41.93 -0.20 1.45
C THR C 208 -43.45 -0.10 1.53
N GLY C 209 -43.99 1.04 1.11
CA GLY C 209 -45.41 1.32 1.30
C GLY C 209 -46.25 1.04 0.08
N GLY C 210 -47.28 1.87 -0.10
CA GLY C 210 -48.19 1.75 -1.22
C GLY C 210 -49.34 0.78 -0.90
N GLN C 211 -50.26 0.64 -1.85
CA GLN C 211 -51.51 -0.11 -1.61
C GLN C 211 -51.45 -1.64 -1.81
N SER C 212 -50.96 -2.05 -2.99
CA SER C 212 -50.91 -3.44 -3.40
C SER C 212 -49.52 -3.78 -3.92
N THR C 213 -48.54 -3.08 -3.39
CA THR C 213 -47.14 -3.24 -3.82
C THR C 213 -46.63 -4.67 -3.70
N PRO C 214 -45.92 -5.17 -4.73
CA PRO C 214 -45.30 -6.50 -4.63
C PRO C 214 -44.34 -6.60 -3.44
N PRO C 215 -44.52 -7.60 -2.57
CA PRO C 215 -43.49 -7.87 -1.57
C PRO C 215 -42.22 -8.36 -2.27
N VAL C 216 -41.06 -7.89 -1.82
CA VAL C 216 -39.76 -8.32 -2.33
C VAL C 216 -38.99 -8.82 -1.13
N LEU C 217 -38.71 -10.12 -1.13
CA LEU C 217 -38.18 -10.79 0.02
C LEU C 217 -37.07 -11.72 -0.39
N GLN C 218 -36.09 -11.88 0.49
CA GLN C 218 -34.99 -12.83 0.24
C GLN C 218 -34.79 -13.69 1.47
N PHE C 219 -34.24 -14.89 1.28
CA PHE C 219 -33.86 -15.75 2.39
C PHE C 219 -32.63 -16.54 2.02
N THR C 220 -31.69 -16.65 2.95
CA THR C 220 -30.49 -17.43 2.73
C THR C 220 -29.89 -17.70 4.09
N ASN C 221 -29.10 -18.76 4.17
CA ASN C 221 -28.36 -19.09 5.37
C ASN C 221 -26.86 -18.78 5.24
N THR C 222 -26.52 -17.86 4.34
CA THR C 222 -25.12 -17.60 4.02
C THR C 222 -24.61 -16.20 4.43
N VAL C 223 -25.45 -15.43 5.09
CA VAL C 223 -25.11 -14.03 5.40
C VAL C 223 -24.96 -13.79 6.90
N THR C 224 -23.81 -13.23 7.27
CA THR C 224 -23.51 -12.90 8.64
C THR C 224 -23.47 -11.38 8.77
N THR C 225 -24.22 -10.83 9.73
CA THR C 225 -24.26 -9.39 9.99
C THR C 225 -23.32 -9.09 11.17
N VAL C 226 -22.28 -8.30 10.95
CA VAL C 226 -21.33 -7.95 12.01
C VAL C 226 -21.96 -6.93 12.94
N LEU C 227 -21.93 -7.18 14.25
CA LEU C 227 -22.54 -6.26 15.22
C LEU C 227 -21.52 -5.30 15.87
N LEU C 228 -20.25 -5.49 15.55
CA LEU C 228 -19.21 -4.57 16.05
C LEU C 228 -19.40 -3.18 15.47
N ASP C 229 -19.14 -2.17 16.29
CA ASP C 229 -19.25 -0.79 15.82
C ASP C 229 -17.94 -0.33 15.19
N GLU C 230 -17.88 0.96 14.85
CA GLU C 230 -16.68 1.57 14.28
C GLU C 230 -15.42 1.41 15.14
N ASN C 231 -15.58 1.23 16.45
CA ASN C 231 -14.44 1.00 17.34
C ASN C 231 -14.13 -0.48 17.59
N GLY C 232 -14.84 -1.38 16.90
CA GLY C 232 -14.62 -2.82 17.06
C GLY C 232 -15.29 -3.45 18.29
N VAL C 233 -16.31 -2.79 18.82
CA VAL C 233 -16.99 -3.21 20.03
C VAL C 233 -18.44 -3.53 19.73
N GLY C 234 -18.88 -4.72 20.13
CA GLY C 234 -20.27 -5.11 19.96
C GLY C 234 -21.13 -4.70 21.15
N PRO C 235 -22.45 -4.94 21.06
CA PRO C 235 -23.33 -4.73 22.21
C PRO C 235 -22.82 -5.48 23.43
N LEU C 236 -22.79 -4.81 24.56
CA LEU C 236 -22.33 -5.40 25.83
C LEU C 236 -23.55 -5.69 26.70
N CYS C 237 -23.65 -6.92 27.17
CA CYS C 237 -24.92 -7.42 27.68
C CYS C 237 -25.04 -7.18 29.16
N LYS C 238 -25.75 -6.12 29.49
CA LYS C 238 -25.92 -5.69 30.88
C LYS C 238 -26.78 -6.69 31.61
N GLY C 239 -26.33 -7.07 32.80
CA GLY C 239 -27.06 -8.08 33.58
C GLY C 239 -27.16 -9.46 32.94
N ASP C 240 -26.23 -9.76 32.01
CA ASP C 240 -26.17 -11.04 31.31
C ASP C 240 -27.45 -11.31 30.54
N GLY C 241 -28.00 -10.26 29.95
CA GLY C 241 -29.19 -10.39 29.10
C GLY C 241 -28.91 -9.96 27.68
N LEU C 242 -29.37 -10.76 26.73
CA LEU C 242 -29.30 -10.44 25.32
C LEU C 242 -30.70 -10.09 24.86
N TYR C 243 -30.86 -8.96 24.18
CA TYR C 243 -32.20 -8.47 23.81
C TYR C 243 -32.35 -8.52 22.30
N VAL C 244 -33.39 -9.24 21.85
CA VAL C 244 -33.61 -9.44 20.44
C VAL C 244 -35.03 -8.96 20.11
N SER C 245 -35.18 -8.16 19.06
CA SER C 245 -36.47 -7.56 18.70
C SER C 245 -36.66 -7.56 17.20
N CYS C 246 -37.91 -7.64 16.75
CA CYS C 246 -38.16 -7.55 15.31
C CYS C 246 -39.62 -7.28 14.97
N CYS C 247 -39.84 -7.02 13.68
CA CYS C 247 -41.15 -6.98 13.09
C CYS C 247 -40.96 -7.26 11.61
N ASP C 248 -41.80 -8.14 11.06
CA ASP C 248 -41.73 -8.49 9.65
C ASP C 248 -43.12 -8.62 9.05
N ILE C 249 -43.62 -7.49 8.58
CA ILE C 249 -44.90 -7.40 7.91
C ILE C 249 -44.63 -7.61 6.43
N VAL C 250 -45.36 -8.56 5.83
CA VAL C 250 -45.15 -8.86 4.41
C VAL C 250 -46.30 -8.45 3.51
N GLY C 251 -47.36 -7.88 4.08
CA GLY C 251 -48.42 -7.30 3.30
C GLY C 251 -49.76 -7.59 3.92
N PHE C 252 -50.80 -7.52 3.09
CA PHE C 252 -52.18 -7.79 3.52
C PHE C 252 -52.82 -8.96 2.78
N LEU C 253 -53.64 -9.72 3.49
CA LEU C 253 -54.52 -10.71 2.90
C LEU C 253 -55.86 -10.03 2.62
N VAL C 254 -56.32 -10.11 1.37
CA VAL C 254 -57.54 -9.43 0.93
C VAL C 254 -58.66 -10.44 0.85
N GLY C 255 -59.62 -10.34 1.77
CA GLY C 255 -60.75 -11.25 1.79
C GLY C 255 -61.70 -11.03 0.62
N LYS C 256 -62.62 -11.97 0.43
CA LYS C 256 -63.56 -11.93 -0.70
C LYS C 256 -64.34 -10.64 -0.80
N ASP C 257 -64.73 -10.08 0.34
CA ASP C 257 -65.50 -8.85 0.34
C ASP C 257 -64.64 -7.59 0.43
N GLY C 258 -63.32 -7.75 0.43
CA GLY C 258 -62.41 -6.60 0.47
C GLY C 258 -61.85 -6.30 1.84
N ASP C 259 -62.30 -7.04 2.86
CA ASP C 259 -61.72 -6.95 4.21
C ASP C 259 -60.26 -7.35 4.17
N MET C 260 -59.42 -6.65 4.92
CA MET C 260 -57.98 -6.86 4.84
C MET C 260 -57.35 -7.06 6.21
N GLN C 261 -56.32 -7.89 6.26
CA GLN C 261 -55.59 -8.19 7.48
C GLN C 261 -54.12 -8.15 7.18
N TYR C 262 -53.34 -7.55 8.08
CA TYR C 262 -51.88 -7.71 8.04
C TYR C 262 -51.46 -9.16 8.11
N ARG C 263 -50.39 -9.50 7.40
CA ARG C 263 -49.75 -10.81 7.52
C ARG C 263 -48.29 -10.58 7.89
N GLY C 264 -47.82 -11.30 8.90
CA GLY C 264 -46.42 -11.28 9.30
C GLY C 264 -45.79 -12.66 9.28
N LEU C 265 -44.46 -12.68 9.29
CA LEU C 265 -43.69 -13.91 9.28
C LEU C 265 -42.69 -13.90 10.43
N PRO C 266 -42.31 -15.10 10.91
CA PRO C 266 -41.33 -15.21 11.99
C PRO C 266 -39.93 -14.92 11.51
N ARG C 267 -39.07 -14.67 12.48
CA ARG C 267 -37.67 -14.37 12.17
C ARG C 267 -36.77 -15.24 13.04
N TYR C 268 -35.73 -15.79 12.42
CA TYR C 268 -34.74 -16.62 13.08
C TYR C 268 -33.47 -15.80 13.34
N PHE C 269 -32.81 -16.10 14.45
CA PHE C 269 -31.54 -15.44 14.83
C PHE C 269 -30.53 -16.46 15.35
N ASN C 270 -29.27 -16.33 14.92
CA ASN C 270 -28.14 -17.05 15.50
C ASN C 270 -27.06 -16.02 15.84
N ILE C 271 -26.82 -15.83 17.13
CA ILE C 271 -25.96 -14.77 17.60
C ILE C 271 -24.73 -15.35 18.26
N LEU C 272 -23.57 -14.83 17.87
CA LEU C 272 -22.27 -15.23 18.42
C LEU C 272 -21.83 -14.18 19.43
N LEU C 273 -21.41 -14.63 20.61
CA LEU C 273 -20.93 -13.74 21.65
C LEU C 273 -19.58 -14.18 22.19
N ARG C 274 -18.86 -13.23 22.76
CA ARG C 274 -17.57 -13.50 23.36
C ARG C 274 -17.43 -12.71 24.66
N LYS C 275 -16.58 -13.21 25.55
CA LYS C 275 -16.34 -12.54 26.82
C LYS C 275 -15.39 -11.36 26.62
N ARG C 276 -15.76 -10.23 27.20
CA ARG C 276 -14.96 -9.01 27.12
C ARG C 276 -14.75 -8.45 28.51
N THR C 277 -13.51 -8.11 28.81
CA THR C 277 -13.19 -7.47 30.09
C THR C 277 -13.52 -5.99 29.96
N VAL C 278 -14.18 -5.45 30.98
CA VAL C 278 -14.54 -4.03 31.00
C VAL C 278 -14.10 -3.40 32.32
N ARG C 279 -13.93 -2.09 32.28
CA ARG C 279 -13.57 -1.32 33.48
C ARG C 279 -14.83 -1.10 34.31
N ASN C 280 -14.66 -1.07 35.63
CA ASN C 280 -15.79 -0.99 36.56
C ASN C 280 -15.52 0.02 37.68
N ILE D 10 -18.74 -33.69 12.27
CA ILE D 10 -17.57 -34.13 11.44
C ILE D 10 -16.38 -33.21 11.71
N GLU D 11 -15.25 -33.80 12.05
CA GLU D 11 -13.99 -33.06 12.22
C GLU D 11 -13.29 -32.96 10.86
N VAL D 12 -13.18 -31.74 10.37
CA VAL D 12 -12.65 -31.48 9.04
C VAL D 12 -11.12 -31.30 9.09
N LEU D 13 -10.39 -32.06 8.31
CA LEU D 13 -8.92 -31.96 8.28
C LEU D 13 -8.45 -31.29 6.97
N ASN D 14 -7.29 -31.68 6.44
CA ASN D 14 -6.73 -30.97 5.27
C ASN D 14 -7.38 -31.41 3.96
N LEU D 15 -7.20 -30.58 2.94
CA LEU D 15 -7.57 -30.92 1.57
C LEU D 15 -6.61 -31.98 1.03
N VAL D 16 -7.13 -32.85 0.17
CA VAL D 16 -6.31 -33.81 -0.57
C VAL D 16 -5.82 -33.13 -1.84
N THR D 17 -4.52 -33.20 -2.09
CA THR D 17 -3.89 -32.54 -3.23
C THR D 17 -3.72 -33.52 -4.38
N GLY D 18 -3.61 -33.00 -5.60
CA GLY D 18 -3.14 -33.80 -6.74
C GLY D 18 -4.17 -34.03 -7.83
N PRO D 19 -3.77 -34.76 -8.89
CA PRO D 19 -4.47 -34.95 -10.17
C PRO D 19 -5.95 -35.32 -10.11
N ASP D 20 -6.31 -36.23 -9.22
CA ASP D 20 -7.68 -36.72 -9.15
C ASP D 20 -8.42 -36.17 -7.92
N SER D 21 -8.04 -34.97 -7.47
CA SER D 21 -8.62 -34.38 -6.25
C SER D 21 -9.86 -33.51 -6.50
N ILE D 22 -10.18 -33.24 -7.77
CA ILE D 22 -11.32 -32.42 -8.15
C ILE D 22 -12.26 -33.21 -9.04
N THR D 23 -13.55 -32.91 -8.96
CA THR D 23 -14.51 -33.44 -9.92
C THR D 23 -15.65 -32.45 -10.09
N THR D 24 -16.40 -32.59 -11.17
CA THR D 24 -17.50 -31.69 -11.44
C THR D 24 -18.75 -32.52 -11.67
N ILE D 25 -19.88 -31.96 -11.25
CA ILE D 25 -21.17 -32.56 -11.49
C ILE D 25 -22.02 -31.53 -12.23
N GLU D 26 -22.57 -31.95 -13.36
CA GLU D 26 -23.47 -31.14 -14.17
C GLU D 26 -24.84 -31.80 -14.19
N LEU D 27 -25.89 -31.01 -14.02
CA LEU D 27 -27.24 -31.53 -14.14
C LEU D 27 -28.22 -30.39 -14.38
N TYR D 28 -29.43 -30.75 -14.77
CA TYR D 28 -30.55 -29.82 -14.78
C TYR D 28 -31.73 -30.47 -14.06
N LEU D 29 -32.60 -29.62 -13.54
CA LEU D 29 -33.86 -30.05 -12.95
C LEU D 29 -35.00 -29.35 -13.66
N ASN D 30 -35.94 -30.15 -14.17
CA ASN D 30 -37.14 -29.59 -14.77
C ASN D 30 -38.12 -29.16 -13.69
N THR D 31 -38.94 -28.17 -14.03
CA THR D 31 -39.84 -27.54 -13.09
C THR D 31 -40.99 -28.47 -12.64
N ARG D 32 -41.47 -28.24 -11.43
CA ARG D 32 -42.55 -29.03 -10.86
C ARG D 32 -43.68 -28.11 -10.43
N MET D 33 -44.34 -27.53 -11.43
CA MET D 33 -45.41 -26.58 -11.20
C MET D 33 -46.75 -27.23 -10.89
N GLY D 34 -46.92 -28.50 -11.21
CA GLY D 34 -48.17 -29.19 -10.90
C GLY D 34 -48.49 -30.30 -11.88
N GLN D 35 -48.35 -30.02 -13.16
CA GLN D 35 -48.41 -31.06 -14.17
C GLN D 35 -46.97 -31.36 -14.53
N ASN D 36 -46.46 -32.46 -13.98
CA ASN D 36 -45.03 -32.72 -14.00
C ASN D 36 -44.61 -33.87 -14.92
N ASP D 37 -45.55 -34.38 -15.70
CA ASP D 37 -45.30 -35.48 -16.62
C ASP D 37 -45.02 -34.92 -18.01
N GLU D 38 -43.82 -35.13 -18.50
CA GLU D 38 -43.39 -34.47 -19.75
C GLU D 38 -44.14 -34.95 -21.01
N SER D 39 -44.90 -36.01 -20.87
CA SER D 39 -45.67 -36.55 -22.00
C SER D 39 -47.09 -36.03 -22.04
N LYS D 40 -47.53 -35.32 -21.01
CA LYS D 40 -48.94 -34.95 -20.87
C LYS D 40 -49.20 -33.46 -21.00
N ASP D 41 -50.43 -33.12 -21.38
CA ASP D 41 -50.83 -31.73 -21.55
C ASP D 41 -50.53 -30.88 -20.30
N ASN D 42 -50.19 -29.62 -20.49
CA ASN D 42 -49.86 -28.65 -19.41
C ASN D 42 -48.51 -28.88 -18.72
N TYR D 43 -47.67 -29.75 -19.28
CA TYR D 43 -46.35 -29.94 -18.71
C TYR D 43 -45.60 -28.62 -18.60
N GLY D 44 -44.97 -28.41 -17.43
CA GLY D 44 -44.22 -27.17 -17.15
C GLY D 44 -45.09 -26.04 -16.64
N TYR D 45 -46.38 -26.33 -16.45
CA TYR D 45 -47.33 -25.40 -15.86
C TYR D 45 -48.08 -26.13 -14.75
N SER D 46 -48.79 -25.35 -13.92
CA SER D 46 -49.77 -25.94 -13.03
C SER D 46 -51.07 -26.18 -13.78
N GLU D 47 -51.93 -26.98 -13.18
CA GLU D 47 -53.33 -26.97 -13.55
C GLU D 47 -53.93 -25.59 -13.18
N LYS D 48 -55.12 -25.30 -13.71
CA LYS D 48 -55.78 -24.02 -13.44
C LYS D 48 -55.93 -23.79 -11.95
N VAL D 49 -55.63 -22.58 -11.52
CA VAL D 49 -55.76 -22.21 -10.11
C VAL D 49 -57.23 -22.07 -9.77
N THR D 50 -57.61 -22.61 -8.61
CA THR D 50 -58.94 -22.41 -8.07
C THR D 50 -58.80 -21.72 -6.75
N VAL D 51 -59.90 -21.16 -6.26
CA VAL D 51 -59.89 -20.33 -5.07
C VAL D 51 -60.94 -20.83 -4.08
N ALA D 52 -60.52 -21.01 -2.83
CA ALA D 52 -61.39 -21.48 -1.76
C ALA D 52 -62.58 -20.55 -1.53
N ASN D 53 -63.71 -21.14 -1.21
CA ASN D 53 -64.89 -20.38 -0.83
C ASN D 53 -64.78 -19.84 0.59
N SER D 54 -64.02 -20.54 1.43
CA SER D 54 -63.79 -20.14 2.81
C SER D 54 -62.56 -20.86 3.33
N SER D 55 -61.97 -20.37 4.42
CA SER D 55 -60.73 -20.95 4.92
C SER D 55 -60.88 -22.40 5.40
N ASP D 56 -62.09 -22.80 5.79
CA ASP D 56 -62.34 -24.18 6.21
C ASP D 56 -62.76 -25.10 5.06
N GLN D 57 -62.84 -24.56 3.85
CA GLN D 57 -63.09 -25.34 2.64
C GLN D 57 -62.02 -25.01 1.61
N ASP D 58 -60.75 -25.05 2.05
CA ASP D 58 -59.63 -24.69 1.20
C ASP D 58 -58.94 -25.98 0.77
N LYS D 59 -59.30 -26.47 -0.41
CA LYS D 59 -58.88 -27.79 -0.88
C LYS D 59 -58.43 -27.66 -2.32
N PRO D 60 -57.14 -27.40 -2.50
CA PRO D 60 -56.64 -27.17 -3.85
C PRO D 60 -56.86 -28.40 -4.71
N THR D 61 -57.13 -28.19 -5.98
CA THR D 61 -57.30 -29.31 -6.89
C THR D 61 -55.95 -29.99 -7.12
N SER D 62 -56.03 -31.24 -7.57
CA SER D 62 -54.82 -31.98 -7.90
C SER D 62 -54.08 -31.29 -9.05
N GLY D 63 -52.80 -30.99 -8.84
CA GLY D 63 -51.95 -30.40 -9.87
C GLY D 63 -51.89 -28.89 -9.94
N GLU D 64 -52.55 -28.19 -9.03
CA GLU D 64 -52.52 -26.72 -9.05
C GLU D 64 -51.46 -26.12 -8.12
N ILE D 65 -50.66 -26.97 -7.47
CA ILE D 65 -49.70 -26.60 -6.42
C ILE D 65 -48.25 -26.84 -6.83
N PRO D 66 -47.44 -25.75 -6.94
CA PRO D 66 -46.03 -25.96 -7.21
C PRO D 66 -45.30 -26.66 -6.07
N THR D 67 -44.32 -27.49 -6.43
CA THR D 67 -43.52 -28.23 -5.47
C THR D 67 -42.04 -28.05 -5.79
N TYR D 68 -41.18 -28.36 -4.82
CA TYR D 68 -39.73 -28.28 -5.03
C TYR D 68 -39.22 -29.35 -5.98
N SER D 69 -38.31 -28.96 -6.85
CA SER D 69 -37.49 -29.90 -7.60
C SER D 69 -36.32 -30.35 -6.72
N THR D 70 -35.93 -31.61 -6.82
CA THR D 70 -34.77 -32.07 -6.07
C THR D 70 -34.18 -33.32 -6.72
N ALA D 71 -32.88 -33.48 -6.56
CA ALA D 71 -32.19 -34.69 -6.96
C ALA D 71 -31.05 -34.99 -5.99
N ARG D 72 -30.78 -36.28 -5.82
CA ARG D 72 -29.56 -36.75 -5.17
C ARG D 72 -28.66 -37.35 -6.25
N ILE D 73 -27.42 -36.88 -6.31
CA ILE D 73 -26.47 -37.37 -7.29
C ILE D 73 -25.41 -38.22 -6.58
N ASN D 74 -25.17 -39.41 -7.11
CA ASN D 74 -24.13 -40.29 -6.61
C ASN D 74 -22.80 -39.79 -7.11
N LEU D 75 -21.82 -39.73 -6.21
CA LEU D 75 -20.51 -39.15 -6.53
C LEU D 75 -19.51 -40.27 -6.74
N PRO D 76 -18.36 -39.96 -7.38
CA PRO D 76 -17.34 -40.98 -7.60
C PRO D 76 -16.85 -41.60 -6.29
N MET D 77 -16.62 -42.91 -6.32
CA MET D 77 -16.16 -43.68 -5.17
C MET D 77 -14.92 -43.09 -4.52
N LEU D 78 -14.88 -43.14 -3.19
CA LEU D 78 -13.72 -42.76 -2.39
C LEU D 78 -13.40 -43.86 -1.40
N ASN D 79 -12.22 -43.75 -0.78
CA ASN D 79 -11.81 -44.60 0.33
C ASN D 79 -11.38 -46.01 -0.10
N THR D 86 -8.86 -41.68 9.59
CA THR D 86 -9.40 -40.63 8.72
C THR D 86 -10.07 -41.18 7.46
N LEU D 87 -11.12 -40.50 7.01
CA LEU D 87 -11.81 -40.82 5.77
C LEU D 87 -11.69 -39.64 4.80
N THR D 88 -12.10 -39.87 3.56
CA THR D 88 -12.18 -38.79 2.58
C THR D 88 -13.62 -38.55 2.18
N MET D 89 -14.01 -37.29 2.09
CA MET D 89 -15.35 -36.92 1.62
C MET D 89 -15.24 -35.90 0.50
N TRP D 90 -16.21 -35.90 -0.41
CA TRP D 90 -16.33 -34.83 -1.39
C TRP D 90 -16.88 -33.57 -0.70
N GLU D 91 -16.28 -32.44 -1.04
CA GLU D 91 -16.68 -31.15 -0.51
C GLU D 91 -17.08 -30.26 -1.66
N ALA D 92 -18.32 -29.76 -1.64
CA ALA D 92 -18.81 -28.87 -2.71
C ALA D 92 -18.22 -27.48 -2.54
N VAL D 93 -17.48 -27.00 -3.54
CA VAL D 93 -16.74 -25.74 -3.42
C VAL D 93 -17.51 -24.56 -3.99
N SER D 94 -18.15 -24.77 -5.13
CA SER D 94 -18.80 -23.69 -5.84
C SER D 94 -19.83 -24.26 -6.80
N VAL D 95 -20.71 -23.38 -7.26
CA VAL D 95 -21.70 -23.77 -8.24
C VAL D 95 -21.95 -22.63 -9.22
N LYS D 96 -22.09 -23.01 -10.48
CA LYS D 96 -22.59 -22.13 -11.52
C LYS D 96 -23.99 -22.59 -11.82
N THR D 97 -24.96 -21.73 -11.59
CA THR D 97 -26.36 -22.11 -11.81
C THR D 97 -27.06 -21.04 -12.62
N GLU D 98 -27.97 -21.49 -13.50
CA GLU D 98 -28.71 -20.63 -14.41
C GLU D 98 -30.13 -21.10 -14.55
N VAL D 99 -31.06 -20.18 -14.65
CA VAL D 99 -32.41 -20.48 -15.09
C VAL D 99 -32.39 -20.59 -16.62
N VAL D 100 -32.98 -21.67 -17.14
CA VAL D 100 -32.92 -21.97 -18.56
C VAL D 100 -34.23 -21.59 -19.19
N GLY D 101 -34.20 -21.09 -20.42
CA GLY D 101 -35.43 -20.81 -21.16
C GLY D 101 -36.05 -19.46 -20.84
N VAL D 102 -35.27 -18.53 -20.33
CA VAL D 102 -35.80 -17.20 -20.01
C VAL D 102 -36.40 -16.54 -21.27
N SER D 103 -35.76 -16.73 -22.42
CA SER D 103 -36.25 -16.14 -23.66
C SER D 103 -37.61 -16.67 -24.13
N SER D 104 -38.02 -17.83 -23.63
CA SER D 104 -39.37 -18.34 -23.91
C SER D 104 -40.46 -17.39 -23.42
N LEU D 105 -40.12 -16.49 -22.50
CA LEU D 105 -41.09 -15.52 -21.99
C LEU D 105 -41.35 -14.38 -22.97
N VAL D 106 -40.53 -14.31 -24.03
CA VAL D 106 -40.72 -13.32 -25.10
C VAL D 106 -41.70 -13.93 -26.08
N ASN D 107 -42.95 -13.99 -25.66
CA ASN D 107 -44.00 -14.64 -26.43
C ASN D 107 -45.32 -14.01 -25.98
N VAL D 108 -45.91 -13.24 -26.89
CA VAL D 108 -47.16 -12.56 -26.65
C VAL D 108 -48.19 -12.92 -27.73
N HIS D 109 -48.03 -14.07 -28.37
CA HIS D 109 -49.06 -14.54 -29.33
C HIS D 109 -49.75 -15.83 -28.91
N MET D 110 -49.51 -16.29 -27.68
CA MET D 110 -50.23 -17.48 -27.17
C MET D 110 -51.70 -17.13 -26.94
N ALA D 111 -52.51 -18.18 -26.80
CA ALA D 111 -53.95 -18.03 -26.61
C ALA D 111 -54.21 -17.56 -25.19
N THR D 112 -54.17 -16.25 -25.02
CA THR D 112 -54.24 -15.60 -23.71
C THR D 112 -55.21 -14.42 -23.78
N LYS D 113 -55.54 -13.84 -22.62
CA LYS D 113 -56.15 -12.54 -22.63
C LYS D 113 -55.21 -11.58 -23.36
N ARG D 114 -55.77 -10.48 -23.88
CA ARG D 114 -54.93 -9.55 -24.61
C ARG D 114 -55.25 -8.10 -24.30
N MET D 115 -54.33 -7.24 -24.66
CA MET D 115 -54.43 -5.81 -24.39
C MET D 115 -55.31 -5.06 -25.37
N TYR D 116 -55.78 -3.88 -24.94
CA TYR D 116 -56.40 -2.87 -25.81
C TYR D 116 -57.56 -3.38 -26.68
N ASP D 117 -58.66 -3.72 -26.01
CA ASP D 117 -59.93 -4.02 -26.71
C ASP D 117 -59.72 -5.07 -27.82
N ASP D 118 -59.01 -6.14 -27.45
CA ASP D 118 -58.78 -7.31 -28.31
C ASP D 118 -57.88 -7.06 -29.52
N LYS D 119 -57.12 -5.96 -29.50
CA LYS D 119 -56.29 -5.60 -30.64
C LYS D 119 -54.78 -5.68 -30.34
N GLY D 120 -54.42 -5.64 -29.07
CA GLY D 120 -53.02 -5.59 -28.69
C GLY D 120 -52.42 -6.94 -28.41
N ILE D 121 -51.25 -6.93 -27.80
CA ILE D 121 -50.53 -8.18 -27.50
C ILE D 121 -51.28 -9.10 -26.55
N GLY D 122 -51.02 -10.39 -26.66
CA GLY D 122 -51.39 -11.33 -25.61
C GLY D 122 -50.61 -11.00 -24.34
N PHE D 123 -51.23 -11.23 -23.18
CA PHE D 123 -50.53 -11.01 -21.92
C PHE D 123 -49.32 -11.95 -21.85
N PRO D 124 -48.12 -11.41 -21.58
CA PRO D 124 -47.02 -12.31 -21.35
C PRO D 124 -47.17 -13.00 -19.99
N VAL D 125 -46.40 -14.06 -19.77
CA VAL D 125 -46.36 -14.69 -18.45
C VAL D 125 -45.86 -13.65 -17.47
N GLU D 126 -46.64 -13.39 -16.42
CA GLU D 126 -46.30 -12.31 -15.51
C GLU D 126 -46.88 -12.57 -14.15
N GLY D 127 -46.40 -11.83 -13.17
CA GLY D 127 -46.89 -11.99 -11.82
C GLY D 127 -45.78 -12.50 -10.90
N MET D 128 -46.22 -13.24 -9.91
CA MET D 128 -45.36 -13.73 -8.86
C MET D 128 -44.13 -14.46 -9.37
N ASN D 129 -42.97 -14.11 -8.82
CA ASN D 129 -41.75 -14.84 -9.07
C ASN D 129 -41.23 -15.43 -7.78
N PHE D 130 -40.78 -16.66 -7.85
CA PHE D 130 -40.16 -17.31 -6.70
C PHE D 130 -39.01 -18.12 -7.22
N HIS D 131 -37.83 -17.86 -6.68
CA HIS D 131 -36.60 -18.48 -7.14
C HIS D 131 -35.78 -18.91 -5.97
N MET D 132 -35.45 -20.18 -5.91
N MET D 132 -35.49 -20.20 -5.90
CA MET D 132 -34.58 -20.64 -4.86
CA MET D 132 -34.69 -20.76 -4.83
C MET D 132 -33.80 -21.83 -5.35
C MET D 132 -33.78 -21.83 -5.40
N PHE D 133 -32.59 -21.97 -4.82
CA PHE D 133 -31.82 -23.18 -5.04
C PHE D 133 -31.03 -23.48 -3.79
N ALA D 134 -30.64 -24.75 -3.67
CA ALA D 134 -29.87 -25.23 -2.55
C ALA D 134 -28.93 -26.34 -3.02
N VAL D 135 -27.72 -26.33 -2.49
CA VAL D 135 -26.74 -27.37 -2.72
C VAL D 135 -26.25 -27.81 -1.37
N GLY D 136 -26.33 -29.12 -1.10
CA GLY D 136 -25.84 -29.63 0.16
C GLY D 136 -25.35 -31.06 0.13
N GLY D 137 -24.86 -31.50 1.28
CA GLY D 137 -24.29 -32.84 1.43
C GLY D 137 -25.26 -33.82 2.09
N GLU D 138 -26.50 -33.38 2.23
CA GLU D 138 -27.58 -34.17 2.76
C GLU D 138 -28.88 -33.50 2.34
N PRO D 139 -30.04 -34.15 2.56
CA PRO D 139 -31.29 -33.50 2.14
C PRO D 139 -31.52 -32.14 2.79
N LEU D 140 -32.13 -31.24 2.04
CA LEU D 140 -32.51 -29.95 2.57
C LEU D 140 -33.52 -30.16 3.69
N GLU D 141 -33.24 -29.54 4.83
CA GLU D 141 -34.10 -29.64 5.99
C GLU D 141 -35.18 -28.56 5.93
N LEU D 142 -36.42 -28.99 6.16
CA LEU D 142 -37.59 -28.15 5.96
C LEU D 142 -38.34 -27.85 7.26
N GLN D 143 -38.91 -26.66 7.31
CA GLN D 143 -39.80 -26.19 8.37
C GLN D 143 -41.17 -25.99 7.73
N PHE D 144 -42.21 -26.49 8.38
CA PHE D 144 -43.58 -26.25 7.92
C PHE D 144 -44.06 -24.87 8.33
N LEU D 145 -44.68 -24.14 7.40
CA LEU D 145 -45.31 -22.86 7.70
C LEU D 145 -46.28 -22.55 6.58
N THR D 146 -47.52 -22.25 6.95
CA THR D 146 -48.58 -22.08 5.98
C THR D 146 -49.38 -20.81 6.23
N GLY D 147 -49.91 -20.25 5.14
CA GLY D 147 -50.90 -19.19 5.23
C GLY D 147 -52.25 -19.59 5.77
N ASN D 148 -52.55 -20.88 5.75
CA ASN D 148 -53.82 -21.39 6.24
C ASN D 148 -53.65 -22.78 6.82
N TYR D 149 -53.75 -22.90 8.13
CA TYR D 149 -53.49 -24.15 8.79
C TYR D 149 -54.48 -25.24 8.34
N ARG D 150 -55.67 -24.84 7.90
CA ARG D 150 -56.69 -25.80 7.48
C ARG D 150 -56.61 -26.32 6.05
N THR D 151 -55.64 -25.86 5.26
CA THR D 151 -55.54 -26.32 3.88
C THR D 151 -55.57 -27.84 3.81
N ASP D 152 -56.42 -28.35 2.92
CA ASP D 152 -56.69 -29.80 2.78
C ASP D 152 -55.99 -30.24 1.50
N TYR D 153 -54.95 -31.06 1.63
CA TYR D 153 -54.16 -31.51 0.48
C TYR D 153 -54.60 -32.89 -0.04
N SER D 154 -55.73 -33.38 0.42
CA SER D 154 -56.16 -34.75 0.13
C SER D 154 -56.59 -34.99 -1.31
N ALA D 155 -56.73 -33.94 -2.14
CA ALA D 155 -57.02 -34.17 -3.56
C ALA D 155 -55.82 -34.81 -4.28
N ASN D 156 -54.64 -34.76 -3.68
CA ASN D 156 -53.45 -35.39 -4.25
C ASN D 156 -52.62 -36.05 -3.18
N ASP D 157 -52.76 -37.37 -3.05
CA ASP D 157 -52.08 -38.10 -1.99
C ASP D 157 -50.58 -38.29 -2.25
N LYS D 158 -50.08 -37.84 -3.40
CA LYS D 158 -48.65 -37.88 -3.66
C LYS D 158 -47.90 -36.70 -3.02
N LEU D 159 -48.63 -35.69 -2.54
CA LEU D 159 -47.97 -34.58 -1.86
C LEU D 159 -47.54 -35.01 -0.47
N VAL D 160 -46.40 -34.49 -0.02
CA VAL D 160 -45.94 -34.82 1.33
C VAL D 160 -46.22 -33.61 2.21
N VAL D 161 -47.08 -33.83 3.20
CA VAL D 161 -47.52 -32.78 4.12
C VAL D 161 -47.65 -33.41 5.49
N PRO D 162 -47.77 -32.60 6.56
CA PRO D 162 -47.93 -33.22 7.89
C PRO D 162 -49.25 -33.97 8.04
N PRO D 163 -49.26 -35.00 8.89
CA PRO D 163 -50.48 -35.80 9.07
C PRO D 163 -51.54 -35.10 9.95
N ILE D 164 -51.14 -34.07 10.68
CA ILE D 164 -51.99 -33.36 11.62
C ILE D 164 -51.99 -31.89 11.27
N LYS D 165 -53.11 -31.21 11.52
CA LYS D 165 -53.22 -29.78 11.31
C LYS D 165 -53.39 -29.06 12.66
N HIS D 166 -52.79 -27.88 12.80
CA HIS D 166 -52.94 -27.11 14.04
C HIS D 166 -52.78 -25.63 13.77
N GLN D 167 -53.52 -24.84 14.52
CA GLN D 167 -53.59 -23.38 14.39
C GLN D 167 -52.22 -22.70 14.35
N SER D 168 -51.28 -23.26 15.12
CA SER D 168 -49.97 -22.67 15.36
C SER D 168 -49.06 -22.72 14.13
N THR D 169 -49.42 -23.54 13.13
CA THR D 169 -48.58 -23.69 11.94
C THR D 169 -48.66 -22.50 10.99
N GLN D 170 -49.51 -21.50 11.30
CA GLN D 170 -49.46 -20.21 10.58
C GLN D 170 -48.30 -19.36 11.07
N GLY D 171 -47.67 -19.80 12.16
CA GLY D 171 -46.38 -19.30 12.65
C GLY D 171 -45.37 -20.41 12.57
N LEU D 172 -44.27 -20.26 13.29
CA LEU D 172 -43.23 -21.27 13.33
C LEU D 172 -43.50 -22.19 14.52
N ASN D 173 -43.85 -23.43 14.23
CA ASN D 173 -43.97 -24.47 15.24
C ASN D 173 -42.90 -25.52 14.93
N PRO D 174 -41.89 -25.63 15.81
CA PRO D 174 -40.75 -26.47 15.46
C PRO D 174 -41.03 -27.97 15.56
N HIS D 175 -42.25 -28.34 15.96
CA HIS D 175 -42.66 -29.73 15.92
C HIS D 175 -43.09 -30.17 14.52
N TYR D 176 -43.08 -29.28 13.55
CA TYR D 176 -43.51 -29.60 12.20
C TYR D 176 -42.35 -29.40 11.23
N LYS D 177 -41.57 -30.46 11.06
CA LYS D 177 -40.41 -30.43 10.20
C LYS D 177 -40.41 -31.60 9.22
N GLN D 178 -39.54 -31.54 8.22
CA GLN D 178 -39.36 -32.62 7.27
C GLN D 178 -38.00 -32.49 6.60
N LYS D 179 -37.69 -33.43 5.73
CA LYS D 179 -36.52 -33.35 4.86
C LYS D 179 -36.95 -33.51 3.42
N LEU D 180 -36.33 -32.77 2.51
CA LEU D 180 -36.71 -32.77 1.10
C LEU D 180 -36.10 -33.98 0.42
N THR D 181 -36.85 -35.08 0.39
CA THR D 181 -36.33 -36.37 -0.05
C THR D 181 -37.00 -36.86 -1.33
N LYS D 182 -37.92 -36.08 -1.88
CA LYS D 182 -38.69 -36.51 -3.05
C LYS D 182 -38.99 -35.35 -3.96
N ASP D 183 -38.69 -35.53 -5.24
CA ASP D 183 -38.94 -34.53 -6.26
C ASP D 183 -40.44 -34.37 -6.55
N GLY D 184 -40.87 -33.12 -6.71
CA GLY D 184 -42.24 -32.86 -7.15
C GLY D 184 -43.32 -33.30 -6.20
N ALA D 185 -43.04 -33.22 -4.90
CA ALA D 185 -43.94 -33.73 -3.86
C ALA D 185 -44.15 -32.82 -2.66
N PHE D 186 -43.17 -31.98 -2.34
CA PHE D 186 -43.28 -31.08 -1.18
C PHE D 186 -43.73 -29.71 -1.66
N PRO D 187 -44.95 -29.29 -1.29
CA PRO D 187 -45.42 -27.99 -1.79
C PRO D 187 -44.61 -26.83 -1.26
N VAL D 188 -44.30 -25.90 -2.14
CA VAL D 188 -43.56 -24.70 -1.71
C VAL D 188 -44.41 -23.83 -0.76
N GLU D 189 -45.74 -23.85 -0.94
CA GLU D 189 -46.61 -23.02 -0.09
C GLU D 189 -46.61 -23.37 1.39
N CYS D 190 -46.15 -24.55 1.76
CA CYS D 190 -46.15 -24.92 3.18
C CYS D 190 -44.82 -25.40 3.75
N TRP D 191 -43.80 -25.53 2.92
CA TRP D 191 -42.47 -25.97 3.37
C TRP D 191 -41.43 -24.95 2.94
N CYS D 192 -40.61 -24.53 3.90
CA CYS D 192 -39.51 -23.62 3.62
C CYS D 192 -38.23 -24.19 4.24
N PRO D 193 -37.07 -23.63 3.87
CA PRO D 193 -35.87 -24.15 4.55
C PRO D 193 -35.90 -23.89 6.05
N ASP D 194 -35.47 -24.88 6.83
CA ASP D 194 -35.33 -24.74 8.28
C ASP D 194 -34.03 -24.02 8.61
N PRO D 195 -34.13 -22.77 9.06
CA PRO D 195 -32.89 -22.04 9.33
C PRO D 195 -32.16 -22.51 10.60
N SER D 196 -32.82 -23.28 11.44
CA SER D 196 -32.19 -23.80 12.65
C SER D 196 -31.36 -25.05 12.36
N LYS D 197 -31.45 -25.58 11.14
CA LYS D 197 -30.60 -26.71 10.76
C LYS D 197 -29.86 -26.32 9.49
N ASN D 198 -29.73 -27.24 8.53
CA ASN D 198 -29.08 -26.94 7.26
C ASN D 198 -27.63 -26.44 7.39
N GLU D 199 -26.92 -26.94 8.40
CA GLU D 199 -25.51 -26.61 8.60
C GLU D 199 -24.66 -27.10 7.43
N ASN D 200 -25.13 -28.12 6.71
CA ASN D 200 -24.35 -28.74 5.65
C ASN D 200 -24.95 -28.53 4.27
N THR D 201 -25.74 -27.47 4.14
CA THR D 201 -26.36 -27.08 2.88
C THR D 201 -26.25 -25.56 2.76
N ARG D 202 -26.18 -25.05 1.54
CA ARG D 202 -26.28 -23.61 1.30
C ARG D 202 -27.55 -23.40 0.49
N TYR D 203 -28.39 -22.45 0.89
CA TYR D 203 -29.60 -22.12 0.13
C TYR D 203 -29.73 -20.61 -0.04
N TYR D 204 -30.39 -20.27 -1.14
CA TYR D 204 -30.60 -18.89 -1.57
C TYR D 204 -31.97 -18.80 -2.20
N GLY D 205 -32.77 -17.83 -1.79
CA GLY D 205 -34.09 -17.67 -2.35
C GLY D 205 -34.56 -16.24 -2.38
N SER D 206 -35.52 -16.02 -3.27
CA SER D 206 -36.14 -14.71 -3.39
C SER D 206 -37.59 -14.88 -3.83
N TYR D 207 -38.41 -13.93 -3.41
CA TYR D 207 -39.82 -13.87 -3.77
C TYR D 207 -40.15 -12.46 -4.16
N THR D 208 -40.80 -12.28 -5.31
CA THR D 208 -41.37 -11.00 -5.70
C THR D 208 -42.82 -11.24 -6.01
N GLY D 209 -43.72 -10.60 -5.29
CA GLY D 209 -45.13 -10.95 -5.36
C GLY D 209 -45.93 -10.03 -6.24
N GLY D 210 -47.17 -9.79 -5.81
CA GLY D 210 -48.08 -8.93 -6.54
C GLY D 210 -48.86 -9.72 -7.59
N GLN D 211 -49.80 -9.04 -8.23
CA GLN D 211 -50.72 -9.68 -9.18
C GLN D 211 -50.21 -9.93 -10.58
N SER D 212 -49.71 -8.85 -11.22
CA SER D 212 -49.29 -8.87 -12.63
C SER D 212 -47.88 -8.30 -12.80
N THR D 213 -47.11 -8.41 -11.73
CA THR D 213 -45.76 -7.84 -11.63
C THR D 213 -44.83 -8.31 -12.75
N PRO D 214 -44.04 -7.38 -13.32
CA PRO D 214 -43.06 -7.82 -14.36
C PRO D 214 -42.06 -8.83 -13.80
N PRO D 215 -41.90 -9.98 -14.47
CA PRO D 215 -40.76 -10.83 -14.12
C PRO D 215 -39.47 -10.12 -14.46
N VAL D 216 -38.50 -10.18 -13.54
CA VAL D 216 -37.17 -9.63 -13.79
C VAL D 216 -36.17 -10.79 -13.66
N LEU D 217 -35.56 -11.17 -14.78
CA LEU D 217 -34.76 -12.37 -14.85
C LEU D 217 -33.45 -12.13 -15.55
N GLN D 218 -32.38 -12.79 -15.10
CA GLN D 218 -31.09 -12.76 -15.82
C GLN D 218 -30.57 -14.16 -16.08
N PHE D 219 -29.70 -14.25 -17.07
CA PHE D 219 -29.06 -15.51 -17.42
C PHE D 219 -27.68 -15.20 -17.98
N THR D 220 -26.70 -15.95 -17.52
CA THR D 220 -25.34 -15.81 -18.00
C THR D 220 -24.60 -17.08 -17.64
N ASN D 221 -23.54 -17.37 -18.36
CA ASN D 221 -22.65 -18.49 -18.02
C ASN D 221 -21.34 -18.05 -17.36
N THR D 222 -21.35 -16.87 -16.75
CA THR D 222 -20.11 -16.27 -16.26
C THR D 222 -20.04 -16.09 -14.74
N VAL D 223 -21.07 -16.52 -14.01
CA VAL D 223 -21.14 -16.30 -12.57
C VAL D 223 -20.97 -17.60 -11.76
N THR D 224 -20.00 -17.57 -10.85
CA THR D 224 -19.73 -18.66 -9.93
C THR D 224 -20.17 -18.24 -8.52
N THR D 225 -20.95 -19.08 -7.86
CA THR D 225 -21.34 -18.90 -6.47
C THR D 225 -20.47 -19.80 -5.59
N VAL D 226 -19.75 -19.18 -4.65
CA VAL D 226 -18.90 -19.89 -3.73
C VAL D 226 -19.78 -20.53 -2.65
N LEU D 227 -19.54 -21.80 -2.34
CA LEU D 227 -20.34 -22.54 -1.37
C LEU D 227 -19.62 -22.74 -0.04
N LEU D 228 -18.39 -22.27 0.05
CA LEU D 228 -17.64 -22.34 1.31
C LEU D 228 -18.30 -21.46 2.38
N ASP D 229 -18.32 -21.94 3.61
CA ASP D 229 -18.84 -21.17 4.74
C ASP D 229 -17.76 -20.26 5.31
N GLU D 230 -18.08 -19.58 6.40
CA GLU D 230 -17.15 -18.67 7.06
C GLU D 230 -15.84 -19.33 7.52
N ASN D 231 -15.84 -20.64 7.72
CA ASN D 231 -14.63 -21.38 8.07
C ASN D 231 -13.87 -21.95 6.87
N GLY D 232 -14.27 -21.59 5.65
CA GLY D 232 -13.64 -22.11 4.43
C GLY D 232 -14.06 -23.54 4.10
N VAL D 233 -15.20 -24.00 4.62
CA VAL D 233 -15.67 -25.37 4.40
C VAL D 233 -16.99 -25.42 3.62
N GLY D 234 -16.98 -26.14 2.51
CA GLY D 234 -18.20 -26.36 1.75
C GLY D 234 -19.03 -27.50 2.29
N PRO D 235 -20.23 -27.69 1.72
CA PRO D 235 -21.04 -28.86 2.07
C PRO D 235 -20.24 -30.14 1.87
N LEU D 236 -20.31 -31.04 2.86
CA LEU D 236 -19.58 -32.31 2.84
C LEU D 236 -20.56 -33.43 2.55
N CYS D 237 -20.25 -34.22 1.51
CA CYS D 237 -21.25 -35.12 0.95
C CYS D 237 -21.30 -36.45 1.71
N LYS D 238 -22.26 -36.55 2.62
CA LYS D 238 -22.44 -37.75 3.44
C LYS D 238 -22.92 -38.90 2.58
N GLY D 239 -22.31 -40.07 2.76
CA GLY D 239 -22.58 -41.22 1.92
C GLY D 239 -22.37 -40.98 0.43
N ASP D 240 -21.46 -40.07 0.09
CA ASP D 240 -21.11 -39.77 -1.31
C ASP D 240 -22.32 -39.34 -2.13
N GLY D 241 -23.22 -38.61 -1.48
CA GLY D 241 -24.40 -38.05 -2.13
C GLY D 241 -24.35 -36.52 -2.13
N LEU D 242 -24.61 -35.94 -3.30
CA LEU D 242 -24.77 -34.50 -3.43
C LEU D 242 -26.25 -34.22 -3.66
N TYR D 243 -26.79 -33.26 -2.90
CA TYR D 243 -28.21 -32.92 -2.97
C TYR D 243 -28.42 -31.53 -3.55
N VAL D 244 -29.26 -31.46 -4.58
CA VAL D 244 -29.54 -30.23 -5.28
C VAL D 244 -31.03 -30.04 -5.30
N SER D 245 -31.47 -28.82 -5.00
CA SER D 245 -32.89 -28.54 -4.90
C SER D 245 -33.17 -27.16 -5.46
N CYS D 246 -34.37 -26.97 -5.99
CA CYS D 246 -34.73 -25.66 -6.49
C CYS D 246 -36.21 -25.49 -6.77
N CYS D 247 -36.59 -24.24 -7.04
CA CYS D 247 -37.89 -23.89 -7.60
C CYS D 247 -37.76 -22.55 -8.31
N ASP D 248 -38.38 -22.43 -9.50
CA ASP D 248 -38.29 -21.22 -10.30
C ASP D 248 -39.61 -20.91 -10.98
N ILE D 249 -40.47 -20.24 -10.23
CA ILE D 249 -41.76 -19.76 -10.71
C ILE D 249 -41.53 -18.42 -11.36
N VAL D 250 -41.95 -18.26 -12.61
CA VAL D 250 -41.76 -17.01 -13.34
C VAL D 250 -43.03 -16.20 -13.58
N GLY D 251 -44.17 -16.72 -13.13
CA GLY D 251 -45.43 -15.98 -13.23
C GLY D 251 -46.58 -16.90 -13.58
N PHE D 252 -47.64 -16.28 -14.09
CA PHE D 252 -48.84 -16.97 -14.52
C PHE D 252 -49.09 -16.74 -15.99
N LEU D 253 -49.62 -17.77 -16.63
CA LEU D 253 -50.19 -17.68 -17.96
C LEU D 253 -51.67 -17.40 -17.77
N VAL D 254 -52.15 -16.31 -18.39
CA VAL D 254 -53.55 -15.89 -18.30
C VAL D 254 -54.31 -16.28 -19.57
N GLY D 255 -55.16 -17.30 -19.43
CA GLY D 255 -55.96 -17.78 -20.56
C GLY D 255 -57.01 -16.80 -21.00
N LYS D 256 -57.61 -17.03 -22.16
CA LYS D 256 -58.58 -16.11 -22.71
C LYS D 256 -59.75 -15.77 -21.80
N ASP D 257 -60.19 -16.73 -20.98
CA ASP D 257 -61.31 -16.48 -20.07
C ASP D 257 -60.88 -16.04 -18.69
N GLY D 258 -59.58 -15.83 -18.49
CA GLY D 258 -59.08 -15.37 -17.18
C GLY D 258 -58.54 -16.45 -16.29
N ASP D 259 -58.70 -17.72 -16.67
CA ASP D 259 -58.12 -18.84 -15.93
C ASP D 259 -56.61 -18.71 -15.95
N MET D 260 -55.98 -19.02 -14.84
CA MET D 260 -54.53 -18.81 -14.69
C MET D 260 -53.78 -20.06 -14.23
N GLN D 261 -52.56 -20.20 -14.72
CA GLN D 261 -51.69 -21.34 -14.38
C GLN D 261 -50.30 -20.83 -14.04
N TYR D 262 -49.69 -21.41 -13.02
CA TYR D 262 -48.27 -21.16 -12.75
C TYR D 262 -47.44 -21.60 -13.93
N ARG D 263 -46.39 -20.83 -14.24
CA ARG D 263 -45.36 -21.25 -15.20
C ARG D 263 -44.02 -21.30 -14.48
N GLY D 264 -43.29 -22.39 -14.69
CA GLY D 264 -41.97 -22.58 -14.14
C GLY D 264 -40.94 -22.84 -15.22
N LEU D 265 -39.67 -22.59 -14.90
CA LEU D 265 -38.56 -22.86 -15.81
C LEU D 265 -37.52 -23.79 -15.17
N PRO D 266 -36.78 -24.53 -16.03
CA PRO D 266 -35.75 -25.42 -15.51
C PRO D 266 -34.53 -24.66 -15.02
N ARG D 267 -33.75 -25.33 -14.20
CA ARG D 267 -32.50 -24.77 -13.68
C ARG D 267 -31.35 -25.71 -13.96
N TYR D 268 -30.24 -25.11 -14.41
CA TYR D 268 -29.00 -25.85 -14.68
C TYR D 268 -28.02 -25.64 -13.53
N PHE D 269 -27.25 -26.67 -13.22
CA PHE D 269 -26.20 -26.58 -12.20
C PHE D 269 -24.90 -27.19 -12.71
N ASN D 270 -23.78 -26.51 -12.43
CA ASN D 270 -22.46 -27.09 -12.61
C ASN D 270 -21.71 -26.90 -11.31
N ILE D 271 -21.49 -27.99 -10.59
CA ILE D 271 -20.95 -27.95 -9.25
C ILE D 271 -19.52 -28.51 -9.23
N LEU D 272 -18.63 -27.77 -8.61
CA LEU D 272 -17.24 -28.16 -8.46
C LEU D 272 -17.04 -28.73 -7.06
N LEU D 273 -16.43 -29.91 -6.99
CA LEU D 273 -16.14 -30.58 -5.72
C LEU D 273 -14.69 -31.00 -5.61
N ARG D 274 -14.22 -31.04 -4.36
CA ARG D 274 -12.86 -31.40 -4.06
C ARG D 274 -12.83 -32.42 -2.91
N LYS D 275 -11.75 -33.20 -2.85
CA LYS D 275 -11.60 -34.21 -1.80
C LYS D 275 -11.12 -33.56 -0.49
N ARG D 276 -11.79 -33.90 0.60
CA ARG D 276 -11.45 -33.35 1.91
C ARG D 276 -11.24 -34.50 2.87
N THR D 277 -10.13 -34.48 3.61
CA THR D 277 -9.88 -35.48 4.62
C THR D 277 -10.68 -35.08 5.85
N VAL D 278 -11.34 -36.05 6.47
CA VAL D 278 -12.07 -35.83 7.72
C VAL D 278 -11.71 -36.93 8.74
N ARG D 279 -12.01 -36.69 10.00
CA ARG D 279 -11.70 -37.64 11.09
C ARG D 279 -12.83 -38.63 11.32
N ASN E 9 -11.32 -29.10 -26.39
CA ASN E 9 -10.21 -29.95 -26.89
C ASN E 9 -8.90 -29.19 -27.15
N ILE E 10 -8.98 -27.87 -27.34
CA ILE E 10 -7.78 -27.06 -27.63
C ILE E 10 -6.90 -26.89 -26.41
N GLU E 11 -5.66 -27.40 -26.51
CA GLU E 11 -4.63 -27.20 -25.49
C GLU E 11 -3.96 -25.85 -25.68
N VAL E 12 -4.16 -24.97 -24.70
CA VAL E 12 -3.71 -23.59 -24.76
C VAL E 12 -2.27 -23.46 -24.27
N LEU E 13 -1.42 -22.82 -25.06
CA LEU E 13 -0.02 -22.59 -24.66
C LEU E 13 0.12 -21.11 -24.29
N ASN E 14 1.27 -20.51 -24.59
CA ASN E 14 1.56 -19.15 -24.14
C ASN E 14 1.04 -18.08 -25.07
N LEU E 15 0.94 -16.88 -24.51
CA LEU E 15 0.59 -15.68 -25.26
C LEU E 15 1.76 -15.28 -26.16
N VAL E 16 1.46 -14.84 -27.37
CA VAL E 16 2.45 -14.25 -28.28
C VAL E 16 2.58 -12.78 -27.89
N THR E 17 3.81 -12.33 -27.65
CA THR E 17 4.03 -10.96 -27.16
C THR E 17 4.62 -10.05 -28.22
N GLY E 18 4.78 -8.77 -27.88
CA GLY E 18 5.43 -7.80 -28.73
C GLY E 18 4.42 -7.05 -29.56
N PRO E 19 4.89 -6.22 -30.51
CA PRO E 19 3.94 -5.50 -31.35
C PRO E 19 3.11 -6.43 -32.23
N ASP E 20 1.96 -5.93 -32.67
CA ASP E 20 1.09 -6.64 -33.61
C ASP E 20 0.42 -7.90 -33.03
N SER E 21 0.56 -8.12 -31.72
CA SER E 21 0.00 -9.30 -31.08
C SER E 21 -1.44 -9.07 -30.60
N ILE E 22 -1.91 -7.84 -30.71
CA ILE E 22 -3.32 -7.56 -30.40
C ILE E 22 -4.03 -6.99 -31.62
N THR E 23 -5.35 -7.16 -31.65
CA THR E 23 -6.14 -6.55 -32.71
C THR E 23 -7.50 -6.24 -32.14
N THR E 24 -8.22 -5.35 -32.79
CA THR E 24 -9.57 -5.05 -32.38
C THR E 24 -10.51 -5.25 -33.57
N ILE E 25 -11.74 -5.62 -33.24
CA ILE E 25 -12.78 -5.86 -34.23
C ILE E 25 -13.95 -4.99 -33.78
N GLU E 26 -14.46 -4.20 -34.70
CA GLU E 26 -15.59 -3.31 -34.46
C GLU E 26 -16.74 -3.69 -35.37
N LEU E 27 -17.95 -3.75 -34.85
CA LEU E 27 -19.12 -4.02 -35.69
C LEU E 27 -20.39 -3.58 -35.00
N TYR E 28 -21.46 -3.50 -35.77
CA TYR E 28 -22.78 -3.36 -35.20
C TYR E 28 -23.67 -4.43 -35.82
N LEU E 29 -24.72 -4.78 -35.09
CA LEU E 29 -25.77 -5.65 -35.60
C LEU E 29 -27.10 -4.93 -35.48
N ASN E 30 -27.80 -4.81 -36.61
CA ASN E 30 -29.13 -4.29 -36.62
C ASN E 30 -30.11 -5.33 -36.07
N THR E 31 -31.21 -4.83 -35.50
CA THR E 31 -32.20 -5.65 -34.84
C THR E 31 -33.00 -6.46 -35.86
N ARG E 32 -33.49 -7.61 -35.40
CA ARG E 32 -34.24 -8.55 -36.22
C ARG E 32 -35.58 -8.85 -35.52
N MET E 33 -36.44 -7.84 -35.54
CA MET E 33 -37.73 -7.92 -34.86
C MET E 33 -38.82 -8.58 -35.70
N GLY E 34 -38.61 -8.70 -37.00
CA GLY E 34 -39.57 -9.38 -37.88
C GLY E 34 -39.62 -8.75 -39.26
N GLN E 35 -39.71 -7.43 -39.31
CA GLN E 35 -39.54 -6.72 -40.58
C GLN E 35 -38.05 -6.39 -40.65
N ASN E 36 -37.31 -7.24 -41.36
CA ASN E 36 -35.86 -7.20 -41.32
C ASN E 36 -35.20 -6.70 -42.59
N ASP E 37 -35.99 -6.12 -43.47
CA ASP E 37 -35.55 -5.58 -44.74
C ASP E 37 -35.42 -4.06 -44.58
N GLU E 38 -34.19 -3.56 -44.61
CA GLU E 38 -33.89 -2.13 -44.46
C GLU E 38 -34.46 -1.20 -45.54
N SER E 39 -34.98 -1.76 -46.64
CA SER E 39 -35.56 -0.97 -47.73
C SER E 39 -37.06 -0.77 -47.59
N LYS E 40 -37.67 -1.43 -46.61
CA LYS E 40 -39.12 -1.41 -46.44
C LYS E 40 -39.56 -0.64 -45.20
N ASP E 41 -40.81 -0.19 -45.21
CA ASP E 41 -41.42 0.45 -44.03
C ASP E 41 -41.37 -0.50 -42.84
N ASN E 42 -41.39 0.06 -41.64
CA ASN E 42 -41.45 -0.76 -40.42
C ASN E 42 -40.15 -1.51 -40.12
N TYR E 43 -39.04 -1.10 -40.73
CA TYR E 43 -37.75 -1.71 -40.43
C TYR E 43 -37.43 -1.49 -38.95
N GLY E 44 -36.91 -2.54 -38.30
CA GLY E 44 -36.59 -2.46 -36.87
C GLY E 44 -37.76 -2.62 -35.92
N TYR E 45 -38.91 -2.99 -36.49
CA TYR E 45 -40.06 -3.38 -35.73
C TYR E 45 -40.51 -4.75 -36.23
N SER E 46 -41.36 -5.41 -35.44
CA SER E 46 -42.08 -6.57 -35.96
C SER E 46 -43.31 -6.14 -36.76
N GLU E 47 -43.88 -7.08 -37.49
CA GLU E 47 -45.23 -6.92 -38.00
C GLU E 47 -46.18 -6.92 -36.82
N LYS E 48 -47.43 -6.49 -37.02
CA LYS E 48 -48.34 -6.43 -35.89
C LYS E 48 -48.51 -7.81 -35.23
N VAL E 49 -48.54 -7.81 -33.91
CA VAL E 49 -48.70 -9.00 -33.11
C VAL E 49 -50.14 -9.52 -33.23
N THR E 50 -50.29 -10.83 -33.42
CA THR E 50 -51.58 -11.47 -33.42
C THR E 50 -51.61 -12.47 -32.29
N VAL E 51 -52.81 -12.92 -31.93
CA VAL E 51 -52.99 -13.79 -30.76
C VAL E 51 -53.71 -15.05 -31.19
N ALA E 52 -53.18 -16.19 -30.75
CA ALA E 52 -53.70 -17.49 -31.14
C ALA E 52 -55.15 -17.64 -30.77
N ASN E 53 -55.90 -18.27 -31.67
CA ASN E 53 -57.28 -18.64 -31.44
C ASN E 53 -57.40 -19.65 -30.31
N SER E 54 -56.46 -20.57 -30.23
CA SER E 54 -56.39 -21.57 -29.16
C SER E 54 -54.94 -22.07 -29.11
N SER E 55 -54.58 -22.83 -28.09
CA SER E 55 -53.19 -23.28 -27.98
C SER E 55 -52.84 -24.33 -29.06
N ASP E 56 -53.87 -25.01 -29.57
CA ASP E 56 -53.69 -25.96 -30.68
C ASP E 56 -53.57 -25.28 -32.04
N GLN E 57 -53.97 -24.01 -32.12
CA GLN E 57 -53.97 -23.25 -33.37
C GLN E 57 -53.18 -21.98 -33.13
N ASP E 58 -51.90 -22.15 -32.81
CA ASP E 58 -51.02 -21.06 -32.47
C ASP E 58 -49.99 -20.93 -33.59
N LYS E 59 -50.28 -20.06 -34.55
CA LYS E 59 -49.51 -19.93 -35.78
C LYS E 59 -49.18 -18.47 -36.04
N PRO E 60 -48.03 -18.00 -35.52
CA PRO E 60 -47.65 -16.59 -35.69
C PRO E 60 -47.58 -16.22 -37.16
N THR E 61 -48.00 -15.00 -37.47
CA THR E 61 -47.93 -14.50 -38.83
C THR E 61 -46.47 -14.28 -39.20
N SER E 62 -46.19 -14.29 -40.50
CA SER E 62 -44.83 -14.06 -40.96
C SER E 62 -44.38 -12.65 -40.55
N GLY E 63 -43.26 -12.59 -39.84
CA GLY E 63 -42.68 -11.30 -39.44
C GLY E 63 -43.11 -10.76 -38.10
N GLU E 64 -43.95 -11.46 -37.35
CA GLU E 64 -44.32 -10.97 -36.02
C GLU E 64 -43.43 -11.48 -34.88
N ILE E 65 -42.40 -12.28 -35.22
CA ILE E 65 -41.55 -13.02 -34.27
C ILE E 65 -40.10 -12.49 -34.24
N PRO E 66 -39.65 -11.90 -33.12
CA PRO E 66 -38.23 -11.53 -33.05
C PRO E 66 -37.28 -12.74 -33.10
N THR E 67 -36.12 -12.52 -33.73
CA THR E 67 -35.08 -13.54 -33.85
C THR E 67 -33.75 -12.96 -33.40
N TYR E 68 -32.79 -13.84 -33.14
CA TYR E 68 -31.45 -13.40 -32.78
C TYR E 68 -30.73 -12.74 -33.97
N SER E 69 -29.98 -11.70 -33.65
CA SER E 69 -29.03 -11.14 -34.59
C SER E 69 -27.72 -11.90 -34.41
N THR E 70 -26.99 -12.12 -35.50
CA THR E 70 -25.71 -12.80 -35.37
C THR E 70 -24.82 -12.53 -36.57
N ALA E 71 -23.51 -12.58 -36.34
CA ALA E 71 -22.52 -12.46 -37.39
C ALA E 71 -21.28 -13.28 -37.04
N ARG E 72 -20.63 -13.76 -38.08
CA ARG E 72 -19.31 -14.31 -37.99
C ARG E 72 -18.37 -13.32 -38.66
N ILE E 73 -17.34 -12.89 -37.95
CA ILE E 73 -16.38 -11.94 -38.49
C ILE E 73 -15.06 -12.64 -38.80
N ASN E 74 -14.57 -12.47 -40.02
CA ASN E 74 -13.26 -12.99 -40.41
C ASN E 74 -12.16 -12.23 -39.75
N LEU E 75 -11.28 -12.94 -39.05
CA LEU E 75 -10.14 -12.34 -38.39
C LEU E 75 -8.91 -12.45 -39.30
N PRO E 76 -7.88 -11.63 -39.03
CA PRO E 76 -6.64 -11.76 -39.82
C PRO E 76 -6.08 -13.19 -39.76
N MET E 77 -5.75 -13.75 -40.92
CA MET E 77 -5.23 -15.10 -41.02
C MET E 77 -3.86 -15.21 -40.37
N LEU E 78 -3.72 -16.12 -39.42
CA LEU E 78 -2.50 -16.22 -38.61
C LEU E 78 -1.52 -17.28 -39.09
N ASN E 79 -2.03 -18.29 -39.79
CA ASN E 79 -1.24 -19.49 -40.11
C ASN E 79 -1.20 -19.78 -41.60
N GLU E 80 -0.06 -19.53 -42.24
CA GLU E 80 0.14 -19.87 -43.65
C GLU E 80 0.24 -21.40 -43.81
N ASP E 81 0.89 -22.05 -42.84
CA ASP E 81 1.06 -23.50 -42.82
C ASP E 81 0.19 -24.10 -41.71
N LEU E 82 -0.88 -24.79 -42.10
CA LEU E 82 -1.84 -25.37 -41.14
C LEU E 82 -1.39 -26.70 -40.51
N THR E 83 -0.23 -27.20 -40.91
CA THR E 83 0.34 -28.46 -40.42
C THR E 83 1.54 -28.26 -39.49
N CYS E 84 1.68 -27.05 -38.96
CA CYS E 84 2.76 -26.74 -38.02
C CYS E 84 2.50 -27.39 -36.65
N ASN E 85 3.57 -27.63 -35.90
CA ASN E 85 3.51 -28.20 -34.56
C ASN E 85 2.60 -27.43 -33.58
N THR E 86 2.78 -26.10 -33.54
CA THR E 86 1.84 -25.21 -32.86
C THR E 86 1.22 -24.28 -33.88
N LEU E 87 0.08 -23.73 -33.52
CA LEU E 87 -0.59 -22.69 -34.29
C LEU E 87 -0.88 -21.49 -33.40
N THR E 88 -1.23 -20.38 -34.03
CA THR E 88 -1.61 -19.17 -33.32
C THR E 88 -3.12 -19.00 -33.51
N MET E 89 -3.83 -18.70 -32.42
CA MET E 89 -5.25 -18.38 -32.50
C MET E 89 -5.54 -17.01 -31.89
N TRP E 90 -6.56 -16.36 -32.41
CA TRP E 90 -7.07 -15.13 -31.81
C TRP E 90 -7.89 -15.50 -30.60
N GLU E 91 -7.60 -14.82 -29.49
CA GLU E 91 -8.28 -15.03 -28.22
C GLU E 91 -8.99 -13.75 -27.84
N ALA E 92 -10.31 -13.80 -27.65
CA ALA E 92 -11.07 -12.62 -27.27
C ALA E 92 -10.89 -12.32 -25.78
N VAL E 93 -10.39 -11.13 -25.48
CA VAL E 93 -10.06 -10.73 -24.11
C VAL E 93 -11.19 -9.94 -23.44
N SER E 94 -11.80 -9.03 -24.20
CA SER E 94 -12.81 -8.15 -23.63
C SER E 94 -13.65 -7.55 -24.73
N VAL E 95 -14.80 -7.01 -24.33
CA VAL E 95 -15.70 -6.36 -25.27
C VAL E 95 -16.31 -5.12 -24.66
N LYS E 96 -16.41 -4.07 -25.46
CA LYS E 96 -17.20 -2.90 -25.11
C LYS E 96 -18.40 -2.97 -26.01
N THR E 97 -19.58 -3.07 -25.41
CA THR E 97 -20.82 -3.15 -26.20
C THR E 97 -21.86 -2.19 -25.65
N GLU E 98 -22.66 -1.62 -26.55
CA GLU E 98 -23.72 -0.71 -26.12
C GLU E 98 -24.89 -0.80 -27.08
N VAL E 99 -26.06 -0.51 -26.56
CA VAL E 99 -27.25 -0.39 -27.38
C VAL E 99 -27.25 1.00 -28.01
N VAL E 100 -27.55 1.05 -29.30
CA VAL E 100 -27.48 2.27 -30.10
C VAL E 100 -28.88 2.81 -30.26
N GLY E 101 -29.01 4.13 -30.27
CA GLY E 101 -30.29 4.76 -30.58
C GLY E 101 -31.30 4.80 -29.44
N VAL E 102 -30.82 4.73 -28.20
CA VAL E 102 -31.74 4.78 -27.04
C VAL E 102 -32.54 6.09 -27.04
N SER E 103 -31.90 7.18 -27.46
CA SER E 103 -32.57 8.49 -27.49
C SER E 103 -33.77 8.51 -28.47
N SER E 104 -33.81 7.61 -29.44
CA SER E 104 -34.96 7.54 -30.37
C SER E 104 -36.26 7.24 -29.63
N LEU E 105 -36.17 6.72 -28.40
CA LEU E 105 -37.34 6.43 -27.61
C LEU E 105 -37.96 7.69 -26.97
N VAL E 106 -37.26 8.82 -27.07
CA VAL E 106 -37.77 10.12 -26.61
C VAL E 106 -38.57 10.70 -27.77
N ASN E 107 -39.70 10.08 -28.03
CA ASN E 107 -40.55 10.45 -29.15
C ASN E 107 -41.96 10.03 -28.78
N VAL E 108 -42.81 11.03 -28.59
CA VAL E 108 -44.18 10.78 -28.22
C VAL E 108 -45.13 11.52 -29.16
N HIS E 109 -44.68 11.78 -30.39
CA HIS E 109 -45.58 12.37 -31.40
C HIS E 109 -45.88 11.43 -32.57
N MET E 110 -45.40 10.19 -32.50
CA MET E 110 -45.68 9.22 -33.57
C MET E 110 -47.16 8.88 -33.55
N ALA E 111 -47.63 8.26 -34.63
CA ALA E 111 -49.04 7.95 -34.77
C ALA E 111 -49.34 6.74 -33.89
N THR E 112 -49.72 7.02 -32.66
CA THR E 112 -49.88 5.98 -31.64
C THR E 112 -51.15 6.30 -30.84
N LYS E 113 -51.57 5.33 -30.00
CA LYS E 113 -52.56 5.64 -28.99
C LYS E 113 -52.01 6.77 -28.15
N ARG E 114 -52.90 7.54 -27.54
CA ARG E 114 -52.43 8.67 -26.75
C ARG E 114 -53.12 8.79 -25.41
N MET E 115 -52.46 9.50 -24.50
CA MET E 115 -52.96 9.69 -23.14
C MET E 115 -54.06 10.73 -23.07
N TYR E 116 -54.84 10.66 -21.99
CA TYR E 116 -55.75 11.72 -21.56
C TYR E 116 -56.77 12.17 -22.62
N ASP E 117 -57.61 11.23 -23.03
CA ASP E 117 -58.75 11.53 -23.90
C ASP E 117 -58.30 12.28 -25.15
N ASP E 118 -57.28 11.73 -25.80
CA ASP E 118 -56.74 12.25 -27.06
C ASP E 118 -56.11 13.64 -27.00
N LYS E 119 -55.76 14.10 -25.79
CA LYS E 119 -55.13 15.41 -25.63
C LYS E 119 -53.66 15.32 -25.22
N GLY E 120 -53.27 14.18 -24.66
CA GLY E 120 -51.91 14.00 -24.12
C GLY E 120 -50.90 13.43 -25.10
N ILE E 121 -49.76 12.99 -24.58
CA ILE E 121 -48.69 12.46 -25.41
C ILE E 121 -49.11 11.18 -26.09
N GLY E 122 -48.48 10.88 -27.20
CA GLY E 122 -48.56 9.52 -27.76
C GLY E 122 -47.85 8.56 -26.81
N PHE E 123 -48.33 7.32 -26.74
CA PHE E 123 -47.65 6.33 -25.89
C PHE E 123 -46.22 6.11 -26.38
N PRO E 124 -45.24 6.25 -25.48
CA PRO E 124 -43.90 5.89 -25.92
C PRO E 124 -43.78 4.36 -26.03
N VAL E 125 -42.74 3.91 -26.72
CA VAL E 125 -42.44 2.49 -26.81
C VAL E 125 -42.23 1.98 -25.40
N GLU E 126 -42.98 0.96 -25.00
CA GLU E 126 -42.97 0.48 -23.63
C GLU E 126 -43.39 -0.98 -23.53
N GLY E 127 -43.10 -1.60 -22.38
CA GLY E 127 -43.40 -2.99 -22.15
C GLY E 127 -42.14 -3.84 -22.09
N MET E 128 -42.31 -5.08 -22.51
CA MET E 128 -41.28 -6.11 -22.34
C MET E 128 -39.92 -5.68 -22.88
N ASN E 129 -38.89 -5.88 -22.07
CA ASN E 129 -37.50 -5.66 -22.48
C ASN E 129 -36.74 -6.96 -22.43
N PHE E 130 -35.95 -7.22 -23.46
CA PHE E 130 -35.13 -8.41 -23.50
C PHE E 130 -33.82 -8.01 -24.13
N HIS E 131 -32.72 -8.24 -23.40
CA HIS E 131 -31.39 -7.81 -23.85
C HIS E 131 -30.43 -8.93 -23.64
N MET E 132 -29.78 -9.38 -24.71
CA MET E 132 -28.72 -10.35 -24.53
CA MET E 132 -28.78 -10.44 -24.61
C MET E 132 -27.64 -10.17 -25.57
N PHE E 133 -26.43 -10.53 -25.18
CA PHE E 133 -25.36 -10.59 -26.18
C PHE E 133 -24.44 -11.75 -25.84
N ALA E 134 -23.74 -12.24 -26.86
CA ALA E 134 -22.79 -13.31 -26.69
C ALA E 134 -21.61 -13.06 -27.62
N VAL E 135 -20.42 -13.38 -27.12
CA VAL E 135 -19.20 -13.33 -27.91
C VAL E 135 -18.49 -14.66 -27.76
N GLY E 136 -18.13 -15.29 -28.87
CA GLY E 136 -17.48 -16.60 -28.79
C GLY E 136 -16.61 -16.92 -29.97
N GLY E 137 -15.89 -18.02 -29.87
CA GLY E 137 -15.01 -18.48 -30.93
C GLY E 137 -15.62 -19.53 -31.83
N GLU E 138 -16.94 -19.69 -31.72
CA GLU E 138 -17.71 -20.60 -32.53
C GLU E 138 -19.18 -20.21 -32.34
N PRO E 139 -20.09 -20.79 -33.15
CA PRO E 139 -21.48 -20.37 -33.02
C PRO E 139 -22.05 -20.61 -31.63
N LEU E 140 -22.94 -19.72 -31.20
CA LEU E 140 -23.64 -19.89 -29.93
C LEU E 140 -24.46 -21.18 -29.97
N GLU E 141 -24.34 -21.99 -28.92
CA GLU E 141 -25.04 -23.27 -28.84
C GLU E 141 -26.37 -23.06 -28.15
N LEU E 142 -27.44 -23.54 -28.78
CA LEU E 142 -28.81 -23.26 -28.36
C LEU E 142 -29.52 -24.49 -27.81
N GLN E 143 -30.40 -24.25 -26.85
CA GLN E 143 -31.31 -25.25 -26.31
C GLN E 143 -32.73 -24.79 -26.70
N PHE E 144 -33.55 -25.73 -27.20
CA PHE E 144 -34.96 -25.42 -27.48
C PHE E 144 -35.77 -25.44 -26.19
N LEU E 145 -36.59 -24.41 -25.99
CA LEU E 145 -37.56 -24.41 -24.88
C LEU E 145 -38.65 -23.42 -25.20
N THR E 146 -39.91 -23.85 -25.11
CA THR E 146 -41.01 -23.02 -25.52
C THR E 146 -42.16 -23.02 -24.52
N GLY E 147 -42.92 -21.92 -24.52
CA GLY E 147 -44.15 -21.85 -23.73
C GLY E 147 -45.31 -22.64 -24.33
N ASN E 148 -45.21 -22.98 -25.60
CA ASN E 148 -46.23 -23.79 -26.27
C ASN E 148 -45.60 -24.74 -27.28
N TYR E 149 -45.54 -26.02 -26.94
CA TYR E 149 -44.90 -26.98 -27.83
C TYR E 149 -45.53 -27.06 -29.22
N ARG E 150 -46.79 -26.65 -29.34
CA ARG E 150 -47.55 -26.77 -30.59
C ARG E 150 -47.38 -25.61 -31.56
N THR E 151 -46.63 -24.58 -31.16
CA THR E 151 -46.51 -23.42 -32.01
C THR E 151 -46.10 -23.83 -33.42
N ASP E 152 -46.84 -23.30 -34.39
CA ASP E 152 -46.69 -23.63 -35.80
C ASP E 152 -45.96 -22.46 -36.46
N TYR E 153 -44.73 -22.70 -36.94
CA TYR E 153 -43.88 -21.66 -37.51
C TYR E 153 -43.89 -21.64 -39.05
N SER E 154 -44.83 -22.35 -39.65
CA SER E 154 -44.81 -22.58 -41.08
C SER E 154 -45.21 -21.36 -41.92
N ALA E 155 -45.71 -20.29 -41.30
CA ALA E 155 -46.00 -19.05 -42.04
C ALA E 155 -44.71 -18.43 -42.56
N ASN E 156 -43.57 -18.80 -41.97
CA ASN E 156 -42.27 -18.30 -42.41
C ASN E 156 -41.26 -19.44 -42.44
N ASP E 157 -41.07 -20.03 -43.62
CA ASP E 157 -40.15 -21.17 -43.73
C ASP E 157 -38.66 -20.77 -43.68
N LYS E 158 -38.36 -19.49 -43.53
CA LYS E 158 -36.98 -19.06 -43.31
C LYS E 158 -36.56 -19.16 -41.84
N LEU E 159 -37.51 -19.39 -40.94
CA LEU E 159 -37.18 -19.59 -39.53
C LEU E 159 -36.54 -20.96 -39.39
N VAL E 160 -35.67 -21.09 -38.41
CA VAL E 160 -35.07 -22.35 -38.07
C VAL E 160 -35.64 -22.82 -36.73
N VAL E 161 -36.40 -23.91 -36.78
CA VAL E 161 -37.00 -24.55 -35.62
C VAL E 161 -36.82 -26.07 -35.75
N PRO E 162 -37.00 -26.83 -34.67
CA PRO E 162 -36.84 -28.28 -34.82
C PRO E 162 -37.86 -28.86 -35.80
N PRO E 163 -37.51 -29.97 -36.46
CA PRO E 163 -38.42 -30.55 -37.46
C PRO E 163 -39.60 -31.35 -36.89
N ILE E 164 -39.66 -31.53 -35.58
CA ILE E 164 -40.77 -32.21 -34.96
C ILE E 164 -41.06 -31.55 -33.61
N LYS E 165 -42.29 -31.66 -33.14
CA LYS E 165 -42.73 -31.06 -31.89
C LYS E 165 -43.15 -32.15 -30.90
N HIS E 166 -42.93 -31.91 -29.61
CA HIS E 166 -43.36 -32.83 -28.56
C HIS E 166 -43.62 -32.05 -27.27
N GLN E 167 -44.58 -32.55 -26.51
CA GLN E 167 -45.01 -31.97 -25.24
C GLN E 167 -43.86 -31.55 -24.33
N SER E 168 -42.82 -32.40 -24.31
CA SER E 168 -41.70 -32.27 -23.37
C SER E 168 -40.86 -31.00 -23.60
N THR E 169 -41.04 -30.34 -24.73
CA THR E 169 -40.28 -29.13 -25.04
C THR E 169 -40.76 -27.88 -24.31
N GLN E 170 -41.79 -28.02 -23.49
CA GLN E 170 -42.17 -26.95 -22.56
C GLN E 170 -41.29 -26.97 -21.31
N GLY E 171 -40.47 -28.02 -21.18
CA GLY E 171 -39.35 -28.05 -20.25
C GLY E 171 -38.06 -28.20 -21.03
N LEU E 172 -37.00 -28.62 -20.34
CA LEU E 172 -35.70 -28.85 -20.96
C LEU E 172 -35.61 -30.28 -21.43
N ASN E 173 -35.64 -30.46 -22.73
CA ASN E 173 -35.39 -31.76 -23.36
C ASN E 173 -34.13 -31.63 -24.18
N PRO E 174 -33.03 -32.24 -23.71
CA PRO E 174 -31.72 -32.03 -24.35
C PRO E 174 -31.60 -32.68 -25.75
N HIS E 175 -32.64 -33.38 -26.20
CA HIS E 175 -32.67 -33.87 -27.58
C HIS E 175 -32.97 -32.77 -28.59
N TYR E 176 -33.34 -31.57 -28.12
CA TYR E 176 -33.70 -30.46 -29.00
C TYR E 176 -32.68 -29.32 -28.84
N LYS E 177 -31.68 -29.33 -29.70
CA LYS E 177 -30.62 -28.34 -29.66
CA LYS E 177 -30.60 -28.35 -29.66
C LYS E 177 -30.30 -27.83 -31.07
N GLN E 178 -29.53 -26.75 -31.13
CA GLN E 178 -29.13 -26.16 -32.39
C GLN E 178 -27.92 -25.28 -32.15
N LYS E 179 -27.42 -24.71 -33.25
CA LYS E 179 -26.38 -23.70 -33.20
C LYS E 179 -26.83 -22.49 -33.97
N LEU E 180 -26.52 -21.31 -33.43
CA LEU E 180 -26.96 -20.05 -34.01
C LEU E 180 -26.06 -19.68 -35.19
N THR E 181 -26.46 -20.14 -36.39
CA THR E 181 -25.63 -20.00 -37.58
C THR E 181 -26.20 -19.06 -38.65
N LYS E 182 -27.35 -18.46 -38.37
CA LYS E 182 -28.03 -17.61 -39.35
C LYS E 182 -28.68 -16.43 -38.63
N ASP E 183 -28.43 -15.24 -39.15
CA ASP E 183 -29.03 -14.00 -38.65
C ASP E 183 -30.51 -13.96 -39.02
N GLY E 184 -31.33 -13.46 -38.12
CA GLY E 184 -32.72 -13.17 -38.43
C GLY E 184 -33.59 -14.41 -38.69
N ALA E 185 -33.22 -15.53 -38.10
CA ALA E 185 -33.85 -16.83 -38.40
C ALA E 185 -34.24 -17.68 -37.19
N PHE E 186 -33.54 -17.55 -36.07
CA PHE E 186 -33.82 -18.36 -34.88
C PHE E 186 -34.68 -17.57 -33.90
N PRO E 187 -35.94 -18.00 -33.72
CA PRO E 187 -36.79 -17.23 -32.81
C PRO E 187 -36.32 -17.21 -31.36
N VAL E 188 -36.38 -16.03 -30.76
CA VAL E 188 -36.01 -15.86 -29.38
C VAL E 188 -36.96 -16.66 -28.48
N GLU E 189 -38.23 -16.74 -28.87
CA GLU E 189 -39.23 -17.39 -28.03
C GLU E 189 -39.05 -18.88 -27.82
N CYS E 190 -38.25 -19.54 -28.65
CA CYS E 190 -38.09 -20.98 -28.51
C CYS E 190 -36.64 -21.46 -28.41
N TRP E 191 -35.67 -20.57 -28.59
CA TRP E 191 -34.26 -20.92 -28.46
C TRP E 191 -33.59 -20.05 -27.40
N CYS E 192 -32.83 -20.70 -26.52
CA CYS E 192 -32.08 -19.98 -25.50
C CYS E 192 -30.66 -20.53 -25.49
N PRO E 193 -29.73 -19.82 -24.86
CA PRO E 193 -28.38 -20.40 -24.78
C PRO E 193 -28.38 -21.73 -24.02
N ASP E 194 -27.63 -22.71 -24.51
CA ASP E 194 -27.53 -24.01 -23.89
C ASP E 194 -26.46 -23.95 -22.78
N PRO E 195 -26.89 -24.03 -21.51
CA PRO E 195 -25.89 -23.86 -20.44
C PRO E 195 -25.00 -25.08 -20.23
N SER E 196 -25.35 -26.21 -20.84
CA SER E 196 -24.53 -27.42 -20.75
C SER E 196 -23.39 -27.41 -21.78
N LYS E 197 -23.39 -26.43 -22.68
CA LYS E 197 -22.32 -26.29 -23.65
C LYS E 197 -21.75 -24.87 -23.55
N ASN E 198 -21.46 -24.23 -24.69
CA ASN E 198 -20.92 -22.88 -24.70
C ASN E 198 -19.68 -22.67 -23.85
N GLU E 199 -18.78 -23.64 -23.89
CA GLU E 199 -17.51 -23.57 -23.20
C GLU E 199 -16.62 -22.45 -23.79
N ASN E 200 -16.85 -22.13 -25.07
CA ASN E 200 -16.00 -21.21 -25.83
C ASN E 200 -16.73 -19.92 -26.21
N THR E 201 -17.81 -19.62 -25.48
CA THR E 201 -18.60 -18.42 -25.69
C THR E 201 -18.96 -17.86 -24.32
N ARG E 202 -19.08 -16.55 -24.22
CA ARG E 202 -19.62 -15.91 -23.03
C ARG E 202 -20.93 -15.26 -23.42
N TYR E 203 -21.98 -15.47 -22.63
CA TYR E 203 -23.25 -14.81 -22.92
C TYR E 203 -23.84 -14.18 -21.67
N TYR E 204 -24.62 -13.12 -21.90
CA TYR E 204 -25.22 -12.34 -20.83
C TYR E 204 -26.62 -11.94 -21.30
N GLY E 205 -27.63 -12.09 -20.45
CA GLY E 205 -28.97 -11.71 -20.84
C GLY E 205 -29.83 -11.28 -19.67
N SER E 206 -30.85 -10.49 -19.98
CA SER E 206 -31.82 -10.04 -19.00
C SER E 206 -33.18 -9.94 -19.65
N TYR E 207 -34.22 -10.18 -18.85
CA TYR E 207 -35.61 -10.03 -19.30
C TYR E 207 -36.37 -9.26 -18.24
N THR E 208 -37.14 -8.28 -18.67
CA THR E 208 -38.07 -7.58 -17.81
C THR E 208 -39.40 -7.61 -18.53
N GLY E 209 -40.39 -8.25 -17.92
CA GLY E 209 -41.65 -8.49 -18.62
C GLY E 209 -42.73 -7.49 -18.29
N GLY E 210 -43.96 -8.02 -18.22
CA GLY E 210 -45.12 -7.21 -17.93
C GLY E 210 -45.69 -6.58 -19.19
N GLN E 211 -46.81 -5.87 -19.06
CA GLN E 211 -47.57 -5.37 -20.21
C GLN E 211 -47.11 -4.02 -20.77
N SER E 212 -46.97 -3.02 -19.90
CA SER E 212 -46.61 -1.64 -20.31
C SER E 212 -45.44 -1.10 -19.50
N THR E 213 -44.64 -2.01 -18.99
CA THR E 213 -43.49 -1.69 -18.13
C THR E 213 -42.55 -0.63 -18.72
N PRO E 214 -42.13 0.33 -17.89
CA PRO E 214 -41.14 1.30 -18.39
C PRO E 214 -39.84 0.62 -18.84
N PRO E 215 -39.35 0.91 -20.06
CA PRO E 215 -38.00 0.48 -20.41
C PRO E 215 -36.98 1.23 -19.56
N VAL E 216 -35.97 0.52 -19.07
CA VAL E 216 -34.90 1.14 -18.28
C VAL E 216 -33.60 0.79 -18.99
N LEU E 217 -32.98 1.77 -19.66
CA LEU E 217 -31.87 1.53 -20.55
C LEU E 217 -30.71 2.44 -20.21
N GLN E 218 -29.49 1.98 -20.44
CA GLN E 218 -28.32 2.84 -20.25
C GLN E 218 -27.47 2.75 -21.49
N PHE E 219 -26.69 3.79 -21.75
CA PHE E 219 -25.72 3.75 -22.85
C PHE E 219 -24.49 4.53 -22.43
N THR E 220 -23.32 3.98 -22.69
CA THR E 220 -22.05 4.65 -22.39
C THR E 220 -20.95 4.00 -23.23
N ASN E 221 -19.88 4.75 -23.45
CA ASN E 221 -18.70 4.21 -24.14
C ASN E 221 -17.53 3.97 -23.18
N THR E 222 -17.85 3.76 -21.90
CA THR E 222 -16.82 3.66 -20.87
C THR E 222 -16.75 2.34 -20.14
N VAL E 223 -17.54 1.35 -20.55
CA VAL E 223 -17.61 0.07 -19.85
C VAL E 223 -17.03 -1.07 -20.67
N THR E 224 -16.11 -1.79 -20.05
CA THR E 224 -15.44 -2.93 -20.66
C THR E 224 -15.86 -4.19 -19.93
N THR E 225 -16.30 -5.19 -20.70
CA THR E 225 -16.73 -6.47 -20.18
C THR E 225 -15.58 -7.44 -20.42
N VAL E 226 -15.03 -8.04 -19.35
CA VAL E 226 -13.93 -9.02 -19.48
C VAL E 226 -14.49 -10.37 -19.95
N LEU E 227 -13.86 -10.97 -20.97
CA LEU E 227 -14.31 -12.24 -21.54
C LEU E 227 -13.46 -13.44 -21.12
N LEU E 228 -12.39 -13.18 -20.37
CA LEU E 228 -11.56 -14.27 -19.83
C LEU E 228 -12.36 -15.07 -18.81
N ASP E 229 -12.20 -16.39 -18.84
CA ASP E 229 -12.87 -17.26 -17.88
C ASP E 229 -12.09 -17.32 -16.57
N GLU E 230 -12.51 -18.25 -15.70
CA GLU E 230 -11.89 -18.50 -14.39
C GLU E 230 -10.40 -18.84 -14.48
N ASN E 231 -9.98 -19.37 -15.62
CA ASN E 231 -8.59 -19.75 -15.83
C ASN E 231 -7.79 -18.74 -16.63
N GLY E 232 -8.37 -17.58 -16.92
CA GLY E 232 -7.69 -16.51 -17.62
C GLY E 232 -7.64 -16.69 -19.12
N VAL E 233 -8.56 -17.49 -19.67
CA VAL E 233 -8.58 -17.79 -21.10
C VAL E 233 -9.88 -17.28 -21.69
N GLY E 234 -9.78 -16.47 -22.74
CA GLY E 234 -10.95 -16.00 -23.44
C GLY E 234 -11.38 -16.96 -24.52
N PRO E 235 -12.53 -16.69 -25.14
CA PRO E 235 -12.93 -17.44 -26.33
C PRO E 235 -11.82 -17.52 -27.38
N LEU E 236 -11.57 -18.72 -27.88
CA LEU E 236 -10.55 -18.97 -28.92
C LEU E 236 -11.23 -19.14 -30.27
N CYS E 237 -10.81 -18.33 -31.23
CA CYS E 237 -11.54 -18.18 -32.49
C CYS E 237 -11.17 -19.26 -33.51
N LYS E 238 -12.00 -20.29 -33.56
CA LYS E 238 -11.75 -21.41 -34.44
C LYS E 238 -11.91 -21.02 -35.90
N GLY E 239 -10.91 -21.41 -36.70
CA GLY E 239 -10.88 -21.06 -38.11
C GLY E 239 -10.87 -19.58 -38.35
N ASP E 240 -10.29 -18.82 -37.40
CA ASP E 240 -10.19 -17.37 -37.49
C ASP E 240 -11.54 -16.70 -37.67
N GLY E 241 -12.54 -17.23 -36.96
CA GLY E 241 -13.86 -16.65 -36.95
C GLY E 241 -14.25 -16.21 -35.55
N LEU E 242 -14.78 -14.99 -35.46
CA LEU E 242 -15.31 -14.45 -34.22
C LEU E 242 -16.83 -14.40 -34.36
N TYR E 243 -17.54 -14.94 -33.38
CA TYR E 243 -19.01 -15.04 -33.45
C TYR E 243 -19.65 -14.10 -32.44
N VAL E 244 -20.51 -13.20 -32.94
CA VAL E 244 -21.17 -12.22 -32.08
C VAL E 244 -22.68 -12.36 -32.31
N SER E 245 -23.45 -12.33 -31.23
CA SER E 245 -24.89 -12.55 -31.30
C SER E 245 -25.57 -11.64 -30.31
N CYS E 246 -26.80 -11.25 -30.59
CA CYS E 246 -27.55 -10.43 -29.67
C CYS E 246 -29.03 -10.34 -29.98
N CYS E 247 -29.74 -9.73 -29.04
CA CYS E 247 -31.13 -9.35 -29.23
C CYS E 247 -31.40 -8.25 -28.21
N ASP E 248 -32.04 -7.17 -28.67
CA ASP E 248 -32.37 -6.03 -27.82
C ASP E 248 -33.76 -5.49 -28.12
N ILE E 249 -34.73 -6.07 -27.45
CA ILE E 249 -36.13 -5.65 -27.54
C ILE E 249 -36.35 -4.57 -26.49
N VAL E 250 -36.87 -3.42 -26.90
CA VAL E 250 -37.06 -2.32 -25.94
C VAL E 250 -38.51 -2.02 -25.62
N GLY E 251 -39.42 -2.78 -26.22
CA GLY E 251 -40.86 -2.67 -25.89
C GLY E 251 -41.71 -2.76 -27.13
N PHE E 252 -42.94 -2.26 -27.01
CA PHE E 252 -43.92 -2.28 -28.09
C PHE E 252 -44.35 -0.88 -28.47
N LEU E 253 -44.55 -0.66 -29.75
CA LEU E 253 -45.19 0.53 -30.27
C LEU E 253 -46.68 0.24 -30.31
N VAL E 254 -47.49 1.09 -29.69
CA VAL E 254 -48.94 0.91 -29.65
C VAL E 254 -49.60 1.83 -30.65
N GLY E 255 -50.15 1.24 -31.71
CA GLY E 255 -50.81 2.01 -32.77
C GLY E 255 -52.14 2.56 -32.32
N LYS E 256 -52.71 3.45 -33.12
CA LYS E 256 -53.93 4.17 -32.78
C LYS E 256 -55.08 3.26 -32.34
N ASP E 257 -55.23 2.11 -32.98
CA ASP E 257 -56.33 1.21 -32.70
C ASP E 257 -55.97 0.08 -31.73
N GLY E 258 -54.79 0.18 -31.13
CA GLY E 258 -54.35 -0.79 -30.13
C GLY E 258 -53.47 -1.88 -30.67
N ASP E 259 -53.25 -1.93 -31.99
CA ASP E 259 -52.36 -2.92 -32.60
C ASP E 259 -50.93 -2.64 -32.14
N MET E 260 -50.15 -3.69 -31.88
CA MET E 260 -48.82 -3.53 -31.28
C MET E 260 -47.74 -4.20 -32.08
N GLN E 261 -46.55 -3.62 -32.05
CA GLN E 261 -45.37 -4.15 -32.73
C GLN E 261 -44.19 -4.12 -31.80
N TYR E 262 -43.39 -5.18 -31.78
CA TYR E 262 -42.08 -5.12 -31.14
C TYR E 262 -41.21 -4.02 -31.73
N ARG E 263 -40.41 -3.37 -30.88
CA ARG E 263 -39.37 -2.43 -31.33
C ARG E 263 -38.06 -2.92 -30.80
N GLY E 264 -37.06 -3.01 -31.68
CA GLY E 264 -35.70 -3.37 -31.28
C GLY E 264 -34.73 -2.27 -31.64
N LEU E 265 -33.53 -2.35 -31.05
CA LEU E 265 -32.46 -1.41 -31.33
C LEU E 265 -31.18 -2.12 -31.68
N PRO E 266 -30.30 -1.46 -32.44
CA PRO E 266 -29.03 -2.07 -32.80
C PRO E 266 -28.10 -2.13 -31.61
N ARG E 267 -27.10 -3.00 -31.72
CA ARG E 267 -26.04 -3.12 -30.72
C ARG E 267 -24.69 -3.00 -31.39
N TYR E 268 -23.79 -2.24 -30.73
CA TYR E 268 -22.43 -2.05 -31.17
C TYR E 268 -21.49 -2.89 -30.32
N PHE E 269 -20.41 -3.37 -30.94
CA PHE E 269 -19.39 -4.19 -30.27
C PHE E 269 -18.02 -3.71 -30.68
N ASN E 270 -17.13 -3.59 -29.70
CA ASN E 270 -15.72 -3.35 -29.93
C ASN E 270 -14.99 -4.40 -29.15
N ILE E 271 -14.41 -5.37 -29.85
CA ILE E 271 -13.84 -6.55 -29.21
C ILE E 271 -12.32 -6.53 -29.34
N LEU E 272 -11.63 -6.73 -28.22
CA LEU E 272 -10.17 -6.76 -28.18
C LEU E 272 -9.73 -8.21 -28.19
N LEU E 273 -8.82 -8.56 -29.10
CA LEU E 273 -8.29 -9.91 -29.19
C LEU E 273 -6.77 -9.92 -29.18
N ARG E 274 -6.20 -11.03 -28.71
CA ARG E 274 -4.78 -11.20 -28.63
C ARG E 274 -4.41 -12.56 -29.17
N LYS E 275 -3.15 -12.67 -29.60
CA LYS E 275 -2.65 -13.91 -30.16
C LYS E 275 -2.27 -14.88 -29.07
N ARG E 276 -2.75 -16.11 -29.22
CA ARG E 276 -2.48 -17.18 -28.29
C ARG E 276 -1.93 -18.38 -29.07
N THR E 277 -0.78 -18.89 -28.64
CA THR E 277 -0.23 -20.11 -29.18
C THR E 277 -0.97 -21.33 -28.64
N VAL E 278 -1.28 -22.28 -29.52
CA VAL E 278 -1.99 -23.50 -29.11
C VAL E 278 -1.34 -24.70 -29.77
N ARG E 279 -1.56 -25.86 -29.17
CA ARG E 279 -1.03 -27.13 -29.68
C ARG E 279 -1.81 -27.52 -30.93
N ASN E 280 -1.10 -27.97 -31.98
CA ASN E 280 -1.75 -28.45 -33.19
C ASN E 280 -1.48 -29.93 -33.41
N ILE F 10 63.30 -24.96 -1.02
CA ILE F 10 64.45 -24.04 -1.27
C ILE F 10 65.05 -23.55 0.04
N GLU F 11 66.31 -23.92 0.29
CA GLU F 11 67.07 -23.39 1.41
C GLU F 11 67.57 -21.98 1.04
N VAL F 12 67.13 -20.99 1.83
CA VAL F 12 67.43 -19.59 1.56
C VAL F 12 68.67 -19.14 2.33
N LEU F 13 69.59 -18.46 1.64
CA LEU F 13 70.84 -17.99 2.27
C LEU F 13 70.89 -16.45 2.30
N ASN F 14 72.08 -15.86 2.14
CA ASN F 14 72.25 -14.42 2.28
C ASN F 14 71.84 -13.61 1.05
N LEU F 15 71.49 -12.35 1.30
CA LEU F 15 71.22 -11.40 0.23
C LEU F 15 72.52 -11.03 -0.48
N VAL F 16 72.42 -10.88 -1.79
CA VAL F 16 73.51 -10.36 -2.61
C VAL F 16 73.42 -8.83 -2.62
N THR F 17 74.45 -8.14 -2.11
CA THR F 17 74.40 -6.68 -2.05
C THR F 17 75.25 -6.05 -3.14
N GLY F 18 75.10 -4.74 -3.31
CA GLY F 18 75.93 -3.97 -4.22
C GLY F 18 75.16 -3.47 -5.43
N PRO F 19 75.87 -2.82 -6.38
CA PRO F 19 75.24 -2.39 -7.62
C PRO F 19 74.67 -3.57 -8.42
N ASP F 20 73.55 -3.32 -9.09
CA ASP F 20 72.86 -4.31 -9.92
C ASP F 20 72.25 -5.48 -9.12
N SER F 21 72.12 -5.31 -7.80
CA SER F 21 71.55 -6.36 -6.96
C SER F 21 70.02 -6.25 -6.91
N ILE F 22 69.48 -5.16 -7.43
CA ILE F 22 68.03 -4.94 -7.43
C ILE F 22 67.56 -4.66 -8.84
N THR F 23 66.31 -5.02 -9.11
CA THR F 23 65.68 -4.69 -10.37
C THR F 23 64.20 -4.47 -10.12
N THR F 24 63.54 -3.86 -11.09
CA THR F 24 62.12 -3.59 -10.99
C THR F 24 61.41 -4.07 -12.25
N ILE F 25 60.16 -4.47 -12.08
CA ILE F 25 59.32 -4.88 -13.18
C ILE F 25 58.05 -4.04 -13.10
N GLU F 26 57.66 -3.45 -14.22
CA GLU F 26 56.46 -2.62 -14.31
C GLU F 26 55.55 -3.24 -15.36
N LEU F 27 54.26 -3.41 -15.04
CA LEU F 27 53.31 -3.89 -16.03
C LEU F 27 51.90 -3.45 -15.66
N TYR F 28 50.98 -3.67 -16.58
CA TYR F 28 49.55 -3.61 -16.24
C TYR F 28 48.89 -4.84 -16.84
N LEU F 29 47.73 -5.18 -16.30
CA LEU F 29 46.89 -6.23 -16.83
C LEU F 29 45.49 -5.70 -17.07
N ASN F 30 45.01 -5.85 -18.29
CA ASN F 30 43.63 -5.47 -18.59
C ASN F 30 42.67 -6.53 -18.08
N THR F 31 41.46 -6.09 -17.78
CA THR F 31 40.43 -6.92 -17.17
C THR F 31 39.90 -7.97 -18.15
N ARG F 32 39.44 -9.09 -17.59
CA ARG F 32 38.91 -10.22 -18.37
C ARG F 32 37.49 -10.56 -17.86
N MET F 33 36.56 -9.68 -18.21
CA MET F 33 35.18 -9.79 -17.74
C MET F 33 34.33 -10.68 -18.61
N GLY F 34 34.79 -10.97 -19.82
CA GLY F 34 34.07 -11.88 -20.72
C GLY F 34 34.19 -11.49 -22.18
N GLN F 35 34.06 -10.20 -22.47
CA GLN F 35 34.43 -9.68 -23.78
C GLN F 35 35.87 -9.17 -23.66
N ASN F 36 36.82 -9.99 -24.10
CA ASN F 36 38.23 -9.81 -23.78
C ASN F 36 39.07 -9.47 -24.99
N ASP F 37 38.40 -9.12 -26.08
CA ASP F 37 39.04 -8.73 -27.34
C ASP F 37 38.99 -7.20 -27.44
N GLU F 38 40.16 -6.58 -27.38
CA GLU F 38 40.26 -5.11 -27.35
C GLU F 38 39.87 -4.39 -28.64
N SER F 39 39.70 -5.14 -29.73
CA SER F 39 39.25 -4.57 -30.98
C SER F 39 37.72 -4.58 -31.12
N LYS F 40 37.01 -5.15 -30.15
CA LYS F 40 35.55 -5.31 -30.25
C LYS F 40 34.80 -4.43 -29.26
N ASP F 41 33.56 -4.09 -29.59
CA ASP F 41 32.67 -3.38 -28.68
C ASP F 41 32.53 -4.15 -27.36
N ASN F 42 32.18 -3.43 -26.30
CA ASN F 42 31.98 -4.05 -24.99
C ASN F 42 33.25 -4.59 -24.34
N TYR F 43 34.43 -4.18 -24.81
CA TYR F 43 35.68 -4.58 -24.16
C TYR F 43 35.67 -4.09 -22.72
N GLY F 44 36.12 -4.95 -21.81
CA GLY F 44 36.19 -4.59 -20.38
C GLY F 44 34.88 -4.78 -19.65
N TYR F 45 33.89 -5.34 -20.34
CA TYR F 45 32.64 -5.78 -19.74
C TYR F 45 32.40 -7.26 -20.06
N SER F 46 31.49 -7.88 -19.31
CA SER F 46 30.97 -9.19 -19.70
C SER F 46 29.89 -9.04 -20.75
N GLU F 47 29.55 -10.16 -21.39
CA GLU F 47 28.30 -10.22 -22.13
C GLU F 47 27.15 -10.18 -21.13
N LYS F 48 25.94 -9.94 -21.62
CA LYS F 48 24.77 -9.86 -20.76
C LYS F 48 24.61 -11.10 -19.90
N VAL F 49 24.37 -10.87 -18.62
CA VAL F 49 24.18 -11.94 -17.66
C VAL F 49 22.83 -12.61 -17.91
N THR F 50 22.83 -13.94 -17.85
CA THR F 50 21.64 -14.77 -18.01
C THR F 50 21.49 -15.58 -16.73
N VAL F 51 20.30 -16.09 -16.48
CA VAL F 51 20.00 -16.75 -15.22
C VAL F 51 19.38 -18.11 -15.50
N ALA F 52 19.95 -19.15 -14.88
CA ALA F 52 19.45 -20.52 -15.03
C ALA F 52 18.00 -20.68 -14.59
N ASN F 53 17.23 -21.50 -15.30
CA ASN F 53 15.89 -21.82 -14.84
C ASN F 53 15.89 -22.78 -13.67
N SER F 54 16.91 -23.65 -13.61
CA SER F 54 17.07 -24.60 -12.52
C SER F 54 18.53 -24.94 -12.36
N SER F 55 18.90 -25.43 -11.19
CA SER F 55 20.31 -25.68 -10.91
C SER F 55 20.91 -26.80 -11.79
N ASP F 56 20.06 -27.70 -12.29
CA ASP F 56 20.53 -28.78 -13.16
C ASP F 56 20.59 -28.40 -14.64
N GLN F 57 20.19 -27.17 -14.97
CA GLN F 57 20.31 -26.64 -16.32
C GLN F 57 20.90 -25.22 -16.21
N ASP F 58 22.10 -25.16 -15.64
CA ASP F 58 22.79 -23.90 -15.38
C ASP F 58 23.99 -23.86 -16.31
N LYS F 59 23.81 -23.20 -17.45
CA LYS F 59 24.79 -23.20 -18.52
C LYS F 59 25.04 -21.76 -18.93
N PRO F 60 26.01 -21.09 -18.29
CA PRO F 60 26.24 -19.70 -18.67
C PRO F 60 26.59 -19.55 -20.15
N THR F 61 26.16 -18.44 -20.74
CA THR F 61 26.47 -18.15 -22.14
C THR F 61 27.94 -17.79 -22.28
N SER F 62 28.47 -17.92 -23.50
CA SER F 62 29.86 -17.62 -23.73
C SER F 62 30.06 -16.13 -23.51
N GLY F 63 31.06 -15.80 -22.71
CA GLY F 63 31.44 -14.41 -22.46
C GLY F 63 30.75 -13.73 -21.28
N GLU F 64 29.89 -14.43 -20.55
CA GLU F 64 29.22 -13.77 -19.41
C GLU F 64 29.91 -14.00 -18.08
N ILE F 65 31.07 -14.66 -18.11
CA ILE F 65 31.78 -15.17 -16.94
C ILE F 65 33.16 -14.50 -16.78
N PRO F 66 33.36 -13.72 -15.70
CA PRO F 66 34.70 -13.16 -15.47
C PRO F 66 35.75 -14.21 -15.16
N THR F 67 36.97 -13.93 -15.60
CA THR F 67 38.11 -14.83 -15.40
C THR F 67 39.29 -14.05 -14.82
N TYR F 68 40.28 -14.76 -14.30
CA TYR F 68 41.50 -14.11 -13.79
C TYR F 68 42.36 -13.57 -14.91
N SER F 69 42.93 -12.40 -14.67
CA SER F 69 44.00 -11.87 -15.51
C SER F 69 45.32 -12.42 -14.99
N THR F 70 46.23 -12.81 -15.86
CA THR F 70 47.54 -13.27 -15.40
C THR F 70 48.66 -13.03 -16.41
N ALA F 71 49.88 -12.88 -15.92
CA ALA F 71 51.05 -12.79 -16.79
C ALA F 71 52.27 -13.43 -16.13
N ARG F 72 53.14 -13.98 -16.97
CA ARG F 72 54.48 -14.36 -16.55
C ARG F 72 55.45 -13.41 -17.23
N ILE F 73 56.31 -12.80 -16.42
CA ILE F 73 57.30 -11.85 -16.95
C ILE F 73 58.69 -12.45 -16.80
N ASN F 74 59.46 -12.41 -17.87
CA ASN F 74 60.85 -12.89 -17.87
C ASN F 74 61.75 -11.93 -17.13
N LEU F 75 62.57 -12.47 -16.24
CA LEU F 75 63.50 -11.67 -15.46
C LEU F 75 64.89 -11.81 -16.05
N PRO F 76 65.79 -10.86 -15.71
CA PRO F 76 67.17 -10.99 -16.21
C PRO F 76 67.81 -12.33 -15.78
N MET F 77 68.51 -12.97 -16.70
CA MET F 77 69.14 -14.26 -16.44
C MET F 77 70.13 -14.20 -15.29
N LEU F 78 70.07 -15.19 -14.41
CA LEU F 78 71.05 -15.33 -13.35
C LEU F 78 71.78 -16.65 -13.52
N ASN F 85 77.58 -24.67 -5.89
CA ASN F 85 76.64 -25.27 -4.94
C ASN F 85 75.46 -24.35 -4.57
N THR F 86 75.51 -23.12 -5.06
CA THR F 86 74.46 -22.16 -4.83
C THR F 86 74.01 -21.51 -6.13
N LEU F 87 72.75 -21.12 -6.14
CA LEU F 87 72.16 -20.39 -7.24
C LEU F 87 71.83 -19.01 -6.72
N THR F 88 71.74 -18.05 -7.63
CA THR F 88 71.15 -16.77 -7.33
C THR F 88 69.74 -16.78 -7.91
N MET F 89 68.77 -16.30 -7.12
CA MET F 89 67.38 -16.14 -7.60
C MET F 89 66.92 -14.72 -7.34
N TRP F 90 65.97 -14.27 -8.13
CA TRP F 90 65.30 -13.01 -7.87
C TRP F 90 64.28 -13.24 -6.76
N GLU F 91 64.27 -12.33 -5.79
CA GLU F 91 63.31 -12.34 -4.70
C GLU F 91 62.43 -11.11 -4.81
N ALA F 92 61.11 -11.28 -4.91
CA ALA F 92 60.22 -10.14 -4.97
C ALA F 92 60.05 -9.56 -3.56
N VAL F 93 60.42 -8.29 -3.41
CA VAL F 93 60.47 -7.62 -2.11
C VAL F 93 59.18 -6.88 -1.79
N SER F 94 58.67 -6.16 -2.76
CA SER F 94 57.52 -5.27 -2.55
C SER F 94 56.85 -4.97 -3.86
N VAL F 95 55.64 -4.44 -3.79
CA VAL F 95 54.91 -4.08 -5.01
C VAL F 95 54.06 -2.84 -4.77
N LYS F 96 54.05 -1.94 -5.73
CA LYS F 96 53.12 -0.83 -5.76
C LYS F 96 52.07 -1.20 -6.79
N THR F 97 50.82 -1.29 -6.37
CA THR F 97 49.77 -1.69 -7.30
C THR F 97 48.57 -0.77 -7.14
N GLU F 98 47.92 -0.48 -8.28
CA GLU F 98 46.77 0.42 -8.33
C GLU F 98 45.76 -0.09 -9.30
N VAL F 99 44.49 0.14 -9.00
CA VAL F 99 43.43 -0.04 -9.97
C VAL F 99 43.38 1.24 -10.80
N VAL F 100 43.36 1.07 -12.12
CA VAL F 100 43.44 2.18 -13.06
C VAL F 100 42.05 2.50 -13.59
N GLY F 101 41.75 3.78 -13.79
CA GLY F 101 40.48 4.15 -14.41
C GLY F 101 39.30 4.26 -13.47
N VAL F 102 39.57 4.40 -12.18
CA VAL F 102 38.51 4.58 -11.20
C VAL F 102 37.59 5.74 -11.59
N SER F 103 38.18 6.83 -12.08
CA SER F 103 37.41 8.01 -12.42
C SER F 103 36.39 7.78 -13.56
N SER F 104 36.61 6.74 -14.38
CA SER F 104 35.64 6.38 -15.42
C SER F 104 34.26 6.02 -14.87
N LEU F 105 34.18 5.70 -13.59
CA LEU F 105 32.90 5.40 -12.94
C LEU F 105 32.08 6.65 -12.63
N VAL F 106 32.69 7.84 -12.79
CA VAL F 106 31.98 9.10 -12.70
C VAL F 106 31.35 9.39 -14.08
N ASN F 107 30.31 8.63 -14.39
CA ASN F 107 29.65 8.72 -15.67
C ASN F 107 28.26 8.20 -15.48
N VAL F 108 27.31 9.11 -15.60
CA VAL F 108 25.91 8.78 -15.43
C VAL F 108 25.08 9.21 -16.63
N HIS F 109 25.73 9.34 -17.79
CA HIS F 109 25.00 9.67 -19.03
C HIS F 109 25.05 8.55 -20.07
N MET F 110 25.62 7.40 -19.71
CA MET F 110 25.62 6.26 -20.62
C MET F 110 24.21 5.72 -20.80
N ALA F 111 23.99 4.94 -21.85
CA ALA F 111 22.68 4.39 -22.17
C ALA F 111 22.28 3.32 -21.16
N THR F 112 21.67 3.76 -20.07
CA THR F 112 21.39 2.91 -18.92
C THR F 112 19.98 3.16 -18.41
N LYS F 113 19.51 2.29 -17.52
CA LYS F 113 18.33 2.58 -16.70
C LYS F 113 18.60 3.88 -15.93
N ARG F 114 17.56 4.65 -15.63
CA ARG F 114 17.71 5.95 -14.96
C ARG F 114 16.89 6.06 -13.69
N MET F 115 17.29 7.01 -12.85
CA MET F 115 16.56 7.36 -11.64
C MET F 115 15.34 8.26 -11.91
N TYR F 116 14.41 8.25 -10.94
CA TYR F 116 13.30 9.20 -10.86
C TYR F 116 12.46 9.35 -12.14
N ASP F 117 11.78 8.27 -12.52
CA ASP F 117 10.82 8.26 -13.64
C ASP F 117 11.41 8.84 -14.94
N ASP F 118 12.61 8.34 -15.29
CA ASP F 118 13.34 8.71 -16.51
C ASP F 118 13.78 10.18 -16.61
N LYS F 119 13.86 10.86 -15.46
CA LYS F 119 14.27 12.26 -15.41
C LYS F 119 15.64 12.45 -14.76
N GLY F 120 16.05 11.49 -13.93
CA GLY F 120 17.31 11.58 -13.19
C GLY F 120 18.50 10.98 -13.91
N ILE F 121 19.58 10.80 -13.15
CA ILE F 121 20.83 10.27 -13.69
C ILE F 121 20.67 8.84 -14.19
N GLY F 122 21.51 8.48 -15.14
CA GLY F 122 21.67 7.07 -15.47
C GLY F 122 22.27 6.35 -14.28
N PHE F 123 21.92 5.09 -14.08
CA PHE F 123 22.53 4.32 -13.00
C PHE F 123 24.04 4.23 -13.22
N PRO F 124 24.84 4.59 -12.20
CA PRO F 124 26.27 4.34 -12.35
C PRO F 124 26.56 2.85 -12.21
N VAL F 125 27.74 2.44 -12.62
CA VAL F 125 28.18 1.07 -12.41
C VAL F 125 28.20 0.80 -10.92
N GLU F 126 27.48 -0.22 -10.49
CA GLU F 126 27.31 -0.48 -9.06
C GLU F 126 26.99 -1.94 -8.81
N GLY F 127 27.12 -2.35 -7.55
CA GLY F 127 26.91 -3.72 -7.14
C GLY F 127 28.19 -4.39 -6.70
N MET F 128 28.23 -5.70 -6.89
CA MET F 128 29.30 -6.55 -6.41
C MET F 128 30.69 -6.01 -6.80
N ASN F 129 31.60 -5.97 -5.82
CA ASN F 129 32.99 -5.66 -6.09
C ASN F 129 33.83 -6.86 -5.67
N PHE F 130 34.84 -7.17 -6.47
CA PHE F 130 35.72 -8.28 -6.19
C PHE F 130 37.08 -7.82 -6.64
N HIS F 131 38.04 -7.80 -5.72
CA HIS F 131 39.36 -7.29 -6.02
C HIS F 131 40.37 -8.25 -5.46
N MET F 132 41.24 -8.76 -6.32
CA MET F 132 42.32 -9.60 -5.81
CA MET F 132 42.29 -9.66 -5.86
C MET F 132 43.56 -9.41 -6.68
N PHE F 133 44.71 -9.57 -6.07
CA PHE F 133 45.95 -9.64 -6.83
C PHE F 133 46.91 -10.60 -6.16
N ALA F 134 47.86 -11.11 -6.93
CA ALA F 134 48.84 -12.05 -6.43
C ALA F 134 50.15 -11.79 -7.16
N VAL F 135 51.25 -11.88 -6.42
CA VAL F 135 52.58 -11.85 -6.99
C VAL F 135 53.33 -13.06 -6.45
N GLY F 136 53.89 -13.86 -7.36
CA GLY F 136 54.62 -15.06 -6.95
C GLY F 136 55.76 -15.43 -7.86
N GLY F 137 56.52 -16.43 -7.42
CA GLY F 137 57.66 -16.95 -8.17
C GLY F 137 57.32 -18.19 -8.96
N GLU F 138 56.04 -18.52 -9.00
CA GLU F 138 55.51 -19.64 -9.78
C GLU F 138 54.00 -19.38 -9.97
N PRO F 139 53.33 -20.16 -10.84
CA PRO F 139 51.91 -19.91 -11.07
C PRO F 139 51.09 -19.96 -9.81
N LEU F 140 50.08 -19.10 -9.72
CA LEU F 140 49.15 -19.15 -8.59
C LEU F 140 48.46 -20.52 -8.54
N GLU F 141 48.50 -21.16 -7.39
CA GLU F 141 47.87 -22.46 -7.22
C GLU F 141 46.40 -22.29 -6.81
N LEU F 142 45.53 -23.02 -7.48
CA LEU F 142 44.10 -22.83 -7.38
C LEU F 142 43.38 -24.04 -6.78
N GLN F 143 42.32 -23.75 -6.04
CA GLN F 143 41.41 -24.76 -5.49
C GLN F 143 40.06 -24.55 -6.16
N PHE F 144 39.42 -25.63 -6.59
CA PHE F 144 38.09 -25.54 -7.20
C PHE F 144 37.06 -25.47 -6.07
N LEU F 145 36.13 -24.53 -6.18
CA LEU F 145 35.00 -24.45 -5.25
C LEU F 145 33.92 -23.63 -5.92
N THR F 146 32.72 -24.18 -5.96
CA THR F 146 31.61 -23.56 -6.67
C THR F 146 30.33 -23.54 -5.85
N GLY F 147 29.48 -22.58 -6.16
CA GLY F 147 28.14 -22.49 -5.61
C GLY F 147 27.19 -23.51 -6.21
N ASN F 148 27.54 -24.07 -7.38
CA ASN F 148 26.69 -25.08 -8.02
C ASN F 148 27.53 -26.11 -8.75
N TYR F 149 27.62 -27.32 -8.17
CA TYR F 149 28.48 -28.35 -8.77
C TYR F 149 28.08 -28.69 -10.19
N ARG F 150 26.82 -28.47 -10.54
CA ARG F 150 26.28 -28.86 -11.85
C ARG F 150 26.52 -27.84 -12.99
N THR F 151 27.11 -26.69 -12.69
CA THR F 151 27.34 -25.67 -13.72
C THR F 151 28.04 -26.26 -14.94
N ASP F 152 27.47 -25.97 -16.10
CA ASP F 152 27.93 -26.51 -17.38
C ASP F 152 28.64 -25.37 -18.11
N TYR F 153 29.96 -25.49 -18.26
CA TYR F 153 30.79 -24.43 -18.88
C TYR F 153 31.00 -24.64 -20.39
N SER F 154 30.29 -25.60 -20.97
CA SER F 154 30.56 -26.04 -22.33
C SER F 154 30.16 -25.07 -23.46
N ALA F 155 29.47 -23.98 -23.14
CA ALA F 155 29.26 -22.92 -24.13
C ALA F 155 30.57 -22.21 -24.52
N ASN F 156 31.62 -22.36 -23.71
CA ASN F 156 32.92 -21.76 -24.05
C ASN F 156 34.03 -22.75 -23.74
N ASP F 157 34.53 -23.44 -24.77
CA ASP F 157 35.55 -24.47 -24.57
C ASP F 157 36.94 -23.88 -24.29
N LYS F 158 37.09 -22.57 -24.32
CA LYS F 158 38.35 -21.93 -23.95
C LYS F 158 38.50 -21.75 -22.43
N LEU F 159 37.43 -21.95 -21.67
CA LEU F 159 37.53 -21.91 -20.20
C LEU F 159 38.22 -23.17 -19.69
N VAL F 160 39.01 -23.03 -18.65
CA VAL F 160 39.65 -24.17 -18.00
C VAL F 160 38.87 -24.52 -16.73
N VAL F 161 38.23 -25.69 -16.74
CA VAL F 161 37.43 -26.16 -15.64
C VAL F 161 37.70 -27.64 -15.49
N PRO F 162 37.27 -28.25 -14.37
CA PRO F 162 37.54 -29.66 -14.26
C PRO F 162 36.77 -30.51 -15.28
N PRO F 163 37.30 -31.69 -15.62
CA PRO F 163 36.63 -32.56 -16.60
C PRO F 163 35.45 -33.35 -16.05
N ILE F 164 35.30 -33.43 -14.73
CA ILE F 164 34.13 -34.07 -14.15
C ILE F 164 33.52 -33.20 -13.06
N LYS F 165 32.26 -33.47 -12.76
CA LYS F 165 31.51 -32.71 -11.78
C LYS F 165 31.15 -33.62 -10.63
N HIS F 166 31.16 -33.08 -9.42
CA HIS F 166 30.73 -33.84 -8.25
C HIS F 166 30.16 -32.94 -7.15
N GLN F 167 29.17 -33.49 -6.45
CA GLN F 167 28.46 -32.80 -5.36
C GLN F 167 29.38 -32.12 -4.35
N SER F 168 30.50 -32.78 -4.06
CA SER F 168 31.43 -32.35 -3.03
C SER F 168 32.15 -31.06 -3.34
N THR F 169 32.12 -30.60 -4.60
CA THR F 169 32.83 -29.38 -5.00
C THR F 169 32.13 -28.09 -4.58
N GLN F 170 30.98 -28.20 -3.92
CA GLN F 170 30.35 -27.06 -3.27
C GLN F 170 31.01 -26.76 -1.92
N GLY F 171 31.86 -27.69 -1.47
CA GLY F 171 32.83 -27.42 -0.40
C GLY F 171 34.22 -27.60 -0.96
N LEU F 172 35.18 -27.79 -0.06
CA LEU F 172 36.57 -27.98 -0.44
C LEU F 172 36.87 -29.46 -0.64
N ASN F 173 37.11 -29.84 -1.89
CA ASN F 173 37.53 -31.20 -2.23
C ASN F 173 38.94 -31.07 -2.83
N PRO F 174 39.96 -31.54 -2.08
CA PRO F 174 41.36 -31.38 -2.50
C PRO F 174 41.72 -32.12 -3.78
N HIS F 175 40.86 -33.01 -4.26
CA HIS F 175 41.09 -33.66 -5.53
C HIS F 175 40.86 -32.74 -6.71
N TYR F 176 40.33 -31.53 -6.48
CA TYR F 176 40.02 -30.59 -7.55
C TYR F 176 40.86 -29.32 -7.44
N LYS F 177 42.02 -29.34 -8.11
CA LYS F 177 42.97 -28.23 -8.11
C LYS F 177 43.44 -27.90 -9.52
N GLN F 178 44.13 -26.77 -9.62
CA GLN F 178 44.71 -26.31 -10.86
C GLN F 178 45.79 -25.28 -10.54
N LYS F 179 46.46 -24.80 -11.58
CA LYS F 179 47.39 -23.69 -11.49
C LYS F 179 46.99 -22.67 -12.53
N LEU F 180 47.09 -21.39 -12.16
CA LEU F 180 46.68 -20.32 -13.06
C LEU F 180 47.73 -20.09 -14.12
N THR F 181 47.54 -20.75 -15.27
CA THR F 181 48.55 -20.81 -16.32
C THR F 181 48.13 -20.11 -17.61
N LYS F 182 46.93 -19.52 -17.63
CA LYS F 182 46.42 -18.86 -18.82
C LYS F 182 45.53 -17.67 -18.46
N ASP F 183 45.79 -16.54 -19.13
CA ASP F 183 45.03 -15.30 -18.98
C ASP F 183 43.64 -15.46 -19.59
N GLY F 184 42.63 -14.92 -18.91
CA GLY F 184 41.27 -14.88 -19.43
C GLY F 184 40.64 -16.24 -19.67
N ALA F 185 40.97 -17.23 -18.84
CA ALA F 185 40.49 -18.61 -19.08
C ALA F 185 39.96 -19.33 -17.83
N PHE F 186 40.40 -18.92 -16.64
CA PHE F 186 40.00 -19.57 -15.39
C PHE F 186 38.89 -18.76 -14.70
N PRO F 187 37.66 -19.30 -14.66
CA PRO F 187 36.59 -18.50 -14.05
C PRO F 187 36.78 -18.21 -12.57
N VAL F 188 36.52 -16.97 -12.19
CA VAL F 188 36.57 -16.56 -10.80
C VAL F 188 35.56 -17.33 -9.98
N GLU F 189 34.39 -17.60 -10.57
CA GLU F 189 33.30 -18.22 -9.82
C GLU F 189 33.58 -19.64 -9.30
N CYS F 190 34.57 -20.33 -9.87
CA CYS F 190 34.84 -21.70 -9.45
C CYS F 190 36.28 -22.01 -9.04
N TRP F 191 37.17 -21.03 -9.15
CA TRP F 191 38.56 -21.20 -8.78
C TRP F 191 38.97 -20.10 -7.82
N CYS F 192 39.59 -20.50 -6.72
CA CYS F 192 40.11 -19.57 -5.74
C CYS F 192 41.54 -19.95 -5.39
N PRO F 193 42.28 -19.04 -4.75
CA PRO F 193 43.61 -19.44 -4.34
C PRO F 193 43.58 -20.64 -3.37
N ASP F 194 44.47 -21.58 -3.58
CA ASP F 194 44.60 -22.77 -2.72
C ASP F 194 45.40 -22.39 -1.48
N PRO F 195 44.74 -22.31 -0.31
CA PRO F 195 45.48 -21.86 0.87
C PRO F 195 46.46 -22.91 1.40
N SER F 196 46.30 -24.17 0.97
CA SER F 196 47.21 -25.22 1.40
C SER F 196 48.51 -25.24 0.60
N LYS F 197 48.59 -24.46 -0.48
CA LYS F 197 49.84 -24.33 -1.25
C LYS F 197 50.23 -22.85 -1.29
N ASN F 198 50.71 -22.35 -2.43
CA ASN F 198 51.07 -20.93 -2.57
C ASN F 198 52.08 -20.44 -1.55
N GLU F 199 53.01 -21.31 -1.18
CA GLU F 199 54.09 -20.93 -0.25
C GLU F 199 54.98 -19.87 -0.88
N ASN F 200 55.04 -19.86 -2.21
CA ASN F 200 55.91 -18.96 -2.95
C ASN F 200 55.16 -17.85 -3.71
N THR F 201 53.95 -17.54 -3.25
CA THR F 201 53.12 -16.47 -3.81
C THR F 201 52.49 -15.71 -2.63
N ARG F 202 52.26 -14.41 -2.82
CA ARG F 202 51.47 -13.62 -1.87
C ARG F 202 50.20 -13.19 -2.59
N TYR F 203 49.05 -13.45 -1.98
CA TYR F 203 47.80 -13.03 -2.58
C TYR F 203 46.93 -12.28 -1.57
N TYR F 204 46.12 -11.38 -2.09
CA TYR F 204 45.28 -10.48 -1.29
C TYR F 204 43.97 -10.33 -2.04
N GLY F 205 42.84 -10.50 -1.34
CA GLY F 205 41.56 -10.41 -2.01
C GLY F 205 40.48 -9.86 -1.10
N SER F 206 39.46 -9.29 -1.74
CA SER F 206 38.28 -8.81 -1.04
C SER F 206 37.05 -8.94 -1.91
N TYR F 207 35.90 -9.15 -1.26
CA TYR F 207 34.62 -9.25 -1.93
C TYR F 207 33.63 -8.42 -1.14
N THR F 208 32.90 -7.56 -1.84
CA THR F 208 31.75 -6.87 -1.27
C THR F 208 30.57 -7.18 -2.17
N GLY F 209 29.56 -7.85 -1.65
CA GLY F 209 28.49 -8.32 -2.50
C GLY F 209 27.29 -7.41 -2.52
N GLY F 210 26.12 -8.04 -2.55
CA GLY F 210 24.86 -7.32 -2.60
C GLY F 210 24.46 -6.97 -4.02
N GLN F 211 23.27 -6.40 -4.17
CA GLN F 211 22.68 -6.13 -5.48
C GLN F 211 23.15 -4.86 -6.18
N SER F 212 23.03 -3.72 -5.49
CA SER F 212 23.32 -2.39 -6.08
C SER F 212 24.27 -1.59 -5.19
N THR F 213 25.06 -2.33 -4.44
CA THR F 213 25.98 -1.78 -3.47
C THR F 213 26.93 -0.74 -4.05
N PRO F 214 27.10 0.40 -3.35
CA PRO F 214 28.08 1.36 -3.84
C PRO F 214 29.50 0.77 -3.93
N PRO F 215 30.15 0.89 -5.10
CA PRO F 215 31.60 0.62 -5.13
C PRO F 215 32.36 1.62 -4.27
N VAL F 216 33.33 1.11 -3.52
CA VAL F 216 34.22 1.94 -2.72
C VAL F 216 35.65 1.64 -3.17
N LEU F 217 36.28 2.62 -3.81
CA LEU F 217 37.57 2.40 -4.46
C LEU F 217 38.55 3.51 -4.12
N GLN F 218 39.83 3.17 -4.07
CA GLN F 218 40.87 4.16 -3.82
C GLN F 218 41.92 4.04 -4.91
N PHE F 219 42.62 5.14 -5.19
CA PHE F 219 43.78 5.10 -6.08
C PHE F 219 44.83 6.09 -5.59
N THR F 220 46.08 5.65 -5.53
CA THR F 220 47.19 6.52 -5.12
C THR F 220 48.48 5.93 -5.64
N ASN F 221 49.48 6.76 -5.78
CA ASN F 221 50.83 6.29 -6.16
C ASN F 221 51.81 6.28 -5.00
N THR F 222 51.29 6.22 -3.78
CA THR F 222 52.09 6.41 -2.58
C THR F 222 52.19 5.21 -1.64
N VAL F 223 51.56 4.10 -1.98
CA VAL F 223 51.48 2.93 -1.11
C VAL F 223 52.28 1.74 -1.67
N THR F 224 53.15 1.20 -0.83
CA THR F 224 53.97 0.04 -1.16
C THR F 224 53.52 -1.14 -0.31
N THR F 225 53.25 -2.28 -0.96
CA THR F 225 52.91 -3.51 -0.27
C THR F 225 54.16 -4.38 -0.12
N VAL F 226 54.52 -4.72 1.12
CA VAL F 226 55.70 -5.57 1.39
C VAL F 226 55.33 -7.02 1.13
N LEU F 227 56.18 -7.72 0.37
CA LEU F 227 55.94 -9.10 -0.05
C LEU F 227 56.73 -10.14 0.75
N LEU F 228 57.61 -9.67 1.62
CA LEU F 228 58.36 -10.56 2.48
C LEU F 228 57.43 -11.27 3.46
N ASP F 229 57.72 -12.54 3.75
CA ASP F 229 56.94 -13.31 4.72
C ASP F 229 57.48 -13.11 6.15
N GLU F 230 56.92 -13.87 7.10
CA GLU F 230 57.33 -13.78 8.50
C GLU F 230 58.83 -14.03 8.73
N ASN F 231 59.50 -14.72 7.81
CA ASN F 231 60.93 -14.99 7.91
C ASN F 231 61.80 -13.99 7.14
N GLY F 232 61.17 -12.96 6.57
CA GLY F 232 61.88 -11.94 5.81
C GLY F 232 62.20 -12.34 4.38
N VAL F 233 61.45 -13.32 3.87
CA VAL F 233 61.72 -13.88 2.56
C VAL F 233 60.55 -13.62 1.61
N GLY F 234 60.85 -13.05 0.46
CA GLY F 234 59.87 -12.77 -0.56
C GLY F 234 59.66 -13.97 -1.47
N PRO F 235 58.70 -13.88 -2.40
CA PRO F 235 58.58 -14.91 -3.44
C PRO F 235 59.89 -15.03 -4.23
N LEU F 236 60.32 -16.27 -4.46
CA LEU F 236 61.56 -16.56 -5.18
C LEU F 236 61.24 -17.07 -6.57
N CYS F 237 61.77 -16.40 -7.57
CA CYS F 237 61.32 -16.58 -8.94
C CYS F 237 61.99 -17.75 -9.63
N LYS F 238 61.30 -18.88 -9.64
CA LYS F 238 61.80 -20.10 -10.24
C LYS F 238 61.84 -19.95 -11.76
N GLY F 239 62.94 -20.40 -12.36
CA GLY F 239 63.14 -20.29 -13.79
C GLY F 239 63.15 -18.86 -14.29
N ASP F 240 63.54 -17.92 -13.42
CA ASP F 240 63.61 -16.50 -13.75
C ASP F 240 62.30 -15.97 -14.33
N GLY F 241 61.20 -16.37 -13.71
CA GLY F 241 59.87 -15.94 -14.11
C GLY F 241 59.13 -15.34 -12.93
N LEU F 242 58.51 -14.20 -13.16
CA LEU F 242 57.68 -13.53 -12.16
C LEU F 242 56.22 -13.65 -12.59
N TYR F 243 55.35 -14.08 -11.67
CA TYR F 243 53.95 -14.38 -11.99
C TYR F 243 53.05 -13.37 -11.29
N VAL F 244 52.22 -12.69 -12.07
CA VAL F 244 51.32 -11.67 -11.54
C VAL F 244 49.90 -11.97 -11.99
N SER F 245 48.94 -11.88 -11.06
CA SER F 245 47.56 -12.27 -11.34
C SER F 245 46.63 -11.30 -10.66
N CYS F 246 45.43 -11.11 -11.22
CA CYS F 246 44.47 -10.22 -10.59
C CYS F 246 43.06 -10.39 -11.15
N CYS F 247 42.14 -9.73 -10.46
CA CYS F 247 40.78 -9.55 -10.94
C CYS F 247 40.22 -8.35 -10.19
N ASP F 248 39.56 -7.45 -10.92
CA ASP F 248 39.00 -6.25 -10.32
C ASP F 248 37.66 -5.94 -10.95
N ILE F 249 36.62 -6.51 -10.34
CA ILE F 249 35.25 -6.28 -10.72
C ILE F 249 34.73 -5.09 -9.91
N VAL F 250 34.18 -4.09 -10.60
CA VAL F 250 33.72 -2.88 -9.91
C VAL F 250 32.21 -2.70 -9.89
N GLY F 251 31.50 -3.65 -10.50
CA GLY F 251 30.04 -3.67 -10.43
C GLY F 251 29.43 -4.05 -11.74
N PHE F 252 28.16 -3.67 -11.91
CA PHE F 252 27.39 -4.00 -13.11
C PHE F 252 26.90 -2.72 -13.76
N LEU F 253 26.90 -2.73 -15.10
CA LEU F 253 26.28 -1.71 -15.89
C LEU F 253 24.86 -2.17 -16.17
N VAL F 254 23.89 -1.34 -15.83
CA VAL F 254 22.46 -1.68 -15.98
C VAL F 254 21.90 -1.01 -17.22
N GLY F 255 21.62 -1.80 -18.25
CA GLY F 255 21.05 -1.27 -19.50
C GLY F 255 19.63 -0.81 -19.33
N LYS F 256 19.08 -0.18 -20.37
CA LYS F 256 17.76 0.43 -20.30
C LYS F 256 16.64 -0.54 -19.91
N ASP F 257 16.74 -1.77 -20.38
CA ASP F 257 15.68 -2.75 -20.14
C ASP F 257 15.96 -3.65 -18.93
N GLY F 258 17.01 -3.34 -18.17
CA GLY F 258 17.37 -4.09 -16.98
C GLY F 258 18.44 -5.15 -17.19
N ASP F 259 18.89 -5.33 -18.42
CA ASP F 259 20.00 -6.25 -18.74
C ASP F 259 21.28 -5.77 -18.08
N MET F 260 22.09 -6.68 -17.56
CA MET F 260 23.29 -6.29 -16.79
C MET F 260 24.55 -6.98 -17.27
N GLN F 261 25.68 -6.27 -17.16
CA GLN F 261 26.97 -6.78 -17.55
C GLN F 261 27.96 -6.42 -16.46
N TYR F 262 28.85 -7.35 -16.12
CA TYR F 262 30.00 -7.02 -15.27
C TYR F 262 30.86 -5.92 -15.91
N ARG F 263 31.40 -5.04 -15.06
CA ARG F 263 32.43 -4.10 -15.46
C ARG F 263 33.69 -4.33 -14.63
N GLY F 264 34.81 -4.42 -15.32
CA GLY F 264 36.15 -4.54 -14.68
C GLY F 264 37.06 -3.39 -15.07
N LEU F 265 38.12 -3.22 -14.28
CA LEU F 265 39.12 -2.20 -14.53
C LEU F 265 40.51 -2.84 -14.54
N PRO F 266 41.46 -2.22 -15.26
CA PRO F 266 42.84 -2.72 -15.31
C PRO F 266 43.57 -2.49 -14.01
N ARG F 267 44.65 -3.24 -13.78
CA ARG F 267 45.48 -3.06 -12.59
C ARG F 267 46.94 -2.90 -13.00
N TYR F 268 47.60 -1.92 -12.36
CA TYR F 268 49.00 -1.60 -12.58
C TYR F 268 49.85 -2.19 -11.46
N PHE F 269 51.05 -2.63 -11.81
CA PHE F 269 52.02 -3.18 -10.85
C PHE F 269 53.41 -2.61 -11.08
N ASN F 270 54.10 -2.30 -9.99
CA ASN F 270 55.52 -1.98 -10.02
C ASN F 270 56.14 -2.81 -8.91
N ILE F 271 56.88 -3.84 -9.32
CA ILE F 271 57.43 -4.81 -8.37
C ILE F 271 58.94 -4.63 -8.26
N LEU F 272 59.43 -4.58 -7.01
CA LEU F 272 60.87 -4.48 -6.73
C LEU F 272 61.40 -5.86 -6.40
N LEU F 273 62.53 -6.24 -7.00
CA LEU F 273 63.15 -7.54 -6.74
C LEU F 273 64.61 -7.39 -6.41
N ARG F 274 65.13 -8.33 -5.63
CA ARG F 274 66.52 -8.32 -5.22
C ARG F 274 67.14 -9.71 -5.38
N LYS F 275 68.46 -9.76 -5.48
CA LYS F 275 69.14 -11.03 -5.67
C LYS F 275 69.30 -11.74 -4.32
N ARG F 276 69.04 -13.04 -4.34
CA ARG F 276 69.13 -13.86 -3.15
C ARG F 276 69.86 -15.17 -3.45
N THR F 277 70.87 -15.46 -2.65
CA THR F 277 71.56 -16.74 -2.72
C THR F 277 70.68 -17.83 -2.12
N VAL F 278 70.59 -18.97 -2.82
CA VAL F 278 69.90 -20.17 -2.32
C VAL F 278 70.73 -21.42 -2.62
N ARG F 279 70.46 -22.50 -1.89
CA ARG F 279 71.17 -23.78 -2.08
C ARG F 279 70.66 -24.52 -3.31
N GLU G 11 68.63 13.79 -10.58
CA GLU G 11 69.69 13.39 -9.61
C GLU G 11 69.70 14.35 -8.43
N VAL G 12 69.24 13.86 -7.28
CA VAL G 12 69.02 14.68 -6.10
C VAL G 12 70.24 14.72 -5.20
N LEU G 13 70.69 15.93 -4.85
CA LEU G 13 71.85 16.12 -3.98
C LEU G 13 71.39 16.55 -2.57
N ASN G 14 72.14 17.42 -1.90
CA ASN G 14 71.86 17.76 -0.50
C ASN G 14 70.81 18.85 -0.37
N LEU G 15 70.19 18.91 0.79
CA LEU G 15 69.34 20.02 1.16
C LEU G 15 70.16 21.30 1.29
N VAL G 16 69.56 22.42 0.92
CA VAL G 16 70.13 23.73 1.17
C VAL G 16 69.61 24.20 2.52
N THR G 17 70.52 24.49 3.42
CA THR G 17 70.19 24.92 4.79
C THR G 17 70.40 26.43 4.91
N GLY G 18 69.66 27.06 5.82
CA GLY G 18 69.86 28.47 6.16
C GLY G 18 68.58 29.28 6.17
N PRO G 19 68.69 30.60 6.38
CA PRO G 19 67.55 31.50 6.24
C PRO G 19 66.95 31.46 4.83
N ASP G 20 65.63 31.61 4.74
CA ASP G 20 64.95 31.65 3.44
C ASP G 20 65.01 30.32 2.66
N SER G 21 65.34 29.22 3.33
CA SER G 21 65.40 27.90 2.68
C SER G 21 64.03 27.21 2.61
N ILE G 22 63.04 27.77 3.30
CA ILE G 22 61.68 27.21 3.37
C ILE G 22 60.70 28.24 2.84
N THR G 23 59.64 27.78 2.21
CA THR G 23 58.55 28.66 1.84
C THR G 23 57.24 27.90 1.85
N THR G 24 56.14 28.63 1.89
CA THR G 24 54.83 28.01 1.92
C THR G 24 54.03 28.64 0.80
N ILE G 25 53.15 27.84 0.23
CA ILE G 25 52.27 28.26 -0.85
C ILE G 25 50.86 27.91 -0.38
N GLU G 26 49.97 28.88 -0.44
CA GLU G 26 48.58 28.70 -0.02
C GLU G 26 47.68 29.07 -1.18
N LEU G 27 46.68 28.23 -1.46
CA LEU G 27 45.71 28.51 -2.50
C LEU G 27 44.44 27.70 -2.29
N TYR G 28 43.41 28.06 -3.04
CA TYR G 28 42.24 27.22 -3.17
C TYR G 28 41.95 27.06 -4.65
N LEU G 29 41.24 25.98 -4.96
CA LEU G 29 40.70 25.74 -6.28
C LEU G 29 39.19 25.57 -6.18
N ASN G 30 38.47 26.36 -6.96
CA ASN G 30 37.04 26.16 -7.06
C ASN G 30 36.70 25.00 -7.96
N THR G 31 35.56 24.38 -7.70
CA THR G 31 35.14 23.18 -8.41
C THR G 31 34.77 23.49 -9.85
N ARG G 32 34.90 22.49 -10.72
CA ARG G 32 34.58 22.58 -12.13
C ARG G 32 33.62 21.46 -12.51
N MET G 33 32.38 21.63 -12.09
CA MET G 33 31.37 20.61 -12.31
C MET G 33 30.69 20.73 -13.65
N GLY G 34 30.81 21.88 -14.31
CA GLY G 34 30.21 22.08 -15.63
C GLY G 34 29.73 23.50 -15.86
N GLN G 35 29.09 24.09 -14.87
CA GLN G 35 28.82 25.52 -14.89
C GLN G 35 29.98 26.15 -14.13
N ASN G 36 30.99 26.58 -14.86
CA ASN G 36 32.25 26.98 -14.25
C ASN G 36 32.50 28.49 -14.25
N ASP G 37 31.44 29.25 -14.53
CA ASP G 37 31.50 30.71 -14.58
C ASP G 37 30.89 31.29 -13.30
N GLU G 38 31.74 31.90 -12.47
CA GLU G 38 31.30 32.42 -11.16
C GLU G 38 30.30 33.57 -11.22
N SER G 39 30.11 34.17 -12.39
CA SER G 39 29.15 35.26 -12.54
C SER G 39 27.73 34.77 -12.87
N LYS G 40 27.56 33.46 -13.06
CA LYS G 40 26.29 32.89 -13.51
C LYS G 40 25.61 31.98 -12.49
N ASP G 41 24.29 31.84 -12.62
CA ASP G 41 23.51 30.93 -11.75
C ASP G 41 24.06 29.52 -11.87
N ASN G 42 23.81 28.71 -10.86
CA ASN G 42 24.27 27.32 -10.89
C ASN G 42 25.79 27.11 -10.88
N TYR G 43 26.56 28.12 -10.49
CA TYR G 43 27.99 27.93 -10.32
C TYR G 43 28.25 26.84 -9.28
N GLY G 44 29.23 25.97 -9.56
CA GLY G 44 29.58 24.91 -8.61
C GLY G 44 28.70 23.67 -8.76
N TYR G 45 27.84 23.68 -9.78
CA TYR G 45 27.05 22.52 -10.17
C TYR G 45 27.26 22.24 -11.63
N SER G 46 26.85 21.05 -12.07
CA SER G 46 26.81 20.78 -13.50
C SER G 46 25.49 21.29 -14.03
N GLU G 47 25.40 21.33 -15.35
CA GLU G 47 24.10 21.39 -16.00
C GLU G 47 23.35 20.08 -15.73
N LYS G 48 22.05 20.07 -16.03
CA LYS G 48 21.22 18.88 -15.85
C LYS G 48 21.81 17.67 -16.58
N VAL G 49 21.88 16.55 -15.88
CA VAL G 49 22.39 15.32 -16.47
C VAL G 49 21.36 14.77 -17.49
N THR G 50 21.85 14.37 -18.67
CA THR G 50 21.04 13.72 -19.69
C THR G 50 21.58 12.32 -19.92
N VAL G 51 20.78 11.46 -20.50
CA VAL G 51 21.17 10.06 -20.61
C VAL G 51 21.04 9.63 -22.06
N ALA G 52 22.08 8.98 -22.56
CA ALA G 52 22.08 8.47 -23.94
C ALA G 52 20.93 7.49 -24.23
N ASN G 53 20.38 7.56 -25.44
CA ASN G 53 19.40 6.57 -25.90
C ASN G 53 20.06 5.25 -26.27
N SER G 54 21.31 5.33 -26.72
CA SER G 54 22.09 4.16 -27.06
C SER G 54 23.54 4.53 -27.00
N SER G 55 24.43 3.53 -26.99
CA SER G 55 25.86 3.79 -26.78
C SER G 55 26.53 4.46 -27.98
N ASP G 56 25.95 4.27 -29.17
CA ASP G 56 26.42 4.97 -30.37
C ASP G 56 25.81 6.37 -30.58
N GLN G 57 24.99 6.83 -29.64
CA GLN G 57 24.44 8.19 -29.65
C GLN G 57 24.61 8.81 -28.27
N ASP G 58 25.80 8.67 -27.72
CA ASP G 58 26.09 9.11 -26.36
C ASP G 58 26.89 10.41 -26.45
N LYS G 59 26.17 11.52 -26.39
CA LYS G 59 26.74 12.86 -26.63
C LYS G 59 26.31 13.77 -25.47
N PRO G 60 27.13 13.84 -24.43
CA PRO G 60 26.72 14.70 -23.31
C PRO G 60 26.53 16.14 -23.74
N THR G 61 25.58 16.82 -23.10
CA THR G 61 25.32 18.23 -23.39
C THR G 61 26.47 19.05 -22.82
N SER G 62 26.66 20.25 -23.37
CA SER G 62 27.70 21.15 -22.87
C SER G 62 27.40 21.50 -21.41
N GLY G 63 28.40 21.33 -20.56
CA GLY G 63 28.27 21.67 -19.16
C GLY G 63 27.76 20.59 -18.21
N GLU G 64 27.46 19.38 -18.69
CA GLU G 64 26.99 18.33 -17.77
C GLU G 64 28.10 17.40 -17.26
N ILE G 65 29.36 17.71 -17.63
CA ILE G 65 30.51 16.83 -17.42
C ILE G 65 31.53 17.46 -16.45
N PRO G 66 31.72 16.86 -15.25
CA PRO G 66 32.78 17.38 -14.35
C PRO G 66 34.19 17.24 -14.94
N THR G 67 35.03 18.24 -14.67
CA THR G 67 36.42 18.23 -15.13
C THR G 67 37.34 18.45 -13.94
N TYR G 68 38.63 18.19 -14.12
CA TYR G 68 39.62 18.46 -13.08
C TYR G 68 39.87 19.95 -12.92
N SER G 69 40.01 20.38 -11.66
CA SER G 69 40.55 21.68 -11.33
C SER G 69 42.06 21.56 -11.31
N THR G 70 42.75 22.61 -11.74
CA THR G 70 44.21 22.61 -11.68
C THR G 70 44.77 24.02 -11.72
N ALA G 71 45.96 24.18 -11.15
CA ALA G 71 46.69 25.44 -11.24
C ALA G 71 48.16 25.14 -11.26
N ARG G 72 48.89 26.03 -11.90
CA ARG G 72 50.34 26.05 -11.86
C ARG G 72 50.72 27.33 -11.11
N ILE G 73 51.48 27.17 -10.04
CA ILE G 73 51.87 28.28 -9.19
C ILE G 73 53.36 28.61 -9.34
N ASN G 74 53.65 29.92 -9.40
CA ASN G 74 55.01 30.42 -9.45
C ASN G 74 55.65 30.37 -8.08
N LEU G 75 56.86 29.85 -8.02
CA LEU G 75 57.60 29.75 -6.78
C LEU G 75 58.61 30.88 -6.69
N PRO G 76 59.12 31.20 -5.48
CA PRO G 76 60.10 32.27 -5.37
C PRO G 76 61.31 31.99 -6.25
N MET G 77 61.78 33.01 -6.97
CA MET G 77 62.93 32.86 -7.87
C MET G 77 64.16 32.41 -7.12
N LEU G 78 64.91 31.51 -7.75
CA LEU G 78 66.19 31.04 -7.24
C LEU G 78 67.26 31.57 -8.20
N ASN G 79 67.83 32.74 -7.87
CA ASN G 79 68.75 33.45 -8.74
C ASN G 79 70.14 32.80 -8.77
N GLU G 80 70.50 32.18 -9.89
CA GLU G 80 71.79 31.46 -9.99
C GLU G 80 72.31 31.30 -11.42
N ASP G 81 73.57 30.89 -11.53
CA ASP G 81 74.22 30.64 -12.82
C ASP G 81 73.77 29.29 -13.41
N LEU G 82 73.08 29.34 -14.55
CA LEU G 82 72.46 28.16 -15.17
C LEU G 82 73.43 27.22 -15.89
N THR G 83 74.70 27.59 -16.00
CA THR G 83 75.68 26.81 -16.76
C THR G 83 76.60 25.99 -15.84
N CYS G 84 76.27 25.93 -14.57
CA CYS G 84 77.04 25.18 -13.58
C CYS G 84 76.54 23.75 -13.41
N ASN G 85 77.31 22.94 -12.68
CA ASN G 85 77.02 21.51 -12.52
C ASN G 85 75.94 21.18 -11.49
N THR G 86 75.51 22.16 -10.70
CA THR G 86 74.31 22.00 -9.85
C THR G 86 73.37 23.19 -9.99
N LEU G 87 72.12 22.97 -9.56
CA LEU G 87 71.09 23.98 -9.49
C LEU G 87 70.30 23.74 -8.22
N THR G 88 69.50 24.72 -7.83
CA THR G 88 68.65 24.60 -6.68
C THR G 88 67.23 24.46 -7.17
N MET G 89 66.48 23.55 -6.54
CA MET G 89 65.06 23.38 -6.82
C MET G 89 64.26 23.48 -5.53
N TRP G 90 62.98 23.82 -5.65
CA TRP G 90 62.07 23.72 -4.54
C TRP G 90 61.50 22.30 -4.47
N GLU G 91 61.50 21.74 -3.27
CA GLU G 91 61.02 20.39 -3.00
C GLU G 91 59.78 20.48 -2.13
N ALA G 92 58.65 19.95 -2.60
CA ALA G 92 57.41 20.00 -1.82
C ALA G 92 57.47 18.91 -0.77
N VAL G 93 57.41 19.31 0.50
CA VAL G 93 57.61 18.40 1.63
C VAL G 93 56.31 17.82 2.18
N SER G 94 55.27 18.65 2.21
CA SER G 94 54.00 18.29 2.84
C SER G 94 52.93 19.23 2.38
N VAL G 95 51.69 18.80 2.56
CA VAL G 95 50.54 19.65 2.28
C VAL G 95 49.47 19.42 3.32
N LYS G 96 48.83 20.51 3.72
CA LYS G 96 47.59 20.45 4.48
C LYS G 96 46.49 20.83 3.51
N THR G 97 45.52 19.93 3.32
CA THR G 97 44.46 20.18 2.36
C THR G 97 43.11 19.79 2.97
N GLU G 98 42.09 20.53 2.60
CA GLU G 98 40.74 20.42 3.16
C GLU G 98 39.72 20.74 2.08
N VAL G 99 38.59 20.04 2.12
CA VAL G 99 37.43 20.37 1.32
C VAL G 99 36.70 21.48 2.09
N VAL G 100 36.34 22.55 1.40
CA VAL G 100 35.76 23.75 1.97
C VAL G 100 34.24 23.71 1.73
N GLY G 101 33.47 24.20 2.69
CA GLY G 101 32.03 24.30 2.50
C GLY G 101 31.25 23.02 2.76
N VAL G 102 31.83 22.08 3.51
CA VAL G 102 31.10 20.83 3.82
C VAL G 102 29.75 21.14 4.50
N SER G 103 29.74 22.12 5.39
CA SER G 103 28.50 22.47 6.11
C SER G 103 27.37 22.96 5.21
N SER G 104 27.69 23.40 4.00
CA SER G 104 26.68 23.80 3.02
C SER G 104 25.72 22.66 2.65
N LEU G 105 26.15 21.41 2.90
CA LEU G 105 25.32 20.25 2.64
C LEU G 105 24.25 20.01 3.70
N VAL G 106 24.30 20.78 4.79
CA VAL G 106 23.28 20.78 5.84
C VAL G 106 22.19 21.75 5.39
N ASN G 107 21.47 21.37 4.35
CA ASN G 107 20.48 22.23 3.73
C ASN G 107 19.46 21.33 3.06
N VAL G 108 18.27 21.30 3.62
CA VAL G 108 17.18 20.48 3.10
C VAL G 108 15.94 21.31 2.79
N HIS G 109 16.13 22.59 2.50
CA HIS G 109 14.99 23.46 2.11
C HIS G 109 15.14 24.05 0.70
N MET G 110 16.14 23.58 -0.07
CA MET G 110 16.28 24.02 -1.45
C MET G 110 15.15 23.45 -2.31
N ALA G 111 14.99 23.98 -3.52
CA ALA G 111 13.89 23.56 -4.39
C ALA G 111 14.23 22.20 -4.96
N THR G 112 13.86 21.15 -4.22
CA THR G 112 14.26 19.78 -4.55
C THR G 112 13.08 18.86 -4.38
N LYS G 113 13.19 17.64 -4.87
CA LYS G 113 12.29 16.56 -4.51
C LYS G 113 12.30 16.42 -3.00
N ARG G 114 11.20 15.97 -2.41
CA ARG G 114 11.15 15.91 -0.96
C ARG G 114 10.60 14.57 -0.45
N MET G 115 10.88 14.27 0.80
CA MET G 115 10.45 13.01 1.42
C MET G 115 8.99 13.03 1.85
N TYR G 116 8.45 11.83 2.05
CA TYR G 116 7.15 11.59 2.70
C TYR G 116 5.98 12.40 2.14
N ASP G 117 5.59 12.09 0.90
CA ASP G 117 4.35 12.66 0.32
C ASP G 117 4.30 14.17 0.42
N ASP G 118 5.41 14.80 0.07
CA ASP G 118 5.55 16.26 0.01
C ASP G 118 5.44 16.99 1.34
N LYS G 119 5.61 16.26 2.45
CA LYS G 119 5.57 16.87 3.78
C LYS G 119 6.95 16.93 4.44
N GLY G 120 7.89 16.13 3.94
CA GLY G 120 9.17 15.95 4.61
C GLY G 120 10.25 16.85 4.08
N ILE G 121 11.48 16.53 4.45
CA ILE G 121 12.63 17.33 4.06
C ILE G 121 12.88 17.29 2.55
N GLY G 122 13.45 18.35 2.03
CA GLY G 122 14.08 18.32 0.71
C GLY G 122 15.22 17.30 0.70
N PHE G 123 15.39 16.59 -0.40
CA PHE G 123 16.52 15.67 -0.54
C PHE G 123 17.80 16.48 -0.40
N PRO G 124 18.68 16.08 0.53
CA PRO G 124 20.00 16.71 0.52
C PRO G 124 20.81 16.26 -0.68
N VAL G 125 21.87 16.99 -0.99
CA VAL G 125 22.81 16.56 -2.01
C VAL G 125 23.37 15.21 -1.57
N GLU G 126 23.25 14.20 -2.43
CA GLU G 126 23.59 12.84 -2.07
C GLU G 126 23.93 12.03 -3.31
N GLY G 127 24.58 10.89 -3.10
CA GLY G 127 24.96 10.04 -4.20
C GLY G 127 26.47 9.97 -4.33
N MET G 128 26.92 9.74 -5.55
CA MET G 128 28.34 9.53 -5.86
C MET G 128 29.25 10.59 -5.27
N ASN G 129 30.34 10.14 -4.65
CA ASN G 129 31.39 11.01 -4.20
C ASN G 129 32.68 10.62 -4.87
N PHE G 130 33.42 11.61 -5.34
CA PHE G 130 34.72 11.39 -5.97
C PHE G 130 35.63 12.50 -5.47
N HIS G 131 36.74 12.12 -4.86
CA HIS G 131 37.65 13.08 -4.22
C HIS G 131 39.04 12.71 -4.60
N MET G 132 39.76 13.66 -5.19
CA MET G 132 41.15 13.39 -5.50
C MET G 132 41.92 14.69 -5.44
N PHE G 133 43.18 14.59 -5.04
CA PHE G 133 44.07 15.74 -5.21
C PHE G 133 45.46 15.26 -5.60
N ALA G 134 46.23 16.16 -6.20
CA ALA G 134 47.59 15.84 -6.59
C ALA G 134 48.44 17.09 -6.42
N VAL G 135 49.69 16.88 -6.00
CA VAL G 135 50.67 17.95 -5.88
C VAL G 135 51.93 17.46 -6.57
N GLY G 136 52.47 18.25 -7.49
CA GLY G 136 53.68 17.83 -8.17
C GLY G 136 54.53 18.92 -8.76
N GLY G 137 55.66 18.50 -9.29
CA GLY G 137 56.62 19.40 -9.93
C GLY G 137 56.49 19.44 -11.43
N GLU G 138 55.46 18.78 -11.94
CA GLU G 138 55.10 18.86 -13.35
C GLU G 138 53.62 18.53 -13.46
N PRO G 139 53.00 18.81 -14.64
CA PRO G 139 51.57 18.56 -14.75
C PRO G 139 51.23 17.08 -14.49
N LEU G 140 50.08 16.84 -13.90
CA LEU G 140 49.63 15.49 -13.64
C LEU G 140 49.54 14.75 -14.98
N GLU G 141 50.16 13.59 -15.05
CA GLU G 141 50.15 12.79 -16.27
C GLU G 141 48.91 11.91 -16.25
N LEU G 142 48.19 11.94 -17.37
CA LEU G 142 46.88 11.29 -17.48
C LEU G 142 46.88 10.11 -18.43
N GLN G 143 46.09 9.11 -18.06
CA GLN G 143 45.78 7.96 -18.89
C GLN G 143 44.32 8.05 -19.28
N PHE G 144 44.02 7.85 -20.55
CA PHE G 144 42.63 7.81 -21.03
C PHE G 144 42.02 6.44 -20.71
N LEU G 145 40.84 6.45 -20.14
CA LEU G 145 40.09 5.22 -19.93
C LEU G 145 38.63 5.60 -19.73
N THR G 146 37.76 5.01 -20.52
CA THR G 146 36.34 5.37 -20.51
C THR G 146 35.42 4.15 -20.43
N GLY G 147 34.22 4.37 -19.90
CA GLY G 147 33.18 3.35 -19.87
C GLY G 147 32.51 3.14 -21.23
N ASN G 148 32.67 4.10 -22.14
CA ASN G 148 32.11 4.00 -23.49
C ASN G 148 33.04 4.64 -24.51
N TYR G 149 33.68 3.83 -25.34
CA TYR G 149 34.66 4.39 -26.28
C TYR G 149 34.08 5.36 -27.30
N ARG G 150 32.77 5.26 -27.55
CA ARG G 150 32.08 6.06 -28.56
C ARG G 150 31.57 7.40 -28.05
N THR G 151 31.79 7.73 -26.78
CA THR G 151 31.28 8.98 -26.24
C THR G 151 31.76 10.15 -27.10
N ASP G 152 30.81 10.98 -27.50
CA ASP G 152 31.03 12.11 -28.40
C ASP G 152 31.03 13.39 -27.53
N TYR G 153 32.19 14.04 -27.44
CA TYR G 153 32.36 15.24 -26.63
C TYR G 153 32.21 16.55 -27.42
N SER G 154 31.73 16.45 -28.64
CA SER G 154 31.74 17.59 -29.56
C SER G 154 30.72 18.68 -29.23
N ALA G 155 29.86 18.48 -28.24
CA ALA G 155 28.98 19.57 -27.78
C ALA G 155 29.78 20.66 -27.06
N ASN G 156 30.98 20.32 -26.58
CA ASN G 156 31.86 21.30 -25.95
C ASN G 156 33.29 21.20 -26.46
N ASP G 157 33.62 22.03 -27.44
CA ASP G 157 34.94 21.99 -28.08
C ASP G 157 36.09 22.48 -27.19
N LYS G 158 35.77 22.97 -25.99
CA LYS G 158 36.79 23.33 -25.01
C LYS G 158 37.29 22.13 -24.16
N LEU G 159 36.59 21.01 -24.20
CA LEU G 159 37.06 19.81 -23.50
C LEU G 159 38.25 19.19 -24.23
N VAL G 160 39.25 18.76 -23.48
CA VAL G 160 40.40 18.11 -24.08
C VAL G 160 40.22 16.60 -24.02
N VAL G 161 40.08 16.02 -25.20
CA VAL G 161 39.84 14.59 -25.35
C VAL G 161 40.65 14.09 -26.52
N PRO G 162 40.78 12.76 -26.67
CA PRO G 162 41.60 12.30 -27.79
C PRO G 162 40.95 12.61 -29.14
N PRO G 163 41.77 12.73 -30.18
CA PRO G 163 41.23 13.04 -31.50
C PRO G 163 40.54 11.86 -32.18
N ILE G 164 40.89 10.62 -31.82
CA ILE G 164 40.25 9.43 -32.40
C ILE G 164 39.70 8.53 -31.31
N LYS G 165 38.72 7.72 -31.68
CA LYS G 165 38.07 6.80 -30.76
C LYS G 165 38.45 5.38 -31.14
N HIS G 166 38.59 4.52 -30.15
CA HIS G 166 38.86 3.12 -30.39
C HIS G 166 38.37 2.22 -29.25
N GLN G 167 37.94 1.02 -29.63
CA GLN G 167 37.34 0.05 -28.72
C GLN G 167 38.20 -0.27 -27.48
N SER G 168 39.51 -0.26 -27.69
CA SER G 168 40.46 -0.64 -26.65
C SER G 168 40.53 0.37 -25.48
N THR G 169 39.98 1.57 -25.67
CA THR G 169 40.03 2.59 -24.62
C THR G 169 39.05 2.35 -23.47
N GLN G 170 38.25 1.28 -23.56
CA GLN G 170 37.48 0.84 -22.42
C GLN G 170 38.34 0.03 -21.44
N GLY G 171 39.56 -0.27 -21.86
CA GLY G 171 40.62 -0.76 -20.97
C GLY G 171 41.76 0.24 -21.02
N LEU G 172 42.95 -0.21 -20.62
CA LEU G 172 44.13 0.64 -20.62
C LEU G 172 44.85 0.44 -21.95
N ASN G 173 44.89 1.49 -22.77
CA ASN G 173 45.69 1.53 -23.97
C ASN G 173 46.73 2.66 -23.80
N PRO G 174 47.99 2.31 -23.62
CA PRO G 174 49.01 3.32 -23.28
C PRO G 174 49.31 4.34 -24.39
N HIS G 175 48.76 4.14 -25.59
CA HIS G 175 48.87 5.13 -26.64
C HIS G 175 47.97 6.35 -26.41
N TYR G 176 47.06 6.29 -25.43
CA TYR G 176 46.13 7.39 -25.15
C TYR G 176 46.45 8.05 -23.80
N LYS G 177 47.31 9.06 -23.83
CA LYS G 177 47.71 9.77 -22.63
C LYS G 177 47.62 11.27 -22.84
N GLN G 178 47.77 12.03 -21.76
CA GLN G 178 47.76 13.50 -21.83
C GLN G 178 48.43 14.07 -20.58
N LYS G 179 48.54 15.39 -20.54
CA LYS G 179 49.02 16.11 -19.37
C LYS G 179 47.98 17.13 -18.93
N LEU G 180 47.70 17.18 -17.63
CA LEU G 180 46.70 18.10 -17.09
C LEU G 180 47.24 19.54 -17.03
N THR G 181 47.07 20.28 -18.12
CA THR G 181 47.67 21.62 -18.27
C THR G 181 46.62 22.73 -18.34
N LYS G 182 45.35 22.36 -18.20
CA LYS G 182 44.24 23.30 -18.33
C LYS G 182 43.16 23.00 -17.28
N ASP G 183 42.75 24.05 -16.55
CA ASP G 183 41.67 23.99 -15.59
C ASP G 183 40.33 23.86 -16.30
N GLY G 184 39.46 23.00 -15.76
CA GLY G 184 38.07 22.96 -16.22
C GLY G 184 37.91 22.43 -17.66
N ALA G 185 38.83 21.57 -18.09
CA ALA G 185 38.83 21.09 -19.48
C ALA G 185 38.98 19.58 -19.68
N PHE G 186 39.58 18.88 -18.72
CA PHE G 186 39.80 17.44 -18.83
C PHE G 186 38.70 16.68 -18.08
N PRO G 187 37.82 15.97 -18.81
CA PRO G 187 36.74 15.27 -18.09
C PRO G 187 37.26 14.19 -17.17
N VAL G 188 36.71 14.16 -15.96
CA VAL G 188 37.01 13.14 -14.99
C VAL G 188 36.62 11.75 -15.50
N GLU G 189 35.53 11.67 -16.25
CA GLU G 189 35.00 10.38 -16.71
C GLU G 189 35.90 9.62 -17.68
N CYS G 190 36.85 10.30 -18.33
CA CYS G 190 37.70 9.61 -19.28
C CYS G 190 39.21 9.78 -19.08
N TRP G 191 39.60 10.60 -18.10
CA TRP G 191 41.01 10.77 -17.79
C TRP G 191 41.26 10.43 -16.32
N CYS G 192 42.25 9.57 -16.05
CA CYS G 192 42.68 9.21 -14.70
C CYS G 192 44.19 9.40 -14.58
N PRO G 193 44.72 9.43 -13.34
CA PRO G 193 46.18 9.49 -13.24
C PRO G 193 46.86 8.29 -13.89
N ASP G 194 47.94 8.55 -14.64
CA ASP G 194 48.73 7.51 -15.29
C ASP G 194 49.71 6.95 -14.26
N PRO G 195 49.46 5.72 -13.76
CA PRO G 195 50.34 5.18 -12.74
C PRO G 195 51.74 4.80 -13.22
N SER G 196 51.92 4.68 -14.54
CA SER G 196 53.22 4.33 -15.11
C SER G 196 54.14 5.54 -15.21
N LYS G 197 53.62 6.74 -14.93
CA LYS G 197 54.44 7.95 -14.92
C LYS G 197 54.24 8.64 -13.59
N ASN G 198 54.08 9.97 -13.56
CA ASN G 198 53.89 10.70 -12.32
C ASN G 198 54.95 10.42 -11.24
N GLU G 199 56.19 10.23 -11.66
CA GLU G 199 57.28 10.02 -10.69
C GLU G 199 57.50 11.26 -9.82
N ASN G 200 57.11 12.44 -10.31
CA ASN G 200 57.38 13.70 -9.63
C ASN G 200 56.08 14.37 -9.14
N THR G 201 55.05 13.56 -8.92
CA THR G 201 53.77 14.03 -8.42
C THR G 201 53.31 13.01 -7.39
N ARG G 202 52.58 13.47 -6.38
CA ARG G 202 51.87 12.58 -5.47
C ARG G 202 50.38 12.79 -5.68
N TYR G 203 49.63 11.71 -5.88
CA TYR G 203 48.18 11.84 -6.00
C TYR G 203 47.44 10.83 -5.11
N TYR G 204 46.23 11.23 -4.71
CA TYR G 204 45.40 10.49 -3.76
C TYR G 204 43.96 10.64 -4.21
N GLY G 205 43.24 9.53 -4.32
CA GLY G 205 41.86 9.58 -4.81
C GLY G 205 40.97 8.52 -4.19
N SER G 206 39.69 8.80 -4.17
CA SER G 206 38.70 7.84 -3.71
C SER G 206 37.39 8.05 -4.46
N TYR G 207 36.66 6.95 -4.62
CA TYR G 207 35.36 6.98 -5.26
C TYR G 207 34.40 6.16 -4.41
N THR G 208 33.23 6.73 -4.14
CA THR G 208 32.14 5.99 -3.50
C THR G 208 30.91 6.19 -4.38
N GLY G 209 30.40 5.10 -4.93
CA GLY G 209 29.35 5.19 -5.94
C GLY G 209 27.94 4.97 -5.42
N GLY G 210 27.11 4.30 -6.23
CA GLY G 210 25.72 4.07 -5.84
C GLY G 210 24.84 5.24 -6.26
N GLN G 211 23.53 5.09 -6.09
CA GLN G 211 22.57 6.08 -6.58
C GLN G 211 22.31 7.28 -5.65
N SER G 212 22.03 6.99 -4.38
CA SER G 212 21.65 8.02 -3.39
C SER G 212 22.48 7.89 -2.12
N THR G 213 23.67 7.35 -2.28
CA THR G 213 24.56 7.06 -1.17
C THR G 213 24.84 8.28 -0.31
N PRO G 214 24.84 8.10 1.03
CA PRO G 214 25.20 9.23 1.90
C PRO G 214 26.63 9.69 1.65
N PRO G 215 26.82 11.00 1.42
CA PRO G 215 28.18 11.51 1.40
C PRO G 215 28.77 11.40 2.80
N VAL G 216 30.04 11.00 2.88
CA VAL G 216 30.77 10.94 4.15
C VAL G 216 32.00 11.82 4.00
N LEU G 217 32.03 12.93 4.73
CA LEU G 217 33.02 13.96 4.52
C LEU G 217 33.58 14.41 5.85
N GLN G 218 34.85 14.80 5.85
CA GLN G 218 35.48 15.36 7.05
C GLN G 218 36.17 16.65 6.69
N PHE G 219 36.34 17.51 7.69
CA PHE G 219 37.12 18.73 7.54
C PHE G 219 37.83 19.06 8.86
N THR G 220 39.10 19.43 8.77
CA THR G 220 39.88 19.77 9.94
C THR G 220 41.10 20.52 9.47
N ASN G 221 41.64 21.36 10.34
CA ASN G 221 42.87 22.09 10.04
C ASN G 221 44.09 21.50 10.73
N THR G 222 43.97 20.24 11.14
CA THR G 222 45.00 19.61 11.97
C THR G 222 45.79 18.49 11.30
N VAL G 223 45.52 18.18 10.03
CA VAL G 223 46.14 17.04 9.36
C VAL G 223 47.13 17.51 8.27
N THR G 224 48.35 16.97 8.35
CA THR G 224 49.42 17.23 7.38
C THR G 224 49.67 15.94 6.60
N THR G 225 49.66 16.03 5.27
CA THR G 225 49.98 14.90 4.40
C THR G 225 51.45 15.01 3.98
N VAL G 226 52.27 14.01 4.29
CA VAL G 226 53.68 14.00 3.90
C VAL G 226 53.79 13.68 2.41
N LEU G 227 54.55 14.48 1.67
CA LEU G 227 54.71 14.29 0.23
C LEU G 227 56.02 13.60 -0.16
N LEU G 228 56.88 13.33 0.82
CA LEU G 228 58.17 12.64 0.58
C LEU G 228 57.91 11.20 0.16
N ASP G 229 58.68 10.72 -0.80
CA ASP G 229 58.56 9.33 -1.26
C ASP G 229 59.38 8.39 -0.38
N GLU G 230 59.47 7.13 -0.78
CA GLU G 230 60.22 6.13 -0.01
C GLU G 230 61.69 6.50 0.22
N ASN G 231 62.26 7.30 -0.69
CA ASN G 231 63.66 7.76 -0.57
C ASN G 231 63.84 9.08 0.19
N GLY G 232 62.75 9.61 0.72
CA GLY G 232 62.78 10.85 1.48
C GLY G 232 62.78 12.07 0.58
N VAL G 233 62.30 11.92 -0.65
CA VAL G 233 62.33 13.00 -1.63
C VAL G 233 60.93 13.42 -2.06
N GLY G 234 60.65 14.70 -1.90
CA GLY G 234 59.37 15.25 -2.33
C GLY G 234 59.36 15.64 -3.81
N PRO G 235 58.18 16.01 -4.36
CA PRO G 235 58.10 16.57 -5.71
C PRO G 235 59.06 17.75 -5.89
N LEU G 236 59.80 17.74 -7.00
CA LEU G 236 60.82 18.76 -7.25
C LEU G 236 60.31 19.72 -8.32
N CYS G 237 60.37 21.02 -7.98
CA CYS G 237 59.74 22.07 -8.74
C CYS G 237 60.75 23.18 -8.99
N LYS G 238 60.72 23.73 -10.20
CA LYS G 238 61.50 24.90 -10.53
C LYS G 238 60.60 26.04 -11.02
N GLY G 239 60.80 27.21 -10.44
CA GLY G 239 60.29 28.44 -11.01
C GLY G 239 58.77 28.41 -11.09
N ASP G 240 58.29 28.62 -12.30
CA ASP G 240 56.87 28.60 -12.51
C ASP G 240 56.42 27.17 -12.73
N GLY G 241 56.39 26.40 -11.65
CA GLY G 241 56.15 24.99 -11.76
C GLY G 241 55.81 24.19 -10.52
N LEU G 242 54.97 24.73 -9.63
CA LEU G 242 54.26 23.90 -8.65
C LEU G 242 52.87 23.63 -9.21
N TYR G 243 52.50 22.36 -9.30
CA TYR G 243 51.24 21.96 -9.92
C TYR G 243 50.31 21.35 -8.88
N VAL G 244 49.09 21.87 -8.80
CA VAL G 244 48.11 21.41 -7.85
C VAL G 244 46.82 21.12 -8.63
N SER G 245 46.24 19.94 -8.39
CA SER G 245 45.06 19.50 -9.13
C SER G 245 44.09 18.80 -8.18
N CYS G 246 42.80 18.84 -8.50
CA CYS G 246 41.84 18.12 -7.66
C CYS G 246 40.50 17.96 -8.34
N CYS G 247 39.65 17.16 -7.71
CA CYS G 247 38.24 17.10 -8.01
C CYS G 247 37.52 16.63 -6.76
N ASP G 248 36.39 17.27 -6.44
CA ASP G 248 35.63 16.98 -5.22
C ASP G 248 34.15 17.02 -5.48
N ILE G 249 33.65 15.89 -5.95
CA ILE G 249 32.23 15.68 -6.23
C ILE G 249 31.60 15.13 -4.95
N VAL G 250 30.55 15.79 -4.47
CA VAL G 250 29.91 15.41 -3.22
C VAL G 250 28.51 14.82 -3.37
N GLY G 251 28.03 14.75 -4.60
CA GLY G 251 26.77 14.08 -4.89
C GLY G 251 25.98 14.83 -5.94
N PHE G 252 24.68 14.57 -5.98
CA PHE G 252 23.78 15.22 -6.91
C PHE G 252 22.69 15.98 -6.18
N LEU G 253 22.30 17.12 -6.75
CA LEU G 253 21.12 17.83 -6.32
C LEU G 253 19.96 17.32 -7.14
N VAL G 254 18.87 16.91 -6.47
CA VAL G 254 17.70 16.35 -7.13
C VAL G 254 16.59 17.40 -7.19
N GLY G 255 16.36 17.94 -8.38
CA GLY G 255 15.31 18.95 -8.58
C GLY G 255 13.91 18.41 -8.41
N LYS G 256 12.92 19.30 -8.36
CA LYS G 256 11.53 18.93 -8.12
C LYS G 256 11.01 17.82 -9.03
N ASP G 257 11.45 17.85 -10.29
CA ASP G 257 10.98 16.90 -11.30
C ASP G 257 11.83 15.64 -11.44
N GLY G 258 12.90 15.53 -10.65
CA GLY G 258 13.80 14.39 -10.72
C GLY G 258 15.05 14.67 -11.54
N ASP G 259 15.15 15.87 -12.11
CA ASP G 259 16.34 16.32 -12.83
C ASP G 259 17.50 16.44 -11.85
N MET G 260 18.68 16.02 -12.25
CA MET G 260 19.83 15.95 -11.34
C MET G 260 21.06 16.66 -11.86
N GLN G 261 21.82 17.24 -10.95
CA GLN G 261 23.04 17.97 -11.28
C GLN G 261 24.12 17.58 -10.28
N TYR G 262 25.32 17.39 -10.78
CA TYR G 262 26.47 17.22 -9.90
C TYR G 262 26.68 18.44 -9.02
N ARG G 263 27.14 18.21 -7.79
CA ARG G 263 27.57 19.28 -6.91
C ARG G 263 29.01 19.02 -6.49
N GLY G 264 29.86 20.03 -6.61
CA GLY G 264 31.23 19.98 -6.16
C GLY G 264 31.53 21.06 -5.16
N LEU G 265 32.65 20.86 -4.46
CA LEU G 265 33.11 21.80 -3.44
C LEU G 265 34.54 22.22 -3.71
N PRO G 266 34.92 23.41 -3.24
CA PRO G 266 36.30 23.84 -3.40
C PRO G 266 37.26 23.09 -2.48
N ARG G 267 38.54 23.15 -2.79
CA ARG G 267 39.57 22.54 -1.96
C ARG G 267 40.66 23.57 -1.68
N TYR G 268 41.09 23.60 -0.42
CA TYR G 268 42.16 24.47 0.04
C TYR G 268 43.44 23.68 0.14
N PHE G 269 44.56 24.33 -0.14
CA PHE G 269 45.91 23.73 0.02
C PHE G 269 46.88 24.67 0.71
N ASN G 270 47.69 24.12 1.61
CA ASN G 270 48.82 24.81 2.22
C ASN G 270 50.03 23.90 2.09
N ILE G 271 50.94 24.25 1.18
CA ILE G 271 52.07 23.39 0.82
C ILE G 271 53.37 23.98 1.35
N LEU G 272 54.14 23.17 2.05
CA LEU G 272 55.45 23.53 2.57
C LEU G 272 56.53 23.04 1.60
N LEU G 273 57.42 23.94 1.19
CA LEU G 273 58.53 23.57 0.32
C LEU G 273 59.87 23.97 0.93
N ARG G 274 60.90 23.21 0.56
CA ARG G 274 62.26 23.48 1.00
C ARG G 274 63.23 23.45 -0.19
N LYS G 275 64.35 24.14 -0.04
CA LYS G 275 65.35 24.20 -1.12
C LYS G 275 66.17 22.91 -1.19
N ARG G 276 66.35 22.40 -2.41
CA ARG G 276 67.10 21.17 -2.65
C ARG G 276 68.09 21.36 -3.80
N THR G 277 69.34 21.02 -3.55
CA THR G 277 70.37 21.04 -4.58
C THR G 277 70.22 19.78 -5.44
N VAL G 278 70.29 19.95 -6.77
CA VAL G 278 70.22 18.84 -7.71
C VAL G 278 71.34 18.99 -8.76
N ARG G 279 71.56 17.92 -9.53
CA ARG G 279 72.56 17.91 -10.59
C ARG G 279 72.03 18.62 -11.82
N ASN G 280 72.91 19.38 -12.47
CA ASN G 280 72.62 20.05 -13.73
C ASN G 280 73.44 19.43 -14.87
N ILE H 10 52.54 35.90 17.02
CA ILE H 10 52.98 35.80 18.44
C ILE H 10 54.24 34.95 18.56
N GLU H 11 55.32 35.55 19.05
CA GLU H 11 56.56 34.81 19.30
C GLU H 11 56.46 34.09 20.66
N VAL H 12 56.50 32.76 20.61
CA VAL H 12 56.30 31.93 21.78
C VAL H 12 57.62 31.62 22.47
N LEU H 13 57.64 31.73 23.79
CA LEU H 13 58.84 31.48 24.58
C LEU H 13 58.61 30.27 25.52
N ASN H 14 59.08 30.33 26.77
CA ASN H 14 59.06 29.15 27.64
C ASN H 14 57.74 28.98 28.40
N LEU H 15 57.53 27.76 28.88
CA LEU H 15 56.39 27.47 29.75
C LEU H 15 56.64 27.99 31.15
N VAL H 16 55.58 28.46 31.80
CA VAL H 16 55.64 28.88 33.21
C VAL H 16 55.37 27.67 34.09
N THR H 17 56.15 27.51 35.16
CA THR H 17 55.99 26.38 36.07
C THR H 17 55.42 26.83 37.43
N GLY H 18 55.04 25.86 38.24
CA GLY H 18 54.67 26.09 39.63
C GLY H 18 53.18 25.96 39.86
N PRO H 19 52.72 26.28 41.09
CA PRO H 19 51.28 26.28 41.38
C PRO H 19 50.53 27.26 40.47
N ASP H 20 49.30 26.90 40.12
CA ASP H 20 48.48 27.77 39.29
C ASP H 20 49.00 27.96 37.84
N SER H 21 50.01 27.19 37.42
CA SER H 21 50.50 27.27 36.06
C SER H 21 49.58 26.51 35.07
N ILE H 22 48.71 25.64 35.60
CA ILE H 22 47.73 24.88 34.81
C ILE H 22 46.34 25.26 35.30
N THR H 23 45.38 25.30 34.39
CA THR H 23 43.98 25.43 34.79
C THR H 23 43.11 24.61 33.85
N THR H 24 41.92 24.26 34.32
CA THR H 24 40.98 23.54 33.49
C THR H 24 39.67 24.28 33.42
N ILE H 25 39.06 24.29 32.23
CA ILE H 25 37.80 24.92 31.98
C ILE H 25 36.84 23.84 31.54
N GLU H 26 35.72 23.74 32.25
CA GLU H 26 34.69 22.76 31.94
C GLU H 26 33.41 23.51 31.58
N LEU H 27 32.77 23.10 30.49
CA LEU H 27 31.50 23.69 30.08
C LEU H 27 30.74 22.75 29.20
N TYR H 28 29.48 23.06 28.99
CA TYR H 28 28.69 22.42 27.94
C TYR H 28 28.04 23.52 27.11
N LEU H 29 27.66 23.16 25.89
CA LEU H 29 26.90 24.01 25.03
C LEU H 29 25.68 23.25 24.54
N ASN H 30 24.51 23.86 24.73
CA ASN H 30 23.27 23.29 24.22
C ASN H 30 23.11 23.58 22.75
N THR H 31 22.40 22.68 22.09
CA THR H 31 22.23 22.73 20.68
C THR H 31 21.36 23.92 20.26
N ARG H 32 21.61 24.40 19.05
CA ARG H 32 20.92 25.53 18.48
C ARG H 32 20.33 25.12 17.13
N MET H 33 19.29 24.30 17.20
CA MET H 33 18.64 23.73 16.00
C MET H 33 17.57 24.64 15.41
N GLY H 34 17.07 25.59 16.20
CA GLY H 34 16.13 26.56 15.72
C GLY H 34 15.10 27.00 16.76
N GLN H 35 14.63 26.05 17.55
CA GLN H 35 13.86 26.38 18.76
C GLN H 35 14.87 26.36 19.88
N ASN H 36 15.39 27.54 20.21
CA ASN H 36 16.54 27.70 21.08
C ASN H 36 16.19 28.29 22.45
N ASP H 37 14.90 28.32 22.77
CA ASP H 37 14.42 28.78 24.08
C ASP H 37 14.09 27.57 24.95
N GLU H 38 14.88 27.40 26.00
CA GLU H 38 14.80 26.23 26.90
C GLU H 38 13.49 26.16 27.70
N SER H 39 12.74 27.26 27.73
CA SER H 39 11.49 27.29 28.45
C SER H 39 10.28 26.89 27.60
N LYS H 40 10.48 26.67 26.30
CA LYS H 40 9.39 26.40 25.36
C LYS H 40 9.42 24.98 24.82
N ASP H 41 8.30 24.54 24.28
CA ASP H 41 8.21 23.22 23.70
C ASP H 41 9.17 23.07 22.51
N ASN H 42 9.54 21.84 22.21
CA ASN H 42 10.44 21.55 21.07
C ASN H 42 11.86 22.11 21.17
N TYR H 43 12.32 22.34 22.40
CA TYR H 43 13.69 22.74 22.64
C TYR H 43 14.62 21.64 22.13
N GLY H 44 15.68 22.06 21.44
CA GLY H 44 16.66 21.12 20.94
C GLY H 44 16.29 20.50 19.61
N TYR H 45 15.22 20.99 19.00
CA TYR H 45 14.83 20.62 17.66
C TYR H 45 14.65 21.89 16.83
N SER H 46 14.68 21.78 15.51
CA SER H 46 14.29 22.90 14.65
C SER H 46 12.77 22.97 14.60
N GLU H 47 12.28 24.10 14.09
CA GLU H 47 10.90 24.15 13.59
C GLU H 47 10.78 23.23 12.38
N LYS H 48 9.56 22.97 11.96
CA LYS H 48 9.31 22.08 10.82
C LYS H 48 10.01 22.57 9.57
N VAL H 49 10.67 21.66 8.87
CA VAL H 49 11.38 21.98 7.66
C VAL H 49 10.37 22.23 6.54
N THR H 50 10.60 23.32 5.79
CA THR H 50 9.83 23.63 4.58
C THR H 50 10.76 23.63 3.38
N VAL H 51 10.17 23.58 2.19
CA VAL H 51 10.94 23.39 0.97
C VAL H 51 10.57 24.45 -0.08
N ALA H 52 11.59 25.09 -0.62
CA ALA H 52 11.40 26.12 -1.64
C ALA H 52 10.68 25.58 -2.88
N ASN H 53 9.86 26.42 -3.50
CA ASN H 53 9.23 26.07 -4.79
C ASN H 53 10.19 26.23 -5.96
N SER H 54 11.12 27.17 -5.81
CA SER H 54 12.12 27.45 -6.83
C SER H 54 13.31 28.12 -6.12
N SER H 55 14.44 28.15 -6.80
CA SER H 55 15.65 28.65 -6.18
C SER H 55 15.62 30.16 -5.92
N ASP H 56 14.78 30.90 -6.65
CA ASP H 56 14.62 32.35 -6.41
C ASP H 56 13.48 32.70 -5.44
N GLN H 57 12.84 31.68 -4.87
CA GLN H 57 11.88 31.85 -3.78
C GLN H 57 12.25 30.89 -2.65
N ASP H 58 13.52 30.90 -2.27
CA ASP H 58 14.05 30.01 -1.24
C ASP H 58 14.24 30.82 0.04
N LYS H 59 13.20 30.80 0.88
CA LYS H 59 13.15 31.63 2.07
C LYS H 59 12.81 30.77 3.29
N PRO H 60 13.83 30.24 3.99
CA PRO H 60 13.53 29.40 5.15
C PRO H 60 12.72 30.14 6.21
N THR H 61 11.77 29.43 6.82
CA THR H 61 10.97 29.99 7.88
C THR H 61 11.83 30.24 9.10
N SER H 62 11.38 31.14 9.97
CA SER H 62 12.12 31.42 11.19
C SER H 62 12.21 30.18 12.07
N GLY H 63 13.43 29.80 12.44
CA GLY H 63 13.65 28.66 13.32
C GLY H 63 13.83 27.29 12.67
N GLU H 64 13.83 27.19 11.35
CA GLU H 64 14.01 25.86 10.72
C GLU H 64 15.48 25.56 10.37
N ILE H 65 16.39 26.47 10.74
CA ILE H 65 17.77 26.50 10.28
C ILE H 65 18.72 26.32 11.46
N PRO H 66 19.51 25.23 11.48
CA PRO H 66 20.48 25.08 12.59
C PRO H 66 21.61 26.09 12.50
N THR H 67 22.12 26.50 13.67
CA THR H 67 23.18 27.49 13.74
C THR H 67 24.26 26.93 14.65
N TYR H 68 25.43 27.54 14.62
CA TYR H 68 26.50 27.13 15.50
C TYR H 68 26.26 27.53 16.95
N SER H 69 26.62 26.64 17.86
CA SER H 69 26.75 26.99 19.26
C SER H 69 28.14 27.59 19.49
N THR H 70 28.24 28.57 20.36
CA THR H 70 29.55 29.14 20.68
C THR H 70 29.49 29.85 22.02
N ALA H 71 30.65 29.92 22.68
CA ALA H 71 30.82 30.71 23.88
C ALA H 71 32.25 31.20 23.98
N ARG H 72 32.41 32.34 24.63
CA ARG H 72 33.70 32.85 25.05
C ARG H 72 33.77 32.70 26.56
N ILE H 73 34.82 32.07 27.06
CA ILE H 73 34.97 31.85 28.49
C ILE H 73 36.10 32.71 29.00
N ASN H 74 35.84 33.45 30.09
CA ASN H 74 36.85 34.30 30.71
C ASN H 74 37.81 33.42 31.48
N LEU H 75 39.10 33.62 31.25
CA LEU H 75 40.13 32.87 31.93
C LEU H 75 40.69 33.70 33.07
N PRO H 76 41.37 33.06 34.04
CA PRO H 76 41.98 33.82 35.12
C PRO H 76 42.91 34.91 34.57
N MET H 77 42.83 36.10 35.14
CA MET H 77 43.57 37.23 34.61
C MET H 77 45.07 36.99 34.82
N LEU H 78 45.85 37.33 33.81
CA LEU H 78 47.28 37.22 33.88
C LEU H 78 47.90 38.62 33.83
N ASN H 85 58.60 43.47 28.68
CA ASN H 85 59.27 42.73 27.62
C ASN H 85 58.48 41.50 27.18
N THR H 86 58.02 40.73 28.17
CA THR H 86 57.23 39.53 27.90
C THR H 86 55.86 39.63 28.54
N LEU H 87 54.94 38.81 28.04
CA LEU H 87 53.63 38.63 28.67
C LEU H 87 53.36 37.15 28.85
N THR H 88 52.38 36.84 29.67
CA THR H 88 51.96 35.47 29.86
C THR H 88 50.62 35.32 29.17
N MET H 89 50.43 34.20 28.48
CA MET H 89 49.13 33.88 27.91
C MET H 89 48.74 32.46 28.30
N TRP H 90 47.44 32.20 28.40
CA TRP H 90 46.94 30.84 28.53
C TRP H 90 47.01 30.16 27.18
N GLU H 91 47.52 28.94 27.21
CA GLU H 91 47.70 28.11 26.02
C GLU H 91 46.84 26.86 26.20
N ALA H 92 45.91 26.61 25.28
CA ALA H 92 45.07 25.42 25.39
C ALA H 92 45.87 24.19 24.89
N VAL H 93 45.98 23.18 25.74
CA VAL H 93 46.82 22.03 25.47
C VAL H 93 46.04 20.85 24.92
N SER H 94 44.87 20.61 25.48
CA SER H 94 44.08 19.46 25.12
C SER H 94 42.64 19.65 25.53
N VAL H 95 41.76 18.84 24.94
CA VAL H 95 40.35 18.93 25.27
C VAL H 95 39.80 17.52 25.31
N LYS H 96 38.96 17.24 26.31
CA LYS H 96 38.14 16.05 26.30
C LYS H 96 36.73 16.54 26.00
N THR H 97 36.14 16.02 24.92
CA THR H 97 34.82 16.46 24.50
C THR H 97 33.95 15.26 24.15
N GLU H 98 32.66 15.40 24.48
CA GLU H 98 31.69 14.33 24.30
CA GLU H 98 31.68 14.33 24.33
C GLU H 98 30.35 14.92 23.91
N VAL H 99 29.64 14.21 23.03
CA VAL H 99 28.25 14.51 22.75
C VAL H 99 27.44 13.88 23.88
N VAL H 100 26.52 14.66 24.45
CA VAL H 100 25.77 14.25 25.62
C VAL H 100 24.38 13.82 25.16
N GLY H 101 23.83 12.81 25.82
CA GLY H 101 22.47 12.39 25.55
C GLY H 101 22.28 11.48 24.35
N VAL H 102 23.35 10.81 23.94
CA VAL H 102 23.25 9.86 22.84
C VAL H 102 22.17 8.81 23.10
N SER H 103 22.09 8.34 24.34
CA SER H 103 21.12 7.30 24.72
C SER H 103 19.66 7.74 24.53
N SER H 104 19.42 9.05 24.48
CA SER H 104 18.07 9.57 24.24
C SER H 104 17.53 9.14 22.89
N LEU H 105 18.41 8.73 21.98
CA LEU H 105 18.00 8.27 20.66
C LEU H 105 17.44 6.85 20.67
N VAL H 106 17.56 6.16 21.81
CA VAL H 106 16.94 4.84 22.03
C VAL H 106 15.53 5.09 22.52
N ASN H 107 14.73 5.62 21.61
CA ASN H 107 13.34 5.96 21.89
C ASN H 107 12.57 5.87 20.59
N VAL H 108 11.66 4.90 20.53
CA VAL H 108 10.84 4.65 19.36
C VAL H 108 9.35 4.61 19.74
N HIS H 109 8.98 5.30 20.82
CA HIS H 109 7.56 5.41 21.20
C HIS H 109 7.04 6.85 21.14
N MET H 110 7.84 7.78 20.63
CA MET H 110 7.36 9.14 20.47
C MET H 110 6.33 9.21 19.33
N ALA H 111 5.58 10.31 19.30
CA ALA H 111 4.53 10.51 18.31
C ALA H 111 5.13 10.80 16.95
N THR H 112 5.37 9.72 16.20
CA THR H 112 6.14 9.77 14.96
C THR H 112 5.47 8.84 13.95
N LYS H 113 5.90 8.95 12.69
CA LYS H 113 5.59 7.92 11.73
C LYS H 113 6.09 6.58 12.29
N ARG H 114 5.49 5.48 11.86
CA ARG H 114 5.92 4.19 12.40
C ARG H 114 6.02 3.13 11.32
N MET H 115 6.75 2.07 11.65
CA MET H 115 7.00 0.97 10.73
C MET H 115 5.82 0.00 10.62
N TYR H 116 5.84 -0.79 9.54
CA TYR H 116 4.99 -1.97 9.34
C TYR H 116 3.49 -1.74 9.55
N ASP H 117 2.92 -0.90 8.71
CA ASP H 117 1.45 -0.73 8.64
C ASP H 117 0.88 -0.38 10.02
N ASP H 118 1.53 0.58 10.66
CA ASP H 118 1.13 1.14 11.94
C ASP H 118 1.16 0.16 13.12
N LYS H 119 1.96 -0.89 13.00
CA LYS H 119 2.11 -1.87 14.07
C LYS H 119 3.50 -1.87 14.68
N GLY H 120 4.48 -1.36 13.95
CA GLY H 120 5.87 -1.44 14.35
C GLY H 120 6.31 -0.25 15.18
N ILE H 121 7.63 -0.15 15.35
CA ILE H 121 8.20 0.94 16.12
C ILE H 121 7.97 2.30 15.49
N GLY H 122 7.98 3.34 16.31
CA GLY H 122 8.11 4.70 15.79
C GLY H 122 9.48 4.86 15.12
N PHE H 123 9.56 5.73 14.13
CA PHE H 123 10.84 5.98 13.47
C PHE H 123 11.76 6.63 14.50
N PRO H 124 12.97 6.05 14.68
CA PRO H 124 13.91 6.78 15.51
C PRO H 124 14.46 7.99 14.77
N VAL H 125 15.09 8.89 15.51
CA VAL H 125 15.72 10.05 14.91
C VAL H 125 16.80 9.50 13.99
N GLU H 126 16.76 9.90 12.73
CA GLU H 126 17.64 9.31 11.73
C GLU H 126 17.85 10.28 10.58
N GLY H 127 18.88 10.02 9.78
CA GLY H 127 19.20 10.86 8.67
C GLY H 127 20.52 11.58 8.88
N MET H 128 20.64 12.73 8.23
CA MET H 128 21.86 13.53 8.25
C MET H 128 22.49 13.70 9.62
N ASN H 129 23.81 13.51 9.69
CA ASN H 129 24.58 13.81 10.88
C ASN H 129 25.65 14.81 10.53
N PHE H 130 25.83 15.79 11.40
CA PHE H 130 26.84 16.81 11.21
C PHE H 130 27.41 17.10 12.57
N HIS H 131 28.72 16.92 12.73
CA HIS H 131 29.36 17.08 14.02
C HIS H 131 30.61 17.89 13.85
N MET H 132 30.70 18.99 14.59
CA MET H 132 31.91 19.77 14.56
C MET H 132 32.15 20.42 15.90
N PHE H 133 33.43 20.59 16.24
CA PHE H 133 33.78 21.42 17.36
C PHE H 133 35.07 22.17 17.06
N ALA H 134 35.29 23.25 17.80
CA ALA H 134 36.47 24.08 17.61
C ALA H 134 36.84 24.67 18.95
N VAL H 135 38.14 24.70 19.22
CA VAL H 135 38.67 25.36 20.40
C VAL H 135 39.77 26.29 19.95
N GLY H 136 39.69 27.54 20.40
CA GLY H 136 40.64 28.55 19.95
C GLY H 136 40.85 29.68 20.93
N GLY H 137 41.86 30.49 20.64
CA GLY H 137 42.21 31.68 21.44
C GLY H 137 41.58 32.97 20.93
N GLU H 138 40.69 32.84 19.96
CA GLU H 138 39.97 33.93 19.37
C GLU H 138 38.77 33.35 18.62
N PRO H 139 37.82 34.20 18.18
CA PRO H 139 36.65 33.63 17.54
C PRO H 139 37.00 32.81 16.30
N LEU H 140 36.25 31.74 16.09
CA LEU H 140 36.38 30.94 14.88
C LEU H 140 36.14 31.82 13.64
N GLU H 141 37.07 31.74 12.69
CA GLU H 141 36.98 32.50 11.47
C GLU H 141 36.22 31.71 10.42
N LEU H 142 35.26 32.37 9.79
CA LEU H 142 34.31 31.71 8.91
C LEU H 142 34.45 32.17 7.47
N GLN H 143 34.10 31.26 6.56
CA GLN H 143 34.02 31.51 5.13
C GLN H 143 32.58 31.24 4.74
N PHE H 144 32.00 32.14 3.96
CA PHE H 144 30.66 31.94 3.42
C PHE H 144 30.71 31.00 2.23
N LEU H 145 29.83 30.00 2.20
CA LEU H 145 29.66 29.13 1.03
C LEU H 145 28.30 28.50 1.16
N THR H 146 27.52 28.58 0.09
CA THR H 146 26.14 28.13 0.13
C THR H 146 25.77 27.31 -1.10
N GLY H 147 24.82 26.40 -0.91
CA GLY H 147 24.23 25.66 -2.01
C GLY H 147 23.33 26.49 -2.92
N ASN H 148 22.88 27.65 -2.44
CA ASN H 148 22.02 28.53 -3.22
C ASN H 148 22.28 29.98 -2.87
N TYR H 149 22.87 30.72 -3.80
CA TYR H 149 23.29 32.09 -3.50
C TYR H 149 22.11 33.01 -3.24
N ARG H 150 20.92 32.63 -3.71
CA ARG H 150 19.72 33.46 -3.59
C ARG H 150 18.95 33.27 -2.29
N THR H 151 19.37 32.34 -1.45
CA THR H 151 18.65 32.08 -0.21
C THR H 151 18.38 33.37 0.55
N ASP H 152 17.11 33.55 0.92
CA ASP H 152 16.61 34.74 1.58
C ASP H 152 16.44 34.42 3.07
N TYR H 153 17.24 35.06 3.92
CA TYR H 153 17.24 34.81 5.37
C TYR H 153 16.40 35.82 6.19
N SER H 154 15.63 36.65 5.51
CA SER H 154 14.93 37.77 6.15
C SER H 154 13.76 37.38 7.04
N ALA H 155 13.34 36.11 7.05
CA ALA H 155 12.32 35.66 8.00
C ALA H 155 12.81 35.73 9.45
N ASN H 156 14.13 35.72 9.64
CA ASN H 156 14.74 35.83 10.96
C ASN H 156 15.91 36.82 10.92
N ASP H 157 15.66 38.07 11.32
CA ASP H 157 16.71 39.09 11.30
C ASP H 157 17.76 38.92 12.41
N LYS H 158 17.61 37.93 13.28
CA LYS H 158 18.64 37.60 14.26
C LYS H 158 19.79 36.77 13.67
N LEU H 159 19.59 36.20 12.48
CA LEU H 159 20.67 35.43 11.84
C LEU H 159 21.73 36.41 11.32
N VAL H 160 22.98 35.99 11.35
CA VAL H 160 24.06 36.79 10.78
C VAL H 160 24.43 36.19 9.44
N VAL H 161 24.22 36.96 8.38
CA VAL H 161 24.52 36.56 7.01
C VAL H 161 25.05 37.78 6.27
N PRO H 162 25.64 37.58 5.07
CA PRO H 162 26.14 38.73 4.32
C PRO H 162 25.02 39.68 3.88
N PRO H 163 25.34 40.98 3.78
CA PRO H 163 24.35 41.99 3.38
C PRO H 163 24.03 41.97 1.88
N ILE H 164 24.87 41.33 1.07
CA ILE H 164 24.58 41.16 -0.36
C ILE H 164 24.75 39.72 -0.82
N LYS H 165 24.11 39.42 -1.94
CA LYS H 165 24.16 38.09 -2.55
C LYS H 165 24.86 38.14 -3.90
N HIS H 166 25.55 37.06 -4.25
CA HIS H 166 26.21 36.95 -5.55
C HIS H 166 26.40 35.50 -5.96
N GLN H 167 26.27 35.26 -7.27
CA GLN H 167 26.40 33.91 -7.85
C GLN H 167 27.64 33.14 -7.39
N SER H 168 28.75 33.86 -7.24
CA SER H 168 30.03 33.28 -6.91
C SER H 168 30.10 32.64 -5.52
N THR H 169 29.15 32.95 -4.64
CA THR H 169 29.15 32.36 -3.31
C THR H 169 28.70 30.88 -3.24
N GLN H 170 28.36 30.29 -4.38
CA GLN H 170 28.19 28.84 -4.46
C GLN H 170 29.52 28.11 -4.58
N GLY H 171 30.59 28.88 -4.79
CA GLY H 171 31.98 28.43 -4.60
C GLY H 171 32.62 29.25 -3.50
N LEU H 172 33.95 29.24 -3.46
CA LEU H 172 34.69 30.01 -2.46
C LEU H 172 34.98 31.39 -3.03
N ASN H 173 34.36 32.41 -2.44
CA ASN H 173 34.68 33.81 -2.75
C ASN H 173 35.26 34.44 -1.48
N PRO H 174 36.57 34.75 -1.50
CA PRO H 174 37.21 35.19 -0.25
C PRO H 174 36.75 36.56 0.26
N HIS H 175 35.92 37.26 -0.51
CA HIS H 175 35.35 38.53 -0.05
C HIS H 175 34.17 38.34 0.92
N TYR H 176 33.76 37.10 1.18
CA TYR H 176 32.63 36.83 2.05
C TYR H 176 33.10 36.00 3.25
N LYS H 177 33.49 36.69 4.30
CA LYS H 177 33.97 36.06 5.52
C LYS H 177 33.26 36.64 6.75
N GLN H 178 33.48 36.02 7.89
CA GLN H 178 32.94 36.50 9.16
C GLN H 178 33.71 35.85 10.31
N LYS H 179 33.36 36.22 11.53
CA LYS H 179 33.85 35.55 12.74
C LYS H 179 32.66 35.10 13.58
N LEU H 180 32.79 33.93 14.18
CA LEU H 180 31.71 33.33 14.95
C LEU H 180 31.67 33.98 16.33
N THR H 181 30.87 35.04 16.46
CA THR H 181 30.86 35.87 17.65
C THR H 181 29.54 35.85 18.40
N LYS H 182 28.56 35.08 17.91
CA LYS H 182 27.23 35.02 18.53
C LYS H 182 26.68 33.61 18.46
N ASP H 183 26.18 33.14 19.61
CA ASP H 183 25.58 31.82 19.74
C ASP H 183 24.22 31.82 19.06
N GLY H 184 23.90 30.74 18.37
CA GLY H 184 22.59 30.56 17.75
C GLY H 184 22.20 31.57 16.68
N ALA H 185 23.19 32.06 15.94
CA ALA H 185 22.97 33.12 14.95
C ALA H 185 23.59 32.91 13.57
N PHE H 186 24.64 32.10 13.49
CA PHE H 186 25.33 31.86 12.24
C PHE H 186 24.89 30.52 11.65
N PRO H 187 24.14 30.56 10.52
CA PRO H 187 23.69 29.28 9.96
C PRO H 187 24.81 28.37 9.48
N VAL H 188 24.69 27.10 9.85
CA VAL H 188 25.60 26.06 9.43
C VAL H 188 25.61 25.95 7.90
N GLU H 189 24.45 26.16 7.28
CA GLU H 189 24.29 25.93 5.86
C GLU H 189 25.08 26.88 4.98
N CYS H 190 25.51 28.01 5.53
CA CYS H 190 26.20 28.98 4.70
C CYS H 190 27.53 29.44 5.26
N TRP H 191 27.89 29.01 6.46
CA TRP H 191 29.18 29.39 7.05
C TRP H 191 29.97 28.14 7.41
N CYS H 192 31.23 28.09 6.99
CA CYS H 192 32.12 27.01 7.36
C CYS H 192 33.42 27.61 7.89
N PRO H 193 34.25 26.79 8.56
CA PRO H 193 35.53 27.31 8.96
C PRO H 193 36.34 27.78 7.77
N ASP H 194 37.03 28.91 7.93
CA ASP H 194 37.91 29.46 6.90
C ASP H 194 39.27 28.79 7.02
N PRO H 195 39.62 27.91 6.07
CA PRO H 195 40.89 27.21 6.17
C PRO H 195 42.12 28.08 5.91
N SER H 196 41.93 29.26 5.32
CA SER H 196 43.05 30.18 5.08
C SER H 196 43.39 31.04 6.30
N LYS H 197 42.57 30.95 7.35
CA LYS H 197 42.85 31.62 8.61
C LYS H 197 42.86 30.59 9.73
N ASN H 198 42.36 30.90 10.92
CA ASN H 198 42.24 29.95 12.01
C ASN H 198 43.57 29.35 12.46
N GLU H 199 44.63 30.17 12.41
CA GLU H 199 45.93 29.71 12.84
C GLU H 199 45.94 29.48 14.34
N ASN H 200 45.03 30.13 15.05
CA ASN H 200 44.96 30.08 16.51
C ASN H 200 43.75 29.33 17.05
N THR H 201 43.19 28.45 16.21
CA THR H 201 42.05 27.63 16.57
C THR H 201 42.27 26.23 15.97
N ARG H 202 41.76 25.19 16.63
CA ARG H 202 41.75 23.85 16.05
C ARG H 202 40.31 23.50 15.83
N TYR H 203 39.95 23.05 14.64
CA TYR H 203 38.58 22.58 14.40
C TYR H 203 38.56 21.19 13.75
N TYR H 204 37.46 20.48 14.01
CA TYR H 204 37.28 19.08 13.59
C TYR H 204 35.82 18.93 13.22
N GLY H 205 35.54 18.35 12.07
CA GLY H 205 34.18 18.24 11.63
C GLY H 205 33.94 17.04 10.77
N SER H 206 32.68 16.58 10.77
CA SER H 206 32.30 15.46 9.93
C SER H 206 30.87 15.63 9.49
N TYR H 207 30.56 15.10 8.31
CA TYR H 207 29.22 15.11 7.77
C TYR H 207 28.94 13.73 7.21
N THR H 208 27.78 13.16 7.59
CA THR H 208 27.25 11.97 6.93
C THR H 208 25.84 12.32 6.48
N GLY H 209 25.58 12.23 5.19
CA GLY H 209 24.31 12.69 4.64
C GLY H 209 23.32 11.59 4.40
N GLY H 210 22.55 11.75 3.31
CA GLY H 210 21.50 10.82 2.96
C GLY H 210 20.19 11.17 3.64
N GLN H 211 19.14 10.43 3.29
CA GLN H 211 17.77 10.77 3.72
C GLN H 211 17.40 10.22 5.10
N SER H 212 17.63 8.91 5.31
CA SER H 212 17.23 8.19 6.53
C SER H 212 18.41 7.43 7.13
N THR H 213 19.61 7.89 6.82
CA THR H 213 20.86 7.23 7.22
C THR H 213 20.93 6.96 8.72
N PRO H 214 21.35 5.76 9.12
CA PRO H 214 21.53 5.49 10.55
C PRO H 214 22.55 6.43 11.17
N PRO H 215 22.22 7.07 12.31
CA PRO H 215 23.23 7.83 13.03
C PRO H 215 24.22 6.85 13.64
N VAL H 216 25.49 7.18 13.59
CA VAL H 216 26.52 6.36 14.21
C VAL H 216 27.26 7.27 15.18
N LEU H 217 27.13 7.00 16.46
CA LEU H 217 27.58 7.92 17.51
C LEU H 217 28.31 7.15 18.60
N GLN H 218 29.33 7.79 19.19
CA GLN H 218 30.09 7.18 20.29
C GLN H 218 30.13 8.16 21.44
N PHE H 219 30.32 7.64 22.63
CA PHE H 219 30.51 8.48 23.81
C PHE H 219 31.42 7.77 24.80
N THR H 220 32.38 8.49 25.36
CA THR H 220 33.29 7.91 26.32
C THR H 220 33.94 9.03 27.09
N ASN H 221 34.45 8.74 28.29
CA ASN H 221 35.17 9.76 29.05
C ASN H 221 36.67 9.53 29.04
N THR H 222 37.13 8.75 28.08
CA THR H 222 38.51 8.27 28.07
C THR H 222 39.39 8.85 26.95
N VAL H 223 38.84 9.73 26.12
CA VAL H 223 39.58 10.23 24.95
C VAL H 223 39.98 11.70 25.09
N THR H 224 41.27 11.96 24.97
CA THR H 224 41.81 13.31 25.02
C THR H 224 42.25 13.70 23.62
N THR H 225 41.82 14.88 23.16
CA THR H 225 42.27 15.42 21.89
C THR H 225 43.34 16.47 22.15
N VAL H 226 44.53 16.24 21.58
CA VAL H 226 45.66 17.17 21.73
C VAL H 226 45.45 18.38 20.81
N LEU H 227 45.60 19.58 21.37
CA LEU H 227 45.38 20.82 20.62
C LEU H 227 46.70 21.49 20.20
N LEU H 228 47.83 20.95 20.62
CA LEU H 228 49.14 21.44 20.18
C LEU H 228 49.30 21.24 18.68
N ASP H 229 49.90 22.23 18.01
CA ASP H 229 50.15 22.13 16.57
C ASP H 229 51.46 21.42 16.31
N GLU H 230 51.88 21.40 15.06
CA GLU H 230 53.12 20.72 14.69
C GLU H 230 54.39 21.29 15.37
N ASN H 231 54.30 22.50 15.90
CA ASN H 231 55.42 23.10 16.65
C ASN H 231 55.30 22.95 18.16
N GLY H 232 54.33 22.16 18.61
CA GLY H 232 54.09 21.97 20.03
C GLY H 232 53.39 23.14 20.72
N VAL H 233 52.71 23.98 19.94
CA VAL H 233 52.03 25.16 20.46
C VAL H 233 50.51 25.04 20.31
N GLY H 234 49.78 25.27 21.39
CA GLY H 234 48.33 25.22 21.34
C GLY H 234 47.74 26.59 21.11
N PRO H 235 46.41 26.68 21.01
CA PRO H 235 45.78 27.99 20.88
C PRO H 235 46.16 28.90 22.03
N LEU H 236 46.53 30.13 21.70
CA LEU H 236 46.95 31.14 22.68
C LEU H 236 45.81 32.12 22.89
N CYS H 237 45.39 32.29 24.14
CA CYS H 237 44.11 32.94 24.42
C CYS H 237 44.27 34.44 24.54
N LYS H 238 43.92 35.12 23.47
CA LYS H 238 44.07 36.57 23.38
C LYS H 238 43.08 37.27 24.29
N GLY H 239 43.59 38.22 25.08
CA GLY H 239 42.78 38.91 26.08
C GLY H 239 42.13 37.99 27.11
N ASP H 240 42.80 36.87 27.41
CA ASP H 240 42.34 35.89 28.39
C ASP H 240 40.94 35.35 28.08
N GLY H 241 40.67 35.16 26.79
CA GLY H 241 39.40 34.60 26.32
C GLY H 241 39.66 33.28 25.61
N LEU H 242 38.89 32.26 25.99
CA LEU H 242 38.90 30.94 25.33
C LEU H 242 37.60 30.82 24.55
N TYR H 243 37.69 30.42 23.29
CA TYR H 243 36.52 30.33 22.41
C TYR H 243 36.24 28.88 22.05
N VAL H 244 35.01 28.46 22.31
CA VAL H 244 34.58 27.08 22.08
C VAL H 244 33.34 27.14 21.19
N SER H 245 33.32 26.31 20.16
CA SER H 245 32.23 26.34 19.19
C SER H 245 31.86 24.93 18.77
N CYS H 246 30.61 24.70 18.39
CA CYS H 246 30.24 23.36 17.94
C CYS H 246 28.89 23.34 17.24
N CYS H 247 28.64 22.19 16.62
CA CYS H 247 27.31 21.83 16.12
C CYS H 247 27.21 20.31 16.11
N ASP H 248 26.09 19.76 16.58
CA ASP H 248 25.91 18.30 16.64
C ASP H 248 24.49 17.93 16.26
N ILE H 249 24.29 17.75 14.96
CA ILE H 249 23.02 17.33 14.39
C ILE H 249 23.04 15.80 14.29
N VAL H 250 22.02 15.17 14.86
CA VAL H 250 21.99 13.71 14.92
C VAL H 250 20.90 13.10 14.02
N GLY H 251 20.12 13.95 13.34
CA GLY H 251 19.17 13.48 12.35
C GLY H 251 17.87 14.26 12.44
N PHE H 252 16.81 13.66 11.92
CA PHE H 252 15.50 14.28 11.92
C PHE H 252 14.50 13.44 12.67
N LEU H 253 13.58 14.12 13.36
CA LEU H 253 12.41 13.48 13.94
C LEU H 253 11.29 13.54 12.90
N VAL H 254 10.69 12.40 12.58
CA VAL H 254 9.65 12.33 11.54
C VAL H 254 8.29 12.26 12.20
N GLY H 255 7.53 13.35 12.12
CA GLY H 255 6.19 13.40 12.70
C GLY H 255 5.20 12.52 11.98
N LYS H 256 4.02 12.37 12.57
CA LYS H 256 2.98 11.47 12.06
C LYS H 256 2.65 11.73 10.61
N ASP H 257 2.61 13.00 10.23
CA ASP H 257 2.25 13.40 8.88
C ASP H 257 3.44 13.50 7.91
N GLY H 258 4.64 13.12 8.35
CA GLY H 258 5.85 13.19 7.51
C GLY H 258 6.58 14.51 7.66
N ASP H 259 6.03 15.45 8.42
CA ASP H 259 6.75 16.68 8.79
C ASP H 259 7.99 16.31 9.59
N MET H 260 9.09 17.02 9.33
CA MET H 260 10.39 16.66 9.91
C MET H 260 11.06 17.86 10.55
N GLN H 261 11.82 17.60 11.61
CA GLN H 261 12.58 18.60 12.36
C GLN H 261 13.98 18.07 12.62
N TYR H 262 14.98 18.93 12.51
CA TYR H 262 16.31 18.59 12.97
C TYR H 262 16.30 18.31 14.46
N ARG H 263 17.10 17.34 14.88
CA ARG H 263 17.40 17.09 16.26
C ARG H 263 18.89 17.28 16.49
N GLY H 264 19.23 18.06 17.51
CA GLY H 264 20.61 18.23 17.95
C GLY H 264 20.82 17.79 19.38
N LEU H 265 22.08 17.56 19.75
CA LEU H 265 22.44 17.17 21.10
C LEU H 265 23.49 18.13 21.64
N PRO H 266 23.57 18.28 22.97
CA PRO H 266 24.58 19.15 23.59
C PRO H 266 25.97 18.52 23.55
N ARG H 267 26.99 19.34 23.71
CA ARG H 267 28.36 18.88 23.75
C ARG H 267 29.04 19.40 25.01
N TYR H 268 29.79 18.50 25.65
CA TYR H 268 30.56 18.81 26.85
C TYR H 268 32.02 19.00 26.44
N PHE H 269 32.71 19.88 27.16
CA PHE H 269 34.13 20.15 26.93
C PHE H 269 34.86 20.24 28.26
N ASN H 270 36.03 19.60 28.34
CA ASN H 270 36.95 19.79 29.45
C ASN H 270 38.31 20.13 28.85
N ILE H 271 38.72 21.38 29.01
CA ILE H 271 39.89 21.90 28.32
C ILE H 271 40.96 22.20 29.36
N LEU H 272 42.17 21.70 29.08
CA LEU H 272 43.33 21.91 29.93
C LEU H 272 44.19 23.00 29.31
N LEU H 273 44.55 24.00 30.11
CA LEU H 273 45.36 25.10 29.64
C LEU H 273 46.56 25.28 30.54
N ARG H 274 47.63 25.85 29.97
CA ARG H 274 48.85 26.12 30.72
C ARG H 274 49.35 27.51 30.42
N LYS H 275 50.13 28.06 31.35
CA LYS H 275 50.66 29.40 31.16
C LYS H 275 51.88 29.34 30.24
N ARG H 276 51.87 30.22 29.25
CA ARG H 276 52.96 30.33 28.27
C ARG H 276 53.50 31.76 28.25
N THR H 277 54.81 31.90 28.31
CA THR H 277 55.45 33.18 28.12
C THR H 277 55.61 33.45 26.63
N VAL H 278 55.31 34.69 26.24
CA VAL H 278 55.42 35.14 24.85
C VAL H 278 56.08 36.52 24.84
N ARG H 279 56.54 36.98 23.68
CA ARG H 279 57.26 38.26 23.56
C ARG H 279 56.31 39.46 23.42
N ILE I 10 40.49 11.55 47.07
CA ILE I 10 41.46 10.55 47.61
C ILE I 10 42.89 10.91 47.20
N GLU I 11 43.79 11.00 48.18
CA GLU I 11 45.22 11.17 47.91
C GLU I 11 45.81 9.77 47.62
N VAL I 12 46.23 9.57 46.37
CA VAL I 12 46.74 8.29 45.90
C VAL I 12 48.24 8.19 46.13
N LEU I 13 48.67 7.15 46.84
CA LEU I 13 50.08 6.93 47.16
C LEU I 13 50.58 5.74 46.32
N ASN I 14 51.48 4.90 46.85
CA ASN I 14 52.16 3.93 46.01
C ASN I 14 51.40 2.61 45.86
N LEU I 15 51.74 1.86 44.84
CA LEU I 15 51.22 0.51 44.68
C LEU I 15 51.76 -0.37 45.77
N VAL I 16 50.95 -1.31 46.22
CA VAL I 16 51.43 -2.35 47.12
C VAL I 16 52.03 -3.45 46.25
N THR I 17 53.25 -3.85 46.56
CA THR I 17 53.95 -4.86 45.76
C THR I 17 53.86 -6.20 46.49
N GLY I 18 54.16 -7.27 45.76
CA GLY I 18 54.33 -8.58 46.34
C GLY I 18 53.25 -9.56 45.94
N PRO I 19 53.35 -10.79 46.44
CA PRO I 19 52.39 -11.81 46.07
C PRO I 19 50.97 -11.41 46.47
N ASP I 20 49.98 -11.86 45.71
CA ASP I 20 48.59 -11.58 46.05
C ASP I 20 48.21 -10.08 46.05
N SER I 21 49.01 -9.24 45.40
CA SER I 21 48.66 -7.82 45.29
C SER I 21 47.66 -7.56 44.15
N ILE I 22 47.33 -8.61 43.42
CA ILE I 22 46.39 -8.52 42.30
C ILE I 22 45.27 -9.52 42.51
N THR I 23 44.08 -9.15 42.04
CA THR I 23 42.93 -10.05 42.08
C THR I 23 42.06 -9.82 40.84
N THR I 24 41.24 -10.79 40.48
CA THR I 24 40.32 -10.60 39.36
C THR I 24 38.90 -10.87 39.81
N ILE I 25 37.97 -10.18 39.16
CA ILE I 25 36.56 -10.33 39.42
C ILE I 25 35.95 -10.69 38.06
N GLU I 26 35.21 -11.80 38.02
CA GLU I 26 34.52 -12.23 36.82
C GLU I 26 33.04 -12.27 37.08
N LEU I 27 32.27 -11.71 36.16
CA LEU I 27 30.83 -11.74 36.29
C LEU I 27 30.15 -11.48 34.96
N TYR I 28 28.83 -11.68 34.95
CA TYR I 28 28.01 -11.31 33.81
C TYR I 28 26.81 -10.50 34.29
N LEU I 29 26.27 -9.69 33.41
CA LEU I 29 25.03 -8.99 33.67
C LEU I 29 24.05 -9.36 32.57
N ASN I 30 22.89 -9.87 32.96
CA ASN I 30 21.82 -10.10 31.99
C ASN I 30 21.15 -8.79 31.59
N THR I 31 20.58 -8.81 30.40
CA THR I 31 19.98 -7.63 29.78
C THR I 31 18.68 -7.26 30.47
N ARG I 32 18.37 -5.96 30.47
CA ARG I 32 17.15 -5.45 31.05
C ARG I 32 16.36 -4.69 29.98
N MET I 33 15.72 -5.45 29.09
CA MET I 33 15.01 -4.85 27.97
C MET I 33 13.56 -4.48 28.27
N GLY I 34 13.01 -5.02 29.36
CA GLY I 34 11.66 -4.66 29.81
C GLY I 34 10.96 -5.83 30.46
N GLN I 35 11.07 -7.01 29.84
CA GLN I 35 10.66 -8.24 30.52
C GLN I 35 11.91 -8.80 31.20
N ASN I 36 12.05 -8.47 32.48
CA ASN I 36 13.29 -8.72 33.18
C ASN I 36 13.22 -9.85 34.21
N ASP I 37 12.16 -10.64 34.15
CA ASP I 37 11.94 -11.77 35.05
C ASP I 37 12.33 -13.04 34.30
N GLU I 38 13.40 -13.69 34.74
CA GLU I 38 13.93 -14.89 34.08
C GLU I 38 13.01 -16.11 34.10
N SER I 39 11.95 -16.06 34.91
CA SER I 39 10.99 -17.16 34.97
C SER I 39 9.82 -17.00 33.99
N LYS I 40 9.77 -15.88 33.27
CA LYS I 40 8.64 -15.61 32.38
C LYS I 40 9.02 -15.62 30.91
N ASP I 41 8.03 -15.88 30.05
CA ASP I 41 8.22 -15.83 28.61
C ASP I 41 8.73 -14.44 28.23
N ASN I 42 9.43 -14.36 27.12
CA ASN I 42 9.95 -13.08 26.63
C ASN I 42 11.05 -12.44 27.45
N TYR I 43 11.70 -13.22 28.30
CA TYR I 43 12.85 -12.74 29.04
C TYR I 43 13.93 -12.34 28.03
N GLY I 44 14.54 -11.20 28.27
CA GLY I 44 15.60 -10.70 27.39
C GLY I 44 15.10 -9.90 26.22
N TYR I 45 13.79 -9.62 26.21
CA TYR I 45 13.16 -8.79 25.21
C TYR I 45 12.33 -7.73 25.94
N SER I 46 11.97 -6.66 25.23
CA SER I 46 10.96 -5.77 25.76
C SER I 46 9.56 -6.32 25.48
N GLU I 47 8.56 -5.71 26.12
CA GLU I 47 7.17 -5.92 25.71
C GLU I 47 7.02 -5.21 24.36
N LYS I 48 5.92 -5.46 23.66
CA LYS I 48 5.69 -4.85 22.35
C LYS I 48 5.78 -3.32 22.44
N VAL I 49 6.48 -2.73 21.48
CA VAL I 49 6.60 -1.27 21.40
C VAL I 49 5.29 -0.64 20.96
N THR I 50 4.89 0.43 21.66
CA THR I 50 3.70 1.20 21.33
C THR I 50 4.14 2.62 20.99
N VAL I 51 3.29 3.35 20.28
CA VAL I 51 3.69 4.65 19.75
C VAL I 51 2.67 5.70 20.16
N ALA I 52 3.15 6.80 20.73
CA ALA I 52 2.26 7.86 21.22
C ALA I 52 1.40 8.45 20.10
N ASN I 53 0.12 8.73 20.40
CA ASN I 53 -0.73 9.47 19.47
C ASN I 53 -0.35 10.96 19.40
N SER I 54 0.23 11.46 20.48
CA SER I 54 0.53 12.89 20.61
C SER I 54 1.65 13.02 21.60
N SER I 55 2.48 14.06 21.46
CA SER I 55 3.60 14.24 22.37
C SER I 55 3.16 14.50 23.82
N ASP I 56 1.93 14.98 24.02
CA ASP I 56 1.36 15.14 25.37
C ASP I 56 0.56 13.90 25.85
N GLN I 57 0.59 12.83 25.05
CA GLN I 57 -0.01 11.54 25.42
C GLN I 57 1.02 10.44 25.18
N ASP I 58 2.24 10.69 25.64
CA ASP I 58 3.36 9.79 25.36
C ASP I 58 3.64 9.05 26.66
N LYS I 59 2.97 7.90 26.81
CA LYS I 59 2.98 7.14 28.04
C LYS I 59 3.33 5.69 27.70
N PRO I 60 4.64 5.36 27.72
CA PRO I 60 5.02 3.98 27.35
C PRO I 60 4.34 2.98 28.25
N THR I 61 3.96 1.83 27.69
CA THR I 61 3.40 0.75 28.47
C THR I 61 4.44 0.14 29.39
N SER I 62 3.98 -0.57 30.42
CA SER I 62 4.92 -1.18 31.35
C SER I 62 5.70 -2.30 30.65
N GLY I 63 7.02 -2.25 30.76
CA GLY I 63 7.88 -3.26 30.16
C GLY I 63 8.34 -3.01 28.75
N GLU I 64 7.97 -1.88 28.13
CA GLU I 64 8.47 -1.61 26.77
C GLU I 64 9.76 -0.76 26.70
N ILE I 65 10.34 -0.45 27.85
CA ILE I 65 11.43 0.51 28.00
C ILE I 65 12.71 -0.19 28.48
N PRO I 66 13.75 -0.22 27.64
CA PRO I 66 15.02 -0.77 28.13
C PRO I 66 15.64 0.09 29.23
N THR I 67 16.31 -0.57 30.17
CA THR I 67 16.99 0.09 31.27
C THR I 67 18.43 -0.40 31.37
N TYR I 68 19.24 0.31 32.13
CA TYR I 68 20.61 -0.12 32.37
C TYR I 68 20.67 -1.33 33.29
N SER I 69 21.63 -2.20 33.00
CA SER I 69 22.00 -3.28 33.89
C SER I 69 23.13 -2.74 34.78
N THR I 70 23.11 -3.11 36.05
CA THR I 70 24.16 -2.71 36.94
C THR I 70 24.28 -3.65 38.12
N ALA I 71 25.48 -3.71 38.69
CA ALA I 71 25.72 -4.42 39.93
C ALA I 71 26.88 -3.79 40.69
N ARG I 72 26.82 -3.92 42.01
CA ARG I 72 27.94 -3.61 42.90
C ARG I 72 28.49 -4.94 43.39
N ILE I 73 29.77 -5.16 43.14
CA ILE I 73 30.46 -6.39 43.54
C ILE I 73 31.33 -6.16 44.78
N ASN I 74 31.17 -7.03 45.78
CA ASN I 74 32.01 -6.98 46.98
C ASN I 74 33.40 -7.51 46.69
N LEU I 75 34.40 -6.73 47.09
CA LEU I 75 35.80 -7.10 46.95
C LEU I 75 36.36 -7.59 48.29
N PRO I 76 37.46 -8.35 48.25
CA PRO I 76 38.12 -8.71 49.52
C PRO I 76 38.48 -7.48 50.38
N MET I 77 38.07 -7.49 51.65
CA MET I 77 38.36 -6.37 52.56
C MET I 77 39.85 -6.37 52.88
N LEU I 78 40.45 -5.19 52.84
CA LEU I 78 41.89 -5.02 52.97
C LEU I 78 42.32 -4.51 54.33
N ASN I 79 41.45 -3.72 54.97
CA ASN I 79 41.86 -2.94 56.14
C ASN I 79 41.29 -3.45 57.46
N GLU I 80 42.19 -3.83 58.38
CA GLU I 80 41.80 -4.14 59.75
C GLU I 80 41.67 -2.82 60.53
N ASP I 81 42.80 -2.17 60.81
CA ASP I 81 42.80 -0.92 61.54
C ASP I 81 42.38 0.26 60.63
N LEU I 82 41.43 1.06 61.11
CA LEU I 82 40.94 2.24 60.38
C LEU I 82 41.45 3.57 60.95
N THR I 83 42.39 3.52 61.90
CA THR I 83 43.00 4.72 62.50
C THR I 83 44.43 4.96 61.99
N CYS I 84 44.87 4.17 61.01
CA CYS I 84 46.19 4.32 60.42
C CYS I 84 46.25 5.55 59.52
N ASN I 85 47.47 5.97 59.23
CA ASN I 85 47.74 7.12 58.37
C ASN I 85 47.34 6.86 56.92
N THR I 86 47.47 5.60 56.49
CA THR I 86 47.10 5.20 55.13
C THR I 86 46.15 4.01 55.17
N LEU I 87 45.48 3.79 54.05
CA LEU I 87 44.60 2.66 53.85
C LEU I 87 44.98 2.00 52.54
N THR I 88 44.46 0.79 52.31
CA THR I 88 44.67 0.12 51.04
C THR I 88 43.32 0.02 50.33
N MET I 89 43.31 0.37 49.05
CA MET I 89 42.13 0.23 48.20
C MET I 89 42.45 -0.65 47.01
N TRP I 90 41.42 -1.27 46.47
CA TRP I 90 41.54 -1.93 45.18
C TRP I 90 41.38 -0.90 44.06
N GLU I 91 42.25 -1.01 43.06
CA GLU I 91 42.29 -0.14 41.91
C GLU I 91 42.05 -1.01 40.67
N ALA I 92 40.97 -0.75 39.95
CA ALA I 92 40.71 -1.49 38.70
C ALA I 92 41.68 -1.06 37.61
N VAL I 93 42.41 -2.02 37.07
CA VAL I 93 43.48 -1.78 36.11
C VAL I 93 43.05 -1.96 34.65
N SER I 94 42.24 -2.98 34.42
CA SER I 94 41.83 -3.34 33.09
C SER I 94 40.63 -4.25 33.15
N VAL I 95 39.97 -4.38 32.01
CA VAL I 95 38.83 -5.26 31.90
C VAL I 95 38.81 -5.93 30.53
N LYS I 96 38.44 -7.19 30.53
CA LYS I 96 38.13 -7.91 29.32
C LYS I 96 36.61 -8.08 29.34
N THR I 97 35.93 -7.53 28.35
CA THR I 97 34.46 -7.59 28.32
C THR I 97 33.98 -8.04 26.95
N GLU I 98 32.92 -8.84 26.95
CA GLU I 98 32.36 -9.45 25.73
C GLU I 98 30.85 -9.47 25.82
N VAL I 99 30.20 -9.25 24.68
CA VAL I 99 28.77 -9.51 24.57
C VAL I 99 28.62 -11.02 24.36
N VAL I 100 27.70 -11.62 25.11
CA VAL I 100 27.48 -13.06 25.12
C VAL I 100 26.29 -13.43 24.26
N GLY I 101 26.37 -14.57 23.57
CA GLY I 101 25.22 -15.08 22.82
C GLY I 101 24.99 -14.40 21.49
N VAL I 102 26.02 -13.81 20.91
CA VAL I 102 25.88 -13.17 19.59
C VAL I 102 25.35 -14.20 18.56
N SER I 103 25.81 -15.45 18.67
CA SER I 103 25.41 -16.49 17.72
C SER I 103 23.91 -16.78 17.75
N SER I 104 23.22 -16.39 18.82
CA SER I 104 21.77 -16.59 18.90
C SER I 104 21.03 -15.79 17.85
N LEU I 105 21.70 -14.78 17.31
CA LEU I 105 21.13 -13.96 16.25
C LEU I 105 21.13 -14.64 14.88
N VAL I 106 21.77 -15.81 14.79
CA VAL I 106 21.74 -16.67 13.60
C VAL I 106 20.50 -17.56 13.72
N ASN I 107 19.36 -16.93 13.59
CA ASN I 107 18.10 -17.60 13.75
C ASN I 107 17.06 -16.86 12.94
N VAL I 108 16.54 -17.54 11.91
CA VAL I 108 15.58 -16.94 11.01
C VAL I 108 14.36 -17.84 10.81
N HIS I 109 14.11 -18.71 11.81
CA HIS I 109 12.92 -19.54 11.78
C HIS I 109 11.94 -19.26 12.93
N MET I 110 12.20 -18.22 13.73
CA MET I 110 11.26 -17.82 14.78
C MET I 110 9.99 -17.24 14.16
N ALA I 111 8.92 -17.17 14.94
CA ALA I 111 7.63 -16.72 14.47
C ALA I 111 7.67 -15.21 14.27
N THR I 112 8.06 -14.81 13.08
CA THR I 112 8.34 -13.43 12.72
C THR I 112 7.76 -13.11 11.34
N LYS I 113 7.79 -11.85 10.97
CA LYS I 113 7.53 -11.47 9.59
C LYS I 113 8.60 -12.13 8.73
N ARG I 114 8.29 -12.38 7.47
CA ARG I 114 9.28 -13.05 6.62
C ARG I 114 9.42 -12.39 5.26
N MET I 115 10.54 -12.67 4.61
CA MET I 115 10.87 -12.12 3.30
C MET I 115 10.14 -12.81 2.14
N TYR I 116 10.08 -12.11 1.01
CA TYR I 116 9.67 -12.65 -0.29
C TYR I 116 8.32 -13.39 -0.29
N ASP I 117 7.25 -12.64 -0.01
CA ASP I 117 5.87 -13.13 -0.13
C ASP I 117 5.66 -14.44 0.65
N ASP I 118 6.14 -14.43 1.89
CA ASP I 118 5.97 -15.54 2.82
C ASP I 118 6.70 -16.83 2.46
N LYS I 119 7.70 -16.74 1.59
CA LYS I 119 8.48 -17.90 1.20
C LYS I 119 9.91 -17.87 1.72
N GLY I 120 10.40 -16.67 2.06
CA GLY I 120 11.79 -16.49 2.51
C GLY I 120 12.01 -16.62 4.01
N ILE I 121 13.20 -16.20 4.45
CA ILE I 121 13.58 -16.31 5.84
C ILE I 121 12.71 -15.41 6.72
N GLY I 122 12.61 -15.78 7.99
CA GLY I 122 12.10 -14.87 9.00
C GLY I 122 13.08 -13.73 9.16
N PHE I 123 12.56 -12.55 9.50
CA PHE I 123 13.39 -11.39 9.69
C PHE I 123 14.29 -11.67 10.87
N PRO I 124 15.60 -11.53 10.68
CA PRO I 124 16.47 -11.63 11.84
C PRO I 124 16.31 -10.40 12.73
N VAL I 125 16.78 -10.51 13.95
CA VAL I 125 16.77 -9.36 14.85
C VAL I 125 17.62 -8.30 14.22
N GLU I 126 17.05 -7.10 14.05
CA GLU I 126 17.74 -6.06 13.30
C GLU I 126 17.26 -4.67 13.70
N GLY I 127 18.03 -3.66 13.31
CA GLY I 127 17.72 -2.30 13.65
C GLY I 127 18.70 -1.73 14.66
N MET I 128 18.19 -0.79 15.45
CA MET I 128 19.00 -0.03 16.39
C MET I 128 19.91 -0.88 17.26
N ASN I 129 21.17 -0.47 17.36
CA ASN I 129 22.10 -1.08 18.30
C ASN I 129 22.60 -0.04 19.26
N PHE I 130 22.64 -0.40 20.53
CA PHE I 130 23.16 0.51 21.55
C PHE I 130 23.98 -0.34 22.49
N HIS I 131 25.27 -0.01 22.64
CA HIS I 131 26.17 -0.80 23.45
C HIS I 131 26.94 0.14 24.34
N MET I 132 26.91 -0.12 25.64
CA MET I 132 27.69 0.70 26.54
C MET I 132 28.08 -0.16 27.72
N PHE I 133 29.26 0.11 28.28
CA PHE I 133 29.59 -0.45 29.57
C PHE I 133 30.39 0.56 30.36
N ALA I 134 30.41 0.35 31.67
CA ALA I 134 31.14 1.23 32.58
C ALA I 134 31.69 0.38 33.71
N VAL I 135 32.90 0.72 34.16
CA VAL I 135 33.52 0.10 35.32
C VAL I 135 34.01 1.23 36.20
N GLY I 136 33.61 1.20 37.47
CA GLY I 136 33.96 2.26 38.38
C GLY I 136 34.07 1.83 39.82
N GLY I 137 34.59 2.75 40.66
CA GLY I 137 34.73 2.49 42.08
C GLY I 137 33.61 3.08 42.91
N GLU I 138 32.54 3.47 42.23
CA GLU I 138 31.34 4.07 42.84
C GLU I 138 30.25 4.06 41.75
N PRO I 139 28.99 4.33 42.12
CA PRO I 139 27.95 4.28 41.08
C PRO I 139 28.19 5.23 39.89
N LEU I 140 27.80 4.78 38.70
CA LEU I 140 27.86 5.61 37.50
C LEU I 140 26.96 6.83 37.72
N GLU I 141 27.50 8.01 37.44
CA GLU I 141 26.74 9.25 37.58
C GLU I 141 26.04 9.58 36.27
N LEU I 142 24.75 9.92 36.39
CA LEU I 142 23.86 10.09 35.26
C LEU I 142 23.41 11.53 35.09
N GLN I 143 23.23 11.90 33.83
CA GLN I 143 22.58 13.14 33.43
C GLN I 143 21.27 12.80 32.73
N PHE I 144 20.20 13.52 33.09
CA PHE I 144 18.93 13.35 32.42
C PHE I 144 18.93 14.11 31.11
N LEU I 145 18.44 13.49 30.05
CA LEU I 145 18.22 14.16 28.78
C LEU I 145 17.29 13.30 27.99
N THR I 146 16.25 13.92 27.47
CA THR I 146 15.21 13.17 26.81
C THR I 146 14.79 13.79 25.47
N GLY I 147 14.30 12.95 24.56
CA GLY I 147 13.69 13.42 23.33
C GLY I 147 12.34 14.09 23.51
N ASN I 148 11.69 13.84 24.64
CA ASN I 148 10.39 14.43 24.92
C ASN I 148 10.23 14.68 26.41
N TYR I 149 10.23 15.95 26.81
CA TYR I 149 10.18 16.30 28.21
C TYR I 149 8.90 15.82 28.88
N ARG I 150 7.87 15.60 28.09
CA ARG I 150 6.55 15.24 28.59
C ARG I 150 6.30 13.76 28.79
N THR I 151 7.27 12.91 28.45
CA THR I 151 7.08 11.48 28.59
C THR I 151 6.58 11.13 29.98
N ASP I 152 5.52 10.31 30.01
CA ASP I 152 4.83 9.92 31.23
C ASP I 152 5.25 8.49 31.57
N TYR I 153 6.01 8.31 32.66
CA TYR I 153 6.54 6.99 33.03
C TYR I 153 5.69 6.26 34.05
N SER I 154 4.49 6.76 34.30
CA SER I 154 3.68 6.31 35.42
C SER I 154 3.02 4.94 35.20
N ALA I 155 3.15 4.34 34.02
CA ALA I 155 2.66 2.96 33.83
C ALA I 155 3.53 1.96 34.59
N ASN I 156 4.74 2.37 34.95
CA ASN I 156 5.64 1.53 35.73
C ASN I 156 6.33 2.36 36.80
N ASP I 157 5.79 2.31 38.01
CA ASP I 157 6.32 3.12 39.12
C ASP I 157 7.69 2.64 39.64
N LYS I 158 8.15 1.48 39.18
CA LYS I 158 9.47 0.98 39.52
C LYS I 158 10.60 1.65 38.71
N LEU I 159 10.29 2.37 37.65
CA LEU I 159 11.34 3.10 36.92
C LEU I 159 11.80 4.27 37.79
N VAL I 160 13.08 4.61 37.72
CA VAL I 160 13.62 5.76 38.40
C VAL I 160 13.76 6.91 37.40
N VAL I 161 12.95 7.94 37.59
CA VAL I 161 12.96 9.12 36.74
C VAL I 161 12.81 10.37 37.61
N PRO I 162 13.11 11.57 37.06
CA PRO I 162 13.02 12.74 37.90
C PRO I 162 11.59 13.01 38.36
N PRO I 163 11.45 13.63 39.53
CA PRO I 163 10.13 13.95 40.10
C PRO I 163 9.45 15.14 39.41
N ILE I 164 10.23 15.92 38.65
CA ILE I 164 9.75 17.12 37.99
C ILE I 164 10.00 17.00 36.49
N LYS I 165 9.08 17.52 35.69
CA LYS I 165 9.34 17.67 34.26
C LYS I 165 9.46 19.12 33.89
N HIS I 166 10.21 19.38 32.83
CA HIS I 166 10.41 20.73 32.36
C HIS I 166 10.92 20.70 30.92
N GLN I 167 10.49 21.71 30.19
CA GLN I 167 10.82 21.90 28.76
C GLN I 167 12.32 21.81 28.47
N SER I 168 13.11 22.30 29.41
CA SER I 168 14.56 22.40 29.22
C SER I 168 15.27 21.05 29.19
N THR I 169 14.62 19.97 29.60
CA THR I 169 15.27 18.67 29.69
C THR I 169 15.42 17.98 28.33
N GLN I 170 14.99 18.65 27.25
CA GLN I 170 15.30 18.17 25.91
C GLN I 170 16.70 18.60 25.49
N GLY I 171 17.29 19.50 26.26
CA GLY I 171 18.73 19.78 26.24
C GLY I 171 19.37 19.34 27.56
N LEU I 172 20.56 19.84 27.84
CA LEU I 172 21.24 19.50 29.08
C LEU I 172 20.87 20.55 30.13
N ASN I 173 20.14 20.11 31.14
CA ASN I 173 19.86 20.91 32.33
C ASN I 173 20.54 20.23 33.50
N PRO I 174 21.60 20.85 34.03
CA PRO I 174 22.45 20.22 35.05
C PRO I 174 21.75 20.05 36.40
N HIS I 175 20.52 20.54 36.54
CA HIS I 175 19.75 20.26 37.75
C HIS I 175 19.09 18.88 37.77
N TYR I 176 19.23 18.11 36.68
CA TYR I 176 18.60 16.81 36.59
C TYR I 176 19.67 15.73 36.49
N LYS I 177 20.06 15.18 37.62
CA LYS I 177 21.11 14.18 37.68
C LYS I 177 20.67 13.05 38.60
N GLN I 178 21.40 11.94 38.55
CA GLN I 178 21.13 10.80 39.40
C GLN I 178 22.39 9.92 39.43
N LYS I 179 22.32 8.86 40.21
CA LYS I 179 23.34 7.83 40.23
C LYS I 179 22.70 6.49 39.92
N LEU I 180 23.43 5.66 39.18
CA LEU I 180 22.90 4.37 38.76
C LEU I 180 23.05 3.35 39.89
N THR I 181 22.03 3.28 40.73
CA THR I 181 22.08 2.48 41.95
C THR I 181 21.16 1.25 41.95
N LYS I 182 20.42 1.05 40.86
CA LYS I 182 19.42 -0.03 40.80
C LYS I 182 19.42 -0.62 39.40
N ASP I 183 19.54 -1.94 39.33
CA ASP I 183 19.47 -2.69 38.08
C ASP I 183 18.05 -2.67 37.54
N GLY I 184 17.90 -2.57 36.22
CA GLY I 184 16.59 -2.73 35.58
C GLY I 184 15.58 -1.66 35.94
N ALA I 185 16.06 -0.44 36.19
CA ALA I 185 15.18 0.63 36.69
C ALA I 185 15.38 2.01 36.04
N PHE I 186 16.59 2.30 35.55
CA PHE I 186 16.91 3.59 34.95
C PHE I 186 16.77 3.48 33.43
N PRO I 187 15.76 4.14 32.84
CA PRO I 187 15.61 4.04 31.38
C PRO I 187 16.78 4.62 30.61
N VAL I 188 17.21 3.87 29.61
CA VAL I 188 18.25 4.32 28.72
C VAL I 188 17.85 5.59 27.97
N GLU I 189 16.57 5.66 27.56
CA GLU I 189 16.09 6.77 26.75
C GLU I 189 16.17 8.14 27.43
N CYS I 190 16.31 8.18 28.75
CA CYS I 190 16.36 9.50 29.42
C CYS I 190 17.55 9.75 30.35
N TRP I 191 18.40 8.74 30.54
CA TRP I 191 19.58 8.87 31.40
C TRP I 191 20.83 8.46 30.60
N CYS I 192 21.84 9.33 30.65
CA CYS I 192 23.12 9.06 30.01
C CYS I 192 24.25 9.33 30.99
N PRO I 193 25.46 8.84 30.69
CA PRO I 193 26.55 9.16 31.60
C PRO I 193 26.81 10.66 31.66
N ASP I 194 27.03 11.15 32.87
CA ASP I 194 27.31 12.55 33.13
C ASP I 194 28.80 12.80 32.89
N PRO I 195 29.14 13.51 31.80
CA PRO I 195 30.54 13.75 31.49
C PRO I 195 31.21 14.76 32.41
N SER I 196 30.42 15.56 33.14
CA SER I 196 30.97 16.50 34.10
C SER I 196 31.35 15.86 35.44
N LYS I 197 31.00 14.60 35.64
CA LYS I 197 31.40 13.86 36.84
C LYS I 197 32.12 12.57 36.39
N ASN I 198 31.89 11.46 37.07
CA ASN I 198 32.48 10.18 36.71
C ASN I 198 34.00 10.19 36.65
N GLU I 199 34.61 10.91 37.57
CA GLU I 199 36.06 10.93 37.66
C GLU I 199 36.63 9.59 38.07
N ASN I 200 35.81 8.75 38.71
CA ASN I 200 36.25 7.47 39.27
C ASN I 200 35.57 6.27 38.58
N THR I 201 35.12 6.50 37.35
CA THR I 201 34.50 5.49 36.49
C THR I 201 35.02 5.69 35.08
N ARG I 202 35.17 4.61 34.32
CA ARG I 202 35.40 4.71 32.89
C ARG I 202 34.19 4.16 32.18
N TYR I 203 33.71 4.86 31.16
CA TYR I 203 32.58 4.37 30.39
C TYR I 203 32.84 4.52 28.89
N TYR I 204 32.20 3.63 28.13
CA TYR I 204 32.37 3.51 26.69
C TYR I 204 31.00 3.16 26.11
N GLY I 205 30.59 3.85 25.07
CA GLY I 205 29.29 3.58 24.47
C GLY I 205 29.25 3.90 23.00
N SER I 206 28.34 3.24 22.31
CA SER I 206 28.09 3.50 20.90
C SER I 206 26.62 3.30 20.60
N TYR I 207 26.18 4.02 19.59
CA TYR I 207 24.81 3.91 19.09
C TYR I 207 24.87 3.84 17.57
N THR I 208 24.14 2.89 16.99
CA THR I 208 23.90 2.84 15.55
C THR I 208 22.41 2.75 15.36
N GLY I 209 21.82 3.74 14.72
CA GLY I 209 20.35 3.84 14.68
C GLY I 209 19.75 3.32 13.40
N GLY I 210 18.69 3.98 12.93
CA GLY I 210 18.00 3.57 11.71
C GLY I 210 16.95 2.53 12.01
N GLN I 211 16.19 2.13 10.99
CA GLN I 211 14.99 1.30 11.18
C GLN I 211 15.23 -0.22 11.22
N SER I 212 15.95 -0.71 10.21
CA SER I 212 16.22 -2.13 10.00
C SER I 212 17.70 -2.40 9.79
N THR I 213 18.52 -1.52 10.32
CA THR I 213 19.98 -1.55 10.14
C THR I 213 20.59 -2.86 10.57
N PRO I 214 21.52 -3.41 9.77
CA PRO I 214 22.21 -4.63 10.18
C PRO I 214 22.98 -4.46 11.49
N PRO I 215 22.74 -5.33 12.48
CA PRO I 215 23.61 -5.33 13.64
C PRO I 215 25.01 -5.76 13.23
N VAL I 216 26.03 -5.08 13.76
CA VAL I 216 27.42 -5.45 13.52
C VAL I 216 28.07 -5.69 14.89
N LEU I 217 28.42 -6.93 15.16
CA LEU I 217 28.85 -7.35 16.48
C LEU I 217 30.11 -8.20 16.38
N GLN I 218 30.94 -8.12 17.42
CA GLN I 218 32.16 -8.92 17.49
C GLN I 218 32.21 -9.55 18.85
N PHE I 219 32.89 -10.69 18.98
CA PHE I 219 33.10 -11.33 20.27
C PHE I 219 34.42 -12.06 20.27
N THR I 220 35.19 -11.90 21.32
CA THR I 220 36.48 -12.56 21.43
C THR I 220 36.89 -12.55 22.89
N ASN I 221 37.74 -13.51 23.28
CA ASN I 221 38.30 -13.53 24.63
C ASN I 221 39.74 -13.03 24.67
N THR I 222 40.14 -12.22 23.68
CA THR I 222 41.55 -11.87 23.53
C THR I 222 41.85 -10.37 23.69
N VAL I 223 40.83 -9.56 24.01
CA VAL I 223 40.98 -8.10 24.04
C VAL I 223 40.87 -7.53 25.46
N THR I 224 41.85 -6.71 25.82
CA THR I 224 41.92 -6.10 27.16
C THR I 224 41.76 -4.59 27.01
N THR I 225 40.86 -4.01 27.79
CA THR I 225 40.63 -2.57 27.80
C THR I 225 41.31 -2.02 29.05
N VAL I 226 42.22 -1.07 28.87
CA VAL I 226 42.96 -0.48 30.00
C VAL I 226 42.05 0.56 30.67
N LEU I 227 41.96 0.53 32.00
CA LEU I 227 41.10 1.46 32.76
C LEU I 227 41.88 2.59 33.45
N LEU I 228 43.20 2.55 33.36
CA LEU I 228 44.03 3.61 33.93
C LEU I 228 43.76 4.92 33.22
N ASP I 229 43.71 6.00 33.98
CA ASP I 229 43.53 7.34 33.39
C ASP I 229 44.88 7.90 32.94
N GLU I 230 44.88 9.17 32.53
CA GLU I 230 46.09 9.81 32.00
C GLU I 230 47.22 9.95 33.03
N ASN I 231 46.89 9.87 34.32
CA ASN I 231 47.89 9.88 35.37
C ASN I 231 48.28 8.47 35.83
N GLY I 232 47.82 7.45 35.11
CA GLY I 232 48.17 6.07 35.42
C GLY I 232 47.38 5.48 36.57
N VAL I 233 46.21 6.07 36.88
CA VAL I 233 45.41 5.61 38.01
C VAL I 233 44.05 5.08 37.57
N GLY I 234 43.72 3.87 38.00
CA GLY I 234 42.43 3.29 37.71
C GLY I 234 41.35 3.69 38.68
N PRO I 235 40.09 3.29 38.40
CA PRO I 235 39.02 3.46 39.36
C PRO I 235 39.40 2.87 40.72
N LEU I 236 39.17 3.64 41.79
CA LEU I 236 39.49 3.22 43.16
C LEU I 236 38.20 2.84 43.85
N CYS I 237 38.17 1.63 44.40
CA CYS I 237 36.93 1.00 44.84
C CYS I 237 36.56 1.39 46.28
N LYS I 238 35.77 2.44 46.36
CA LYS I 238 35.33 2.99 47.63
C LYS I 238 34.45 1.99 48.37
N GLY I 239 34.72 1.79 49.66
CA GLY I 239 33.97 0.82 50.46
C GLY I 239 34.10 -0.61 49.95
N ASP I 240 35.20 -0.91 49.26
CA ASP I 240 35.48 -2.22 48.70
C ASP I 240 34.34 -2.72 47.81
N GLY I 241 33.82 -1.80 47.01
CA GLY I 241 32.79 -2.11 46.04
C GLY I 241 33.27 -1.74 44.64
N LEU I 242 33.04 -2.64 43.70
CA LEU I 242 33.32 -2.42 42.28
C LEU I 242 31.98 -2.32 41.58
N TYR I 243 31.79 -1.28 40.76
CA TYR I 243 30.51 -1.03 40.11
C TYR I 243 30.66 -1.27 38.62
N VAL I 244 29.78 -2.11 38.10
CA VAL I 244 29.78 -2.49 36.70
CA VAL I 244 29.78 -2.44 36.68
C VAL I 244 28.39 -2.20 36.14
N SER I 245 28.33 -1.60 34.97
CA SER I 245 27.06 -1.21 34.35
C SER I 245 27.14 -1.44 32.86
N CYS I 246 26.00 -1.72 32.24
CA CYS I 246 26.00 -1.87 30.80
C CYS I 246 24.61 -1.82 30.21
N CYS I 247 24.56 -1.75 28.88
CA CYS I 247 23.36 -1.99 28.11
C CYS I 247 23.80 -2.46 26.74
N ASP I 248 23.15 -3.52 26.25
CA ASP I 248 23.46 -4.10 24.95
C ASP I 248 22.20 -4.45 24.17
N ILE I 249 21.70 -3.47 23.44
CA ILE I 249 20.55 -3.63 22.55
C ILE I 249 21.08 -4.04 21.19
N VAL I 250 20.59 -5.16 20.66
CA VAL I 250 21.07 -5.67 19.38
C VAL I 250 20.06 -5.52 18.25
N GLY I 251 18.87 -5.01 18.56
CA GLY I 251 17.89 -4.73 17.52
C GLY I 251 16.49 -5.04 17.98
N PHE I 252 15.59 -5.19 17.01
CA PHE I 252 14.20 -5.55 17.25
C PHE I 252 13.84 -6.89 16.63
N LEU I 253 13.01 -7.65 17.35
CA LEU I 253 12.34 -8.81 16.80
C LEU I 253 11.04 -8.32 16.19
N VAL I 254 10.81 -8.66 14.93
CA VAL I 254 9.61 -8.23 14.21
C VAL I 254 8.61 -9.40 14.12
N GLY I 255 7.50 -9.28 14.84
CA GLY I 255 6.51 -10.34 14.87
C GLY I 255 5.71 -10.40 13.58
N LYS I 256 4.91 -11.43 13.46
CA LYS I 256 4.19 -11.67 12.20
C LYS I 256 3.29 -10.53 11.76
N ASP I 257 2.71 -9.83 12.73
CA ASP I 257 1.81 -8.72 12.45
C ASP I 257 2.53 -7.36 12.37
N GLY I 258 3.85 -7.34 12.57
CA GLY I 258 4.60 -6.09 12.54
C GLY I 258 4.90 -5.51 13.93
N ASP I 259 4.38 -6.15 14.97
CA ASP I 259 4.67 -5.79 16.36
C ASP I 259 6.15 -6.03 16.63
N MET I 260 6.80 -5.11 17.33
CA MET I 260 8.24 -5.18 17.51
C MET I 260 8.64 -5.11 18.97
N GLN I 261 9.72 -5.81 19.32
CA GLN I 261 10.25 -5.83 20.67
C GLN I 261 11.76 -5.64 20.62
N TYR I 262 12.29 -4.84 21.53
CA TYR I 262 13.74 -4.81 21.74
C TYR I 262 14.29 -6.19 22.10
N ARG I 263 15.49 -6.48 21.60
CA ARG I 263 16.25 -7.66 21.99
C ARG I 263 17.59 -7.20 22.55
N GLY I 264 17.95 -7.72 23.72
CA GLY I 264 19.24 -7.46 24.32
C GLY I 264 20.02 -8.74 24.61
N LEU I 265 21.32 -8.60 24.85
CA LEU I 265 22.17 -9.74 25.15
C LEU I 265 22.97 -9.47 26.43
N PRO I 266 23.39 -10.53 27.13
CA PRO I 266 24.18 -10.33 28.32
C PRO I 266 25.60 -9.88 28.00
N ARG I 267 26.26 -9.34 29.00
CA ARG I 267 27.64 -8.90 28.89
C ARG I 267 28.46 -9.54 30.00
N TYR I 268 29.63 -10.06 29.64
CA TYR I 268 30.59 -10.65 30.55
C TYR I 268 31.72 -9.66 30.82
N PHE I 269 32.22 -9.67 32.05
CA PHE I 269 33.34 -8.83 32.49
C PHE I 269 34.36 -9.64 33.24
N ASN I 270 35.63 -9.41 32.92
CA ASN I 270 36.74 -9.95 33.68
C ASN I 270 37.66 -8.79 34.03
N ILE I 271 37.61 -8.37 35.29
CA ILE I 271 38.27 -7.15 35.72
C ILE I 271 39.48 -7.48 36.57
N LEU I 272 40.62 -6.90 36.21
CA LEU I 272 41.86 -7.06 36.96
C LEU I 272 42.01 -5.89 37.92
N LEU I 273 42.26 -6.17 39.19
CA LEU I 273 42.48 -5.11 40.18
C LEU I 273 43.79 -5.29 40.93
N ARG I 274 44.36 -4.17 41.37
CA ARG I 274 45.58 -4.19 42.15
C ARG I 274 45.41 -3.39 43.45
N LYS I 275 46.22 -3.73 44.44
CA LYS I 275 46.24 -2.99 45.71
C LYS I 275 46.97 -1.66 45.57
N ARG I 276 46.32 -0.61 46.05
CA ARG I 276 46.86 0.75 46.00
C ARG I 276 46.78 1.37 47.38
N THR I 277 47.87 1.96 47.84
CA THR I 277 47.88 2.69 49.10
C THR I 277 47.32 4.08 48.87
N VAL I 278 46.48 4.54 49.80
CA VAL I 278 45.92 5.88 49.75
C VAL I 278 45.99 6.51 51.15
N ARG I 279 45.93 7.83 51.21
CA ARG I 279 45.93 8.52 52.50
C ARG I 279 44.56 8.32 53.14
N ASN I 280 44.54 8.05 54.44
CA ASN I 280 43.29 7.94 55.18
C ASN I 280 42.64 9.33 55.32
N ASN J 9 45.88 -25.18 37.25
CA ASN J 9 46.34 -26.61 37.30
C ASN J 9 47.78 -26.78 36.80
N ILE J 10 48.05 -26.27 35.60
CA ILE J 10 49.34 -26.45 34.93
C ILE J 10 50.29 -25.28 35.27
N GLU J 11 51.44 -25.60 35.83
CA GLU J 11 52.48 -24.62 36.08
C GLU J 11 53.39 -24.57 34.87
N VAL J 12 53.44 -23.41 34.21
CA VAL J 12 54.20 -23.26 32.97
C VAL J 12 55.66 -22.91 33.28
N LEU J 13 56.58 -23.70 32.73
CA LEU J 13 58.02 -23.47 32.91
C LEU J 13 58.62 -22.99 31.58
N ASN J 14 59.86 -23.37 31.28
CA ASN J 14 60.54 -22.82 30.10
C ASN J 14 60.21 -23.52 28.77
N LEU J 15 60.52 -22.83 27.69
CA LEU J 15 60.47 -23.42 26.35
C LEU J 15 61.58 -24.44 26.19
N VAL J 16 61.35 -25.42 25.33
CA VAL J 16 62.36 -26.38 24.91
C VAL J 16 62.98 -25.84 23.61
N THR J 17 64.30 -25.83 23.49
CA THR J 17 64.97 -25.04 22.42
C THR J 17 65.46 -25.75 21.16
N GLY J 18 65.84 -27.02 21.26
CA GLY J 18 66.61 -27.67 20.18
C GLY J 18 65.90 -27.94 18.86
N PRO J 19 66.55 -28.70 17.96
CA PRO J 19 65.85 -29.11 16.75
C PRO J 19 64.63 -29.98 17.12
N ASP J 20 63.60 -29.93 16.26
CA ASP J 20 62.37 -30.69 16.49
C ASP J 20 61.48 -30.12 17.60
N SER J 21 61.81 -28.94 18.11
CA SER J 21 61.01 -28.31 19.19
C SER J 21 59.77 -27.60 18.65
N ILE J 22 59.65 -27.52 17.34
CA ILE J 22 58.53 -26.84 16.71
C ILE J 22 57.85 -27.73 15.70
N THR J 23 56.53 -27.57 15.55
CA THR J 23 55.80 -28.30 14.53
C THR J 23 54.65 -27.44 14.01
N THR J 24 54.13 -27.81 12.85
CA THR J 24 52.96 -27.15 12.30
C THR J 24 51.88 -28.16 11.99
N ILE J 25 50.65 -27.69 12.08
CA ILE J 25 49.49 -28.51 11.77
C ILE J 25 48.70 -27.73 10.73
N GLU J 26 48.38 -28.38 9.61
CA GLU J 26 47.61 -27.76 8.54
C GLU J 26 46.32 -28.54 8.36
N LEU J 27 45.19 -27.85 8.28
CA LEU J 27 43.92 -28.53 8.00
C LEU J 27 42.89 -27.58 7.43
N TYR J 28 41.80 -28.15 6.95
CA TYR J 28 40.63 -27.37 6.60
C TYR J 28 39.40 -28.03 7.21
N LEU J 29 38.37 -27.23 7.42
CA LEU J 29 37.08 -27.72 7.87
C LEU J 29 36.04 -27.24 6.88
N ASN J 30 35.26 -28.19 6.36
CA ASN J 30 34.13 -27.85 5.53
C ASN J 30 32.95 -27.38 6.36
N THR J 31 32.12 -26.57 5.74
CA THR J 31 31.00 -25.92 6.42
C THR J 31 29.91 -26.93 6.75
N ARG J 32 29.18 -26.63 7.82
CA ARG J 32 28.09 -27.49 8.28
C ARG J 32 26.79 -26.68 8.34
N MET J 33 26.26 -26.36 7.17
CA MET J 33 25.10 -25.47 7.08
C MET J 33 23.78 -26.24 7.25
N GLY J 34 23.81 -27.55 7.14
CA GLY J 34 22.62 -28.37 7.35
C GLY J 34 22.56 -29.58 6.44
N GLN J 35 22.84 -29.38 5.16
CA GLN J 35 23.08 -30.50 4.27
C GLN J 35 24.59 -30.77 4.30
N ASN J 36 24.98 -31.73 5.14
CA ASN J 36 26.40 -31.91 5.47
C ASN J 36 27.03 -33.16 4.88
N ASP J 37 26.33 -33.78 3.93
CA ASP J 37 26.78 -34.98 3.24
C ASP J 37 27.34 -34.60 1.85
N GLU J 38 28.64 -34.77 1.68
CA GLU J 38 29.31 -34.30 0.46
C GLU J 38 28.94 -35.06 -0.80
N SER J 39 28.22 -36.17 -0.66
CA SER J 39 27.80 -36.99 -1.79
C SER J 39 26.42 -36.57 -2.30
N LYS J 40 25.78 -35.62 -1.59
CA LYS J 40 24.42 -35.20 -1.93
C LYS J 40 24.33 -33.78 -2.46
N ASP J 41 23.27 -33.51 -3.22
CA ASP J 41 23.00 -32.16 -3.71
C ASP J 41 22.88 -31.20 -2.54
N ASN J 42 23.06 -29.91 -2.81
CA ASN J 42 22.95 -28.88 -1.79
C ASN J 42 23.99 -28.94 -0.68
N TYR J 43 25.09 -29.65 -0.90
CA TYR J 43 26.18 -29.65 0.06
C TYR J 43 26.73 -28.25 0.26
N GLY J 44 27.01 -27.88 1.51
CA GLY J 44 27.50 -26.56 1.81
C GLY J 44 26.41 -25.50 1.93
N TYR J 45 25.16 -25.94 1.86
CA TYR J 45 24.00 -25.11 2.11
C TYR J 45 23.14 -25.78 3.16
N SER J 46 22.23 -25.00 3.74
CA SER J 46 21.17 -25.57 4.55
C SER J 46 20.03 -26.04 3.65
N GLU J 47 19.15 -26.84 4.22
CA GLU J 47 17.85 -27.08 3.63
C GLU J 47 17.06 -25.77 3.68
N LYS J 48 15.96 -25.71 2.95
CA LYS J 48 15.17 -24.49 2.87
C LYS J 48 14.72 -24.04 4.26
N VAL J 49 14.82 -22.75 4.51
CA VAL J 49 14.42 -22.19 5.79
C VAL J 49 12.90 -22.18 5.85
N THR J 50 12.37 -22.58 7.01
CA THR J 50 10.96 -22.52 7.32
C THR J 50 10.79 -21.66 8.55
N VAL J 51 9.58 -21.18 8.77
CA VAL J 51 9.32 -20.18 9.79
C VAL J 51 8.17 -20.63 10.69
N ALA J 52 8.38 -20.58 12.00
CA ALA J 52 7.38 -20.99 12.99
C ALA J 52 6.09 -20.19 12.87
N ASN J 53 4.95 -20.84 13.09
CA ASN J 53 3.66 -20.14 13.16
C ASN J 53 3.50 -19.38 14.47
N SER J 54 4.11 -19.89 15.54
CA SER J 54 4.05 -19.27 16.86
C SER J 54 5.28 -19.74 17.62
N SER J 55 5.61 -19.03 18.69
CA SER J 55 6.82 -19.34 19.45
C SER J 55 6.74 -20.68 20.19
N ASP J 56 5.52 -21.17 20.43
CA ASP J 56 5.32 -22.48 21.06
C ASP J 56 5.21 -23.65 20.07
N GLN J 57 5.32 -23.35 18.78
CA GLN J 57 5.33 -24.36 17.72
C GLN J 57 6.51 -24.04 16.77
N ASP J 58 7.69 -23.88 17.36
CA ASP J 58 8.89 -23.47 16.63
C ASP J 58 9.78 -24.70 16.56
N LYS J 59 9.63 -25.45 15.47
CA LYS J 59 10.29 -26.73 15.31
C LYS J 59 11.02 -26.76 13.96
N PRO J 60 12.30 -26.38 13.93
CA PRO J 60 12.99 -26.32 12.66
C PRO J 60 13.00 -27.68 11.99
N THR J 61 12.88 -27.68 10.67
CA THR J 61 13.00 -28.92 9.93
C THR J 61 14.42 -29.45 9.99
N SER J 62 14.57 -30.75 9.71
CA SER J 62 15.87 -31.37 9.72
C SER J 62 16.73 -30.77 8.61
N GLY J 63 17.91 -30.32 8.97
CA GLY J 63 18.86 -29.79 8.00
C GLY J 63 18.78 -28.30 7.69
N GLU J 64 17.91 -27.54 8.37
CA GLU J 64 17.81 -26.11 8.09
C GLU J 64 18.64 -25.26 9.05
N ILE J 65 19.36 -25.93 9.95
CA ILE J 65 20.04 -25.31 11.09
C ILE J 65 21.57 -25.42 10.95
N PRO J 66 22.28 -24.28 10.82
CA PRO J 66 23.74 -24.39 10.81
C PRO J 66 24.32 -24.82 12.16
N THR J 67 25.43 -25.55 12.07
CA THR J 67 26.12 -26.01 13.27
C THR J 67 27.61 -25.70 13.16
N TYR J 68 28.31 -25.80 14.28
CA TYR J 68 29.74 -25.58 14.29
C TYR J 68 30.48 -26.72 13.61
N SER J 69 31.53 -26.35 12.87
CA SER J 69 32.55 -27.28 12.42
C SER J 69 33.61 -27.42 13.52
N THR J 70 34.12 -28.64 13.72
CA THR J 70 35.19 -28.85 14.70
C THR J 70 36.01 -30.09 14.39
N ALA J 71 37.26 -30.09 14.84
CA ALA J 71 38.11 -31.27 14.75
C ALA J 71 39.12 -31.26 15.87
N ARG J 72 39.47 -32.45 16.32
CA ARG J 72 40.59 -32.65 17.22
C ARG J 72 41.68 -33.23 16.38
N ILE J 73 42.86 -32.62 16.39
CA ILE J 73 44.02 -33.13 15.67
C ILE J 73 45.03 -33.74 16.64
N ASN J 74 45.47 -34.96 16.34
CA ASN J 74 46.53 -35.64 17.09
C ASN J 74 47.89 -35.02 16.81
N LEU J 75 48.62 -34.68 17.87
CA LEU J 75 49.94 -34.08 17.75
C LEU J 75 51.00 -35.16 17.95
N PRO J 76 52.26 -34.87 17.58
CA PRO J 76 53.31 -35.84 17.85
C PRO J 76 53.41 -36.16 19.33
N MET J 77 53.49 -37.44 19.66
CA MET J 77 53.48 -37.89 21.05
C MET J 77 54.72 -37.37 21.77
N LEU J 78 54.50 -36.91 23.00
CA LEU J 78 55.58 -36.41 23.82
C LEU J 78 55.73 -37.33 25.01
N THR J 86 58.64 -32.96 35.81
CA THR J 86 58.12 -32.15 34.71
C THR J 86 57.87 -32.98 33.46
N LEU J 87 57.01 -32.48 32.60
CA LEU J 87 56.81 -33.09 31.29
C LEU J 87 56.68 -32.01 30.22
N THR J 88 56.53 -32.43 28.97
CA THR J 88 56.45 -31.51 27.85
C THR J 88 55.02 -31.50 27.27
N MET J 89 54.56 -30.32 26.87
CA MET J 89 53.30 -30.17 26.16
C MET J 89 53.53 -29.29 24.93
N TRP J 90 52.74 -29.52 23.89
CA TRP J 90 52.71 -28.62 22.75
C TRP J 90 51.94 -27.38 23.11
N GLU J 91 52.48 -26.24 22.71
CA GLU J 91 51.87 -24.94 22.95
C GLU J 91 51.59 -24.32 21.59
N ALA J 92 50.33 -23.96 21.34
CA ALA J 92 49.98 -23.33 20.06
C ALA J 92 50.39 -21.85 20.12
N VAL J 93 51.22 -21.43 19.19
CA VAL J 93 51.82 -20.08 19.21
C VAL J 93 51.07 -19.11 18.34
N SER J 94 50.70 -19.54 17.14
CA SER J 94 50.05 -18.68 16.17
C SER J 94 49.26 -19.51 15.17
N VAL J 95 48.36 -18.85 14.47
CA VAL J 95 47.56 -19.50 13.45
C VAL J 95 47.41 -18.57 12.25
N LYS J 96 47.55 -19.14 11.06
CA LYS J 96 47.16 -18.47 9.84
C LYS J 96 45.87 -19.13 9.38
N THR J 97 44.82 -18.35 9.20
CA THR J 97 43.52 -18.92 8.84
C THR J 97 42.85 -18.04 7.81
N GLU J 98 42.13 -18.67 6.89
CA GLU J 98 41.48 -18.00 5.77
C GLU J 98 40.18 -18.70 5.46
N VAL J 99 39.21 -17.92 5.04
CA VAL J 99 38.00 -18.48 4.44
C VAL J 99 38.32 -18.82 2.98
N VAL J 100 37.91 -20.02 2.57
CA VAL J 100 38.22 -20.55 1.24
C VAL J 100 37.00 -20.41 0.35
N GLY J 101 37.24 -20.10 -0.92
CA GLY J 101 36.17 -20.06 -1.91
C GLY J 101 35.34 -18.79 -1.92
N VAL J 102 35.92 -17.69 -1.42
CA VAL J 102 35.22 -16.40 -1.45
C VAL J 102 34.81 -16.03 -2.88
N SER J 103 35.66 -16.32 -3.85
CA SER J 103 35.39 -15.99 -5.24
C SER J 103 34.17 -16.72 -5.83
N SER J 104 33.75 -17.83 -5.22
CA SER J 104 32.54 -18.53 -5.62
C SER J 104 31.28 -17.68 -5.50
N LEU J 105 31.36 -16.60 -4.70
CA LEU J 105 30.24 -15.68 -4.56
C LEU J 105 30.09 -14.71 -5.73
N VAL J 106 31.08 -14.70 -6.64
CA VAL J 106 31.00 -13.95 -7.88
C VAL J 106 30.25 -14.83 -8.88
N ASN J 107 28.96 -14.98 -8.64
CA ASN J 107 28.11 -15.86 -9.47
C ASN J 107 26.72 -15.32 -9.38
N VAL J 108 26.23 -14.80 -10.50
CA VAL J 108 24.87 -14.25 -10.56
C VAL J 108 24.05 -14.89 -11.69
N HIS J 109 24.44 -16.08 -12.11
CA HIS J 109 23.65 -16.82 -13.12
C HIS J 109 22.99 -18.09 -12.59
N MET J 110 23.09 -18.35 -11.28
CA MET J 110 22.40 -19.49 -10.69
C MET J 110 20.89 -19.31 -10.71
N ALA J 111 20.16 -20.40 -10.47
CA ALA J 111 18.70 -20.36 -10.52
C ALA J 111 18.16 -19.69 -9.28
N THR J 112 18.03 -18.38 -9.35
CA THR J 112 17.69 -17.56 -8.19
C THR J 112 16.67 -16.53 -8.64
N LYS J 113 16.09 -15.80 -7.70
CA LYS J 113 15.34 -14.60 -8.02
C LYS J 113 16.29 -13.68 -8.77
N ARG J 114 15.74 -12.80 -9.60
CA ARG J 114 16.58 -11.85 -10.32
C ARG J 114 16.11 -10.41 -10.24
N MET J 115 17.03 -9.51 -10.53
CA MET J 115 16.76 -8.08 -10.51
C MET J 115 15.98 -7.61 -11.75
N TYR J 116 15.35 -6.44 -11.62
CA TYR J 116 14.79 -5.65 -12.73
C TYR J 116 13.84 -6.43 -13.66
N ASP J 117 12.70 -6.83 -13.12
CA ASP J 117 11.60 -7.41 -13.91
C ASP J 117 12.09 -8.59 -14.77
N ASP J 118 12.83 -9.50 -14.14
CA ASP J 118 13.37 -10.71 -14.79
C ASP J 118 14.36 -10.49 -15.92
N LYS J 119 14.97 -9.30 -15.99
CA LYS J 119 15.98 -9.00 -17.02
C LYS J 119 17.39 -8.89 -16.47
N GLY J 120 17.54 -8.65 -15.17
CA GLY J 120 18.85 -8.39 -14.59
C GLY J 120 19.54 -9.60 -14.01
N ILE J 121 20.57 -9.36 -13.22
CA ILE J 121 21.32 -10.44 -12.59
C ILE J 121 20.48 -11.28 -11.64
N GLY J 122 20.88 -12.53 -11.46
CA GLY J 122 20.42 -13.34 -10.34
C GLY J 122 20.94 -12.74 -9.06
N PHE J 123 20.17 -12.84 -7.99
CA PHE J 123 20.60 -12.35 -6.69
C PHE J 123 21.84 -13.13 -6.27
N PRO J 124 22.92 -12.43 -5.92
CA PRO J 124 24.07 -13.15 -5.35
C PRO J 124 23.71 -13.62 -3.95
N VAL J 125 24.49 -14.56 -3.43
CA VAL J 125 24.37 -14.96 -2.03
C VAL J 125 24.58 -13.71 -1.17
N GLU J 126 23.60 -13.41 -0.33
CA GLU J 126 23.66 -12.17 0.44
C GLU J 126 22.87 -12.26 1.72
N GLY J 127 23.08 -11.28 2.59
CA GLY J 127 22.42 -11.25 3.88
C GLY J 127 23.39 -11.57 5.01
N MET J 128 22.86 -12.20 6.05
CA MET J 128 23.57 -12.43 7.30
C MET J 128 24.94 -13.06 7.11
N ASN J 129 25.96 -12.48 7.75
CA ASN J 129 27.29 -13.09 7.81
C ASN J 129 27.64 -13.40 9.25
N PHE J 130 28.20 -14.58 9.46
CA PHE J 130 28.63 -14.98 10.81
C PHE J 130 29.94 -15.73 10.64
N HIS J 131 30.97 -15.25 11.30
CA HIS J 131 32.31 -15.83 11.12
C HIS J 131 32.92 -15.97 12.47
N MET J 132 33.36 -17.18 12.78
CA MET J 132 34.05 -17.41 14.02
C MET J 132 35.03 -18.55 13.86
N PHE J 133 36.14 -18.43 14.59
CA PHE J 133 37.05 -19.55 14.73
C PHE J 133 37.64 -19.59 16.12
N ALA J 134 38.08 -20.78 16.53
CA ALA J 134 38.70 -21.00 17.82
C ALA J 134 39.82 -22.03 17.68
N VAL J 135 40.91 -21.78 18.38
CA VAL J 135 42.00 -22.72 18.48
C VAL J 135 42.30 -22.92 19.97
N GLY J 136 42.34 -24.18 20.41
CA GLY J 136 42.60 -24.47 21.82
C GLY J 136 43.23 -25.81 22.10
N GLY J 137 43.61 -26.01 23.35
CA GLY J 137 44.20 -27.26 23.79
C GLY J 137 43.22 -28.22 24.43
N GLU J 138 41.94 -27.91 24.29
CA GLU J 138 40.86 -28.76 24.79
C GLU J 138 39.63 -28.28 24.04
N PRO J 139 38.52 -29.02 24.13
CA PRO J 139 37.30 -28.62 23.44
C PRO J 139 36.81 -27.21 23.82
N LEU J 140 36.29 -26.49 22.83
CA LEU J 140 35.69 -25.18 23.06
C LEU J 140 34.54 -25.35 24.04
N GLU J 141 34.54 -24.53 25.07
CA GLU J 141 33.52 -24.62 26.10
C GLU J 141 32.37 -23.70 25.69
N LEU J 142 31.15 -24.24 25.76
CA LEU J 142 29.95 -23.55 25.28
C LEU J 142 28.99 -23.15 26.37
N GLN J 143 28.32 -22.03 26.13
CA GLN J 143 27.21 -21.52 26.95
C GLN J 143 25.95 -21.59 26.09
N PHE J 144 24.85 -22.13 26.63
CA PHE J 144 23.57 -22.13 25.93
C PHE J 144 22.94 -20.74 26.05
N LEU J 145 22.48 -20.20 24.91
CA LEU J 145 21.69 -18.97 24.90
C LEU J 145 20.90 -18.93 23.60
N THR J 146 19.59 -18.74 23.71
CA THR J 146 18.73 -18.82 22.54
C THR J 146 17.77 -17.63 22.47
N GLY J 147 17.34 -17.29 21.26
CA GLY J 147 16.27 -16.32 21.06
C GLY J 147 14.88 -16.84 21.41
N ASN J 148 14.70 -18.15 21.49
CA ASN J 148 13.43 -18.73 21.89
C ASN J 148 13.63 -19.98 22.73
N TYR J 149 13.28 -19.92 24.02
CA TYR J 149 13.56 -21.04 24.91
C TYR J 149 12.83 -22.32 24.54
N ARG J 150 11.73 -22.16 23.82
CA ARG J 150 10.85 -23.28 23.46
C ARG J 150 11.20 -23.96 22.15
N THR J 151 12.28 -23.56 21.49
CA THR J 151 12.63 -24.17 20.22
C THR J 151 12.75 -25.69 20.40
N ASP J 152 12.06 -26.40 19.51
CA ASP J 152 11.99 -27.86 19.56
C ASP J 152 12.93 -28.43 18.47
N TYR J 153 14.01 -29.10 18.89
CA TYR J 153 15.03 -29.60 17.97
C TYR J 153 14.81 -31.07 17.59
N SER J 154 13.66 -31.63 17.93
CA SER J 154 13.41 -33.07 17.81
C SER J 154 13.23 -33.58 16.38
N ALA J 155 13.19 -32.69 15.37
CA ALA J 155 13.20 -33.16 13.97
C ALA J 155 14.56 -33.77 13.59
N ASN J 156 15.61 -33.46 14.35
CA ASN J 156 16.92 -34.01 14.09
C ASN J 156 17.58 -34.39 15.42
N ASP J 157 17.51 -35.67 15.74
CA ASP J 157 18.04 -36.16 17.02
C ASP J 157 19.57 -36.18 17.09
N LYS J 158 20.23 -35.91 15.96
CA LYS J 158 21.69 -35.80 15.93
C LYS J 158 22.19 -34.46 16.47
N LEU J 159 21.30 -33.48 16.66
CA LEU J 159 21.71 -32.21 17.22
C LEU J 159 21.88 -32.34 18.72
N VAL J 160 22.89 -31.68 19.26
CA VAL J 160 23.17 -31.76 20.70
C VAL J 160 22.64 -30.49 21.32
N VAL J 161 21.64 -30.65 22.18
CA VAL J 161 20.97 -29.55 22.85
C VAL J 161 20.67 -29.96 24.28
N PRO J 162 20.32 -29.00 25.15
CA PRO J 162 19.99 -29.37 26.52
C PRO J 162 18.76 -30.30 26.61
N PRO J 163 18.68 -31.13 27.65
CA PRO J 163 17.55 -32.06 27.80
C PRO J 163 16.29 -31.41 28.41
N ILE J 164 16.45 -30.18 28.92
CA ILE J 164 15.38 -29.42 29.57
C ILE J 164 15.31 -28.03 28.93
N LYS J 165 14.12 -27.45 28.93
CA LYS J 165 13.92 -26.09 28.43
C LYS J 165 13.45 -25.18 29.57
N HIS J 166 13.92 -23.94 29.56
CA HIS J 166 13.51 -22.98 30.59
C HIS J 166 13.60 -21.55 30.08
N GLN J 167 12.65 -20.74 30.53
CA GLN J 167 12.55 -19.36 30.10
C GLN J 167 13.84 -18.58 30.23
N SER J 168 14.61 -18.90 31.27
CA SER J 168 15.85 -18.17 31.60
C SER J 168 16.93 -18.30 30.52
N THR J 169 16.82 -19.28 29.63
CA THR J 169 17.84 -19.50 28.61
C THR J 169 17.80 -18.48 27.49
N GLN J 170 16.86 -17.53 27.51
CA GLN J 170 16.91 -16.38 26.58
C GLN J 170 17.87 -15.32 27.10
N GLY J 171 18.36 -15.52 28.32
CA GLY J 171 19.54 -14.82 28.84
C GLY J 171 20.63 -15.83 29.14
N LEU J 172 21.60 -15.42 29.96
CA LEU J 172 22.69 -16.30 30.38
C LEU J 172 22.31 -17.04 31.67
N ASN J 173 22.11 -18.36 31.55
CA ASN J 173 21.93 -19.22 32.70
C ASN J 173 23.12 -20.17 32.76
N PRO J 174 23.99 -20.02 33.77
CA PRO J 174 25.22 -20.81 33.83
C PRO J 174 25.01 -22.29 34.07
N HIS J 175 23.79 -22.71 34.36
CA HIS J 175 23.50 -24.15 34.48
C HIS J 175 23.35 -24.84 33.13
N TYR J 176 23.41 -24.10 32.03
CA TYR J 176 23.25 -24.66 30.70
C TYR J 176 24.53 -24.47 29.89
N LYS J 177 25.42 -25.46 29.98
CA LYS J 177 26.71 -25.44 29.28
C LYS J 177 26.95 -26.76 28.55
N GLN J 178 27.99 -26.78 27.73
CA GLN J 178 28.40 -27.96 26.99
C GLN J 178 29.84 -27.74 26.54
N LYS J 179 30.38 -28.75 25.87
CA LYS J 179 31.67 -28.63 25.20
C LYS J 179 31.51 -29.08 23.76
N LEU J 180 32.21 -28.38 22.86
CA LEU J 180 32.11 -28.66 21.43
C LEU J 180 32.95 -29.88 21.06
N THR J 181 32.32 -31.05 21.17
CA THR J 181 32.99 -32.33 20.99
C THR J 181 32.58 -33.08 19.73
N LYS J 182 31.70 -32.51 18.91
CA LYS J 182 31.21 -33.19 17.72
C LYS J 182 30.99 -32.21 16.58
N ASP J 183 31.51 -32.57 15.41
CA ASP J 183 31.35 -31.77 14.21
C ASP J 183 29.90 -31.87 13.71
N GLY J 184 29.36 -30.74 13.24
CA GLY J 184 28.05 -30.73 12.60
C GLY J 184 26.88 -31.12 13.49
N ALA J 185 26.98 -30.82 14.78
CA ALA J 185 25.98 -31.24 15.75
C ALA J 185 25.49 -30.19 16.74
N PHE J 186 26.31 -29.18 17.03
CA PHE J 186 25.96 -28.12 17.95
C PHE J 186 25.42 -26.91 17.19
N PRO J 187 24.11 -26.60 17.33
CA PRO J 187 23.58 -25.45 16.57
C PRO J 187 24.20 -24.13 16.99
N VAL J 188 24.57 -23.31 16.00
CA VAL J 188 25.12 -22.01 16.33
C VAL J 188 24.05 -21.12 16.99
N GLU J 189 22.78 -21.33 16.64
CA GLU J 189 21.71 -20.48 17.15
C GLU J 189 21.47 -20.58 18.65
N CYS J 190 21.95 -21.65 19.29
CA CYS J 190 21.72 -21.79 20.73
C CYS J 190 22.98 -22.00 21.57
N TRP J 191 24.16 -22.11 20.92
CA TRP J 191 25.40 -22.31 21.64
C TRP J 191 26.42 -21.26 21.22
N CYS J 192 27.04 -20.63 22.20
CA CYS J 192 28.10 -19.66 21.95
C CYS J 192 29.30 -19.99 22.85
N PRO J 193 30.46 -19.39 22.57
CA PRO J 193 31.57 -19.60 23.49
C PRO J 193 31.24 -19.15 24.91
N ASP J 194 31.66 -19.94 25.88
CA ASP J 194 31.46 -19.59 27.27
C ASP J 194 32.59 -18.67 27.74
N PRO J 195 32.27 -17.38 27.95
CA PRO J 195 33.33 -16.44 28.31
C PRO J 195 33.89 -16.64 29.71
N SER J 196 33.17 -17.36 30.58
CA SER J 196 33.66 -17.64 31.95
C SER J 196 34.65 -18.78 32.01
N LYS J 197 34.81 -19.52 30.91
CA LYS J 197 35.79 -20.59 30.83
C LYS J 197 36.71 -20.29 29.65
N ASN J 198 37.10 -21.31 28.89
CA ASN J 198 37.98 -21.15 27.72
C ASN J 198 39.29 -20.45 28.02
N GLU J 199 39.83 -20.72 29.19
CA GLU J 199 41.15 -20.21 29.58
C GLU J 199 42.25 -20.77 28.66
N ASN J 200 42.00 -21.92 28.04
CA ASN J 200 43.01 -22.61 27.24
C ASN J 200 42.65 -22.68 25.74
N THR J 201 41.79 -21.75 25.31
CA THR J 201 41.32 -21.62 23.93
C THR J 201 41.26 -20.14 23.59
N ARG J 202 41.55 -19.79 22.34
CA ARG J 202 41.34 -18.42 21.86
C ARG J 202 40.24 -18.47 20.84
N TYR J 203 39.24 -17.61 20.97
CA TYR J 203 38.17 -17.53 19.95
C TYR J 203 37.93 -16.11 19.46
N TYR J 204 37.45 -16.02 18.22
CA TYR J 204 37.25 -14.75 17.51
C TYR J 204 36.00 -14.90 16.66
N GLY J 205 35.09 -13.94 16.77
CA GLY J 205 33.88 -14.02 16.02
C GLY J 205 33.29 -12.69 15.65
N SER J 206 32.48 -12.70 14.60
CA SER J 206 31.78 -11.52 14.17
C SER J 206 30.46 -11.92 13.58
N TYR J 207 29.51 -11.01 13.67
CA TYR J 207 28.17 -11.13 13.11
C TYR J 207 27.78 -9.82 12.43
N THR J 208 27.29 -9.93 11.20
CA THR J 208 26.68 -8.81 10.50
C THR J 208 25.31 -9.29 10.04
N GLY J 209 24.28 -8.63 10.53
CA GLY J 209 22.93 -9.13 10.31
C GLY J 209 22.22 -8.48 9.15
N GLY J 210 20.92 -8.30 9.33
CA GLY J 210 20.06 -7.69 8.32
C GLY J 210 19.57 -8.69 7.28
N GLN J 211 18.68 -8.22 6.40
CA GLN J 211 18.01 -9.11 5.45
C GLN J 211 18.80 -9.49 4.20
N SER J 212 19.31 -8.49 3.48
CA SER J 212 19.94 -8.67 2.16
C SER J 212 21.32 -8.00 2.14
N THR J 213 21.89 -7.85 3.32
CA THR J 213 23.15 -7.13 3.52
C THR J 213 24.29 -7.66 2.65
N PRO J 214 25.06 -6.75 2.03
CA PRO J 214 26.23 -7.20 1.28
C PRO J 214 27.21 -7.97 2.15
N PRO J 215 27.61 -9.19 1.76
CA PRO J 215 28.74 -9.82 2.43
C PRO J 215 30.02 -9.02 2.19
N VAL J 216 30.83 -8.85 3.24
CA VAL J 216 32.13 -8.17 3.15
C VAL J 216 33.16 -9.16 3.62
N LEU J 217 34.02 -9.63 2.72
CA LEU J 217 34.88 -10.76 2.99
C LEU J 217 36.27 -10.47 2.47
N GLN J 218 37.29 -10.97 3.16
CA GLN J 218 38.68 -10.85 2.67
C GLN J 218 39.34 -12.19 2.70
N PHE J 219 40.38 -12.35 1.89
CA PHE J 219 41.19 -13.58 1.89
C PHE J 219 42.61 -13.22 1.55
N THR J 220 43.55 -13.74 2.32
CA THR J 220 44.97 -13.52 2.05
C THR J 220 45.76 -14.62 2.74
N ASN J 221 46.97 -14.88 2.26
CA ASN J 221 47.87 -15.82 2.91
C ASN J 221 49.00 -15.14 3.67
N THR J 222 48.77 -13.89 4.06
CA THR J 222 49.81 -13.05 4.63
C THR J 222 49.57 -12.64 6.09
N VAL J 223 48.51 -13.12 6.70
CA VAL J 223 48.15 -12.66 8.05
C VAL J 223 48.30 -13.79 9.08
N THR J 224 49.06 -13.49 10.14
CA THR J 224 49.27 -14.40 11.25
C THR J 224 48.54 -13.85 12.49
N THR J 225 47.76 -14.70 13.12
CA THR J 225 47.09 -14.40 14.39
C THR J 225 47.92 -15.02 15.52
N VAL J 226 48.40 -14.19 16.45
CA VAL J 226 49.13 -14.67 17.62
C VAL J 226 48.15 -15.25 18.65
N LEU J 227 48.46 -16.43 19.17
CA LEU J 227 47.60 -17.12 20.13
C LEU J 227 48.10 -17.02 21.57
N LEU J 228 49.26 -16.39 21.76
CA LEU J 228 49.81 -16.18 23.10
C LEU J 228 48.90 -15.24 23.86
N ASP J 229 48.74 -15.50 25.16
CA ASP J 229 47.99 -14.61 26.03
C ASP J 229 48.88 -13.49 26.58
N GLU J 230 48.33 -12.73 27.52
CA GLU J 230 49.03 -11.61 28.12
C GLU J 230 50.28 -12.02 28.90
N ASN J 231 50.39 -13.29 29.29
CA ASN J 231 51.60 -13.80 29.94
C ASN J 231 52.59 -14.46 28.97
N GLY J 232 52.30 -14.40 27.67
CA GLY J 232 53.17 -14.98 26.66
C GLY J 232 52.98 -16.48 26.47
N VAL J 233 51.84 -17.02 26.90
CA VAL J 233 51.58 -18.46 26.87
C VAL J 233 50.39 -18.77 25.96
N GLY J 234 50.62 -19.66 25.00
CA GLY J 234 49.57 -20.10 24.10
C GLY J 234 48.77 -21.24 24.68
N PRO J 235 47.72 -21.65 23.97
CA PRO J 235 46.95 -22.83 24.38
C PRO J 235 47.86 -24.04 24.53
N LEU J 236 47.70 -24.77 25.64
CA LEU J 236 48.52 -25.94 25.94
C LEU J 236 47.71 -27.20 25.65
N CYS J 237 48.27 -28.09 24.84
CA CYS J 237 47.47 -29.15 24.26
C CYS J 237 47.44 -30.37 25.17
N LYS J 238 46.29 -30.53 25.84
CA LYS J 238 46.12 -31.60 26.82
C LYS J 238 45.92 -32.92 26.10
N GLY J 239 46.62 -33.94 26.55
CA GLY J 239 46.58 -35.25 25.92
C GLY J 239 47.04 -35.20 24.46
N ASP J 240 47.94 -34.25 24.15
CA ASP J 240 48.50 -34.08 22.81
C ASP J 240 47.41 -33.91 21.75
N GLY J 241 46.35 -33.18 22.09
CA GLY J 241 45.26 -32.87 21.18
C GLY J 241 45.17 -31.37 20.92
N LEU J 242 44.97 -31.00 19.66
CA LEU J 242 44.72 -29.63 19.24
C LEU J 242 43.30 -29.55 18.72
N TYR J 243 42.52 -28.57 19.21
CA TYR J 243 41.11 -28.46 18.87
C TYR J 243 40.90 -27.19 18.06
N VAL J 244 40.27 -27.36 16.90
CA VAL J 244 39.99 -26.26 16.00
C VAL J 244 38.49 -26.29 15.72
N SER J 245 37.86 -25.12 15.76
CA SER J 245 36.42 -25.01 15.58
C SER J 245 36.13 -23.77 14.75
N CYS J 246 35.05 -23.79 13.98
CA CYS J 246 34.68 -22.59 13.24
C CYS J 246 33.25 -22.61 12.72
N CYS J 247 32.83 -21.46 12.20
CA CYS J 247 31.59 -21.37 11.43
C CYS J 247 31.75 -20.16 10.53
N ASP J 248 31.38 -20.31 9.26
CA ASP J 248 31.50 -19.22 8.27
C ASP J 248 30.27 -19.16 7.37
N ILE J 249 29.27 -18.42 7.82
CA ILE J 249 28.05 -18.21 7.07
C ILE J 249 28.24 -16.93 6.25
N VAL J 250 28.01 -17.02 4.94
CA VAL J 250 28.23 -15.88 4.05
C VAL J 250 26.96 -15.26 3.45
N GLY J 251 25.82 -15.85 3.77
CA GLY J 251 24.52 -15.27 3.45
C GLY J 251 23.53 -16.34 3.06
N PHE J 252 22.52 -15.92 2.31
CA PHE J 252 21.49 -16.82 1.79
C PHE J 252 21.44 -16.81 0.28
N LEU J 253 21.15 -18.00 -0.25
CA LEU J 253 20.81 -18.17 -1.65
C LEU J 253 19.30 -18.04 -1.77
N VAL J 254 18.83 -17.14 -2.63
CA VAL J 254 17.41 -16.89 -2.78
C VAL J 254 16.92 -17.55 -4.06
N GLY J 255 16.17 -18.64 -3.90
CA GLY J 255 15.55 -19.35 -5.00
C GLY J 255 14.53 -18.54 -5.80
N LYS J 256 14.18 -19.05 -6.97
CA LYS J 256 13.26 -18.37 -7.87
C LYS J 256 11.95 -17.98 -7.21
N ASP J 257 11.46 -18.84 -6.32
CA ASP J 257 10.16 -18.61 -5.68
C ASP J 257 10.28 -17.93 -4.30
N GLY J 258 11.48 -17.53 -3.91
CA GLY J 258 11.69 -16.85 -2.63
C GLY J 258 12.18 -17.75 -1.50
N ASP J 259 12.25 -19.06 -1.75
CA ASP J 259 12.82 -20.03 -0.82
C ASP J 259 14.28 -19.73 -0.60
N MET J 260 14.73 -19.80 0.64
CA MET J 260 16.09 -19.39 0.98
C MET J 260 16.86 -20.46 1.74
N GLN J 261 18.17 -20.51 1.50
CA GLN J 261 19.06 -21.46 2.15
C GLN J 261 20.31 -20.74 2.62
N TYR J 262 20.78 -21.09 3.81
CA TYR J 262 22.11 -20.63 4.26
C TYR J 262 23.18 -21.15 3.31
N ARG J 263 24.20 -20.34 3.09
CA ARG J 263 25.42 -20.74 2.38
C ARG J 263 26.60 -20.50 3.29
N GLY J 264 27.45 -21.53 3.40
CA GLY J 264 28.66 -21.44 4.19
C GLY J 264 29.87 -21.77 3.33
N LEU J 265 31.04 -21.38 3.83
CA LEU J 265 32.29 -21.65 3.14
C LEU J 265 33.27 -22.36 4.08
N PRO J 266 34.22 -23.11 3.50
CA PRO J 266 35.21 -23.80 4.32
C PRO J 266 36.24 -22.83 4.90
N ARG J 267 36.95 -23.27 5.93
CA ARG J 267 38.03 -22.49 6.50
C ARG J 267 39.29 -23.33 6.61
N TYR J 268 40.42 -22.71 6.27
CA TYR J 268 41.75 -23.31 6.32
C TYR J 268 42.49 -22.79 7.55
N PHE J 269 43.32 -23.65 8.13
CA PHE J 269 44.14 -23.31 9.29
C PHE J 269 45.57 -23.82 9.13
N ASN J 270 46.56 -23.01 9.50
CA ASN J 270 47.94 -23.44 9.60
C ASN J 270 48.43 -22.97 10.96
N ILE J 271 48.58 -23.91 11.88
CA ILE J 271 48.90 -23.61 13.28
C ILE J 271 50.34 -23.96 13.61
N LEU J 272 51.07 -23.02 14.21
CA LEU J 272 52.45 -23.25 14.63
C LEU J 272 52.46 -23.58 16.11
N LEU J 273 53.11 -24.68 16.49
CA LEU J 273 53.23 -25.08 17.88
C LEU J 273 54.68 -25.27 18.29
N ARG J 274 54.92 -25.16 19.59
CA ARG J 274 56.26 -25.33 20.14
C ARG J 274 56.19 -26.11 21.42
N LYS J 275 57.31 -26.74 21.78
CA LYS J 275 57.36 -27.52 23.01
C LYS J 275 57.56 -26.63 24.21
N ARG J 276 56.78 -26.90 25.26
CA ARG J 276 56.83 -26.16 26.51
C ARG J 276 56.91 -27.13 27.68
N THR J 277 57.86 -26.87 28.58
CA THR J 277 58.00 -27.66 29.79
C THR J 277 56.95 -27.18 30.79
N VAL J 278 56.30 -28.14 31.45
CA VAL J 278 55.32 -27.83 32.48
C VAL J 278 55.50 -28.76 33.68
N ARG J 279 54.87 -28.41 34.80
CA ARG J 279 54.98 -29.21 36.04
C ARG J 279 53.59 -29.56 36.58
C1 GAL K . -55.48 20.17 -39.71
C2 GAL K . -56.94 20.43 -39.33
C3 GAL K . -57.05 21.55 -38.29
C4 GAL K . -56.14 21.25 -37.11
C5 GAL K . -54.73 21.16 -37.65
C6 GAL K . -53.72 20.96 -36.52
O1 GAL K . -55.40 18.93 -40.41
O2 GAL K . -57.69 20.77 -40.49
O3 GAL K . -58.39 21.70 -37.86
O4 GAL K . -56.47 20.01 -36.52
O5 GAL K . -54.64 20.08 -38.57
O6 GAL K . -52.47 20.87 -37.18
C1 SIA K . -51.30 20.94 -35.05
C2 SIA K . -51.48 20.20 -36.36
C3 SIA K . -50.22 20.21 -37.23
C4 SIA K . -49.16 19.26 -36.67
C5 SIA K . -49.70 17.89 -36.28
C6 SIA K . -50.94 18.03 -35.42
C7 SIA K . -51.61 16.71 -35.05
C8 SIA K . -52.86 16.89 -34.16
C9 SIA K . -53.02 15.85 -33.05
C10 SIA K . -48.00 16.11 -36.05
C11 SIA K . -47.02 15.48 -35.12
N5 SIA K . -48.69 17.13 -35.54
O1A SIA K . -51.82 20.49 -34.00
O1B SIA K . -50.65 22.01 -35.02
O4 SIA K . -48.20 19.06 -37.69
O6 SIA K . -51.89 18.84 -36.13
O7 SIA K . -51.97 16.10 -36.29
O8 SIA K . -52.76 18.12 -33.46
O9 SIA K . -52.28 16.26 -31.86
O10 SIA K . -48.10 15.70 -37.17
C1 SIA L . -58.38 28.73 -2.01
C2 SIA L . -58.42 29.61 -3.26
C3 SIA L . -57.24 30.59 -3.34
C4 SIA L . -55.90 29.92 -3.69
C5 SIA L . -56.01 28.94 -4.86
C6 SIA L . -57.22 28.03 -4.66
C7 SIA L . -57.46 27.07 -5.82
C8 SIA L . -58.71 26.21 -5.57
C9 SIA L . -58.63 24.86 -6.27
C10 SIA L . -53.86 28.32 -5.92
C11 SIA L . -52.75 27.31 -5.96
N5 SIA L . -54.82 28.11 -5.00
O1A SIA L . -58.73 27.53 -2.09
O1B SIA L . -58.02 29.22 -0.91
O2 SIA L . -59.66 30.34 -3.26
O4 SIA L . -54.93 30.92 -4.01
O6 SIA L . -58.41 28.82 -4.46
O7 SIA L . -57.56 27.79 -7.05
O8 SIA L . -58.89 25.97 -4.16
O9 SIA L . -57.88 23.90 -5.49
O10 SIA L . -53.86 29.28 -6.69
C1 GOL M . -56.53 -17.84 5.21
O1 GOL M . -57.68 -18.17 4.40
C2 GOL M . -56.83 -17.87 6.70
O2 GOL M . -57.99 -17.08 7.01
C3 GOL M . -55.65 -17.30 7.49
O3 GOL M . -55.98 -17.16 8.88
C1 SIA N . -65.93 -0.90 14.81
C2 SIA N . -66.26 0.57 14.99
C3 SIA N . -65.44 1.22 16.12
C4 SIA N . -63.97 1.43 15.74
C5 SIA N . -63.85 2.14 14.39
C6 SIA N . -64.68 1.40 13.35
C7 SIA N . -64.65 2.02 11.95
C8 SIA N . -65.61 1.32 11.00
C9 SIA N . -65.26 1.58 9.54
C10 SIA N . -61.67 3.25 14.08
C11 SIA N . -60.28 3.09 13.52
N5 SIA N . -62.47 2.18 13.91
O1A SIA N . -65.89 -1.62 15.84
O1B SIA N . -65.74 -1.36 13.65
O2 SIA N . -67.66 0.66 15.33
O4 SIA N . -63.33 2.19 16.76
O6 SIA N . -66.06 1.31 13.78
O7 SIA N . -64.95 3.41 12.03
O8 SIA N . -65.56 -0.10 11.22
O9 SIA N . -64.18 0.69 9.15
O10 SIA N . -62.03 4.26 14.67
C1 SIA O . -53.89 -13.63 -39.30
C2 SIA O . -54.60 -14.90 -38.86
C3 SIA O . -53.69 -16.14 -38.95
C4 SIA O . -52.60 -16.17 -37.87
C5 SIA O . -53.17 -15.93 -36.47
C6 SIA O . -54.07 -14.69 -36.48
C7 SIA O . -54.76 -14.42 -35.14
C8 SIA O . -55.78 -13.27 -35.23
C9 SIA O . -56.13 -12.67 -33.86
C10 SIA O . -51.80 -16.71 -34.55
C11 SIA O . -50.82 -16.31 -33.48
N5 SIA O . -52.13 -15.76 -35.46
O1A SIA O . -54.12 -12.55 -38.70
O1B SIA O . -53.08 -13.69 -40.27
O2 SIA O . -55.75 -15.08 -39.72
O4 SIA O . -51.92 -17.44 -37.94
O6 SIA O . -55.08 -14.78 -37.50
O7 SIA O . -55.40 -15.61 -34.67
O8 SIA O . -55.25 -12.23 -36.06
O9 SIA O . -55.15 -11.72 -33.42
O10 SIA O . -52.25 -17.84 -34.54
C1 GOL P . -43.80 4.74 -36.51
O1 GOL P . -44.88 5.70 -36.65
C2 GOL P . -43.61 3.85 -37.75
O2 GOL P . -44.84 3.24 -38.17
C3 GOL P . -42.64 2.71 -37.43
O3 GOL P . -42.57 1.76 -38.51
C1 GOL Q . -39.62 -37.52 -26.41
O1 GOL Q . -40.27 -38.68 -26.97
C2 GOL Q . -38.68 -36.91 -27.45
O2 GOL Q . -39.28 -35.71 -27.97
C3 GOL Q . -37.28 -36.65 -26.88
O3 GOL Q . -36.30 -37.43 -27.57
C1 GOL R . 8.78 14.74 20.63
O1 GOL R . 7.53 14.05 20.54
C2 GOL R . 8.62 16.17 21.12
O2 GOL R . 7.51 16.86 20.51
C3 GOL R . 9.88 16.95 20.81
O3 GOL R . 9.69 18.35 20.95
C1 SIA S . 5.61 28.76 4.48
C2 SIA S . 5.82 29.44 3.15
C3 SIA S . 6.93 30.49 3.22
C4 SIA S . 8.32 29.86 3.32
C5 SIA S . 8.57 28.81 2.22
C6 SIA S . 7.40 27.82 2.22
C7 SIA S . 7.46 26.79 1.07
C8 SIA S . 6.27 25.82 1.09
C9 SIA S . 6.56 24.41 0.60
C10 SIA S . 10.91 28.29 1.63
C11 SIA S . 12.14 27.49 1.97
N5 SIA S . 9.84 28.12 2.43
O1A SIA S . 5.42 27.52 4.53
O1B SIA S . 5.60 29.47 5.50
O2 SIA S . 4.58 30.08 2.80
O4 SIA S . 9.29 30.91 3.21
O6 SIA S . 6.14 28.51 2.11
O7 SIA S . 7.51 27.50 -0.17
O8 SIA S . 5.75 25.68 2.42
O9 SIA S . 7.13 23.63 1.69
O10 SIA S . 10.92 29.04 0.66
C1 SIA T . -1.75 0.79 24.80
C2 SIA T . -2.29 2.22 24.86
C3 SIA T . -1.73 3.00 26.06
C4 SIA T . -0.29 3.46 25.88
C5 SIA T . -0.02 4.07 24.50
C6 SIA T . -0.60 3.19 23.41
C7 SIA T . -0.42 3.74 21.99
C8 SIA T . -1.07 2.80 20.95
C9 SIA T . -0.32 2.79 19.60
C10 SIA T . 2.02 5.42 24.41
C11 SIA T . 3.49 5.49 24.08
N5 SIA T . 1.43 4.24 24.29
O1A SIA T . -1.63 0.14 25.85
O1B SIA T . -1.44 0.28 23.69
O2 SIA T . -3.71 2.17 24.98
O4 SIA T . 0.01 4.45 26.87
O6 SIA T . -1.99 2.96 23.67
O7 SIA T . -0.96 5.07 21.91
O8 SIA T . -1.05 1.43 21.40
O9 SIA T . 0.71 1.78 19.59
O10 SIA T . 1.38 6.41 24.79
C1 SIA U . 7.18 -27.99 7.53
C2 SIA U . 6.21 -27.74 8.68
C3 SIA U . 6.80 -28.25 10.01
C4 SIA U . 7.93 -27.34 10.56
C5 SIA U . 7.56 -25.85 10.53
C6 SIA U . 7.01 -25.49 9.14
C7 SIA U . 6.55 -24.03 8.98
C8 SIA U . 5.94 -23.80 7.58
C9 SIA U . 6.02 -22.33 7.17
C10 SIA U . 8.95 -24.46 12.05
C11 SIA U . 10.19 -23.60 12.20
N5 SIA U . 8.74 -25.01 10.83
O1A SIA U . 7.87 -29.03 7.54
O1B SIA U . 7.25 -27.14 6.60
O2 SIA U . 4.98 -28.44 8.37
O4 SIA U . 8.23 -27.77 11.90
O6 SIA U . 5.90 -26.36 8.84
O7 SIA U . 5.58 -23.71 9.97
O8 SIA U . 6.65 -24.55 6.59
O9 SIA U . 7.36 -22.02 6.68
O10 SIA U . 8.21 -24.65 13.00
#